data_6HLS
#
_entry.id   6HLS
#
_cell.length_a   1.00
_cell.length_b   1.00
_cell.length_c   1.00
_cell.angle_alpha   90.00
_cell.angle_beta   90.00
_cell.angle_gamma   90.00
#
_symmetry.space_group_name_H-M   'P 1'
#
loop_
_entity.id
_entity.type
_entity.pdbx_description
1 polymer 'DNA-directed RNA polymerase I subunit RPA190'
2 polymer 'DNA-directed RNA polymerase I subunit RPA135'
3 polymer 'DNA-directed RNA polymerases I and III subunit RPAC1'
4 polymer 'DNA-directed RNA polymerase I subunit RPA14'
5 polymer 'DNA-directed RNA polymerases I, II, and III subunit RPABC1'
6 polymer 'DNA-directed RNA polymerases I, II, and III subunit RPABC2'
7 polymer 'DNA-directed RNA polymerase I subunit RPA43'
8 polymer 'DNA-directed RNA polymerases I, II, and III subunit RPABC3'
9 polymer 'DNA-directed RNA polymerase I subunit RPA12'
10 polymer 'DNA-directed RNA polymerases I, II, and III subunit RPABC5'
11 polymer 'DNA-directed RNA polymerases I and III subunit RPAC2'
12 polymer 'DNA-directed RNA polymerases I, II, and III subunit RPABC4'
13 non-polymer 'ZINC ION'
#
loop_
_entity_poly.entity_id
_entity_poly.type
_entity_poly.pdbx_seq_one_letter_code
_entity_poly.pdbx_strand_id
1 'polypeptide(L)'
;MDISKPVGSEITSVDFGILTAKEIRNLSAKQITNPTVLDNLGHPVSGGLYDLALGAFLRNLCSTCGLDEKFCPGHQGHIE
LPVPCYNPLFFNQLYIYLRASCLFCHHFRLKSVEVHRYACKLRLLQYGLIDESYKLDEITLGSLNSSMYTDDEAIEDNED
EMDGEGSKQSKDISSTLLNELKSKRSEYVDMAIAKALSDGRTTERGSFTATVNDERKKLVHEFHKKLLSRGKCDNCGMFS
PKFRKDGFTKIFETALNEKQITNNRVKGFIRQDMIKKQKQAKKLDGSNEASANDEESFDVGRNPTTRPKTGSTYILSTEV
KNILDTVFRKEQCVLQYVFHSRPNLSRKLVKADSFFMDVLVVPPTRFRLPSKLGEEVHENSQNQLLSKVLTTSLLIRDLN
DDLSKLQKDKVSLEDRRVIFSRLMNAFVTIQNDVNAFIDSTKAQGRTSGKVPIPGVKQALEKKEGLFRKHMMGKRVNYAA
RSVISPDPNIETNEIGVPPVFAVKLTYPEPVTAYNIAELRQAVINGPDKWPGATQIQNEDGSLVSLIGMSVEQRKALANQ
LLTPSSNVSTHTLNKKVYRHIKNRDVVLMNRQPTLHKASMMGHKVRVLPNEKTLRLHYANTGAYNADFDGDEMNMHFPQN
ENARAEALNLANTDSQYLTPTSGSPVRGLIQDHISAGVWLTSKDSFFTREQYQQYIYGCIRPEDGHTTRSKIVTLPPTIF
KPYPLWTGKQIITTVLLNVTPPDMPGINLISKNKIKNEYWGKGSLENEVLFKDGALLCGILDKSQYGASKYGIVHSLHEV
YGPEVAAKVLSVLGRLFTNYITATAFTCGMDDLRLTAEGNKWRTDILKTSVDTGREAAAEVTNLDKDTPADDPELLKRLQ
EILRDNNKSGILDAVTSSKVNAITSQVVSKCVPDGTMKKFPCNSMQAMALSGAKGSNVNVSQIMCLLGQQALEGRRVPVM
VSGKTLPSFKPYETDAMAGGYVKGRFYSGIKPQEYYFHCMAGREGLIDTAVKTSRSGYLQRCLTKQLEGVHVSYDNSIRD
ADGTLVQFMYGGDAIDITKESHMTQFEFCLDNYYALLKKYNPSALIEHLDVESALKYSKKTLKYRKKHSKEPHYKQSVKY
DPVLAKYNPAKYLGSVSENFQDKLESFLDKNSKLFKSSDGVNEKKFRALMQLKYMRSLINPGEAVGIIASQSVGEPSTQM
TLNTFHFAGHGAANVTLGIPRLREIVMTASAAIKTPQMTLPIWNDVSDEQADTFCKSISKVLLSEVIDKVIVTETTGTSN
TAGGNAARSYVIHMRFFDNNEYSEEYDVSKEELQNVISNQFIHLLEAAIVKEIKKQKRTTGPDIGVAVPRLQTDVANSSS
NSKRLEEDNDEEQSHKKTKQAVSYDEPDEDEIETMREAEKSSDEEGIDSDKESDSDSEDEDVDMNEQINKSIVEANNNMN
KVQRDRQSAIISHHRFITKYNFDDESGKWCEFKLELAADTEKLLMVNIVEEICRKSIIRQIPHIDRCVHPEPENGKRVLV
TEGVNFQAMWDQEAFIDVDGITSNDVAAVLKTYGVEAARNTIVNEINNVFSRYAISVSFRHLDLIADMMTRQGTYLAFNR
QGMETSTSSFMKMSYETTCQFLTKAVLDNEREQLDSPSARIVVGKLNNVGTGSFDVLAKVPNAA
;
A
2 'polypeptide(L)'
;MSKVIKPPGQARTADFRTLERESRFINPPKDKSAFPLLQEAVQPHIGSFNALTEGPDGGLLNLGVKDIGEKVIFDGKPLN
SEDEISNSGYLGNKLSVSVEQVSIAKPMSNDGVSSAVERKVYPSESRQRLTSYRGKLLLKLKWSVNNGEENLFEVRDCGG
LPVMLQSNRCHLNKMSPYELVQHKEESDEIGGYFIVNGIEKLIRMLIVQRRNHPMAIIRPSFANRGASYSHYGIQIRSVR
PDQTSQTNVLHYLNDGQVTFRFSWRKNEYLVPVVMILKALCHTSDREIFDGIIGNDVKDSFLTDRLELLLRGFKKRYPHL
QNRTQVLQYLGDKFRVVFQASPDQSDLEVGQEVLDRIVLVHLGKDGSQDKFRMLLFMIRKLYSLVAGECSPDNPDATQHQ
EVLLGGFLYGMILKEKIDEYLQNIIAQVRMDINRGMAINFKDKRYMSRVLMRVNENIGSKMQYFLSTGNLVSQSGLDLQQ
VSGYTVVAEKINFYRFISHFRMVHRGSFFAQLKTTTVRKLLPESWGFLCPVHTPDGSPCGLLNHFAHKCRISTQQSDVSR
IPSILYSLGVAPASHTFAAGPSLCCVQIDGKIIGWVSHEQGKIIADTLRYWKVEGKTPGLPIDLEIGYVPPSTRGQYPGL
YLFGGHSRMLRPVRYLPLDKEDIVGPFEQVYMNIAVTPQEIQNNVHTHVEFTPTNILSILANLTPFSDFNQSPRNMYQCQ
MGKQTMGTPGVALCHRSDNKLYRLQTGQTPIVKANLYDDYGMDNFPNGFNAVVAVISYTGYDMDDAMIINKSADERGFGY
GTMYKTEKVDLALNRNRGDPITQHFGFGNDEWPKEWLEKLDEDGLPYIGTYVEEGDPICAYFDDTLNKTKIKTYHSSEPA
YIEEVNLIGDESNKFQELQTVSIKYRIRRTPQIGDKFSSRHGQKGVCSRKWPTIDMPFSETGIQPDIIINPHAFPSRMTI
GMFVESLAGKAGALHGIAQDSTPWIFNEDDTPADYFGEQLAKAGYNYHGNEPMYSGATGEELRADIYVGVVYYQRLRHMV
NDKFQVRSTGPVNSLTMQPVKGRKRHGGIRVGEMERDALIGHGTSFLLQDRLLNSSDYTQASVCRECGSILTTQQSVPRI
GSISTVCCRRCSMRFEDAKKLLTKSEDGEKIFIDDSQIWEDGQGNKFVGGNETTTVAIPFVLKYLDSELSAMGIRLRYNV
EPK
;
B
3 'polypeptide(L)'
;MSNIVGIEYNRVTNTTSTDFPGFSKDAENEWNVEKFKKDFEVNISSLDAREANFDLINIDTSIANAFRRIMISEVPSVAA
EYVYFFNNTSVIQDEVLAHRIGLVPLKVDPDMLTWVDSNLPDDEKFTDENTIVLSLNVKCTRNPDAPKGSTDPKELYNNA
HVYARDLKFEPQGRQSTTFADCPVVPADPDILLAKLRPGQEISLKAHCILGIGGDHAKFSPVSTASYRLLPQINILQPIK
GESARRFQKCFPPGVIGIDEGSDEAYVKDARKDTVSREVLRYEEFADKVKLGRVRNHFIFNVESAGAMTPEEIFFKSVRI
LKNKAEYLKNCPITQ
;
C
4 'polypeptide(L)'
;MMKGSRRTGNNTATTLNTPVVIHATQLPQHVSTDEVLQFLESFIDEKENIIDSTTMNTISGNAADADAAAVANTSLNIDT
NLSSSISQLKRIQRDFKGLPPAQDFSAAPIQVSTTEKKETSIGVSATGGKKTTFADE
;
D
5 'polypeptide(L)'
;MDQENERNISRLWRAFRTVKEMVKDRGYFITQEEVELPLEDFKAKYCDSMGRPQRKMMSFQANPTEESISKFPDMGSLWV
EFCDEPSVGVKTMKTFVIHIQEKNFQTGIFVYQNNITPSAMKLVPSIPPATIETFNEAALVVNITHHELVPKHIRLSSDE
KRELLKRYRLKESQLPRIQRADPVALYLGLKRGEVVKIIRKSETSGRYASYRICM
;
E
6 'polypeptide(L)'
;MSDYEEAFNDGNENFEDFDVEHFSDEETYEEKPQFKDGETTDANGKTIVTGGNGPEDFQQHEQIRRKTLKEKAIPKDQRA
TTPYMTKYERARILGTRALQISMNAPVFVDLEGETDPLRIAMKELAEKKIPLVIRRYLPDGSFEDWSVEELIVDL
;
F
7 'polypeptide(L)'
;MSQVKRANENRETARFIKKHKKQVTNPIDEKNGTSNCIVRVPIALYVSLAPMYLENPLQGVMKQHLNPLVMKYNNKVGGV
VLGYEGLKILDADPLSKEDTSEKLIKITPDTPFGFTWCHVNLYVWQPQVGDVLEGYIFIQSASHIGLLIHDAFNASIKKN
NIPVDWTFVHNDVEEDADVINTDENNGNNNNEDNKDSNGGSNSLGKFSFGNRSLGHWVDSNGEPIDGKLRFTVRNVHTTG
RVVSVDGTLISDADEEGNGYNSSRSQAESLPIVSNKKIVFDDEVSIENKESHKELDLPEVKEDNGSEIVYEENTSESNDG
ESSDSD
;
G
8 'polypeptide(L)'
;MSNTLFDDIFQVSEVDPGRYNKVCRIEAASTTQDQCKLTLDINVELFPVAAQDSLTVTIASSLNLEDTPANDSSATRSWR
PPQAGDRSLADDYDYVMYGTAYKFEEVSKDLIAVYYSFGGLLMRLEGNYRNLNNLKQENAYLLIRR
;
H
9 'polypeptide(L)'
;MSVVGSLIFCLDCGDLLENPNAVLGSNVECSQCKAIYPKSQFSNLKVVTTTADDAFPSSLRAKKSVVKTSLKKNELKDGA
TIKEKCPQCGNEEMNYHTLQLRSADEGATVFYTCTSCGYKFRTNN
;
I
10 'polypeptide(L)' MIVPVRCFSCGKVVGDKWESYLNLLQEDELDEGTALSRLGLKRYCCRRMILTHVDLIEKFLRYNPLEKRD J
11 'polypeptide(L)'
;MTEDIEQKKTATEVTPQEPKHIQEEEEQDVDMTGDEEQEEEPDREKIKLLTQATSEDGTSASFQIVEEDHTLGNALRYVI
MKNPDVEFCGYSIPHPSENLLNIRIQTYGETTAVDALQKGLKDLMDLCDVVESKFTEKIKSM
;
K
12 'polypeptide(L)' MSREGFQIPTNLDAAAAGTSQARTATLKYICAECSSKLSLSRTDAVRCKDCGHRILLKARTKRLVQFEAR L
#
loop_
_chem_comp.id
_chem_comp.type
_chem_comp.name
_chem_comp.formula
ZN non-polymer 'ZINC ION' 'Zn 2'
#
# COMPACT_ATOMS: atom_id res chain seq x y z
N MET A 1 -30.37 1.09 8.67
CA MET A 1 -31.48 0.21 8.32
C MET A 1 -32.03 -0.45 9.57
N ASP A 2 -33.34 -0.44 9.69
CA ASP A 2 -34.03 -1.11 10.78
C ASP A 2 -34.73 -2.34 10.21
N ILE A 3 -34.51 -3.49 10.84
CA ILE A 3 -35.09 -4.73 10.35
C ILE A 3 -36.58 -4.82 10.61
N SER A 4 -37.14 -3.87 11.36
CA SER A 4 -38.55 -3.82 11.64
C SER A 4 -39.24 -2.67 10.89
N LYS A 5 -38.55 -2.09 9.91
CA LYS A 5 -39.14 -1.13 8.98
C LYS A 5 -38.83 -1.63 7.59
N PRO A 6 -39.70 -2.44 6.99
CA PRO A 6 -39.42 -3.00 5.68
C PRO A 6 -39.65 -2.01 4.55
N VAL A 7 -39.57 -2.53 3.32
CA VAL A 7 -39.85 -1.74 2.14
C VAL A 7 -40.54 -2.64 1.12
N GLY A 8 -41.67 -2.18 0.59
CA GLY A 8 -42.48 -2.99 -0.30
C GLY A 8 -42.01 -3.03 -1.74
N SER A 9 -41.72 -1.87 -2.30
CA SER A 9 -41.35 -1.76 -3.70
C SER A 9 -39.84 -1.76 -3.84
N GLU A 10 -39.35 -2.37 -4.91
CA GLU A 10 -37.94 -2.40 -5.23
C GLU A 10 -37.74 -1.93 -6.66
N ILE A 11 -36.62 -1.25 -6.92
CA ILE A 11 -36.29 -0.88 -8.28
C ILE A 11 -35.92 -2.14 -9.06
N THR A 12 -36.57 -2.34 -10.20
CA THR A 12 -36.23 -3.48 -11.04
C THR A 12 -35.22 -3.10 -12.13
N SER A 13 -35.50 -2.04 -12.88
CA SER A 13 -34.64 -1.56 -13.95
C SER A 13 -34.48 -0.06 -13.83
N VAL A 14 -33.51 0.47 -14.56
CA VAL A 14 -33.43 1.91 -14.79
C VAL A 14 -33.26 2.09 -16.29
N ASP A 15 -33.64 3.25 -16.77
CA ASP A 15 -33.43 3.57 -18.17
C ASP A 15 -33.19 5.06 -18.33
N PHE A 16 -32.26 5.38 -19.21
CA PHE A 16 -31.72 6.72 -19.34
C PHE A 16 -32.54 7.50 -20.36
N GLY A 17 -32.86 8.73 -20.02
CA GLY A 17 -33.67 9.57 -20.88
C GLY A 17 -33.28 11.02 -20.70
N ILE A 18 -33.97 11.89 -21.44
CA ILE A 18 -33.66 13.31 -21.47
C ILE A 18 -34.90 14.08 -21.05
N LEU A 19 -34.71 15.02 -20.12
CA LEU A 19 -35.80 15.89 -19.70
C LEU A 19 -36.23 16.77 -20.86
N THR A 20 -37.48 16.66 -21.28
CA THR A 20 -37.96 17.63 -22.24
C THR A 20 -38.36 18.91 -21.51
N ALA A 21 -38.62 19.96 -22.27
CA ALA A 21 -38.91 21.25 -21.68
C ALA A 21 -40.31 21.32 -21.07
N LYS A 22 -41.24 20.49 -21.53
CA LYS A 22 -42.59 20.48 -20.95
C LYS A 22 -42.58 19.90 -19.55
N GLU A 23 -41.73 18.90 -19.30
CA GLU A 23 -41.68 18.25 -17.99
C GLU A 23 -41.19 19.20 -16.92
N ILE A 24 -40.02 19.79 -17.12
CA ILE A 24 -39.34 20.59 -16.10
C ILE A 24 -39.97 21.96 -15.88
N ARG A 25 -41.01 22.29 -16.66
CA ARG A 25 -41.90 23.37 -16.28
C ARG A 25 -43.01 22.87 -15.37
N ASN A 26 -43.55 21.68 -15.66
CA ASN A 26 -44.54 21.06 -14.78
C ASN A 26 -43.88 20.43 -13.56
N LEU A 27 -42.64 19.97 -13.70
CA LEU A 27 -41.90 19.38 -12.59
C LEU A 27 -41.55 20.41 -11.52
N SER A 28 -41.33 21.65 -11.93
CA SER A 28 -40.64 22.63 -11.10
C SER A 28 -41.50 23.15 -9.97
N ALA A 29 -40.83 23.64 -8.93
CA ALA A 29 -41.46 24.29 -7.80
C ALA A 29 -41.71 25.77 -8.08
N LYS A 30 -40.66 26.48 -8.48
CA LYS A 30 -40.73 27.93 -8.62
C LYS A 30 -39.54 28.36 -9.47
N GLN A 31 -39.81 29.05 -10.58
CA GLN A 31 -38.71 29.55 -11.41
C GLN A 31 -38.06 30.76 -10.77
N ILE A 32 -36.74 30.82 -10.88
CA ILE A 32 -35.97 31.86 -10.20
C ILE A 32 -35.22 32.67 -11.25
N THR A 33 -35.08 33.97 -11.01
CA THR A 33 -34.72 34.90 -12.08
C THR A 33 -33.62 35.91 -11.76
N ASN A 34 -33.34 36.23 -10.49
CA ASN A 34 -32.32 37.27 -10.38
C ASN A 34 -30.99 36.70 -9.89
N PRO A 35 -29.87 37.19 -10.44
CA PRO A 35 -28.57 36.58 -10.11
C PRO A 35 -27.95 37.08 -8.82
N THR A 36 -28.76 37.24 -7.79
CA THR A 36 -28.28 37.47 -6.44
C THR A 36 -28.82 36.35 -5.56
N VAL A 37 -28.03 35.97 -4.56
CA VAL A 37 -28.29 34.75 -3.81
C VAL A 37 -28.92 35.06 -2.46
N LEU A 38 -28.31 35.95 -1.68
CA LEU A 38 -28.92 36.38 -0.43
C LEU A 38 -28.54 37.84 -0.18
N ASP A 39 -29.54 38.64 0.15
CA ASP A 39 -29.34 40.05 0.45
C ASP A 39 -29.08 40.20 1.95
N ASN A 40 -29.21 41.43 2.45
CA ASN A 40 -28.95 41.75 3.85
C ASN A 40 -29.99 41.11 4.77
N LEU A 41 -29.75 41.27 6.07
CA LEU A 41 -30.47 40.69 7.21
C LEU A 41 -30.38 39.17 7.27
N GLY A 42 -29.48 38.54 6.49
CA GLY A 42 -29.26 37.11 6.56
C GLY A 42 -30.27 36.24 5.85
N HIS A 43 -31.44 36.77 5.52
CA HIS A 43 -32.50 36.04 4.84
C HIS A 43 -32.25 36.04 3.34
N PRO A 44 -32.47 34.93 2.65
CA PRO A 44 -32.22 34.90 1.22
C PRO A 44 -33.28 35.66 0.44
N VAL A 45 -32.87 36.19 -0.71
CA VAL A 45 -33.79 36.90 -1.59
C VAL A 45 -34.75 35.91 -2.22
N SER A 46 -36.03 36.27 -2.27
CA SER A 46 -37.02 35.45 -2.96
C SER A 46 -36.94 35.72 -4.45
N GLY A 47 -36.90 34.64 -5.24
CA GLY A 47 -36.65 34.74 -6.66
C GLY A 47 -35.23 34.42 -7.07
N GLY A 48 -34.35 34.14 -6.11
CA GLY A 48 -32.97 33.82 -6.38
C GLY A 48 -32.68 32.35 -6.15
N LEU A 49 -31.37 32.04 -6.10
CA LEU A 49 -30.92 30.66 -6.03
C LEU A 49 -31.30 30.01 -4.71
N TYR A 50 -30.92 30.61 -3.59
CA TYR A 50 -31.44 30.17 -2.30
C TYR A 50 -32.84 30.75 -2.17
N ASP A 51 -33.83 29.88 -2.24
CA ASP A 51 -35.22 30.31 -2.24
C ASP A 51 -35.99 29.37 -1.33
N LEU A 52 -36.98 29.92 -0.63
CA LEU A 52 -37.70 29.10 0.32
C LEU A 52 -38.69 28.15 -0.33
N ALA A 53 -38.92 28.29 -1.64
CA ALA A 53 -39.71 27.32 -2.37
C ALA A 53 -38.90 26.11 -2.80
N LEU A 54 -37.59 26.24 -2.88
CA LEU A 54 -36.70 25.16 -3.27
C LEU A 54 -36.26 24.30 -2.09
N GLY A 55 -36.74 24.61 -0.89
CA GLY A 55 -36.39 23.83 0.28
C GLY A 55 -36.21 24.67 1.52
N ALA A 56 -36.18 24.02 2.67
CA ALA A 56 -35.88 24.71 3.91
C ALA A 56 -34.42 25.14 3.90
N PHE A 57 -34.14 26.26 4.57
CA PHE A 57 -32.80 26.83 4.53
C PHE A 57 -32.58 27.63 5.81
N LEU A 58 -31.76 27.08 6.71
CA LEU A 58 -31.19 27.79 7.86
C LEU A 58 -32.29 28.31 8.79
N ARG A 59 -33.01 27.34 9.38
CA ARG A 59 -34.07 27.56 10.37
C ARG A 59 -35.19 28.41 9.76
N ASN A 60 -35.72 27.95 8.64
CA ASN A 60 -36.77 28.65 7.92
C ASN A 60 -37.50 27.63 7.06
N LEU A 61 -38.83 27.60 7.16
CA LEU A 61 -39.61 26.52 6.58
C LEU A 61 -39.67 26.60 5.06
N CYS A 62 -39.88 25.43 4.45
CA CYS A 62 -40.04 25.35 3.00
C CYS A 62 -41.37 25.96 2.58
N SER A 63 -41.34 26.70 1.47
CA SER A 63 -42.55 27.34 0.97
C SER A 63 -43.36 26.43 0.05
N THR A 64 -42.91 25.19 -0.16
CA THR A 64 -43.62 24.21 -0.97
C THR A 64 -44.29 23.13 -0.14
N CYS A 65 -43.53 22.46 0.73
CA CYS A 65 -44.07 21.39 1.55
C CYS A 65 -44.27 21.78 3.01
N GLY A 66 -43.64 22.85 3.47
CA GLY A 66 -43.82 23.28 4.84
C GLY A 66 -43.12 22.43 5.87
N LEU A 67 -41.91 21.96 5.58
CA LEU A 67 -41.14 21.18 6.52
C LEU A 67 -39.83 21.89 6.83
N ASP A 68 -39.26 21.56 7.98
CA ASP A 68 -38.01 22.17 8.43
C ASP A 68 -36.82 21.50 7.75
N GLU A 69 -35.62 21.85 8.21
CA GLU A 69 -34.39 21.42 7.54
C GLU A 69 -34.16 19.91 7.66
N LYS A 70 -34.57 19.31 8.77
CA LYS A 70 -34.33 17.89 8.98
C LYS A 70 -35.27 17.00 8.19
N PHE A 71 -36.32 17.53 7.58
CA PHE A 71 -37.32 16.70 6.92
C PHE A 71 -37.69 17.15 5.52
N CYS A 72 -37.21 18.30 5.05
CA CYS A 72 -37.52 18.75 3.70
C CYS A 72 -36.60 18.06 2.71
N PRO A 73 -37.13 17.31 1.74
CA PRO A 73 -36.27 16.61 0.78
C PRO A 73 -35.62 17.50 -0.25
N GLY A 74 -35.96 18.78 -0.32
CA GLY A 74 -35.43 19.60 -1.38
C GLY A 74 -36.27 19.51 -2.64
N HIS A 75 -36.29 20.61 -3.39
CA HIS A 75 -37.13 20.69 -4.58
C HIS A 75 -36.36 21.35 -5.70
N GLN A 76 -36.60 20.89 -6.93
CA GLN A 76 -35.93 21.45 -8.09
C GLN A 76 -36.71 22.62 -8.67
N GLY A 77 -35.97 23.62 -9.14
CA GLY A 77 -36.53 24.71 -9.90
C GLY A 77 -35.90 24.78 -11.27
N HIS A 78 -36.39 25.71 -12.07
CA HIS A 78 -35.89 25.87 -13.43
C HIS A 78 -35.68 27.34 -13.72
N ILE A 79 -34.72 27.63 -14.61
CA ILE A 79 -34.52 28.99 -15.09
C ILE A 79 -34.73 29.00 -16.59
N GLU A 80 -35.30 30.09 -17.10
CA GLU A 80 -35.66 30.19 -18.50
C GLU A 80 -34.49 30.73 -19.31
N LEU A 81 -34.16 30.04 -20.38
CA LEU A 81 -33.21 30.68 -21.26
C LEU A 81 -33.94 31.27 -22.46
N PRO A 82 -33.58 32.47 -22.91
CA PRO A 82 -34.34 33.12 -23.97
C PRO A 82 -34.08 32.53 -25.35
N VAL A 83 -32.92 31.91 -25.51
CA VAL A 83 -32.59 31.21 -26.75
C VAL A 83 -32.32 29.75 -26.42
N PRO A 84 -32.72 28.82 -27.27
CA PRO A 84 -32.34 27.40 -27.06
C PRO A 84 -30.85 27.23 -27.30
N CYS A 85 -30.13 26.88 -26.24
CA CYS A 85 -28.69 26.74 -26.30
C CYS A 85 -28.32 25.27 -26.53
N TYR A 86 -27.05 25.06 -26.86
CA TYR A 86 -26.57 23.71 -27.07
C TYR A 86 -26.40 22.99 -25.74
N ASN A 87 -26.55 21.68 -25.77
CA ASN A 87 -26.19 20.85 -24.64
C ASN A 87 -24.80 20.30 -24.91
N PRO A 88 -23.79 20.66 -24.12
CA PRO A 88 -22.42 20.19 -24.39
C PRO A 88 -22.22 18.69 -24.23
N LEU A 89 -23.18 17.96 -23.65
CA LEU A 89 -23.13 16.52 -23.71
C LEU A 89 -23.46 15.97 -25.08
N PHE A 90 -24.07 16.77 -25.94
CA PHE A 90 -24.59 16.26 -27.20
C PHE A 90 -24.10 17.04 -28.42
N PHE A 91 -23.20 18.01 -28.23
CA PHE A 91 -22.67 18.76 -29.37
C PHE A 91 -21.75 17.91 -30.23
N ASN A 92 -21.15 16.87 -29.66
CA ASN A 92 -20.31 15.96 -30.44
C ASN A 92 -21.15 15.13 -31.40
N GLN A 93 -22.42 14.89 -31.07
CA GLN A 93 -23.33 14.16 -31.93
C GLN A 93 -24.34 15.05 -32.63
N LEU A 94 -24.59 16.26 -32.13
CA LEU A 94 -25.46 17.19 -32.86
C LEU A 94 -24.80 17.65 -34.14
N TYR A 95 -23.50 17.97 -34.06
CA TYR A 95 -22.74 18.41 -35.22
C TYR A 95 -22.56 17.30 -36.25
N ILE A 96 -22.72 16.04 -35.86
CA ILE A 96 -22.79 14.96 -36.83
C ILE A 96 -24.10 15.04 -37.63
N TYR A 97 -25.22 15.25 -36.94
CA TYR A 97 -26.49 15.39 -37.64
C TYR A 97 -26.73 16.80 -38.15
N LEU A 98 -26.02 17.80 -37.62
CA LEU A 98 -26.03 19.12 -38.24
C LEU A 98 -25.41 19.06 -39.62
N ARG A 99 -24.29 18.36 -39.74
CA ARG A 99 -23.76 17.97 -41.03
C ARG A 99 -24.57 16.81 -41.60
N ALA A 100 -24.12 16.29 -42.74
CA ALA A 100 -24.63 15.08 -43.39
C ALA A 100 -26.10 15.21 -43.80
N SER A 101 -26.65 16.42 -43.84
CA SER A 101 -28.04 16.65 -44.15
C SER A 101 -28.14 17.79 -45.15
N CYS A 102 -28.88 17.57 -46.23
CA CYS A 102 -29.10 18.62 -47.20
C CYS A 102 -30.05 19.66 -46.61
N LEU A 103 -29.80 20.93 -46.94
CA LEU A 103 -30.59 22.03 -46.39
C LEU A 103 -31.77 22.41 -47.27
N PHE A 104 -32.14 21.57 -48.23
CA PHE A 104 -33.22 21.88 -49.15
C PHE A 104 -34.41 20.93 -49.00
N CYS A 105 -34.20 19.62 -49.16
CA CYS A 105 -35.27 18.66 -48.90
C CYS A 105 -35.28 18.22 -47.44
N HIS A 106 -34.22 18.54 -46.70
CA HIS A 106 -34.03 18.22 -45.28
C HIS A 106 -34.07 16.72 -45.02
N HIS A 107 -33.66 15.93 -45.99
CA HIS A 107 -33.23 14.57 -45.75
C HIS A 107 -31.73 14.57 -45.49
N PHE A 108 -31.19 13.39 -45.19
CA PHE A 108 -29.75 13.29 -45.25
C PHE A 108 -29.30 13.25 -46.72
N ARG A 109 -28.03 13.57 -46.95
CA ARG A 109 -27.54 13.55 -48.31
C ARG A 109 -27.33 12.14 -48.83
N LEU A 110 -27.20 11.16 -47.95
CA LEU A 110 -27.10 9.77 -48.37
C LEU A 110 -28.46 9.33 -48.91
N LYS A 111 -28.43 8.40 -49.86
CA LYS A 111 -29.63 8.05 -50.61
C LYS A 111 -30.65 7.33 -49.74
N SER A 112 -31.93 7.66 -49.97
CA SER A 112 -32.99 7.23 -49.08
C SER A 112 -33.27 5.73 -49.14
N VAL A 113 -32.80 5.05 -50.18
CA VAL A 113 -32.97 3.61 -50.22
C VAL A 113 -31.94 2.92 -49.33
N GLU A 114 -30.78 3.55 -49.12
CA GLU A 114 -29.77 2.96 -48.26
C GLU A 114 -29.90 3.44 -46.83
N VAL A 115 -30.43 4.65 -46.63
CA VAL A 115 -30.84 5.06 -45.29
C VAL A 115 -32.01 4.20 -44.80
N HIS A 116 -32.83 3.70 -45.73
CA HIS A 116 -33.85 2.72 -45.38
C HIS A 116 -33.22 1.37 -45.00
N ARG A 117 -32.02 1.07 -45.52
CA ARG A 117 -31.40 -0.22 -45.22
C ARG A 117 -30.89 -0.26 -43.79
N TYR A 118 -30.23 0.81 -43.33
CA TYR A 118 -29.77 0.86 -41.95
C TYR A 118 -30.93 0.91 -40.96
N ALA A 119 -32.06 1.50 -41.36
CA ALA A 119 -33.23 1.50 -40.50
C ALA A 119 -33.91 0.14 -40.44
N CYS A 120 -33.59 -0.75 -41.37
CA CYS A 120 -34.07 -2.13 -41.32
C CYS A 120 -33.06 -3.08 -40.73
N LYS A 121 -31.77 -2.77 -40.83
CA LYS A 121 -30.77 -3.58 -40.17
C LYS A 121 -30.73 -3.32 -38.68
N LEU A 122 -30.97 -2.08 -38.26
CA LEU A 122 -30.99 -1.70 -36.84
C LEU A 122 -32.32 -2.00 -36.17
N ARG A 123 -33.36 -2.34 -36.93
CA ARG A 123 -34.58 -2.82 -36.30
C ARG A 123 -34.43 -4.28 -35.91
N LEU A 124 -33.78 -5.08 -36.76
CA LEU A 124 -33.53 -6.47 -36.46
C LEU A 124 -32.55 -6.65 -35.31
N LEU A 125 -31.61 -5.72 -35.16
CA LEU A 125 -30.67 -5.79 -34.05
C LEU A 125 -31.27 -5.32 -32.72
N GLN A 126 -32.36 -4.56 -32.75
CA GLN A 126 -33.10 -4.29 -31.52
C GLN A 126 -33.64 -5.57 -30.92
N TYR A 127 -34.15 -6.45 -31.77
CA TYR A 127 -34.52 -7.79 -31.38
C TYR A 127 -33.27 -8.68 -31.40
N GLY A 128 -33.43 -9.93 -31.01
CA GLY A 128 -32.28 -10.83 -31.05
C GLY A 128 -32.12 -11.49 -32.39
N LEU A 129 -31.94 -10.68 -33.43
CA LEU A 129 -31.89 -11.14 -34.82
C LEU A 129 -30.61 -10.66 -35.48
N ILE A 130 -29.50 -10.92 -34.79
CA ILE A 130 -28.15 -10.62 -35.25
C ILE A 130 -27.80 -11.37 -36.54
N ASP A 131 -28.42 -12.52 -36.78
CA ASP A 131 -28.16 -13.28 -38.00
C ASP A 131 -28.89 -12.70 -39.20
N GLU A 132 -30.19 -12.41 -39.05
CA GLU A 132 -31.03 -12.03 -40.18
C GLU A 132 -30.71 -10.64 -40.73
N SER A 133 -29.94 -9.82 -40.01
CA SER A 133 -29.54 -8.54 -40.56
C SER A 133 -28.52 -8.71 -41.67
N TYR A 134 -27.75 -9.79 -41.65
CA TYR A 134 -26.83 -10.07 -42.74
C TYR A 134 -27.53 -10.72 -43.92
N LYS A 135 -28.59 -11.50 -43.66
CA LYS A 135 -29.42 -12.01 -44.75
C LYS A 135 -30.22 -10.90 -45.43
N LEU A 136 -30.40 -9.77 -44.75
CA LEU A 136 -31.12 -8.65 -45.33
C LEU A 136 -30.36 -8.00 -46.48
N ASP A 137 -29.03 -8.00 -46.40
CA ASP A 137 -28.21 -7.47 -47.48
C ASP A 137 -28.30 -8.33 -48.73
N GLU A 138 -28.69 -9.60 -48.59
CA GLU A 138 -28.90 -10.45 -49.76
C GLU A 138 -30.16 -10.09 -50.52
N ILE A 139 -31.11 -9.39 -49.90
CA ILE A 139 -32.29 -8.90 -50.59
C ILE A 139 -31.86 -7.74 -51.48
N THR A 140 -31.81 -7.99 -52.79
CA THR A 140 -31.37 -6.96 -53.74
C THR A 140 -32.11 -7.06 -55.06
N SER A 175 -36.67 4.50 -60.06
CA SER A 175 -37.59 5.22 -59.18
C SER A 175 -38.79 4.36 -58.82
N THR A 176 -39.04 3.35 -59.64
CA THR A 176 -40.17 2.45 -59.43
C THR A 176 -39.75 1.18 -58.70
N LEU A 177 -38.61 0.61 -59.09
CA LEU A 177 -38.10 -0.58 -58.42
C LEU A 177 -37.59 -0.29 -57.02
N LEU A 178 -37.17 0.95 -56.75
CA LEU A 178 -36.77 1.32 -55.40
C LEU A 178 -37.96 1.39 -54.45
N ASN A 179 -39.15 1.61 -54.97
CA ASN A 179 -40.37 1.51 -54.17
C ASN A 179 -40.72 0.05 -53.89
N GLU A 180 -40.15 -0.88 -54.67
CA GLU A 180 -40.35 -2.30 -54.46
C GLU A 180 -39.15 -2.97 -53.80
N LEU A 181 -37.94 -2.41 -53.97
CA LEU A 181 -36.80 -2.85 -53.19
C LEU A 181 -36.96 -2.49 -51.73
N LYS A 182 -37.48 -1.30 -51.44
CA LYS A 182 -37.82 -0.93 -50.08
C LYS A 182 -39.05 -1.67 -49.57
N SER A 183 -39.82 -2.32 -50.43
CA SER A 183 -40.83 -3.25 -49.95
C SER A 183 -40.20 -4.58 -49.56
N LYS A 184 -39.38 -5.16 -50.44
CA LYS A 184 -38.79 -6.48 -50.20
C LYS A 184 -37.87 -6.50 -48.98
N ARG A 185 -37.15 -5.40 -48.73
CA ARG A 185 -36.35 -5.32 -47.53
C ARG A 185 -37.22 -5.18 -46.29
N SER A 186 -38.27 -4.37 -46.37
CA SER A 186 -39.14 -4.16 -45.22
C SER A 186 -40.05 -5.34 -44.96
N GLU A 187 -40.41 -6.10 -46.01
CA GLU A 187 -41.22 -7.29 -45.80
C GLU A 187 -40.42 -8.39 -45.12
N TYR A 188 -39.13 -8.50 -45.44
CA TYR A 188 -38.30 -9.53 -44.82
C TYR A 188 -38.04 -9.22 -43.35
N VAL A 189 -37.90 -7.94 -43.00
CA VAL A 189 -37.72 -7.56 -41.61
C VAL A 189 -38.96 -7.90 -40.80
N ASP A 190 -40.14 -7.55 -41.33
CA ASP A 190 -41.39 -7.90 -40.64
C ASP A 190 -41.63 -9.40 -40.62
N MET A 191 -41.11 -10.13 -41.61
CA MET A 191 -41.28 -11.58 -41.63
C MET A 191 -40.39 -12.25 -40.59
N ALA A 192 -39.14 -11.77 -40.47
CA ALA A 192 -38.18 -12.41 -39.58
C ALA A 192 -38.45 -12.10 -38.12
N ILE A 193 -39.06 -10.95 -37.83
CA ILE A 193 -39.45 -10.64 -36.45
C ILE A 193 -40.56 -11.56 -35.98
N ALA A 194 -41.64 -11.65 -36.76
CA ALA A 194 -42.77 -12.47 -36.38
C ALA A 194 -42.46 -13.96 -36.42
N LYS A 195 -41.45 -14.37 -37.20
CA LYS A 195 -41.01 -15.76 -37.14
C LYS A 195 -40.26 -16.04 -35.85
N ALA A 196 -39.37 -15.13 -35.44
CA ALA A 196 -38.59 -15.34 -34.23
C ALA A 196 -39.43 -15.12 -32.98
N LEU A 197 -40.39 -14.21 -33.04
CA LEU A 197 -41.19 -13.90 -31.85
C LEU A 197 -42.19 -15.02 -31.57
N SER A 198 -42.60 -15.75 -32.59
CA SER A 198 -43.46 -16.91 -32.41
C SER A 198 -42.69 -18.18 -32.11
N ASP A 199 -41.42 -18.26 -32.51
CA ASP A 199 -40.61 -19.43 -32.21
C ASP A 199 -39.80 -19.24 -30.93
N GLY A 200 -40.48 -18.78 -29.87
CA GLY A 200 -39.98 -18.63 -28.51
C GLY A 200 -38.60 -18.03 -28.30
N ARG A 201 -38.18 -17.12 -29.18
CA ARG A 201 -36.78 -16.70 -29.24
C ARG A 201 -36.55 -15.29 -28.73
N THR A 202 -37.43 -14.35 -29.04
CA THR A 202 -37.22 -12.94 -28.70
C THR A 202 -38.53 -12.31 -28.30
N THR A 203 -38.59 -11.79 -27.09
CA THR A 203 -39.75 -11.08 -26.58
C THR A 203 -39.86 -9.73 -27.31
N GLU A 204 -41.06 -9.14 -27.29
CA GLU A 204 -41.29 -7.82 -27.88
C GLU A 204 -40.55 -6.70 -27.15
N ARG A 205 -40.01 -6.97 -25.97
CA ARG A 205 -39.04 -6.09 -25.31
C ARG A 205 -37.65 -6.17 -25.94
N GLY A 206 -37.45 -7.03 -26.94
CA GLY A 206 -36.16 -7.18 -27.58
C GLY A 206 -35.16 -7.99 -26.79
N SER A 207 -34.24 -8.64 -27.48
CA SER A 207 -33.13 -9.34 -26.85
C SER A 207 -31.88 -8.50 -27.02
N PHE A 208 -31.16 -8.25 -25.94
CA PHE A 208 -30.02 -7.34 -25.96
C PHE A 208 -28.93 -7.96 -25.10
N THR A 209 -28.05 -8.71 -25.73
CA THR A 209 -26.88 -9.30 -25.10
C THR A 209 -25.67 -8.45 -25.40
N ALA A 210 -24.49 -8.95 -25.02
CA ALA A 210 -23.25 -8.23 -25.32
C ALA A 210 -22.94 -8.29 -26.81
N THR A 211 -23.11 -9.45 -27.44
CA THR A 211 -22.68 -9.60 -28.82
C THR A 211 -23.61 -8.93 -29.82
N VAL A 212 -24.83 -8.54 -29.44
CA VAL A 212 -25.63 -7.69 -30.31
C VAL A 212 -25.41 -6.22 -30.01
N ASN A 213 -24.79 -5.89 -28.88
CA ASN A 213 -24.33 -4.53 -28.69
C ASN A 213 -23.08 -4.27 -29.52
N ASP A 214 -22.32 -5.32 -29.82
CA ASP A 214 -21.16 -5.21 -30.71
C ASP A 214 -21.59 -4.88 -32.13
N GLU A 215 -22.51 -5.66 -32.69
CA GLU A 215 -22.94 -5.45 -34.06
C GLU A 215 -23.76 -4.18 -34.22
N ARG A 216 -24.39 -3.70 -33.14
CA ARG A 216 -25.15 -2.46 -33.23
C ARG A 216 -24.23 -1.25 -33.27
N LYS A 217 -23.25 -1.18 -32.36
CA LYS A 217 -22.32 -0.06 -32.36
C LYS A 217 -21.45 -0.05 -33.60
N LYS A 218 -21.14 -1.23 -34.14
CA LYS A 218 -20.40 -1.31 -35.39
C LYS A 218 -21.22 -0.80 -36.57
N LEU A 219 -22.53 -1.00 -36.52
CA LEU A 219 -23.39 -0.60 -37.62
C LEU A 219 -23.75 0.88 -37.56
N VAL A 220 -23.88 1.45 -36.37
CA VAL A 220 -24.17 2.87 -36.25
C VAL A 220 -22.92 3.68 -36.57
N HIS A 221 -21.74 3.19 -36.20
CA HIS A 221 -20.49 3.79 -36.66
C HIS A 221 -20.35 3.68 -38.16
N GLU A 222 -20.80 2.56 -38.74
CA GLU A 222 -20.86 2.42 -40.19
C GLU A 222 -21.86 3.41 -40.78
N PHE A 223 -22.96 3.67 -40.06
CA PHE A 223 -23.97 4.60 -40.53
C PHE A 223 -23.44 6.03 -40.50
N HIS A 224 -22.89 6.46 -39.37
CA HIS A 224 -22.40 7.83 -39.21
C HIS A 224 -21.15 8.11 -40.04
N LYS A 225 -20.43 7.09 -40.49
CA LYS A 225 -19.21 7.35 -41.26
C LYS A 225 -19.55 7.78 -42.68
N LYS A 226 -20.32 6.96 -43.40
CA LYS A 226 -20.62 7.29 -44.79
C LYS A 226 -21.78 8.26 -44.92
N LEU A 227 -22.45 8.61 -43.82
CA LEU A 227 -23.43 9.67 -43.85
C LEU A 227 -22.76 11.02 -44.00
N LEU A 228 -21.68 11.24 -43.25
CA LEU A 228 -20.95 12.50 -43.31
C LEU A 228 -20.23 12.67 -44.63
N SER A 229 -19.63 11.60 -45.15
CA SER A 229 -18.91 11.66 -46.42
C SER A 229 -19.92 11.54 -47.56
N ARG A 230 -20.52 12.68 -47.90
CA ARG A 230 -21.41 12.79 -49.04
C ARG A 230 -21.13 14.10 -49.76
N GLY A 231 -21.29 14.09 -51.07
CA GLY A 231 -21.14 15.31 -51.83
C GLY A 231 -22.45 16.03 -52.05
N LYS A 232 -23.42 15.34 -52.64
CA LYS A 232 -24.73 15.91 -52.94
C LYS A 232 -25.82 15.01 -52.38
N CYS A 233 -26.97 15.59 -52.12
CA CYS A 233 -28.16 14.81 -51.79
C CYS A 233 -28.58 13.99 -52.99
N ASP A 234 -28.82 12.71 -52.77
CA ASP A 234 -29.16 11.82 -53.87
C ASP A 234 -30.64 11.84 -54.23
N ASN A 235 -31.42 12.72 -53.60
CA ASN A 235 -32.82 12.90 -53.94
C ASN A 235 -33.06 14.18 -54.71
N CYS A 236 -32.63 15.31 -54.16
CA CYS A 236 -32.50 16.56 -54.90
C CYS A 236 -31.01 16.78 -55.14
N GLY A 237 -30.58 16.63 -56.39
CA GLY A 237 -29.16 16.50 -56.66
C GLY A 237 -28.37 17.78 -56.65
N MET A 238 -28.17 18.38 -55.48
CA MET A 238 -27.34 19.56 -55.40
C MET A 238 -26.65 19.63 -54.04
N PHE A 239 -25.67 20.52 -53.95
CA PHE A 239 -24.79 20.63 -52.79
C PHE A 239 -25.47 21.37 -51.66
N SER A 240 -24.72 21.59 -50.58
CA SER A 240 -25.17 22.30 -49.39
C SER A 240 -23.92 22.85 -48.71
N PRO A 241 -23.99 24.04 -48.11
CA PRO A 241 -22.77 24.67 -47.58
C PRO A 241 -22.25 23.95 -46.35
N LYS A 242 -20.95 23.70 -46.34
CA LYS A 242 -20.35 22.93 -45.26
C LYS A 242 -20.18 23.79 -44.02
N PHE A 243 -20.15 23.12 -42.87
CA PHE A 243 -20.14 23.76 -41.57
C PHE A 243 -18.78 23.60 -40.91
N ARG A 244 -18.51 24.48 -39.94
CA ARG A 244 -17.24 24.50 -39.23
C ARG A 244 -17.51 24.44 -37.74
N LYS A 245 -16.75 23.58 -37.05
CA LYS A 245 -16.84 23.45 -35.60
C LYS A 245 -15.66 24.21 -34.99
N ASP A 246 -15.96 25.29 -34.26
CA ASP A 246 -14.94 26.10 -33.62
C ASP A 246 -14.41 25.46 -32.33
N GLY A 247 -14.95 24.32 -31.95
CA GLY A 247 -14.68 23.73 -30.65
C GLY A 247 -16.02 23.44 -30.02
N PHE A 248 -16.31 24.17 -28.97
CA PHE A 248 -17.68 24.28 -28.47
C PHE A 248 -18.09 25.76 -28.54
N THR A 249 -19.26 26.05 -27.99
CA THR A 249 -19.82 27.39 -27.75
C THR A 249 -20.19 28.18 -29.00
N LYS A 250 -19.82 27.70 -30.20
CA LYS A 250 -20.05 28.44 -31.43
C LYS A 250 -20.25 27.46 -32.58
N ILE A 251 -20.65 28.01 -33.71
CA ILE A 251 -20.92 27.25 -34.92
C ILE A 251 -20.69 28.19 -36.10
N PHE A 252 -20.16 27.64 -37.20
CA PHE A 252 -19.90 28.45 -38.38
C PHE A 252 -20.21 27.64 -39.62
N GLU A 253 -20.79 28.29 -40.62
CA GLU A 253 -20.91 27.74 -41.95
C GLU A 253 -19.84 28.35 -42.86
N THR A 254 -19.50 27.63 -43.92
CA THR A 254 -18.41 28.04 -44.79
C THR A 254 -18.94 28.56 -46.12
N ALA A 255 -18.04 29.19 -46.87
CA ALA A 255 -18.41 29.79 -48.15
C ALA A 255 -18.62 28.72 -49.21
N LEU A 256 -19.80 28.74 -49.83
CA LEU A 256 -20.07 27.82 -50.93
C LEU A 256 -19.27 28.23 -52.16
N ASN A 257 -18.60 27.26 -52.77
CA ASN A 257 -17.65 27.55 -53.85
C ASN A 257 -18.36 27.97 -55.14
N GLU A 258 -17.67 28.81 -55.92
CA GLU A 258 -18.21 29.22 -57.21
C GLU A 258 -18.13 28.11 -58.26
N LYS A 259 -17.37 27.06 -58.00
CA LYS A 259 -17.24 25.96 -58.96
C LYS A 259 -18.53 25.15 -59.06
N GLN A 260 -19.30 25.06 -57.98
CA GLN A 260 -20.44 24.16 -57.92
C GLN A 260 -21.73 24.87 -57.50
N ILE A 261 -21.82 26.19 -57.68
CA ILE A 261 -23.10 26.87 -57.51
C ILE A 261 -24.04 26.69 -58.69
N THR A 262 -23.53 26.15 -59.81
CA THR A 262 -24.35 26.04 -61.02
C THR A 262 -25.42 24.98 -60.89
N ASN A 263 -25.23 23.98 -60.02
CA ASN A 263 -26.27 23.00 -59.78
C ASN A 263 -27.38 23.59 -58.92
N ASN A 264 -27.12 24.68 -58.21
CA ASN A 264 -28.12 25.40 -57.44
C ASN A 264 -28.91 26.38 -58.28
N ARG A 265 -28.63 26.50 -59.59
CA ARG A 265 -29.42 27.33 -60.47
C ARG A 265 -30.17 26.54 -61.54
N VAL A 266 -29.66 25.36 -61.92
CA VAL A 266 -30.40 24.47 -62.80
C VAL A 266 -31.37 23.57 -62.03
N LYS A 267 -31.46 23.74 -60.71
CA LYS A 267 -32.32 22.92 -59.88
C LYS A 267 -33.80 23.22 -60.07
N GLY A 268 -34.14 24.37 -60.63
CA GLY A 268 -35.53 24.74 -60.83
C GLY A 268 -36.01 24.57 -62.26
N SER A 312 -17.14 31.22 -41.81
CA SER A 312 -17.67 32.51 -42.21
C SER A 312 -18.68 33.04 -41.20
N THR A 313 -19.96 32.80 -41.46
CA THR A 313 -21.05 33.40 -40.70
C THR A 313 -21.36 32.59 -39.46
N TYR A 314 -21.39 33.26 -38.31
CA TYR A 314 -21.91 32.65 -37.09
C TYR A 314 -23.41 32.53 -37.20
N ILE A 315 -23.91 31.34 -37.51
CA ILE A 315 -25.34 31.15 -37.59
C ILE A 315 -25.91 30.94 -36.19
N LEU A 316 -27.20 31.23 -36.04
CA LEU A 316 -27.83 31.24 -34.74
C LEU A 316 -28.06 29.82 -34.23
N SER A 317 -28.19 29.71 -32.91
CA SER A 317 -28.67 28.46 -32.33
C SER A 317 -30.15 28.25 -32.55
N THR A 318 -30.89 29.32 -32.86
CA THR A 318 -32.26 29.18 -33.35
C THR A 318 -32.31 28.86 -34.83
N GLU A 319 -31.21 29.05 -35.54
CA GLU A 319 -31.11 28.69 -36.95
C GLU A 319 -30.72 27.22 -37.13
N VAL A 320 -29.97 26.69 -36.17
CA VAL A 320 -29.62 25.27 -36.18
C VAL A 320 -30.84 24.41 -35.88
N LYS A 321 -31.63 24.79 -34.87
CA LYS A 321 -32.84 24.07 -34.52
C LYS A 321 -33.91 24.18 -35.60
N ASN A 322 -33.89 25.26 -36.38
CA ASN A 322 -34.86 25.46 -37.45
C ASN A 322 -34.52 24.64 -38.70
N ILE A 323 -33.39 23.94 -38.70
CA ILE A 323 -33.11 22.92 -39.69
C ILE A 323 -33.38 21.53 -39.14
N LEU A 324 -32.81 21.23 -37.97
CA LEU A 324 -32.82 19.89 -37.41
C LEU A 324 -34.21 19.46 -36.93
N ASP A 325 -35.12 20.40 -36.71
CA ASP A 325 -36.53 20.05 -36.58
C ASP A 325 -37.03 19.43 -37.88
N THR A 326 -36.80 20.10 -39.00
CA THR A 326 -37.33 19.64 -40.27
C THR A 326 -36.58 18.39 -40.76
N VAL A 327 -35.31 18.25 -40.38
CA VAL A 327 -34.56 17.04 -40.71
C VAL A 327 -35.11 15.84 -39.96
N PHE A 328 -35.38 16.00 -38.67
CA PHE A 328 -35.77 14.86 -37.85
C PHE A 328 -37.25 14.51 -38.00
N ARG A 329 -38.00 15.27 -38.80
CA ARG A 329 -39.37 14.91 -39.15
C ARG A 329 -39.43 14.08 -40.41
N LYS A 330 -38.64 14.43 -41.44
CA LYS A 330 -38.61 13.67 -42.69
C LYS A 330 -38.04 12.27 -42.46
N GLU A 331 -37.16 12.12 -41.50
CA GLU A 331 -36.43 10.88 -41.28
C GLU A 331 -36.70 10.33 -39.89
N GLN A 332 -37.98 10.27 -39.55
CA GLN A 332 -38.37 9.71 -38.26
C GLN A 332 -38.19 8.20 -38.22
N CYS A 333 -38.43 7.52 -39.35
CA CYS A 333 -38.37 6.06 -39.39
C CYS A 333 -36.97 5.50 -39.25
N VAL A 334 -35.95 6.34 -39.36
CA VAL A 334 -34.56 5.90 -39.27
C VAL A 334 -33.98 6.17 -37.90
N LEU A 335 -34.23 7.36 -37.37
CA LEU A 335 -33.75 7.73 -36.05
C LEU A 335 -34.61 7.15 -34.94
N GLN A 336 -35.73 6.51 -35.27
CA GLN A 336 -36.48 5.78 -34.26
C GLN A 336 -35.72 4.55 -33.80
N TYR A 337 -34.86 4.01 -34.67
CA TYR A 337 -34.07 2.83 -34.36
C TYR A 337 -32.60 3.15 -34.11
N VAL A 338 -32.12 4.32 -34.52
CA VAL A 338 -30.77 4.72 -34.16
C VAL A 338 -30.69 5.06 -32.69
N PHE A 339 -31.66 5.80 -32.17
CA PHE A 339 -31.64 6.29 -30.81
C PHE A 339 -32.29 5.34 -29.81
N HIS A 340 -32.49 4.08 -30.16
CA HIS A 340 -33.13 3.13 -29.25
C HIS A 340 -32.43 1.77 -29.35
N SER A 341 -31.93 1.28 -28.22
CA SER A 341 -31.37 -0.06 -28.16
C SER A 341 -32.46 -1.09 -27.97
N ARG A 342 -33.31 -0.89 -26.99
CA ARG A 342 -34.51 -1.65 -26.71
C ARG A 342 -35.63 -1.16 -27.65
N PRO A 343 -36.51 -2.06 -28.10
CA PRO A 343 -37.61 -1.63 -28.97
C PRO A 343 -38.55 -0.63 -28.28
N ASN A 344 -38.92 0.40 -29.02
CA ASN A 344 -39.62 1.56 -28.47
C ASN A 344 -41.10 1.21 -28.37
N LEU A 345 -41.48 0.64 -27.23
CA LEU A 345 -42.88 0.38 -26.93
C LEU A 345 -43.63 1.61 -26.49
N SER A 346 -42.93 2.70 -26.16
CA SER A 346 -43.57 3.93 -25.74
C SER A 346 -44.02 4.79 -26.91
N ARG A 347 -43.46 4.55 -28.10
CA ARG A 347 -43.77 5.27 -29.34
C ARG A 347 -43.50 6.76 -29.24
N LYS A 348 -42.60 7.16 -28.35
CA LYS A 348 -42.20 8.55 -28.26
C LYS A 348 -41.43 8.95 -29.50
N LEU A 349 -41.83 10.06 -30.10
CA LEU A 349 -41.11 10.58 -31.25
C LEU A 349 -39.80 11.19 -30.75
N VAL A 350 -38.71 10.90 -31.45
CA VAL A 350 -37.43 11.51 -31.11
C VAL A 350 -37.35 12.86 -31.81
N LYS A 351 -36.82 13.86 -31.09
CA LYS A 351 -36.89 15.24 -31.54
C LYS A 351 -35.51 15.88 -31.51
N ALA A 352 -35.39 16.99 -32.21
CA ALA A 352 -34.17 17.79 -32.21
C ALA A 352 -34.11 18.76 -31.04
N ASP A 353 -35.24 18.99 -30.37
CA ASP A 353 -35.23 19.74 -29.11
C ASP A 353 -34.52 18.96 -28.01
N SER A 354 -34.42 17.63 -28.16
CA SER A 354 -33.73 16.76 -27.23
C SER A 354 -32.22 17.00 -27.20
N PHE A 355 -31.65 17.62 -28.23
CA PHE A 355 -30.23 17.94 -28.27
C PHE A 355 -29.93 19.33 -27.74
N PHE A 356 -30.91 20.22 -27.69
CA PHE A 356 -30.75 21.53 -27.11
C PHE A 356 -31.27 21.50 -25.68
N MET A 357 -31.13 22.62 -24.98
CA MET A 357 -31.72 22.74 -23.65
C MET A 357 -32.22 24.17 -23.47
N ASP A 358 -33.52 24.35 -23.74
CA ASP A 358 -34.15 25.65 -23.64
C ASP A 358 -34.28 26.10 -22.19
N VAL A 359 -34.28 25.16 -21.25
CA VAL A 359 -34.57 25.44 -19.85
C VAL A 359 -33.57 24.66 -19.00
N LEU A 360 -32.74 25.37 -18.24
CA LEU A 360 -31.90 24.72 -17.23
C LEU A 360 -32.74 24.27 -16.05
N VAL A 361 -32.20 23.30 -15.31
CA VAL A 361 -32.77 22.85 -14.06
C VAL A 361 -31.77 23.16 -12.96
N VAL A 362 -32.19 23.93 -11.96
CA VAL A 362 -31.30 24.19 -10.84
C VAL A 362 -31.48 23.05 -9.84
N PRO A 363 -30.41 22.59 -9.21
CA PRO A 363 -30.54 21.59 -8.15
C PRO A 363 -31.20 22.19 -6.93
N PRO A 364 -31.75 21.37 -6.03
CA PRO A 364 -32.35 21.91 -4.81
C PRO A 364 -31.32 22.56 -3.90
N THR A 365 -31.82 23.40 -2.99
CA THR A 365 -30.95 24.14 -2.09
C THR A 365 -30.28 23.26 -1.05
N ARG A 366 -30.73 22.02 -0.89
CA ARG A 366 -30.04 21.08 -0.01
C ARG A 366 -28.69 20.69 -0.58
N PHE A 367 -28.60 20.53 -1.89
CA PHE A 367 -27.41 20.04 -2.54
C PHE A 367 -26.48 21.14 -3.01
N ARG A 368 -26.73 22.38 -2.62
CA ARG A 368 -25.81 23.48 -2.90
C ARG A 368 -25.73 24.44 -1.71
N LEU A 369 -25.66 23.90 -0.51
CA LEU A 369 -25.42 24.68 0.69
C LEU A 369 -24.00 25.26 0.67
N PRO A 370 -23.77 26.42 1.31
CA PRO A 370 -22.46 27.06 1.21
C PRO A 370 -21.40 26.34 2.03
N SER A 371 -20.16 26.46 1.56
CA SER A 371 -19.03 25.81 2.21
C SER A 371 -18.40 26.74 3.24
N GLU A 379 -19.45 31.48 -1.31
CA GLU A 379 -20.57 30.58 -1.53
C GLU A 379 -20.15 29.32 -2.28
N ASN A 380 -21.14 28.58 -2.79
CA ASN A 380 -20.88 27.31 -3.44
C ASN A 380 -20.70 27.53 -4.94
N SER A 381 -19.94 26.63 -5.57
CA SER A 381 -19.51 26.85 -6.95
C SER A 381 -20.65 26.68 -7.95
N GLN A 382 -21.66 25.86 -7.62
CA GLN A 382 -22.81 25.79 -8.53
C GLN A 382 -23.71 27.01 -8.42
N ASN A 383 -23.69 27.72 -7.31
CA ASN A 383 -24.38 29.01 -7.27
C ASN A 383 -23.61 30.07 -8.03
N GLN A 384 -22.30 29.91 -8.16
CA GLN A 384 -21.51 30.87 -8.93
C GLN A 384 -21.67 30.65 -10.43
N LEU A 385 -21.81 29.40 -10.87
CA LEU A 385 -22.01 29.13 -12.29
C LEU A 385 -23.42 29.48 -12.73
N LEU A 386 -24.41 29.25 -11.87
CA LEU A 386 -25.78 29.66 -12.19
C LEU A 386 -25.96 31.17 -12.08
N SER A 387 -25.08 31.86 -11.33
CA SER A 387 -25.17 33.31 -11.23
C SER A 387 -24.84 33.96 -12.57
N LYS A 388 -23.80 33.47 -13.25
CA LYS A 388 -23.39 34.07 -14.51
C LYS A 388 -24.37 33.74 -15.63
N VAL A 389 -25.11 32.64 -15.52
CA VAL A 389 -26.19 32.37 -16.46
C VAL A 389 -27.31 33.40 -16.29
N LEU A 390 -27.72 33.63 -15.05
CA LEU A 390 -28.78 34.59 -14.77
C LEU A 390 -28.31 36.03 -14.96
N THR A 391 -27.01 36.30 -14.78
CA THR A 391 -26.48 37.63 -15.04
C THR A 391 -26.54 37.95 -16.53
N THR A 392 -26.21 36.96 -17.36
CA THR A 392 -26.34 37.15 -18.81
C THR A 392 -27.81 37.15 -19.23
N SER A 393 -28.66 36.41 -18.50
CA SER A 393 -30.06 36.23 -18.91
C SER A 393 -30.87 37.52 -18.77
N LEU A 394 -30.45 38.44 -17.91
CA LEU A 394 -31.12 39.73 -17.82
C LEU A 394 -30.55 40.75 -18.77
N LEU A 395 -29.26 40.63 -19.12
CA LEU A 395 -28.67 41.48 -20.14
C LEU A 395 -29.34 41.24 -21.49
N ILE A 396 -29.51 39.97 -21.86
CA ILE A 396 -30.10 39.62 -23.13
C ILE A 396 -31.61 39.88 -23.16
N ARG A 397 -32.25 39.95 -21.99
CA ARG A 397 -33.64 40.38 -21.95
C ARG A 397 -33.75 41.89 -22.15
N ASP A 398 -32.82 42.64 -21.55
CA ASP A 398 -32.83 44.09 -21.71
C ASP A 398 -32.31 44.52 -23.07
N LEU A 399 -31.43 43.72 -23.67
CA LEU A 399 -31.00 43.96 -25.05
C LEU A 399 -32.14 43.76 -26.03
N ASN A 400 -33.11 42.91 -25.71
CA ASN A 400 -34.27 42.70 -26.57
C ASN A 400 -35.35 43.75 -26.38
N ASP A 401 -35.20 44.65 -25.41
CA ASP A 401 -36.17 45.74 -25.28
C ASP A 401 -36.02 46.74 -26.41
N ASP A 402 -34.77 47.01 -26.82
CA ASP A 402 -34.52 47.93 -27.93
C ASP A 402 -35.00 47.36 -29.25
N LEU A 403 -35.00 46.03 -29.39
CA LEU A 403 -35.54 45.43 -30.60
C LEU A 403 -37.05 45.59 -30.71
N SER A 404 -37.75 45.78 -29.60
CA SER A 404 -39.16 46.15 -29.66
C SER A 404 -39.36 47.64 -29.90
N LYS A 405 -38.32 48.45 -29.74
CA LYS A 405 -38.40 49.89 -29.91
C LYS A 405 -38.04 50.36 -31.31
N LEU A 406 -37.62 49.45 -32.19
CA LEU A 406 -37.12 49.85 -33.50
C LEU A 406 -37.90 49.14 -34.61
N LEU A 413 -31.56 53.49 -37.88
CA LEU A 413 -31.00 52.25 -38.40
C LEU A 413 -29.61 52.04 -37.79
N GLU A 414 -29.01 53.14 -37.30
CA GLU A 414 -27.73 53.03 -36.62
C GLU A 414 -27.87 52.33 -35.27
N ASP A 415 -29.03 52.47 -34.63
CA ASP A 415 -29.27 51.76 -33.37
C ASP A 415 -29.54 50.28 -33.61
N ARG A 416 -30.21 49.96 -34.72
CA ARG A 416 -30.50 48.56 -35.07
C ARG A 416 -29.22 47.80 -35.42
N ARG A 417 -28.21 48.50 -35.95
CA ARG A 417 -26.96 47.84 -36.32
C ARG A 417 -26.14 47.48 -35.09
N VAL A 418 -26.09 48.36 -34.10
CA VAL A 418 -25.25 48.15 -32.93
C VAL A 418 -25.93 47.28 -31.87
N ILE A 419 -27.27 47.29 -31.81
CA ILE A 419 -27.96 46.52 -30.79
C ILE A 419 -27.95 45.04 -31.12
N PHE A 420 -27.74 44.69 -32.40
CA PHE A 420 -27.83 43.31 -32.85
C PHE A 420 -26.45 42.66 -33.04
N SER A 421 -25.40 43.46 -33.21
CA SER A 421 -24.06 42.94 -33.10
C SER A 421 -23.60 42.82 -31.66
N ARG A 422 -24.38 43.34 -30.72
CA ARG A 422 -24.12 43.19 -29.28
C ARG A 422 -25.05 42.17 -28.63
N LEU A 423 -26.28 42.04 -29.14
CA LEU A 423 -27.15 40.94 -28.77
C LEU A 423 -26.56 39.60 -29.20
N MET A 424 -25.97 39.55 -30.40
CA MET A 424 -25.34 38.34 -30.88
C MET A 424 -24.04 38.05 -30.13
N ASN A 425 -23.43 39.07 -29.52
CA ASN A 425 -22.33 38.80 -28.60
C ASN A 425 -22.84 38.14 -27.33
N ALA A 426 -24.09 38.43 -26.95
CA ALA A 426 -24.69 37.81 -25.78
C ALA A 426 -25.24 36.42 -26.05
N PHE A 427 -25.34 36.02 -27.32
CA PHE A 427 -25.73 34.64 -27.63
C PHE A 427 -24.60 33.68 -27.33
N VAL A 428 -23.36 34.10 -27.57
CA VAL A 428 -22.21 33.24 -27.31
C VAL A 428 -21.94 33.13 -25.82
N THR A 429 -22.20 34.21 -25.07
CA THR A 429 -21.85 34.22 -23.65
C THR A 429 -22.82 33.39 -22.83
N ILE A 430 -24.13 33.45 -23.14
CA ILE A 430 -25.06 32.59 -22.42
C ILE A 430 -24.91 31.15 -22.86
N GLN A 431 -24.38 30.93 -24.07
CA GLN A 431 -23.94 29.59 -24.44
C GLN A 431 -22.72 29.17 -23.64
N ASN A 432 -21.74 30.07 -23.51
CA ASN A 432 -20.50 29.74 -22.82
C ASN A 432 -20.69 29.54 -21.32
N ASP A 433 -21.79 30.06 -20.77
CA ASP A 433 -22.07 29.84 -19.35
C ASP A 433 -22.62 28.43 -19.10
N VAL A 434 -23.62 28.02 -19.88
CA VAL A 434 -24.20 26.69 -19.71
C VAL A 434 -23.24 25.60 -20.19
N ASN A 435 -22.28 25.93 -21.07
CA ASN A 435 -21.13 25.07 -21.28
C ASN A 435 -20.32 24.91 -19.99
N ALA A 436 -19.91 26.04 -19.40
CA ALA A 436 -19.10 26.01 -18.18
C ALA A 436 -19.87 25.55 -16.96
N PHE A 437 -21.21 25.64 -16.99
CA PHE A 437 -22.01 25.05 -15.92
C PHE A 437 -21.91 23.54 -15.93
N ILE A 438 -22.08 22.92 -17.11
CA ILE A 438 -22.07 21.48 -17.21
C ILE A 438 -20.63 20.95 -17.30
N ASP A 439 -19.82 21.52 -18.19
CA ASP A 439 -18.47 21.02 -18.47
C ASP A 439 -17.46 22.14 -18.25
N SER A 440 -16.64 21.99 -17.22
CA SER A 440 -15.62 23.00 -16.95
C SER A 440 -14.43 22.90 -17.89
N THR A 441 -14.27 21.79 -18.60
CA THR A 441 -13.16 21.63 -19.52
C THR A 441 -13.52 21.99 -20.96
N LYS A 442 -14.81 22.18 -21.26
CA LYS A 442 -15.26 22.52 -22.61
C LYS A 442 -15.66 23.98 -22.72
N ALA A 443 -15.18 24.81 -21.78
CA ALA A 443 -15.51 26.23 -21.78
C ALA A 443 -14.42 27.02 -21.07
N VAL A 451 -7.33 26.42 -12.56
CA VAL A 451 -7.91 27.75 -12.80
C VAL A 451 -9.47 27.84 -12.71
N PRO A 452 -10.25 27.09 -13.50
CA PRO A 452 -11.67 27.44 -13.63
C PRO A 452 -12.50 26.90 -12.49
N ILE A 453 -13.76 27.34 -12.46
CA ILE A 453 -14.75 26.81 -11.52
C ILE A 453 -15.07 25.38 -11.91
N PRO A 454 -15.06 24.42 -10.99
CA PRO A 454 -15.42 23.04 -11.33
C PRO A 454 -16.89 22.94 -11.68
N GLY A 455 -17.17 22.30 -12.81
CA GLY A 455 -18.51 22.18 -13.32
C GLY A 455 -19.26 20.99 -12.76
N VAL A 456 -20.36 20.65 -13.42
CA VAL A 456 -21.18 19.54 -12.98
C VAL A 456 -20.57 18.20 -13.41
N LYS A 457 -19.93 18.15 -14.58
CA LYS A 457 -19.27 16.92 -15.03
C LYS A 457 -18.11 16.54 -14.14
N GLN A 458 -17.33 17.52 -13.69
CA GLN A 458 -16.13 17.24 -12.92
C GLN A 458 -16.42 16.91 -11.46
N ALA A 459 -17.68 16.92 -11.05
CA ALA A 459 -18.11 16.32 -9.80
C ALA A 459 -18.42 14.84 -9.94
N LEU A 460 -18.08 14.24 -11.09
CA LEU A 460 -18.44 12.86 -11.38
C LEU A 460 -17.32 12.01 -11.96
N GLU A 461 -16.29 12.60 -12.58
CA GLU A 461 -15.48 11.87 -13.55
C GLU A 461 -14.47 10.91 -12.91
N LYS A 462 -13.50 11.42 -12.19
CA LYS A 462 -12.32 10.66 -11.87
C LYS A 462 -12.39 10.12 -10.45
N LYS A 463 -11.30 9.51 -9.99
CA LYS A 463 -11.10 9.28 -8.57
C LYS A 463 -11.05 10.62 -7.85
N GLU A 464 -11.52 10.64 -6.60
CA GLU A 464 -12.02 11.82 -5.91
C GLU A 464 -13.12 12.46 -6.76
N GLY A 465 -14.17 11.67 -6.97
CA GLY A 465 -15.33 12.04 -7.74
C GLY A 465 -16.61 11.66 -7.02
N LEU A 466 -17.54 11.00 -7.71
CA LEU A 466 -18.78 10.57 -7.06
C LEU A 466 -19.05 9.09 -7.19
N PHE A 467 -18.76 8.49 -8.35
CA PHE A 467 -18.98 7.05 -8.50
C PHE A 467 -17.95 6.25 -7.72
N ARG A 468 -16.70 6.67 -7.75
CA ARG A 468 -15.63 5.92 -7.09
C ARG A 468 -15.38 6.36 -5.67
N LYS A 469 -15.72 7.59 -5.31
CA LYS A 469 -15.46 8.10 -3.97
C LYS A 469 -16.66 7.99 -3.05
N HIS A 470 -17.88 7.93 -3.60
CA HIS A 470 -19.06 7.93 -2.75
C HIS A 470 -20.12 6.89 -3.10
N MET A 471 -19.91 6.06 -4.13
CA MET A 471 -20.85 4.99 -4.43
C MET A 471 -20.22 3.61 -4.31
N MET A 472 -19.10 3.37 -4.99
CA MET A 472 -18.42 2.09 -4.84
C MET A 472 -17.71 1.99 -3.50
N GLY A 473 -17.32 3.12 -2.93
CA GLY A 473 -16.67 3.13 -1.64
C GLY A 473 -17.26 4.20 -0.75
N LYS A 474 -17.59 3.86 0.49
CA LYS A 474 -18.29 4.79 1.36
C LYS A 474 -17.64 4.79 2.74
N ARG A 475 -17.77 5.92 3.44
CA ARG A 475 -17.54 5.94 4.87
C ARG A 475 -18.64 5.16 5.57
N VAL A 476 -18.32 4.45 6.64
CA VAL A 476 -19.27 3.55 7.27
C VAL A 476 -19.41 3.85 8.75
N ASN A 477 -20.56 3.48 9.30
CA ASN A 477 -20.83 3.52 10.72
C ASN A 477 -20.56 2.16 11.34
N TYR A 478 -20.54 2.14 12.68
CA TYR A 478 -20.32 0.96 13.51
C TYR A 478 -19.00 0.27 13.15
N ALA A 479 -17.95 1.07 13.07
CA ALA A 479 -16.65 0.61 12.62
C ALA A 479 -15.57 1.29 13.43
N ALA A 480 -14.35 0.79 13.29
CA ALA A 480 -13.29 1.17 14.21
C ALA A 480 -11.93 0.92 13.57
N ARG A 481 -10.90 1.49 14.18
CA ARG A 481 -9.54 1.40 13.64
C ARG A 481 -8.55 1.60 14.77
N SER A 482 -7.61 0.66 14.92
CA SER A 482 -6.56 0.79 15.93
C SER A 482 -5.37 -0.07 15.56
N VAL A 483 -4.26 0.20 16.22
CA VAL A 483 -3.04 -0.59 16.02
C VAL A 483 -3.24 -1.96 16.65
N ILE A 484 -2.71 -2.99 16.00
CA ILE A 484 -2.77 -4.35 16.50
C ILE A 484 -1.49 -4.68 17.23
N SER A 485 -1.61 -5.54 18.23
CA SER A 485 -0.48 -6.07 18.97
C SER A 485 -0.65 -7.58 19.07
N PRO A 486 0.44 -8.34 19.08
CA PRO A 486 0.31 -9.80 19.03
C PRO A 486 -0.15 -10.39 20.34
N ASP A 487 -0.80 -11.54 20.24
CA ASP A 487 -1.48 -12.11 21.39
C ASP A 487 -1.62 -13.62 21.24
N PRO A 488 -0.96 -14.41 22.10
CA PRO A 488 -1.35 -15.82 22.25
C PRO A 488 -2.59 -15.95 23.10
N ASN A 489 -2.93 -17.17 23.51
CA ASN A 489 -4.00 -17.48 24.46
C ASN A 489 -5.40 -17.12 23.95
N ILE A 490 -5.51 -16.67 22.70
CA ILE A 490 -6.76 -16.32 22.05
C ILE A 490 -6.98 -17.37 20.96
N GLU A 491 -8.22 -17.80 20.78
CA GLU A 491 -8.51 -19.10 20.19
C GLU A 491 -8.56 -19.08 18.67
N THR A 492 -7.79 -18.20 18.03
CA THR A 492 -7.34 -18.24 16.63
C THR A 492 -8.47 -17.90 15.66
N ASN A 493 -9.72 -17.87 16.15
CA ASN A 493 -10.84 -17.36 15.39
C ASN A 493 -11.46 -16.14 16.06
N GLU A 494 -10.69 -15.49 16.92
CA GLU A 494 -11.19 -14.42 17.75
C GLU A 494 -10.33 -13.18 17.59
N ILE A 495 -10.83 -12.08 18.13
CA ILE A 495 -10.12 -10.80 18.15
C ILE A 495 -10.22 -10.28 19.58
N GLY A 496 -9.21 -9.53 19.99
CA GLY A 496 -9.22 -8.98 21.33
C GLY A 496 -9.59 -7.52 21.36
N VAL A 497 -10.82 -7.19 21.76
CA VAL A 497 -11.34 -5.83 21.69
C VAL A 497 -11.17 -5.16 23.05
N PRO A 498 -10.67 -3.93 23.09
CA PRO A 498 -10.49 -3.21 24.35
C PRO A 498 -11.82 -2.74 24.92
N PRO A 499 -11.84 -2.30 26.18
CA PRO A 499 -13.07 -1.71 26.72
C PRO A 499 -13.47 -0.41 26.07
N VAL A 500 -12.52 0.35 25.51
CA VAL A 500 -12.84 1.59 24.83
C VAL A 500 -13.57 1.34 23.51
N PHE A 501 -13.45 0.14 22.96
CA PHE A 501 -14.18 -0.30 21.78
C PHE A 501 -15.47 -1.02 22.15
N ALA A 502 -15.47 -1.72 23.28
CA ALA A 502 -16.62 -2.51 23.68
C ALA A 502 -17.75 -1.66 24.22
N VAL A 503 -17.48 -0.40 24.58
CA VAL A 503 -18.49 0.50 25.11
C VAL A 503 -19.16 1.31 24.00
N LYS A 504 -18.39 1.75 23.00
CA LYS A 504 -18.95 2.56 21.92
C LYS A 504 -19.78 1.72 20.95
N LEU A 505 -19.21 0.63 20.45
CA LEU A 505 -19.86 -0.16 19.43
C LEU A 505 -21.03 -0.94 20.01
N THR A 506 -22.14 -0.96 19.29
CA THR A 506 -23.40 -1.44 19.83
C THR A 506 -24.18 -2.21 18.77
N TYR A 507 -25.15 -3.00 19.23
CA TYR A 507 -25.91 -3.91 18.37
C TYR A 507 -27.38 -3.94 18.77
N PRO A 508 -28.30 -3.88 17.80
CA PRO A 508 -29.74 -3.88 18.11
C PRO A 508 -30.29 -5.27 18.39
N GLU A 509 -30.60 -5.55 19.64
CA GLU A 509 -31.23 -6.81 20.00
C GLU A 509 -32.71 -6.60 20.25
N PRO A 510 -33.59 -7.11 19.39
CA PRO A 510 -35.02 -7.06 19.69
C PRO A 510 -35.37 -8.00 20.83
N VAL A 511 -36.20 -7.51 21.75
CA VAL A 511 -36.46 -8.26 22.97
C VAL A 511 -37.48 -9.36 22.69
N THR A 512 -37.29 -10.50 23.35
CA THR A 512 -38.15 -11.67 23.21
C THR A 512 -38.30 -12.29 24.58
N ALA A 513 -38.80 -13.53 24.61
CA ALA A 513 -38.90 -14.27 25.87
C ALA A 513 -37.52 -14.71 26.35
N TYR A 514 -36.61 -15.03 25.42
CA TYR A 514 -35.29 -15.52 25.80
C TYR A 514 -34.28 -14.40 26.04
N ASN A 515 -34.54 -13.20 25.55
CA ASN A 515 -33.59 -12.11 25.76
C ASN A 515 -33.69 -11.51 27.17
N ILE A 516 -34.89 -11.45 27.74
CA ILE A 516 -35.19 -10.54 28.84
C ILE A 516 -34.57 -10.93 30.18
N ALA A 517 -33.78 -12.00 30.20
CA ALA A 517 -32.93 -12.23 31.37
C ALA A 517 -31.57 -11.59 31.19
N GLU A 518 -30.95 -11.75 30.02
CA GLU A 518 -29.62 -11.21 29.77
C GLU A 518 -29.66 -9.81 29.19
N LEU A 519 -30.83 -9.34 28.74
CA LEU A 519 -30.95 -8.03 28.14
C LEU A 519 -31.65 -7.05 29.07
N ARG A 520 -32.28 -7.55 30.14
CA ARG A 520 -32.69 -6.71 31.25
C ARG A 520 -31.49 -6.34 32.12
N GLN A 521 -30.64 -7.31 32.41
CA GLN A 521 -29.40 -7.03 33.14
C GLN A 521 -28.48 -6.12 32.36
N ALA A 522 -28.44 -6.27 31.03
CA ALA A 522 -27.61 -5.42 30.20
C ALA A 522 -28.12 -3.99 30.16
N VAL A 523 -29.44 -3.79 30.25
CA VAL A 523 -29.95 -2.42 30.21
C VAL A 523 -29.91 -1.77 31.57
N ILE A 524 -29.67 -2.53 32.63
CA ILE A 524 -29.43 -1.95 33.96
C ILE A 524 -28.02 -1.39 34.05
N ASN A 525 -27.05 -2.06 33.39
CA ASN A 525 -25.65 -1.66 33.48
C ASN A 525 -25.41 -0.28 32.87
N GLY A 526 -26.07 0.01 31.76
CA GLY A 526 -26.02 1.33 31.19
C GLY A 526 -24.89 1.53 30.21
N PRO A 527 -24.70 2.77 29.76
CA PRO A 527 -23.75 3.01 28.67
C PRO A 527 -22.29 2.88 29.07
N ASP A 528 -21.95 3.13 30.33
CA ASP A 528 -20.56 3.14 30.76
C ASP A 528 -20.23 1.94 31.66
N LYS A 529 -20.79 0.78 31.33
CA LYS A 529 -20.51 -0.46 32.04
C LYS A 529 -20.63 -1.59 31.05
N TRP A 530 -19.71 -2.55 31.10
CA TRP A 530 -19.77 -3.65 30.16
C TRP A 530 -20.13 -4.94 30.87
N PRO A 531 -21.03 -5.77 30.31
CA PRO A 531 -21.84 -5.58 29.11
C PRO A 531 -23.08 -4.74 29.39
N GLY A 532 -23.26 -3.69 28.61
CA GLY A 532 -24.32 -2.76 28.89
C GLY A 532 -25.27 -2.53 27.74
N ALA A 533 -25.74 -1.29 27.63
CA ALA A 533 -26.68 -0.88 26.60
C ALA A 533 -26.65 0.64 26.54
N THR A 534 -26.76 1.19 25.34
CA THR A 534 -26.72 2.63 25.21
C THR A 534 -28.06 3.27 24.87
N GLN A 535 -29.00 2.53 24.28
CA GLN A 535 -30.31 3.07 23.93
C GLN A 535 -31.37 1.99 24.05
N ILE A 536 -32.63 2.39 23.95
CA ILE A 536 -33.74 1.49 23.68
C ILE A 536 -34.55 2.09 22.55
N GLN A 537 -34.73 1.34 21.47
CA GLN A 537 -35.64 1.74 20.40
C GLN A 537 -37.01 1.18 20.72
N ASN A 538 -37.98 2.07 20.93
CA ASN A 538 -39.33 1.66 21.29
C ASN A 538 -40.05 1.07 20.08
N GLU A 539 -41.30 0.65 20.30
CA GLU A 539 -42.06 0.00 19.24
C GLU A 539 -42.40 0.97 18.11
N ASP A 540 -42.78 2.20 18.45
CA ASP A 540 -43.21 3.18 17.47
C ASP A 540 -42.06 3.90 16.78
N GLY A 541 -40.86 3.33 16.77
CA GLY A 541 -39.72 3.96 16.14
C GLY A 541 -39.05 5.02 16.99
N SER A 542 -39.39 5.11 18.27
CA SER A 542 -38.78 6.09 19.16
C SER A 542 -37.37 5.65 19.54
N LEU A 543 -36.69 6.48 20.31
CA LEU A 543 -35.29 6.23 20.64
C LEU A 543 -34.98 6.93 21.94
N VAL A 544 -34.65 6.16 22.97
CA VAL A 544 -34.48 6.66 24.33
C VAL A 544 -33.02 6.48 24.71
N SER A 545 -32.26 7.58 24.72
CA SER A 545 -30.85 7.51 25.05
C SER A 545 -30.64 7.30 26.54
N LEU A 546 -29.73 6.38 26.88
CA LEU A 546 -29.51 5.98 28.26
C LEU A 546 -28.35 6.71 28.91
N ILE A 547 -27.79 7.72 28.25
CA ILE A 547 -26.57 8.33 28.75
C ILE A 547 -26.86 9.23 29.95
N GLY A 548 -27.89 10.06 29.85
CA GLY A 548 -28.19 10.99 30.92
C GLY A 548 -29.20 10.49 31.91
N MET A 549 -29.13 9.21 32.27
CA MET A 549 -30.08 8.60 33.17
C MET A 549 -29.37 7.98 34.36
N SER A 550 -29.96 8.12 35.54
CA SER A 550 -29.44 7.55 36.76
C SER A 550 -29.90 6.09 36.88
N VAL A 551 -29.43 5.40 37.91
CA VAL A 551 -29.67 3.96 38.05
C VAL A 551 -31.12 3.67 38.40
N GLU A 552 -31.85 4.63 38.96
CA GLU A 552 -33.23 4.38 39.33
C GLU A 552 -34.16 4.47 38.13
N GLN A 553 -33.99 5.50 37.29
CA GLN A 553 -34.75 5.58 36.05
C GLN A 553 -34.38 4.48 35.09
N ARG A 554 -33.14 4.02 35.13
CA ARG A 554 -32.67 3.02 34.18
C ARG A 554 -33.19 1.62 34.54
N LYS A 555 -33.35 1.33 35.84
CA LYS A 555 -34.02 0.10 36.23
C LYS A 555 -35.52 0.17 36.01
N ALA A 556 -36.09 1.37 35.93
CA ALA A 556 -37.52 1.49 35.68
C ALA A 556 -37.85 1.15 34.24
N LEU A 557 -37.00 1.56 33.30
CA LEU A 557 -37.19 1.23 31.89
C LEU A 557 -36.87 -0.22 31.56
N ALA A 558 -36.20 -0.94 32.46
CA ALA A 558 -36.02 -2.37 32.27
C ALA A 558 -37.31 -3.15 32.40
N ASN A 559 -38.31 -2.59 33.09
CA ASN A 559 -39.61 -3.23 33.24
C ASN A 559 -40.63 -2.75 32.22
N GLN A 560 -40.44 -1.54 31.68
CA GLN A 560 -41.17 -1.06 30.50
C GLN A 560 -40.66 -1.71 29.22
N LEU A 561 -39.54 -2.45 29.32
CA LEU A 561 -38.84 -3.00 28.17
C LEU A 561 -39.67 -4.08 27.46
N LEU A 562 -40.20 -5.05 28.21
CA LEU A 562 -41.00 -6.13 27.63
C LEU A 562 -42.44 -5.93 28.10
N THR A 563 -43.19 -5.14 27.35
CA THR A 563 -44.61 -4.88 27.58
C THR A 563 -45.38 -5.20 26.32
N PRO A 564 -46.66 -5.57 26.43
CA PRO A 564 -47.52 -5.60 25.25
C PRO A 564 -47.71 -4.21 24.68
N SER A 565 -47.85 -4.15 23.36
CA SER A 565 -47.86 -2.86 22.67
C SER A 565 -49.17 -2.13 22.90
N SER A 566 -49.07 -0.82 23.09
CA SER A 566 -50.22 0.03 23.38
C SER A 566 -51.02 0.39 22.14
N ASN A 567 -50.57 0.01 20.95
CA ASN A 567 -51.19 0.44 19.71
C ASN A 567 -51.47 -0.77 18.84
N VAL A 568 -52.56 -0.69 18.08
CA VAL A 568 -52.90 -1.74 17.13
C VAL A 568 -51.97 -1.65 15.92
N SER A 569 -51.56 -0.43 15.54
CA SER A 569 -50.69 -0.22 14.38
C SER A 569 -49.28 -0.74 14.59
N THR A 570 -48.89 -1.02 15.83
CA THR A 570 -47.58 -1.52 16.15
C THR A 570 -47.71 -2.80 16.96
N HIS A 571 -48.78 -3.56 16.71
CA HIS A 571 -49.12 -4.70 17.55
C HIS A 571 -48.21 -5.90 17.33
N THR A 572 -47.38 -5.86 16.30
CA THR A 572 -46.53 -7.00 15.96
C THR A 572 -45.05 -6.70 16.11
N LEU A 573 -44.69 -5.54 16.66
CA LEU A 573 -43.31 -5.14 16.81
C LEU A 573 -42.87 -5.37 18.26
N ASN A 574 -41.58 -5.14 18.50
CA ASN A 574 -41.01 -5.25 19.83
C ASN A 574 -39.85 -4.28 19.95
N LYS A 575 -39.46 -4.01 21.20
CA LYS A 575 -38.41 -3.04 21.46
C LYS A 575 -37.04 -3.64 21.16
N LYS A 576 -36.13 -2.78 20.69
CA LYS A 576 -34.78 -3.19 20.35
C LYS A 576 -33.82 -2.48 21.29
N VAL A 577 -33.07 -3.25 22.06
CA VAL A 577 -32.10 -2.71 23.00
C VAL A 577 -30.75 -2.67 22.31
N TYR A 578 -30.16 -1.47 22.20
CA TYR A 578 -28.84 -1.35 21.60
C TYR A 578 -27.81 -1.72 22.67
N ARG A 579 -27.60 -3.03 22.84
CA ARG A 579 -26.66 -3.53 23.81
C ARG A 579 -25.23 -3.30 23.37
N HIS A 580 -24.29 -3.50 24.28
CA HIS A 580 -22.89 -3.48 23.93
C HIS A 580 -22.50 -4.75 23.19
N ILE A 581 -21.28 -4.77 22.68
CA ILE A 581 -20.77 -5.97 22.03
C ILE A 581 -20.31 -6.97 23.11
N LYS A 582 -20.85 -8.18 23.04
CA LYS A 582 -20.58 -9.24 23.99
C LYS A 582 -19.40 -10.06 23.47
N ASN A 583 -19.17 -11.25 24.01
CA ASN A 583 -18.14 -12.13 23.49
C ASN A 583 -18.67 -13.10 22.45
N ARG A 584 -19.93 -13.01 22.07
CA ARG A 584 -20.50 -13.89 21.07
C ARG A 584 -20.70 -13.20 19.73
N ASP A 585 -20.38 -11.92 19.63
CA ASP A 585 -20.60 -11.17 18.40
C ASP A 585 -19.56 -11.50 17.35
N VAL A 586 -19.69 -10.85 16.19
CA VAL A 586 -18.86 -11.14 15.04
C VAL A 586 -18.26 -9.81 14.59
N VAL A 587 -17.14 -9.89 13.90
CA VAL A 587 -16.35 -8.72 13.51
C VAL A 587 -15.63 -9.01 12.20
N LEU A 588 -15.64 -8.03 11.30
CA LEU A 588 -14.77 -8.04 10.13
C LEU A 588 -13.49 -7.29 10.45
N MET A 589 -12.39 -8.02 10.59
CA MET A 589 -11.09 -7.37 10.64
C MET A 589 -10.58 -7.22 9.21
N ASN A 590 -9.77 -6.19 8.99
CA ASN A 590 -9.45 -5.77 7.63
C ASN A 590 -8.20 -4.90 7.65
N ARG A 591 -7.14 -5.34 7.00
CA ARG A 591 -5.92 -4.57 6.86
C ARG A 591 -5.72 -4.15 5.41
N GLN A 592 -5.48 -2.84 5.19
CA GLN A 592 -5.09 -2.35 3.87
C GLN A 592 -3.63 -2.65 3.59
N PRO A 593 -3.27 -2.94 2.33
CA PRO A 593 -4.12 -3.10 1.14
C PRO A 593 -4.74 -4.48 1.07
N THR A 594 -6.08 -4.52 1.00
CA THR A 594 -6.82 -5.76 0.99
C THR A 594 -6.75 -6.43 -0.39
N LEU A 595 -5.57 -6.99 -0.66
CA LEU A 595 -5.25 -7.45 -2.00
C LEU A 595 -5.93 -8.76 -2.36
N HIS A 596 -6.28 -9.57 -1.36
CA HIS A 596 -7.04 -10.79 -1.61
C HIS A 596 -8.08 -10.92 -0.52
N LYS A 597 -9.05 -11.82 -0.73
CA LYS A 597 -10.23 -11.87 0.12
C LYS A 597 -9.94 -12.38 1.52
N ALA A 598 -8.82 -13.07 1.72
CA ALA A 598 -8.43 -13.52 3.05
C ALA A 598 -7.78 -12.41 3.87
N SER A 599 -7.62 -11.22 3.30
CA SER A 599 -7.21 -10.04 4.04
C SER A 599 -8.39 -9.29 4.63
N MET A 600 -9.58 -9.88 4.60
CA MET A 600 -10.76 -9.28 5.23
C MET A 600 -11.61 -10.45 5.75
N MET A 601 -11.37 -10.84 6.99
CA MET A 601 -11.92 -12.06 7.55
C MET A 601 -12.91 -11.77 8.65
N GLY A 602 -13.72 -12.77 8.96
CA GLY A 602 -14.70 -12.66 10.02
C GLY A 602 -14.27 -13.35 11.29
N HIS A 603 -13.96 -12.56 12.31
CA HIS A 603 -13.52 -13.09 13.59
C HIS A 603 -14.66 -13.08 14.60
N LYS A 604 -14.61 -14.03 15.52
CA LYS A 604 -15.39 -13.92 16.74
C LYS A 604 -14.75 -12.88 17.64
N VAL A 605 -15.43 -12.53 18.72
CA VAL A 605 -14.89 -11.52 19.60
C VAL A 605 -14.62 -12.12 20.96
N ARG A 606 -13.70 -11.50 21.68
CA ARG A 606 -13.41 -11.85 23.05
C ARG A 606 -12.82 -10.59 23.65
N VAL A 607 -13.56 -9.95 24.57
CA VAL A 607 -13.08 -8.70 25.12
C VAL A 607 -11.91 -8.95 26.06
N LEU A 608 -11.11 -7.93 26.25
CA LEU A 608 -10.08 -7.88 27.24
C LEU A 608 -10.39 -6.76 28.20
N PRO A 609 -10.15 -6.91 29.51
CA PRO A 609 -10.59 -5.91 30.47
C PRO A 609 -9.62 -4.77 30.74
N ASN A 610 -8.38 -4.81 30.24
CA ASN A 610 -7.42 -3.78 30.63
C ASN A 610 -6.87 -2.96 29.48
N GLU A 611 -6.30 -3.59 28.45
CA GLU A 611 -5.36 -2.88 27.59
C GLU A 611 -6.03 -2.34 26.32
N LYS A 612 -5.52 -1.20 25.87
CA LYS A 612 -6.18 -0.35 24.87
C LYS A 612 -5.61 -0.56 23.47
N THR A 613 -5.66 -1.79 22.96
CA THR A 613 -5.31 -2.06 21.57
C THR A 613 -5.97 -3.35 21.12
N LEU A 614 -6.20 -3.47 19.81
CA LEU A 614 -6.72 -4.71 19.26
C LEU A 614 -5.65 -5.79 19.31
N ARG A 615 -6.07 -7.02 19.53
CA ARG A 615 -5.13 -8.12 19.69
C ARG A 615 -5.49 -9.31 18.82
N LEU A 616 -4.49 -9.82 18.10
CA LEU A 616 -4.66 -10.74 17.00
C LEU A 616 -3.72 -11.92 17.19
N HIS A 617 -4.21 -13.14 16.95
CA HIS A 617 -3.38 -14.32 17.14
C HIS A 617 -2.37 -14.45 16.00
N TYR A 618 -1.28 -15.17 16.26
CA TYR A 618 -0.19 -15.31 15.31
C TYR A 618 -0.55 -16.14 14.07
N ALA A 619 -1.62 -16.90 14.10
CA ALA A 619 -1.96 -17.67 12.92
C ALA A 619 -2.74 -16.86 11.90
N ASN A 620 -2.99 -15.58 12.17
CA ASN A 620 -3.69 -14.70 11.25
C ASN A 620 -2.75 -13.74 10.53
N THR A 621 -1.48 -13.65 10.96
CA THR A 621 -0.55 -12.73 10.33
C THR A 621 -0.04 -13.22 8.98
N GLY A 622 -0.22 -14.51 8.67
CA GLY A 622 0.16 -14.98 7.35
C GLY A 622 -0.83 -14.64 6.26
N ALA A 623 -2.05 -14.28 6.64
CA ALA A 623 -3.10 -13.90 5.71
C ALA A 623 -3.20 -12.39 5.50
N TYR A 624 -3.12 -11.61 6.57
CA TYR A 624 -3.24 -10.17 6.46
C TYR A 624 -1.97 -9.48 5.98
N ASN A 625 -0.86 -10.23 5.87
CA ASN A 625 0.48 -9.68 5.63
C ASN A 625 0.79 -8.62 6.70
N ALA A 626 0.62 -9.01 7.95
CA ALA A 626 0.55 -8.07 9.07
C ALA A 626 1.65 -8.38 10.08
N ASP A 627 2.82 -7.79 9.89
CA ASP A 627 3.73 -7.70 11.01
C ASP A 627 3.24 -6.62 11.96
N PHE A 628 3.68 -6.72 13.22
CA PHE A 628 3.14 -5.91 14.30
C PHE A 628 4.01 -4.70 14.58
N ASP A 629 4.58 -4.09 13.56
CA ASP A 629 5.44 -2.90 13.68
C ASP A 629 4.63 -1.61 13.59
N GLY A 630 3.61 -1.48 14.43
CA GLY A 630 2.78 -0.30 14.40
C GLY A 630 1.72 -0.30 13.33
N ASP A 631 1.47 -1.45 12.70
CA ASP A 631 0.42 -1.53 11.70
C ASP A 631 -0.94 -1.54 12.36
N GLU A 632 -1.89 -0.87 11.73
CA GLU A 632 -3.25 -0.77 12.22
C GLU A 632 -4.20 -1.31 11.16
N MET A 633 -5.40 -1.68 11.60
CA MET A 633 -6.33 -2.32 10.69
C MET A 633 -7.77 -2.09 11.16
N ASN A 634 -8.68 -2.13 10.20
CA ASN A 634 -10.06 -1.71 10.40
C ASN A 634 -10.91 -2.83 10.99
N MET A 635 -11.85 -2.44 11.84
CA MET A 635 -12.74 -3.39 12.51
C MET A 635 -14.18 -3.01 12.26
N HIS A 636 -14.93 -3.89 11.60
CA HIS A 636 -16.30 -3.60 11.19
C HIS A 636 -17.27 -4.48 11.95
N PHE A 637 -18.34 -3.88 12.45
CA PHE A 637 -19.29 -4.59 13.29
C PHE A 637 -20.64 -4.67 12.60
N PRO A 638 -21.01 -5.83 12.07
CA PRO A 638 -22.27 -5.92 11.32
C PRO A 638 -23.49 -5.87 12.24
N GLN A 639 -24.60 -5.38 11.69
CA GLN A 639 -25.73 -4.92 12.49
C GLN A 639 -27.02 -5.70 12.29
N ASN A 640 -26.98 -6.87 11.64
CA ASN A 640 -28.18 -7.69 11.52
C ASN A 640 -27.79 -9.16 11.45
N GLU A 641 -28.80 -10.03 11.56
CA GLU A 641 -28.56 -11.46 11.61
C GLU A 641 -28.20 -12.05 10.26
N ASN A 642 -28.49 -11.35 9.16
CA ASN A 642 -28.03 -11.81 7.85
C ASN A 642 -26.52 -11.70 7.74
N ALA A 643 -25.97 -10.57 8.15
CA ALA A 643 -24.54 -10.38 8.08
C ALA A 643 -23.80 -11.05 9.22
N ARG A 644 -24.47 -11.35 10.33
CA ARG A 644 -23.81 -12.16 11.35
C ARG A 644 -23.65 -13.61 10.90
N ALA A 645 -24.59 -14.12 10.11
CA ALA A 645 -24.52 -15.51 9.69
C ALA A 645 -23.53 -15.73 8.56
N GLU A 646 -22.96 -14.68 8.00
CA GLU A 646 -22.01 -14.79 6.91
C GLU A 646 -20.57 -14.58 7.34
N ALA A 647 -20.33 -13.69 8.30
CA ALA A 647 -18.99 -13.57 8.85
C ALA A 647 -18.71 -14.61 9.92
N LEU A 648 -19.62 -15.55 10.15
CA LEU A 648 -19.35 -16.73 10.95
C LEU A 648 -19.30 -18.02 10.15
N ASN A 649 -20.01 -18.09 9.03
CA ASN A 649 -20.10 -19.34 8.28
C ASN A 649 -19.45 -19.26 6.91
N LEU A 650 -19.42 -18.08 6.31
CA LEU A 650 -19.03 -17.91 4.93
C LEU A 650 -17.72 -17.16 4.79
N ALA A 651 -17.62 -15.96 5.39
CA ALA A 651 -16.37 -15.22 5.46
C ALA A 651 -15.67 -15.43 6.80
N ASN A 652 -15.83 -16.60 7.40
CA ASN A 652 -15.17 -16.95 8.65
C ASN A 652 -13.66 -17.03 8.43
N THR A 653 -12.90 -16.87 9.50
CA THR A 653 -11.47 -17.02 9.39
C THR A 653 -11.01 -18.47 9.45
N ASP A 654 -11.86 -19.38 9.93
CA ASP A 654 -11.55 -20.80 9.88
C ASP A 654 -11.92 -21.43 8.56
N SER A 655 -12.81 -20.79 7.80
CA SER A 655 -13.10 -21.24 6.45
C SER A 655 -11.94 -20.94 5.51
N GLN A 656 -11.20 -19.88 5.78
CA GLN A 656 -10.14 -19.38 4.91
C GLN A 656 -8.79 -19.98 5.26
N TYR A 657 -8.71 -21.30 5.37
CA TYR A 657 -7.42 -21.93 5.64
C TYR A 657 -6.62 -22.09 4.37
N LEU A 658 -7.26 -22.52 3.30
CA LEU A 658 -6.61 -22.71 2.01
C LEU A 658 -6.90 -21.49 1.15
N THR A 659 -5.85 -20.84 0.66
CA THR A 659 -6.04 -19.73 -0.24
C THR A 659 -6.49 -20.25 -1.61
N PRO A 660 -7.29 -19.47 -2.35
CA PRO A 660 -7.71 -19.93 -3.68
C PRO A 660 -6.72 -19.63 -4.79
N THR A 661 -5.55 -19.05 -4.47
CA THR A 661 -4.54 -18.81 -5.49
C THR A 661 -3.94 -20.11 -5.98
N SER A 662 -3.39 -20.92 -5.07
CA SER A 662 -2.83 -22.20 -5.40
C SER A 662 -3.53 -23.37 -4.74
N GLY A 663 -4.26 -23.14 -3.66
CA GLY A 663 -4.78 -24.22 -2.84
C GLY A 663 -3.95 -24.50 -1.61
N SER A 664 -2.84 -23.81 -1.45
CA SER A 664 -1.92 -23.98 -0.35
C SER A 664 -2.45 -23.32 0.92
N PRO A 665 -2.14 -23.85 2.09
CA PRO A 665 -2.53 -23.18 3.33
C PRO A 665 -1.76 -21.89 3.55
N VAL A 666 -2.45 -20.92 4.14
CA VAL A 666 -1.87 -19.63 4.50
C VAL A 666 -2.04 -19.32 5.97
N ARG A 667 -2.42 -20.29 6.78
CA ARG A 667 -2.57 -20.08 8.21
C ARG A 667 -1.67 -21.05 8.96
N GLY A 668 -0.98 -20.53 9.97
CA GLY A 668 -0.10 -21.36 10.76
C GLY A 668 0.74 -20.52 11.69
N LEU A 669 1.53 -21.22 12.48
CA LEU A 669 2.38 -20.60 13.49
C LEU A 669 3.66 -20.10 12.85
N ILE A 670 4.35 -19.17 13.52
CA ILE A 670 5.39 -18.44 12.80
C ILE A 670 6.80 -18.55 13.35
N GLN A 671 7.08 -18.05 14.55
CA GLN A 671 8.48 -17.91 14.97
C GLN A 671 8.83 -18.69 16.21
N ASP A 672 8.18 -18.44 17.34
CA ASP A 672 8.56 -19.11 18.57
C ASP A 672 7.88 -20.46 18.71
N HIS A 673 6.71 -20.64 18.09
CA HIS A 673 6.05 -21.94 18.16
C HIS A 673 6.76 -22.97 17.31
N ILE A 674 7.40 -22.54 16.21
CA ILE A 674 8.14 -23.47 15.37
C ILE A 674 9.44 -23.88 16.05
N SER A 675 10.09 -22.94 16.74
CA SER A 675 11.31 -23.27 17.47
C SER A 675 11.03 -24.09 18.72
N ALA A 676 9.86 -23.92 19.33
CA ALA A 676 9.53 -24.70 20.52
C ALA A 676 9.19 -26.14 20.16
N GLY A 677 8.58 -26.36 19.00
CA GLY A 677 8.25 -27.71 18.59
C GLY A 677 9.42 -28.52 18.11
N VAL A 678 10.52 -27.87 17.75
CA VAL A 678 11.76 -28.59 17.49
C VAL A 678 12.38 -29.03 18.81
N TRP A 679 12.22 -28.25 19.87
CA TRP A 679 12.71 -28.65 21.17
C TRP A 679 11.77 -29.62 21.87
N LEU A 680 10.46 -29.44 21.71
CA LEU A 680 9.52 -30.29 22.44
C LEU A 680 9.45 -31.67 21.83
N THR A 681 9.49 -31.77 20.50
CA THR A 681 9.48 -33.07 19.84
C THR A 681 10.87 -33.65 19.67
N SER A 682 11.84 -33.21 20.46
CA SER A 682 13.15 -33.85 20.45
C SER A 682 13.07 -35.20 21.15
N LYS A 683 14.12 -35.99 20.99
CA LYS A 683 14.23 -37.21 21.78
C LYS A 683 14.73 -36.94 23.20
N ASP A 684 15.28 -35.74 23.44
CA ASP A 684 15.76 -35.38 24.77
C ASP A 684 14.64 -34.98 25.71
N SER A 685 13.48 -34.60 25.18
CA SER A 685 12.40 -34.07 26.01
C SER A 685 11.72 -35.22 26.74
N PHE A 686 11.87 -35.24 28.06
CA PHE A 686 11.14 -36.14 28.93
C PHE A 686 10.48 -35.31 30.01
N PHE A 687 9.25 -35.68 30.35
CA PHE A 687 8.47 -34.92 31.31
C PHE A 687 7.98 -35.87 32.39
N THR A 688 7.96 -35.41 33.63
CA THR A 688 7.52 -36.25 34.74
C THR A 688 6.00 -36.28 34.78
N ARG A 689 5.41 -36.83 35.85
CA ARG A 689 3.96 -36.88 35.93
C ARG A 689 3.36 -35.49 36.13
N GLU A 690 4.07 -34.61 36.83
CA GLU A 690 3.54 -33.28 37.05
C GLU A 690 3.74 -32.37 35.84
N GLN A 691 4.88 -32.46 35.17
CA GLN A 691 5.14 -31.60 34.02
C GLN A 691 4.33 -32.01 32.80
N TYR A 692 3.97 -33.28 32.71
CA TYR A 692 3.12 -33.75 31.62
C TYR A 692 1.70 -33.22 31.76
N GLN A 693 1.11 -33.38 32.93
CA GLN A 693 -0.28 -33.00 33.13
C GLN A 693 -0.48 -31.50 33.21
N GLN A 694 0.58 -30.74 33.43
CA GLN A 694 0.47 -29.28 33.44
C GLN A 694 0.50 -28.71 32.03
N TYR A 695 1.26 -29.33 31.12
CA TYR A 695 1.28 -28.87 29.74
C TYR A 695 -0.01 -29.20 29.01
N ILE A 696 -0.66 -30.30 29.39
CA ILE A 696 -1.87 -30.70 28.67
C ILE A 696 -3.06 -29.85 29.10
N TYR A 697 -3.20 -29.61 30.41
CA TYR A 697 -4.31 -28.75 30.84
C TYR A 697 -4.04 -27.29 30.48
N GLY A 698 -2.78 -26.87 30.46
CA GLY A 698 -2.44 -25.51 30.08
C GLY A 698 -2.76 -25.15 28.63
N CYS A 699 -3.02 -26.13 27.78
CA CYS A 699 -3.43 -25.89 26.41
C CYS A 699 -4.85 -26.37 26.09
N ILE A 700 -5.36 -27.39 26.77
CA ILE A 700 -6.70 -27.87 26.47
C ILE A 700 -7.76 -26.97 27.12
N ARG A 701 -7.81 -26.93 28.46
CA ARG A 701 -8.86 -26.24 29.24
C ARG A 701 -10.27 -26.68 28.84
N PRO A 702 -10.76 -27.83 29.32
CA PRO A 702 -12.10 -28.30 28.95
C PRO A 702 -13.25 -27.35 29.27
N GLU A 703 -13.09 -26.45 30.24
CA GLU A 703 -14.17 -25.53 30.58
C GLU A 703 -14.36 -24.43 29.56
N ASP A 704 -13.46 -24.29 28.58
CA ASP A 704 -13.63 -23.33 27.51
C ASP A 704 -14.07 -24.01 26.21
N GLY A 705 -14.51 -25.27 26.30
CA GLY A 705 -15.09 -25.95 25.16
C GLY A 705 -14.08 -26.34 24.10
N HIS A 706 -13.05 -27.08 24.50
CA HIS A 706 -11.98 -27.46 23.58
C HIS A 706 -11.89 -28.96 23.40
N THR A 707 -11.92 -29.73 24.49
CA THR A 707 -11.87 -31.18 24.41
C THR A 707 -13.23 -31.71 23.97
N THR A 708 -13.28 -33.01 23.69
CA THR A 708 -14.50 -33.67 23.25
C THR A 708 -14.95 -34.79 24.16
N ARG A 709 -14.35 -34.94 25.34
CA ARG A 709 -14.59 -36.09 26.18
C ARG A 709 -15.09 -35.76 27.59
N SER A 710 -15.13 -34.48 27.97
CA SER A 710 -15.51 -33.99 29.31
C SER A 710 -14.60 -34.54 30.42
N LYS A 711 -13.42 -35.03 30.05
CA LYS A 711 -12.41 -35.56 30.95
C LYS A 711 -11.12 -35.69 30.16
N ILE A 712 -10.03 -35.11 30.63
CA ILE A 712 -8.76 -35.14 29.90
C ILE A 712 -8.17 -36.54 30.03
N VAL A 713 -8.21 -37.30 28.95
CA VAL A 713 -7.58 -38.61 28.93
C VAL A 713 -6.09 -38.43 28.66
N THR A 714 -5.29 -39.31 29.24
CA THR A 714 -3.85 -39.29 29.12
C THR A 714 -3.36 -40.64 28.62
N LEU A 715 -2.06 -40.75 28.40
CA LEU A 715 -1.43 -41.98 27.96
C LEU A 715 -0.61 -42.61 29.08
N PRO A 716 -0.30 -43.91 28.99
CA PRO A 716 0.75 -44.45 29.82
C PRO A 716 2.08 -43.84 29.44
N PRO A 717 3.00 -43.70 30.38
CA PRO A 717 4.30 -43.08 30.09
C PRO A 717 5.14 -43.94 29.17
N THR A 718 6.13 -43.29 28.56
CA THR A 718 7.09 -44.00 27.73
C THR A 718 7.94 -44.94 28.56
N ILE A 719 8.56 -44.41 29.60
CA ILE A 719 9.37 -45.18 30.53
C ILE A 719 8.54 -45.39 31.77
N PHE A 720 8.53 -46.61 32.31
CA PHE A 720 7.82 -46.79 33.57
C PHE A 720 8.77 -46.66 34.75
N LYS A 721 9.82 -47.47 34.79
CA LYS A 721 10.74 -47.49 35.90
C LYS A 721 12.15 -47.18 35.41
N PRO A 722 13.05 -46.67 36.28
CA PRO A 722 13.06 -46.27 37.70
C PRO A 722 12.05 -45.22 38.15
N TYR A 723 11.62 -44.35 37.25
CA TYR A 723 10.53 -43.43 37.54
C TYR A 723 9.86 -43.04 36.23
N PRO A 724 8.55 -42.80 36.23
CA PRO A 724 7.84 -42.59 34.95
C PRO A 724 8.19 -41.27 34.29
N LEU A 725 8.34 -41.31 32.96
CA LEU A 725 8.59 -40.12 32.16
C LEU A 725 7.79 -40.18 30.87
N TRP A 726 7.41 -39.01 30.38
CA TRP A 726 6.64 -38.86 29.15
C TRP A 726 7.48 -38.11 28.14
N THR A 727 7.69 -38.71 26.98
CA THR A 727 8.47 -38.07 25.95
C THR A 727 7.64 -36.97 25.29
N GLY A 728 8.31 -36.01 24.66
CA GLY A 728 7.61 -34.92 24.00
C GLY A 728 6.88 -35.29 22.73
N LYS A 729 7.13 -36.47 22.16
CA LYS A 729 6.27 -36.95 21.10
C LYS A 729 4.88 -37.29 21.65
N GLN A 730 4.81 -37.61 22.93
CA GLN A 730 3.61 -38.07 23.59
C GLN A 730 2.80 -36.92 24.18
N ILE A 731 3.38 -35.72 24.23
CA ILE A 731 2.60 -34.52 24.50
C ILE A 731 1.62 -34.27 23.35
N ILE A 732 2.13 -34.20 22.13
CA ILE A 732 1.31 -33.84 20.98
C ILE A 732 0.42 -34.99 20.55
N THR A 733 0.73 -36.22 20.96
CA THR A 733 -0.20 -37.32 20.78
C THR A 733 -1.48 -37.11 21.57
N THR A 734 -1.35 -36.89 22.89
CA THR A 734 -2.54 -36.67 23.70
C THR A 734 -3.14 -35.29 23.52
N VAL A 735 -2.39 -34.34 22.96
CA VAL A 735 -2.98 -33.09 22.53
C VAL A 735 -3.91 -33.32 21.34
N LEU A 736 -3.47 -34.12 20.39
CA LEU A 736 -4.26 -34.45 19.22
C LEU A 736 -5.29 -35.54 19.50
N LEU A 737 -5.27 -36.10 20.71
CA LEU A 737 -6.24 -37.10 21.14
C LEU A 737 -7.44 -36.49 21.83
N ASN A 738 -7.28 -35.30 22.42
CA ASN A 738 -8.37 -34.64 23.11
C ASN A 738 -9.14 -33.68 22.22
N VAL A 739 -8.48 -33.09 21.22
CA VAL A 739 -9.18 -32.18 20.31
C VAL A 739 -9.85 -32.92 19.16
N THR A 740 -9.59 -34.21 19.00
CA THR A 740 -10.20 -34.98 17.93
C THR A 740 -11.56 -35.52 18.39
N PRO A 741 -12.51 -35.74 17.47
CA PRO A 741 -13.80 -36.31 17.88
C PRO A 741 -13.68 -37.80 18.13
N PRO A 742 -14.26 -38.31 19.21
CA PRO A 742 -14.16 -39.73 19.52
C PRO A 742 -15.02 -40.57 18.58
N ASP A 743 -14.82 -41.89 18.67
CA ASP A 743 -15.44 -42.89 17.79
C ASP A 743 -15.19 -42.57 16.32
N MET A 744 -13.97 -42.12 16.03
CA MET A 744 -13.48 -41.84 14.70
C MET A 744 -11.99 -42.14 14.84
N PRO A 745 -11.41 -42.92 13.93
CA PRO A 745 -10.04 -43.39 14.13
C PRO A 745 -9.02 -42.28 13.99
N GLY A 746 -7.84 -42.54 14.55
CA GLY A 746 -6.77 -41.56 14.49
C GLY A 746 -6.21 -41.41 13.10
N ILE A 747 -5.53 -40.29 12.89
CA ILE A 747 -5.01 -39.96 11.57
C ILE A 747 -3.76 -40.78 11.30
N ASN A 748 -3.58 -41.16 10.04
CA ASN A 748 -2.37 -41.83 9.57
C ASN A 748 -1.66 -40.90 8.59
N LEU A 749 -0.40 -40.58 8.86
CA LEU A 749 0.29 -39.56 8.11
C LEU A 749 1.78 -39.89 8.06
N ILE A 750 2.36 -39.85 6.86
CA ILE A 750 3.79 -40.07 6.65
C ILE A 750 4.31 -38.88 5.86
N SER A 751 5.05 -38.00 6.53
CA SER A 751 5.60 -36.81 5.91
C SER A 751 7.05 -36.66 6.34
N LYS A 752 7.70 -35.60 5.88
CA LYS A 752 9.06 -35.26 6.27
C LYS A 752 9.09 -33.81 6.73
N ASN A 753 10.28 -33.32 7.06
CA ASN A 753 10.41 -31.95 7.53
C ASN A 753 11.68 -31.34 6.95
N LYS A 754 12.00 -30.13 7.42
CA LYS A 754 13.08 -29.35 6.83
C LYS A 754 14.46 -29.76 7.32
N ILE A 755 14.54 -30.48 8.43
CA ILE A 755 15.81 -30.83 9.06
C ILE A 755 16.19 -32.24 8.64
N LYS A 756 17.41 -32.41 8.14
CA LYS A 756 17.89 -33.69 7.67
C LYS A 756 18.20 -34.62 8.86
N ASN A 757 18.53 -35.87 8.54
CA ASN A 757 18.97 -36.82 9.54
C ASN A 757 20.43 -36.64 9.92
N GLU A 758 21.21 -35.89 9.15
CA GLU A 758 22.62 -35.70 9.46
C GLU A 758 22.83 -34.61 10.50
N TYR A 759 21.82 -33.79 10.79
CA TYR A 759 21.92 -32.83 11.87
C TYR A 759 21.62 -33.45 13.22
N TRP A 760 20.98 -34.61 13.24
CA TRP A 760 20.65 -35.25 14.51
C TRP A 760 21.74 -36.19 14.97
N GLY A 761 22.31 -36.98 14.06
CA GLY A 761 23.41 -37.84 14.45
C GLY A 761 23.79 -38.85 13.40
N LYS A 762 24.05 -40.08 13.84
CA LYS A 762 24.43 -41.18 12.95
C LYS A 762 23.35 -42.24 13.00
N GLY A 763 22.52 -42.28 11.97
CA GLY A 763 21.46 -43.26 11.90
C GLY A 763 20.15 -42.82 12.50
N SER A 764 19.93 -41.52 12.65
CA SER A 764 18.63 -41.04 13.10
C SER A 764 17.60 -41.22 12.00
N LEU A 765 16.34 -41.39 12.41
CA LEU A 765 15.24 -41.43 11.47
C LEU A 765 14.30 -40.26 11.67
N GLU A 766 14.78 -39.19 12.30
CA GLU A 766 13.99 -38.03 12.69
C GLU A 766 13.81 -37.02 11.58
N ASN A 767 14.04 -37.40 10.32
CA ASN A 767 13.65 -36.56 9.21
C ASN A 767 12.19 -36.82 8.84
N GLU A 768 11.79 -38.07 8.76
CA GLU A 768 10.40 -38.35 8.43
C GLU A 768 9.57 -38.32 9.70
N VAL A 769 8.39 -37.74 9.60
CA VAL A 769 7.45 -37.77 10.69
C VAL A 769 6.49 -38.92 10.42
N LEU A 770 5.90 -39.43 11.48
CA LEU A 770 5.04 -40.61 11.35
C LEU A 770 3.93 -40.50 12.38
N PHE A 771 2.73 -40.24 11.91
CA PHE A 771 1.53 -40.34 12.71
C PHE A 771 0.84 -41.65 12.35
N LYS A 772 0.67 -42.51 13.34
CA LYS A 772 -0.09 -43.75 13.16
C LYS A 772 -1.03 -43.88 14.33
N ASP A 773 -2.32 -44.08 14.02
CA ASP A 773 -3.43 -44.05 14.98
C ASP A 773 -3.44 -42.73 15.75
N GLY A 774 -3.14 -41.64 15.04
CA GLY A 774 -3.11 -40.33 15.65
C GLY A 774 -1.98 -40.10 16.61
N ALA A 775 -0.95 -40.95 16.60
CA ALA A 775 0.12 -40.90 17.57
C ALA A 775 1.43 -40.57 16.87
N LEU A 776 2.11 -39.54 17.36
CA LEU A 776 3.41 -39.16 16.82
C LEU A 776 4.42 -40.18 17.27
N LEU A 777 4.81 -41.08 16.35
CA LEU A 777 5.73 -42.16 16.68
C LEU A 777 7.18 -41.83 16.36
N CYS A 778 7.44 -40.81 15.55
CA CYS A 778 8.75 -40.46 15.04
C CYS A 778 8.67 -39.10 14.38
N GLY A 779 9.76 -38.35 14.41
CA GLY A 779 9.86 -37.13 13.63
C GLY A 779 9.83 -35.89 14.50
N ILE A 780 10.25 -34.78 13.89
CA ILE A 780 10.23 -33.46 14.50
C ILE A 780 9.10 -32.67 13.85
N LEU A 781 8.25 -32.05 14.65
CA LEU A 781 7.26 -31.14 14.07
C LEU A 781 7.90 -29.79 13.85
N ASP A 782 7.64 -29.21 12.69
CA ASP A 782 8.53 -28.23 12.10
C ASP A 782 7.67 -27.12 11.50
N LYS A 783 8.27 -26.27 10.65
CA LYS A 783 7.46 -25.36 9.84
C LYS A 783 6.65 -26.14 8.81
N SER A 784 7.18 -27.26 8.35
CA SER A 784 6.50 -28.07 7.34
C SER A 784 5.26 -28.77 7.86
N GLN A 785 5.10 -28.89 9.18
CA GLN A 785 3.93 -29.56 9.74
C GLN A 785 2.82 -28.59 10.10
N TYR A 786 3.09 -27.67 11.02
CA TYR A 786 2.21 -26.55 11.31
C TYR A 786 2.84 -25.29 10.74
N GLY A 787 2.05 -24.49 10.07
CA GLY A 787 2.58 -23.39 9.30
C GLY A 787 1.86 -23.31 7.97
N ALA A 788 2.26 -22.37 7.13
CA ALA A 788 1.68 -22.22 5.80
C ALA A 788 2.40 -23.15 4.80
N SER A 789 2.28 -24.44 5.06
CA SER A 789 3.00 -25.47 4.33
C SER A 789 2.06 -26.60 3.99
N LYS A 790 2.06 -27.02 2.73
CA LYS A 790 1.15 -28.05 2.27
C LYS A 790 1.53 -29.40 2.85
N TYR A 791 0.49 -30.21 3.11
CA TYR A 791 0.61 -31.62 3.51
C TYR A 791 1.37 -31.78 4.82
N GLY A 792 1.04 -30.94 5.79
CA GLY A 792 1.60 -31.03 7.12
C GLY A 792 0.80 -31.97 8.01
N ILE A 793 0.65 -31.59 9.27
CA ILE A 793 -0.26 -32.29 10.16
C ILE A 793 -1.48 -31.41 10.38
N VAL A 794 -1.31 -30.09 10.28
CA VAL A 794 -2.46 -29.21 10.32
C VAL A 794 -3.22 -29.29 9.00
N HIS A 795 -2.49 -29.43 7.89
CA HIS A 795 -3.13 -29.59 6.61
C HIS A 795 -3.73 -30.98 6.43
N SER A 796 -3.30 -31.95 7.23
CA SER A 796 -3.90 -33.28 7.21
C SER A 796 -5.04 -33.43 8.20
N LEU A 797 -5.00 -32.69 9.31
CA LEU A 797 -6.16 -32.55 10.19
C LEU A 797 -7.29 -31.76 9.52
N HIS A 798 -6.98 -30.96 8.50
CA HIS A 798 -8.00 -30.18 7.81
C HIS A 798 -8.87 -31.06 6.94
N GLU A 799 -8.25 -31.99 6.20
CA GLU A 799 -9.01 -32.81 5.27
C GLU A 799 -9.80 -33.90 5.97
N VAL A 800 -9.20 -34.51 7.00
CA VAL A 800 -9.82 -35.67 7.63
C VAL A 800 -10.92 -35.25 8.60
N TYR A 801 -10.69 -34.20 9.37
CA TYR A 801 -11.59 -33.86 10.46
C TYR A 801 -12.39 -32.58 10.25
N GLY A 802 -12.12 -31.81 9.19
CA GLY A 802 -12.87 -30.62 8.93
C GLY A 802 -12.12 -29.36 9.27
N PRO A 803 -12.62 -28.21 8.82
CA PRO A 803 -11.90 -26.95 9.06
C PRO A 803 -12.03 -26.43 10.47
N GLU A 804 -12.97 -26.93 11.26
CA GLU A 804 -13.12 -26.45 12.63
C GLU A 804 -12.19 -27.21 13.57
N VAL A 805 -11.96 -28.50 13.32
CA VAL A 805 -11.09 -29.28 14.18
C VAL A 805 -9.64 -28.90 13.96
N ALA A 806 -9.27 -28.59 12.71
CA ALA A 806 -7.89 -28.21 12.42
C ALA A 806 -7.56 -26.84 12.97
N ALA A 807 -8.50 -25.90 12.90
CA ALA A 807 -8.26 -24.57 13.45
C ALA A 807 -8.28 -24.57 14.97
N LYS A 808 -8.89 -25.57 15.58
CA LYS A 808 -8.79 -25.72 17.02
C LYS A 808 -7.43 -26.27 17.44
N VAL A 809 -6.74 -26.98 16.55
CA VAL A 809 -5.41 -27.50 16.84
C VAL A 809 -4.39 -26.37 16.92
N LEU A 810 -4.49 -25.39 16.02
CA LEU A 810 -3.56 -24.26 16.03
C LEU A 810 -3.73 -23.40 17.26
N SER A 811 -4.92 -23.40 17.87
CA SER A 811 -5.09 -22.74 19.15
C SER A 811 -4.35 -23.50 20.24
N VAL A 812 -4.53 -24.82 20.27
CA VAL A 812 -3.99 -25.65 21.34
C VAL A 812 -2.49 -25.77 21.21
N LEU A 813 -1.99 -25.98 20.01
CA LEU A 813 -0.55 -25.97 19.76
C LEU A 813 0.05 -24.59 19.96
N GLY A 814 -0.72 -23.53 19.73
CA GLY A 814 -0.23 -22.19 19.99
C GLY A 814 -0.09 -21.87 21.45
N ARG A 815 -0.83 -22.56 22.31
CA ARG A 815 -0.68 -22.43 23.75
C ARG A 815 0.25 -23.46 24.34
N LEU A 816 0.29 -24.67 23.75
CA LEU A 816 1.21 -25.70 24.22
C LEU A 816 2.65 -25.33 23.93
N PHE A 817 2.90 -24.59 22.86
CA PHE A 817 4.22 -24.08 22.54
C PHE A 817 4.49 -22.73 23.18
N THR A 818 3.52 -22.18 23.92
CA THR A 818 3.73 -20.98 24.70
C THR A 818 3.98 -21.30 26.17
N ASN A 819 3.25 -22.26 26.72
CA ASN A 819 3.52 -22.72 28.08
C ASN A 819 4.82 -23.53 28.16
N TYR A 820 5.27 -24.11 27.05
CA TYR A 820 6.58 -24.75 27.04
C TYR A 820 7.70 -23.73 26.97
N ILE A 821 7.43 -22.57 26.36
CA ILE A 821 8.45 -21.54 26.24
C ILE A 821 8.61 -20.77 27.55
N THR A 822 7.52 -20.53 28.28
CA THR A 822 7.62 -19.80 29.54
C THR A 822 8.21 -20.63 30.67
N ALA A 823 8.49 -21.91 30.45
CA ALA A 823 9.17 -22.76 31.41
C ALA A 823 10.48 -23.31 30.90
N THR A 824 10.63 -23.46 29.58
CA THR A 824 11.82 -24.00 28.94
C THR A 824 12.10 -23.04 27.79
N ALA A 825 12.89 -22.01 28.06
CA ALA A 825 12.93 -20.87 27.16
C ALA A 825 13.94 -21.09 26.03
N PHE A 826 14.23 -20.02 25.31
CA PHE A 826 14.90 -20.10 24.02
C PHE A 826 15.64 -18.79 23.77
N THR A 827 16.94 -18.88 23.51
CA THR A 827 17.78 -17.70 23.42
C THR A 827 18.76 -17.84 22.27
N CYS A 828 19.32 -16.72 21.84
CA CYS A 828 20.37 -16.71 20.82
C CYS A 828 21.42 -15.71 21.25
N GLY A 829 22.68 -16.14 21.29
CA GLY A 829 23.73 -15.28 21.77
C GLY A 829 24.94 -15.17 20.88
N MET A 830 26.01 -14.59 21.42
CA MET A 830 27.26 -14.44 20.70
C MET A 830 27.99 -15.75 20.58
N ASP A 831 27.66 -16.71 21.44
CA ASP A 831 28.22 -18.05 21.40
C ASP A 831 27.81 -18.79 20.13
N ASP A 832 26.63 -18.46 19.60
CA ASP A 832 26.05 -19.14 18.46
C ASP A 832 26.66 -18.76 17.13
N LEU A 833 27.55 -17.76 17.11
CA LEU A 833 28.02 -17.17 15.87
C LEU A 833 29.46 -17.56 15.55
N ARG A 834 30.03 -18.48 16.31
CA ARG A 834 31.46 -18.74 16.26
C ARG A 834 31.76 -20.04 15.54
N LEU A 835 32.92 -20.07 14.89
CA LEU A 835 33.52 -21.26 14.32
C LEU A 835 34.69 -21.69 15.18
N THR A 836 35.12 -22.93 15.00
CA THR A 836 36.27 -23.41 15.76
C THR A 836 37.56 -22.82 15.19
N ALA A 837 38.65 -23.02 15.93
CA ALA A 837 39.97 -22.71 15.38
C ALA A 837 40.33 -23.66 14.24
N GLU A 838 39.74 -24.85 14.22
CA GLU A 838 39.73 -25.68 13.03
C GLU A 838 38.91 -25.03 11.93
N GLY A 839 37.70 -24.57 12.27
CA GLY A 839 36.79 -24.07 11.26
C GLY A 839 37.17 -22.70 10.74
N ASN A 840 37.86 -21.90 11.55
CA ASN A 840 38.41 -20.65 11.03
C ASN A 840 39.60 -20.91 10.13
N LYS A 841 40.39 -21.95 10.43
CA LYS A 841 41.53 -22.29 9.57
C LYS A 841 41.05 -22.84 8.23
N TRP A 842 39.95 -23.59 8.22
CA TRP A 842 39.30 -23.96 6.97
C TRP A 842 38.86 -22.74 6.20
N ARG A 843 38.32 -21.73 6.90
CA ARG A 843 37.83 -20.53 6.22
C ARG A 843 38.97 -19.72 5.63
N THR A 844 40.05 -19.52 6.38
CA THR A 844 41.16 -18.73 5.88
C THR A 844 42.13 -19.51 5.00
N ASP A 845 41.76 -20.71 4.55
CA ASP A 845 42.53 -21.43 3.54
C ASP A 845 41.84 -21.52 2.19
N ILE A 846 40.52 -21.67 2.16
CA ILE A 846 39.81 -21.52 0.89
C ILE A 846 39.79 -20.06 0.46
N LEU A 847 39.71 -19.13 1.42
CA LEU A 847 39.72 -17.72 1.07
C LEU A 847 41.10 -17.19 0.69
N LYS A 848 42.17 -17.98 0.84
CA LYS A 848 43.45 -17.62 0.24
C LYS A 848 43.52 -17.98 -1.23
N THR A 849 42.61 -18.82 -1.73
CA THR A 849 42.55 -19.09 -3.16
C THR A 849 42.01 -17.89 -3.92
N SER A 850 41.17 -17.09 -3.27
CA SER A 850 40.43 -16.01 -3.89
C SER A 850 41.30 -14.83 -4.34
N VAL A 851 42.60 -14.82 -4.08
CA VAL A 851 43.40 -13.68 -4.51
C VAL A 851 43.76 -13.78 -6.00
N ASP A 852 43.99 -14.98 -6.51
CA ASP A 852 44.30 -15.19 -7.92
C ASP A 852 43.05 -15.42 -8.75
N THR A 853 41.88 -15.48 -8.10
CA THR A 853 40.63 -15.74 -8.79
C THR A 853 40.22 -14.55 -9.65
N GLY A 854 40.46 -13.33 -9.18
CA GLY A 854 40.12 -12.14 -9.94
C GLY A 854 40.98 -11.92 -11.15
N ARG A 855 42.17 -12.54 -11.20
CA ARG A 855 43.06 -12.40 -12.34
C ARG A 855 42.89 -13.53 -13.36
N GLU A 856 42.57 -14.74 -12.90
CA GLU A 856 42.24 -15.82 -13.83
C GLU A 856 40.98 -15.50 -14.60
N ALA A 857 40.04 -14.79 -13.99
CA ALA A 857 38.84 -14.35 -14.68
C ALA A 857 39.10 -13.15 -15.56
N ALA A 858 40.14 -12.37 -15.26
CA ALA A 858 40.50 -11.25 -16.13
C ALA A 858 41.11 -11.75 -17.43
N ALA A 859 42.08 -12.66 -17.33
CA ALA A 859 42.75 -13.18 -18.51
C ALA A 859 41.85 -14.06 -19.36
N GLU A 860 40.79 -14.65 -18.78
CA GLU A 860 39.89 -15.48 -19.57
C GLU A 860 38.97 -14.65 -20.45
N VAL A 861 38.44 -13.55 -19.91
CA VAL A 861 37.56 -12.68 -20.69
C VAL A 861 38.36 -11.98 -21.78
N THR A 862 39.53 -11.47 -21.44
CA THR A 862 40.28 -10.63 -22.35
C THR A 862 41.06 -11.44 -23.39
N ASN A 863 41.00 -12.78 -23.31
CA ASN A 863 41.63 -13.71 -24.24
C ASN A 863 43.15 -13.55 -24.30
N LEU A 864 43.76 -13.18 -23.19
CA LEU A 864 45.18 -13.41 -23.05
C LEU A 864 45.41 -14.85 -22.60
N ASP A 865 46.65 -15.29 -22.73
CA ASP A 865 47.03 -16.56 -22.13
C ASP A 865 47.21 -16.36 -20.63
N LYS A 866 46.92 -17.40 -19.86
CA LYS A 866 46.89 -17.27 -18.41
C LYS A 866 48.30 -17.16 -17.84
N ASP A 867 48.38 -17.02 -16.51
CA ASP A 867 49.60 -16.80 -15.72
C ASP A 867 50.31 -15.51 -16.10
N THR A 868 49.58 -14.56 -16.66
CA THR A 868 50.09 -13.23 -16.93
C THR A 868 50.04 -12.39 -15.66
N PRO A 869 50.98 -11.47 -15.48
CA PRO A 869 50.97 -10.65 -14.27
C PRO A 869 49.84 -9.63 -14.30
N ALA A 870 49.53 -9.12 -13.10
CA ALA A 870 48.50 -8.09 -12.99
C ALA A 870 48.98 -6.78 -13.59
N ASP A 871 50.28 -6.49 -13.47
CA ASP A 871 50.86 -5.30 -14.08
C ASP A 871 51.41 -5.56 -15.47
N ASP A 872 50.81 -6.51 -16.20
CA ASP A 872 51.12 -6.70 -17.60
C ASP A 872 50.65 -5.48 -18.38
N PRO A 873 51.51 -4.86 -19.20
CA PRO A 873 51.05 -3.74 -20.02
C PRO A 873 50.03 -4.11 -21.10
N GLU A 874 49.90 -5.38 -21.44
CA GLU A 874 48.87 -5.81 -22.39
C GLU A 874 47.56 -6.18 -21.69
N LEU A 875 47.62 -6.65 -20.45
CA LEU A 875 46.39 -6.85 -19.69
C LEU A 875 45.76 -5.53 -19.31
N LEU A 876 46.58 -4.55 -18.93
CA LEU A 876 46.07 -3.23 -18.58
C LEU A 876 45.64 -2.44 -19.81
N LYS A 877 46.18 -2.75 -20.98
CA LYS A 877 45.73 -2.10 -22.20
C LYS A 877 44.35 -2.60 -22.60
N ARG A 878 44.08 -3.88 -22.39
CA ARG A 878 42.83 -4.48 -22.80
C ARG A 878 41.73 -4.36 -21.77
N LEU A 879 42.08 -4.22 -20.48
CA LEU A 879 41.05 -3.96 -19.46
C LEU A 879 40.48 -2.56 -19.56
N GLN A 880 41.22 -1.63 -20.15
CA GLN A 880 40.66 -0.29 -20.35
C GLN A 880 39.61 -0.29 -21.45
N GLU A 881 39.78 -1.15 -22.46
CA GLU A 881 38.79 -1.26 -23.53
C GLU A 881 37.51 -1.91 -23.04
N ILE A 882 37.60 -2.76 -22.03
CA ILE A 882 36.42 -3.40 -21.45
C ILE A 882 35.59 -2.37 -20.69
N LEU A 883 36.26 -1.43 -20.02
CA LEU A 883 35.58 -0.42 -19.22
C LEU A 883 34.77 0.55 -20.08
N ARG A 884 35.25 0.85 -21.29
CA ARG A 884 34.59 1.82 -22.13
C ARG A 884 33.29 1.31 -22.74
N ASP A 885 33.06 0.01 -22.72
CA ASP A 885 31.83 -0.58 -23.23
C ASP A 885 31.01 -1.15 -22.08
N ASN A 886 29.70 -0.89 -22.11
CA ASN A 886 28.83 -1.50 -21.11
C ASN A 886 28.66 -3.00 -21.35
N ASN A 887 28.66 -3.42 -22.62
CA ASN A 887 28.42 -4.82 -22.94
C ASN A 887 29.63 -5.68 -22.59
N LYS A 888 30.83 -5.22 -22.92
CA LYS A 888 32.03 -5.99 -22.61
C LYS A 888 32.33 -5.99 -21.12
N SER A 889 31.87 -4.98 -20.39
CA SER A 889 32.04 -4.99 -18.94
C SER A 889 31.05 -5.96 -18.30
N GLY A 890 29.93 -6.24 -18.95
CA GLY A 890 28.99 -7.20 -18.41
C GLY A 890 29.47 -8.62 -18.51
N ILE A 891 30.30 -8.93 -19.52
CA ILE A 891 30.86 -10.27 -19.65
C ILE A 891 32.20 -10.39 -18.97
N LEU A 892 32.68 -9.34 -18.31
CA LEU A 892 33.77 -9.42 -17.34
C LEU A 892 33.24 -9.50 -15.92
N ASP A 893 32.16 -8.78 -15.63
CA ASP A 893 31.52 -8.81 -14.33
C ASP A 893 30.63 -10.00 -14.12
N ALA A 894 30.52 -10.89 -15.10
CA ALA A 894 29.78 -12.14 -14.93
C ALA A 894 30.68 -13.36 -14.87
N VAL A 895 31.86 -13.30 -15.49
CA VAL A 895 32.82 -14.37 -15.38
C VAL A 895 33.54 -14.31 -14.04
N THR A 896 33.88 -13.10 -13.58
CA THR A 896 34.48 -12.95 -12.26
C THR A 896 33.47 -13.25 -11.17
N SER A 897 32.22 -12.85 -11.37
CA SER A 897 31.18 -13.14 -10.39
C SER A 897 30.91 -14.64 -10.29
N SER A 898 30.96 -15.35 -11.42
CA SER A 898 30.75 -16.79 -11.39
C SER A 898 31.88 -17.54 -10.72
N LYS A 899 33.08 -16.97 -10.67
CA LYS A 899 34.20 -17.65 -10.04
C LYS A 899 34.31 -17.37 -8.55
N VAL A 900 33.97 -16.15 -8.12
CA VAL A 900 34.05 -15.86 -6.69
C VAL A 900 32.82 -16.33 -5.94
N ASN A 901 31.69 -16.52 -6.63
CA ASN A 901 30.57 -17.23 -6.03
C ASN A 901 30.77 -18.73 -6.00
N ALA A 902 31.83 -19.23 -6.63
CA ALA A 902 32.26 -20.60 -6.41
C ALA A 902 33.24 -20.71 -5.25
N ILE A 903 34.02 -19.67 -4.98
CA ILE A 903 34.85 -19.64 -3.78
C ILE A 903 33.96 -19.44 -2.55
N THR A 904 32.83 -18.77 -2.73
CA THR A 904 31.86 -18.62 -1.64
C THR A 904 31.26 -19.96 -1.24
N SER A 905 30.85 -20.76 -2.22
CA SER A 905 30.18 -22.02 -1.91
C SER A 905 31.12 -23.07 -1.33
N GLN A 906 32.42 -22.97 -1.59
CA GLN A 906 33.36 -23.90 -0.99
C GLN A 906 33.58 -23.59 0.49
N VAL A 907 33.52 -22.31 0.86
CA VAL A 907 33.61 -21.93 2.27
C VAL A 907 32.38 -22.42 3.02
N VAL A 908 31.20 -22.23 2.43
CA VAL A 908 29.95 -22.49 3.15
C VAL A 908 29.70 -23.99 3.27
N SER A 909 30.01 -24.76 2.22
CA SER A 909 29.74 -26.19 2.25
C SER A 909 30.78 -26.98 3.05
N LYS A 910 31.74 -26.32 3.68
CA LYS A 910 32.67 -26.96 4.59
C LYS A 910 32.60 -26.40 6.00
N CYS A 911 32.62 -25.08 6.15
CA CYS A 911 32.71 -24.46 7.47
C CYS A 911 31.42 -24.54 8.27
N VAL A 912 30.29 -24.79 7.63
CA VAL A 912 29.02 -24.94 8.34
C VAL A 912 28.24 -26.07 7.68
N PRO A 913 27.69 -27.03 8.45
CA PRO A 913 27.65 -27.23 9.89
C PRO A 913 28.85 -27.95 10.48
N ASP A 914 29.78 -28.37 9.63
CA ASP A 914 30.85 -29.25 10.08
C ASP A 914 31.85 -28.52 10.96
N GLY A 915 32.01 -27.22 10.78
CA GLY A 915 33.03 -26.48 11.50
C GLY A 915 32.50 -25.35 12.36
N THR A 916 31.26 -25.45 12.81
CA THR A 916 30.68 -24.48 13.73
C THR A 916 30.91 -24.98 15.15
N MET A 917 31.24 -24.05 16.05
CA MET A 917 31.72 -24.42 17.39
C MET A 917 30.61 -25.00 18.24
N LYS A 918 29.52 -24.28 18.40
CA LYS A 918 28.31 -24.83 18.99
C LYS A 918 27.43 -25.36 17.87
N LYS A 919 26.88 -26.54 18.05
CA LYS A 919 26.21 -27.22 16.95
C LYS A 919 24.73 -27.44 17.26
N PHE A 920 24.02 -27.93 16.25
CA PHE A 920 22.60 -28.20 16.36
C PHE A 920 22.37 -29.35 17.34
N PRO A 921 21.33 -29.28 18.19
CA PRO A 921 20.32 -28.26 18.38
C PRO A 921 20.71 -27.14 19.33
N CYS A 922 21.85 -27.29 20.02
CA CYS A 922 22.26 -26.30 21.01
C CYS A 922 22.59 -24.95 20.35
N ASN A 923 23.14 -24.97 19.15
CA ASN A 923 23.28 -23.76 18.35
C ASN A 923 21.89 -23.29 17.97
N SER A 924 21.64 -22.00 18.11
CA SER A 924 20.30 -21.45 17.96
C SER A 924 20.14 -20.51 16.78
N MET A 925 21.21 -19.81 16.39
CA MET A 925 21.20 -19.08 15.12
C MET A 925 21.05 -20.04 13.96
N GLN A 926 21.62 -21.23 14.07
CA GLN A 926 21.53 -22.25 13.05
C GLN A 926 20.22 -23.02 13.13
N ALA A 927 19.67 -23.20 14.33
CA ALA A 927 18.46 -24.01 14.49
C ALA A 927 17.24 -23.32 13.91
N MET A 928 17.06 -22.04 14.20
CA MET A 928 15.89 -21.33 13.70
C MET A 928 15.98 -21.00 12.22
N ALA A 929 17.13 -21.22 11.58
CA ALA A 929 17.27 -21.12 10.14
C ALA A 929 16.99 -22.44 9.44
N LEU A 930 17.40 -23.56 10.06
CA LEU A 930 17.12 -24.87 9.50
C LEU A 930 15.66 -25.25 9.64
N SER A 931 15.02 -24.77 10.70
CA SER A 931 13.65 -25.12 11.02
C SER A 931 12.62 -24.22 10.34
N GLY A 932 13.06 -23.20 9.62
CA GLY A 932 12.13 -22.26 9.03
C GLY A 932 11.47 -21.34 10.03
N ALA A 933 12.04 -21.19 11.22
CA ALA A 933 11.45 -20.33 12.23
C ALA A 933 11.59 -18.87 11.83
N LYS A 934 12.82 -18.41 11.66
CA LYS A 934 13.10 -17.12 11.05
C LYS A 934 14.50 -17.18 10.49
N GLY A 935 14.69 -16.70 9.27
CA GLY A 935 16.00 -16.64 8.66
C GLY A 935 16.20 -17.72 7.62
N SER A 936 17.27 -17.56 6.87
CA SER A 936 17.66 -18.46 5.79
C SER A 936 19.04 -19.02 6.08
N ASN A 937 19.51 -19.88 5.18
CA ASN A 937 20.86 -20.40 5.29
C ASN A 937 21.87 -19.45 4.67
N VAL A 938 21.42 -18.51 3.82
CA VAL A 938 22.30 -17.46 3.33
C VAL A 938 22.44 -16.35 4.36
N ASN A 939 21.57 -16.31 5.37
CA ASN A 939 21.70 -15.32 6.43
C ASN A 939 22.71 -15.77 7.48
N VAL A 940 22.73 -17.06 7.82
CA VAL A 940 23.76 -17.54 8.74
C VAL A 940 25.09 -17.74 8.03
N SER A 941 25.08 -17.77 6.69
CA SER A 941 26.33 -17.81 5.94
C SER A 941 27.06 -16.48 6.01
N GLN A 942 26.33 -15.38 5.93
CA GLN A 942 26.94 -14.06 5.92
C GLN A 942 27.35 -13.59 7.30
N ILE A 943 26.89 -14.27 8.35
CA ILE A 943 27.33 -13.97 9.70
C ILE A 943 28.57 -14.76 10.06
N MET A 944 28.56 -16.06 9.76
CA MET A 944 29.57 -16.97 10.26
C MET A 944 30.67 -17.30 9.27
N CYS A 945 30.41 -17.24 7.97
CA CYS A 945 31.42 -17.67 7.01
C CYS A 945 31.92 -16.55 6.11
N LEU A 946 31.05 -15.94 5.31
CA LEU A 946 31.53 -15.19 4.15
C LEU A 946 30.40 -14.33 3.60
N LEU A 947 30.64 -13.02 3.46
CA LEU A 947 29.56 -12.14 3.08
C LEU A 947 29.34 -12.06 1.57
N GLY A 948 30.38 -12.25 0.77
CA GLY A 948 30.19 -12.62 -0.62
C GLY A 948 30.35 -11.47 -1.60
N GLN A 949 30.19 -11.81 -2.87
CA GLN A 949 30.16 -10.83 -3.94
C GLN A 949 28.91 -9.96 -3.79
N GLN A 950 29.13 -8.71 -3.41
CA GLN A 950 28.03 -7.75 -3.33
C GLN A 950 27.63 -7.37 -4.75
N ALA A 951 26.42 -7.77 -5.14
CA ALA A 951 25.97 -7.63 -6.52
C ALA A 951 25.10 -6.39 -6.67
N LEU A 952 25.48 -5.54 -7.62
CA LEU A 952 24.66 -4.45 -8.13
C LEU A 952 23.67 -5.00 -9.14
N GLU A 953 23.18 -4.18 -10.07
CA GLU A 953 22.12 -4.60 -11.00
C GLU A 953 22.67 -5.65 -11.96
N GLY A 954 22.79 -6.88 -11.45
CA GLY A 954 23.40 -7.98 -12.16
C GLY A 954 24.89 -7.91 -12.32
N ARG A 955 25.55 -6.96 -11.65
CA ARG A 955 26.94 -6.65 -11.93
C ARG A 955 27.74 -6.58 -10.64
N ARG A 956 29.02 -6.30 -10.79
CA ARG A 956 29.90 -6.01 -9.67
C ARG A 956 29.74 -4.54 -9.29
N VAL A 957 30.64 -4.06 -8.45
CA VAL A 957 30.64 -2.64 -8.05
C VAL A 957 31.05 -1.79 -9.24
N PRO A 958 30.36 -0.68 -9.51
CA PRO A 958 30.73 0.16 -10.67
C PRO A 958 32.07 0.83 -10.50
N VAL A 959 32.64 1.18 -11.65
CA VAL A 959 34.01 1.65 -11.77
C VAL A 959 33.97 3.13 -12.14
N MET A 960 34.96 3.88 -11.67
CA MET A 960 35.10 5.28 -12.02
C MET A 960 35.57 5.43 -13.47
N VAL A 961 35.84 6.68 -13.87
CA VAL A 961 36.43 6.93 -15.18
C VAL A 961 37.86 6.39 -15.24
N SER A 962 38.56 6.45 -14.12
CA SER A 962 39.98 6.15 -14.07
C SER A 962 40.30 4.68 -14.06
N GLY A 963 39.31 3.80 -14.08
CA GLY A 963 39.55 2.40 -13.86
C GLY A 963 39.58 2.00 -12.40
N LYS A 964 39.76 2.94 -11.50
CA LYS A 964 39.61 2.66 -10.08
C LYS A 964 38.16 2.36 -9.75
N THR A 965 37.98 1.34 -8.93
CA THR A 965 36.69 1.07 -8.34
C THR A 965 36.44 1.99 -7.16
N LEU A 966 37.51 2.56 -6.58
CA LEU A 966 37.47 3.26 -5.32
C LEU A 966 38.85 3.89 -5.13
N PRO A 967 38.97 4.94 -4.29
CA PRO A 967 40.31 5.56 -4.11
C PRO A 967 41.33 4.65 -3.45
N SER A 968 40.92 3.60 -2.75
CA SER A 968 41.87 2.75 -2.04
C SER A 968 42.62 1.80 -2.95
N PHE A 969 42.10 1.50 -4.13
CA PHE A 969 42.68 0.50 -5.00
C PHE A 969 43.38 1.16 -6.18
N LYS A 970 44.36 0.47 -6.74
CA LYS A 970 45.05 0.97 -7.91
C LYS A 970 44.14 0.82 -9.14
N PRO A 971 44.38 1.59 -10.20
CA PRO A 971 43.49 1.49 -11.36
C PRO A 971 43.65 0.17 -12.11
N TYR A 972 42.49 -0.40 -12.50
CA TYR A 972 42.38 -1.58 -13.36
C TYR A 972 42.99 -2.82 -12.73
N GLU A 973 42.86 -2.98 -11.42
CA GLU A 973 43.53 -4.11 -10.82
C GLU A 973 42.66 -5.36 -10.91
N THR A 974 43.33 -6.49 -11.00
CA THR A 974 42.68 -7.80 -11.11
C THR A 974 42.64 -8.47 -9.74
N ASP A 975 41.93 -7.81 -8.83
CA ASP A 975 41.73 -8.33 -7.48
C ASP A 975 40.24 -8.61 -7.31
N ALA A 976 39.93 -9.73 -6.67
CA ALA A 976 38.53 -10.08 -6.45
C ALA A 976 37.92 -9.19 -5.37
N MET A 977 38.73 -8.75 -4.40
CA MET A 977 38.26 -7.83 -3.37
C MET A 977 37.87 -6.48 -3.96
N ALA A 978 38.56 -6.05 -5.01
CA ALA A 978 38.30 -4.74 -5.59
C ALA A 978 36.98 -4.68 -6.34
N GLY A 979 36.37 -5.81 -6.66
CA GLY A 979 35.13 -5.77 -7.41
C GLY A 979 33.88 -5.78 -6.59
N GLY A 980 33.99 -5.96 -5.28
CA GLY A 980 32.83 -6.11 -4.41
C GLY A 980 32.77 -7.42 -3.67
N TYR A 981 33.58 -8.40 -4.03
CA TYR A 981 33.66 -9.64 -3.27
C TYR A 981 34.33 -9.34 -1.94
N VAL A 982 33.59 -9.49 -0.86
CA VAL A 982 34.10 -9.17 0.47
C VAL A 982 34.38 -10.48 1.21
N LYS A 983 35.53 -10.55 1.85
CA LYS A 983 35.96 -11.73 2.58
C LYS A 983 35.56 -11.69 4.03
N GLY A 984 35.09 -10.55 4.53
CA GLY A 984 34.70 -10.42 5.91
C GLY A 984 33.36 -11.05 6.18
N ARG A 985 33.00 -11.06 7.46
CA ARG A 985 31.72 -11.58 7.91
C ARG A 985 31.16 -10.63 8.95
N PHE A 986 29.90 -10.84 9.31
CA PHE A 986 29.27 -10.01 10.33
C PHE A 986 29.69 -10.37 11.74
N TYR A 987 30.37 -11.49 11.94
CA TYR A 987 30.93 -11.80 13.25
C TYR A 987 32.24 -11.08 13.49
N SER A 988 33.13 -11.05 12.50
CA SER A 988 34.44 -10.44 12.69
C SER A 988 34.48 -8.99 12.24
N GLY A 989 33.81 -8.66 11.14
CA GLY A 989 33.75 -7.29 10.69
C GLY A 989 34.34 -7.04 9.32
N ILE A 990 33.76 -6.12 8.59
CA ILE A 990 34.15 -5.87 7.21
C ILE A 990 34.97 -4.59 7.14
N LYS A 991 35.94 -4.58 6.24
CA LYS A 991 36.89 -3.49 6.09
C LYS A 991 36.19 -2.24 5.57
N PRO A 992 36.79 -1.04 5.72
CA PRO A 992 36.11 0.18 5.26
C PRO A 992 35.84 0.25 3.78
N GLN A 993 36.67 -0.36 2.93
CA GLN A 993 36.33 -0.48 1.52
C GLN A 993 35.36 -1.62 1.25
N GLU A 994 35.35 -2.64 2.10
CA GLU A 994 34.32 -3.68 2.02
C GLU A 994 32.97 -3.17 2.50
N TYR A 995 32.96 -2.12 3.30
CA TYR A 995 31.75 -1.54 3.86
C TYR A 995 31.11 -0.55 2.91
N TYR A 996 31.89 0.13 2.08
CA TYR A 996 31.34 1.04 1.09
C TYR A 996 30.69 0.26 -0.05
N PHE A 997 31.17 -0.94 -0.32
CA PHE A 997 30.57 -1.80 -1.35
C PHE A 997 29.29 -2.42 -0.86
N HIS A 998 29.24 -2.78 0.42
CA HIS A 998 28.04 -3.36 1.00
C HIS A 998 26.95 -2.32 1.20
N CYS A 999 27.31 -1.05 1.34
CA CYS A 999 26.32 0.02 1.37
C CYS A 999 25.78 0.37 -0.01
N MET A 1000 26.39 -0.13 -1.09
CA MET A 1000 25.80 0.03 -2.41
C MET A 1000 24.66 -0.94 -2.61
N ALA A 1001 24.89 -2.22 -2.30
CA ALA A 1001 23.84 -3.22 -2.46
C ALA A 1001 22.75 -3.05 -1.41
N GLY A 1002 23.08 -2.45 -0.27
CA GLY A 1002 22.06 -2.15 0.72
C GLY A 1002 21.14 -1.03 0.28
N ARG A 1003 21.68 -0.02 -0.40
CA ARG A 1003 20.86 1.08 -0.88
C ARG A 1003 19.97 0.65 -2.03
N GLU A 1004 20.48 -0.23 -2.90
CA GLU A 1004 19.74 -0.69 -4.08
C GLU A 1004 18.48 -1.45 -3.68
N GLY A 1005 18.55 -2.24 -2.61
CA GLY A 1005 17.37 -2.90 -2.09
C GLY A 1005 16.35 -1.94 -1.50
N LEU A 1006 16.77 -0.74 -1.11
CA LEU A 1006 15.85 0.27 -0.65
C LEU A 1006 15.28 1.12 -1.78
N ILE A 1007 15.95 1.16 -2.93
CA ILE A 1007 15.38 1.81 -4.10
C ILE A 1007 14.39 0.86 -4.79
N ASP A 1008 14.68 -0.44 -4.77
CA ASP A 1008 13.79 -1.41 -5.42
C ASP A 1008 12.50 -1.62 -4.64
N THR A 1009 12.46 -1.25 -3.37
CA THR A 1009 11.20 -1.29 -2.63
C THR A 1009 10.25 -0.20 -3.12
N ALA A 1010 10.73 1.03 -3.21
CA ALA A 1010 9.94 2.14 -3.73
C ALA A 1010 9.72 2.02 -5.23
N GLY A 1017 -0.93 -1.94 -8.33
CA GLY A 1017 -2.22 -1.73 -7.70
C GLY A 1017 -3.32 -1.44 -8.68
N TYR A 1018 -2.95 -1.38 -9.96
CA TYR A 1018 -3.88 -1.03 -11.02
C TYR A 1018 -4.09 -2.15 -12.02
N LEU A 1019 -3.24 -3.18 -12.01
CA LEU A 1019 -3.52 -4.40 -12.76
C LEU A 1019 -4.74 -5.11 -12.22
N GLN A 1020 -4.87 -5.16 -10.89
CA GLN A 1020 -6.00 -5.83 -10.25
C GLN A 1020 -7.28 -5.00 -10.34
N ARG A 1021 -7.17 -3.67 -10.47
CA ARG A 1021 -8.36 -2.85 -10.67
C ARG A 1021 -9.02 -3.12 -12.03
N CYS A 1022 -8.22 -3.13 -13.09
CA CYS A 1022 -8.75 -3.40 -14.43
C CYS A 1022 -9.28 -4.82 -14.55
N LEU A 1023 -8.70 -5.76 -13.81
CA LEU A 1023 -9.18 -7.13 -13.83
C LEU A 1023 -10.51 -7.26 -13.10
N THR A 1024 -10.60 -6.75 -11.87
CA THR A 1024 -11.77 -6.98 -11.04
C THR A 1024 -13.00 -6.21 -11.49
N LYS A 1025 -12.85 -5.18 -12.32
CA LYS A 1025 -14.02 -4.46 -12.80
C LYS A 1025 -14.68 -5.19 -13.96
N GLN A 1026 -13.88 -5.82 -14.82
CA GLN A 1026 -14.44 -6.61 -15.91
C GLN A 1026 -15.08 -7.90 -15.39
N LEU A 1027 -14.53 -8.47 -14.32
CA LEU A 1027 -14.83 -9.82 -13.88
C LEU A 1027 -15.63 -9.86 -12.60
N GLU A 1028 -16.35 -8.79 -12.26
CA GLU A 1028 -16.98 -8.73 -10.94
C GLU A 1028 -18.25 -9.56 -10.86
N GLY A 1029 -18.98 -9.72 -11.95
CA GLY A 1029 -20.23 -10.45 -11.93
C GLY A 1029 -20.14 -11.89 -12.36
N VAL A 1030 -18.97 -12.35 -12.78
CA VAL A 1030 -18.81 -13.72 -13.26
C VAL A 1030 -18.89 -14.67 -12.09
N HIS A 1031 -19.82 -15.61 -12.16
CA HIS A 1031 -20.12 -16.49 -11.04
C HIS A 1031 -20.47 -17.88 -11.55
N VAL A 1032 -20.31 -18.88 -10.69
CA VAL A 1032 -20.78 -20.22 -10.99
C VAL A 1032 -22.30 -20.22 -10.98
N SER A 1033 -22.91 -20.66 -12.07
CA SER A 1033 -24.35 -20.80 -12.10
C SER A 1033 -24.77 -22.12 -11.47
N TYR A 1034 -26.07 -22.39 -11.52
CA TYR A 1034 -26.61 -23.67 -11.06
C TYR A 1034 -26.57 -24.74 -12.15
N ASP A 1035 -26.06 -24.41 -13.33
CA ASP A 1035 -25.77 -25.38 -14.36
C ASP A 1035 -24.36 -25.94 -14.25
N ASN A 1036 -23.65 -25.58 -13.16
CA ASN A 1036 -22.20 -25.76 -13.01
C ASN A 1036 -21.45 -25.11 -14.17
N SER A 1037 -21.97 -23.97 -14.62
CA SER A 1037 -21.56 -23.36 -15.89
C SER A 1037 -21.34 -21.88 -15.65
N ILE A 1038 -20.07 -21.49 -15.50
CA ILE A 1038 -19.74 -20.15 -15.03
C ILE A 1038 -19.97 -19.13 -16.14
N ARG A 1039 -20.55 -18.00 -15.76
CA ARG A 1039 -21.05 -17.05 -16.75
C ARG A 1039 -21.14 -15.68 -16.12
N ASP A 1040 -21.37 -14.68 -16.97
CA ASP A 1040 -21.36 -13.29 -16.54
C ASP A 1040 -22.67 -12.95 -15.84
N ALA A 1041 -22.74 -11.75 -15.27
CA ALA A 1041 -23.91 -11.36 -14.49
C ALA A 1041 -25.12 -11.08 -15.37
N ASP A 1042 -24.90 -10.64 -16.61
CA ASP A 1042 -26.00 -10.37 -17.51
C ASP A 1042 -26.47 -11.60 -18.26
N GLY A 1043 -25.90 -12.77 -17.99
CA GLY A 1043 -26.36 -14.02 -18.55
C GLY A 1043 -25.45 -14.61 -19.60
N THR A 1044 -24.58 -13.81 -20.23
CA THR A 1044 -23.70 -14.33 -21.26
C THR A 1044 -22.63 -15.23 -20.65
N LEU A 1045 -22.23 -16.23 -21.43
CA LEU A 1045 -21.56 -17.42 -20.90
C LEU A 1045 -20.07 -17.38 -21.19
N VAL A 1046 -19.27 -17.69 -20.17
CA VAL A 1046 -17.82 -17.60 -20.28
C VAL A 1046 -17.22 -18.99 -20.50
N GLN A 1047 -17.40 -19.88 -19.53
CA GLN A 1047 -16.98 -21.26 -19.66
C GLN A 1047 -18.16 -22.17 -19.40
N PHE A 1048 -18.18 -23.30 -20.07
CA PHE A 1048 -19.26 -24.26 -19.88
C PHE A 1048 -19.10 -25.06 -18.60
N MET A 1049 -17.91 -25.05 -18.01
CA MET A 1049 -17.64 -25.68 -16.73
C MET A 1049 -16.35 -25.07 -16.19
N TYR A 1050 -16.27 -24.91 -14.88
CA TYR A 1050 -15.19 -24.14 -14.24
C TYR A 1050 -13.86 -24.88 -14.36
N GLY A 1051 -13.03 -24.42 -15.28
CA GLY A 1051 -11.75 -25.04 -15.54
C GLY A 1051 -11.81 -26.34 -16.31
N GLY A 1052 -12.99 -26.77 -16.72
CA GLY A 1052 -13.17 -28.06 -17.33
C GLY A 1052 -13.62 -29.15 -16.40
N ASP A 1053 -13.62 -28.91 -15.09
CA ASP A 1053 -14.07 -29.92 -14.15
C ASP A 1053 -14.92 -29.40 -12.99
N ALA A 1054 -14.97 -28.08 -12.75
CA ALA A 1054 -15.77 -27.45 -11.71
C ALA A 1054 -15.44 -27.94 -10.31
N ILE A 1055 -14.19 -28.21 -10.03
CA ILE A 1055 -13.82 -28.53 -8.66
C ILE A 1055 -13.20 -27.31 -8.03
N ASP A 1056 -13.31 -27.23 -6.71
CA ASP A 1056 -12.83 -26.09 -5.96
C ASP A 1056 -11.33 -26.23 -5.72
N ILE A 1057 -10.61 -25.12 -5.85
CA ILE A 1057 -9.16 -25.15 -5.63
C ILE A 1057 -8.87 -25.39 -4.15
N THR A 1058 -9.73 -24.87 -3.27
CA THR A 1058 -9.59 -25.07 -1.84
C THR A 1058 -10.21 -26.37 -1.35
N LYS A 1059 -10.57 -27.28 -2.26
CA LYS A 1059 -11.09 -28.59 -1.87
C LYS A 1059 -10.48 -29.71 -2.69
N GLU A 1060 -9.28 -29.51 -3.24
CA GLU A 1060 -8.69 -30.49 -4.14
C GLU A 1060 -7.25 -30.84 -3.78
N SER A 1061 -6.75 -30.41 -2.63
CA SER A 1061 -5.36 -30.64 -2.29
C SER A 1061 -5.09 -32.10 -1.97
N HIS A 1062 -6.07 -32.83 -1.42
CA HIS A 1062 -5.94 -34.25 -1.17
C HIS A 1062 -6.77 -35.09 -2.12
N MET A 1063 -7.21 -34.52 -3.23
CA MET A 1063 -8.11 -35.25 -4.11
C MET A 1063 -7.35 -36.30 -4.91
N THR A 1064 -6.10 -36.00 -5.27
CA THR A 1064 -5.23 -36.96 -5.94
C THR A 1064 -4.14 -37.49 -5.02
N GLN A 1065 -4.23 -37.19 -3.72
CA GLN A 1065 -3.40 -37.84 -2.71
C GLN A 1065 -4.09 -39.14 -2.35
N PHE A 1066 -3.89 -40.16 -3.20
CA PHE A 1066 -4.66 -41.38 -3.06
C PHE A 1066 -4.14 -42.27 -1.94
N GLU A 1067 -2.83 -42.32 -1.76
CA GLU A 1067 -2.23 -43.16 -0.73
C GLU A 1067 -2.39 -42.59 0.66
N PHE A 1068 -2.59 -41.28 0.78
CA PHE A 1068 -2.98 -40.70 2.07
C PHE A 1068 -4.37 -41.16 2.45
N CYS A 1069 -5.29 -41.17 1.50
CA CYS A 1069 -6.68 -41.49 1.78
C CYS A 1069 -6.91 -42.98 2.00
N LEU A 1070 -6.05 -43.85 1.44
CA LEU A 1070 -6.20 -45.27 1.72
C LEU A 1070 -5.77 -45.58 3.14
N ASP A 1071 -4.84 -44.81 3.68
CA ASP A 1071 -4.46 -44.93 5.08
C ASP A 1071 -5.53 -44.36 6.00
N ASN A 1072 -6.44 -43.57 5.47
CA ASN A 1072 -7.50 -42.92 6.24
C ASN A 1072 -8.86 -43.20 5.63
N TYR A 1073 -9.10 -44.46 5.26
CA TYR A 1073 -10.38 -44.81 4.67
C TYR A 1073 -11.49 -44.83 5.70
N TYR A 1074 -11.23 -45.41 6.88
CA TYR A 1074 -12.25 -45.48 7.91
C TYR A 1074 -12.46 -44.16 8.62
N ALA A 1075 -11.61 -43.16 8.38
CA ALA A 1075 -11.80 -41.84 8.96
C ALA A 1075 -12.51 -40.90 7.99
N LEU A 1076 -12.26 -41.03 6.69
CA LEU A 1076 -12.95 -40.23 5.69
C LEU A 1076 -14.37 -40.75 5.43
N LEU A 1077 -14.62 -42.03 5.68
CA LEU A 1077 -15.96 -42.56 5.50
C LEU A 1077 -16.92 -42.03 6.57
N LYS A 1078 -16.39 -41.62 7.72
CA LYS A 1078 -17.22 -41.02 8.75
C LYS A 1078 -17.60 -39.57 8.44
N LYS A 1079 -16.78 -38.86 7.67
CA LYS A 1079 -17.08 -37.45 7.39
C LYS A 1079 -17.89 -37.25 6.13
N TYR A 1080 -18.00 -38.27 5.28
CA TYR A 1080 -18.88 -38.19 4.12
C TYR A 1080 -20.16 -38.99 4.33
N ASN A 1081 -20.08 -40.13 5.02
CA ASN A 1081 -21.15 -41.05 5.36
C ASN A 1081 -21.90 -41.47 4.09
N PRO A 1082 -21.33 -42.33 3.25
CA PRO A 1082 -21.95 -42.61 1.94
C PRO A 1082 -23.26 -43.38 2.03
N SER A 1083 -23.51 -44.07 3.14
CA SER A 1083 -24.76 -44.81 3.31
C SER A 1083 -25.95 -43.89 3.50
N ALA A 1084 -25.74 -42.66 3.96
CA ALA A 1084 -26.81 -41.69 4.15
C ALA A 1084 -26.97 -40.76 2.96
N LEU A 1085 -26.46 -41.14 1.79
CA LEU A 1085 -26.57 -40.33 0.59
C LEU A 1085 -27.02 -41.13 -0.63
N ILE A 1086 -27.37 -42.40 -0.47
CA ILE A 1086 -27.78 -43.22 -1.61
C ILE A 1086 -29.21 -42.90 -2.02
N GLU A 1087 -30.05 -42.48 -1.08
CA GLU A 1087 -31.47 -42.28 -1.32
C GLU A 1087 -31.77 -41.08 -2.21
N HIS A 1088 -30.81 -40.19 -2.42
CA HIS A 1088 -31.06 -38.97 -3.17
C HIS A 1088 -30.29 -38.88 -4.48
N LEU A 1089 -29.34 -39.78 -4.73
CA LEU A 1089 -28.42 -39.63 -5.84
C LEU A 1089 -28.43 -40.87 -6.72
N ASP A 1090 -27.97 -40.67 -7.96
CA ASP A 1090 -27.94 -41.73 -8.97
C ASP A 1090 -26.54 -42.31 -8.98
N VAL A 1091 -26.37 -43.44 -8.29
CA VAL A 1091 -25.05 -44.05 -8.12
C VAL A 1091 -24.61 -44.72 -9.41
N GLU A 1092 -25.55 -45.33 -10.13
CA GLU A 1092 -25.22 -46.36 -11.10
C GLU A 1092 -25.10 -45.86 -12.54
N SER A 1093 -25.82 -44.79 -12.91
CA SER A 1093 -25.97 -44.47 -14.33
C SER A 1093 -24.72 -43.81 -14.91
N ALA A 1094 -24.07 -42.92 -14.17
CA ALA A 1094 -22.88 -42.27 -14.67
C ALA A 1094 -21.67 -43.21 -14.69
N LEU A 1095 -21.74 -44.32 -13.96
CA LEU A 1095 -20.70 -45.33 -14.02
C LEU A 1095 -20.84 -46.25 -15.22
N LYS A 1096 -22.03 -46.30 -15.84
CA LYS A 1096 -22.16 -47.01 -17.11
C LYS A 1096 -21.48 -46.24 -18.23
N TYR A 1097 -21.66 -44.92 -18.26
CA TYR A 1097 -21.02 -44.09 -19.26
C TYR A 1097 -19.57 -43.80 -18.90
N SER A 1098 -19.15 -44.06 -17.66
CA SER A 1098 -17.76 -43.94 -17.28
C SER A 1098 -16.88 -45.01 -17.90
N LYS A 1099 -17.46 -46.11 -18.36
CA LYS A 1099 -16.70 -47.16 -19.03
C LYS A 1099 -16.86 -47.15 -20.53
N LYS A 1100 -17.93 -46.54 -21.05
CA LYS A 1100 -18.08 -46.40 -22.49
C LYS A 1100 -17.07 -45.42 -23.09
N THR A 1101 -16.51 -44.52 -22.29
CA THR A 1101 -15.51 -43.57 -22.75
C THR A 1101 -14.10 -43.95 -22.36
N LEU A 1102 -13.91 -44.63 -21.22
CA LEU A 1102 -12.58 -45.05 -20.81
C LEU A 1102 -12.06 -46.17 -21.70
N LYS A 1103 -12.91 -47.14 -22.02
CA LYS A 1103 -12.52 -48.21 -22.93
C LYS A 1103 -12.39 -47.71 -24.35
N TYR A 1104 -13.13 -46.65 -24.71
CA TYR A 1104 -13.01 -46.06 -26.04
C TYR A 1104 -11.69 -45.33 -26.20
N ARG A 1105 -11.26 -44.60 -25.18
CA ARG A 1105 -10.09 -43.74 -25.30
C ARG A 1105 -8.79 -44.56 -25.31
N LYS A 1106 -8.74 -45.64 -24.53
CA LYS A 1106 -7.55 -46.49 -24.55
C LYS A 1106 -7.41 -47.22 -25.89
N LYS A 1107 -8.54 -47.54 -26.53
CA LYS A 1107 -8.49 -48.20 -27.83
C LYS A 1107 -8.01 -47.23 -28.92
N HIS A 1108 -8.31 -45.95 -28.75
CA HIS A 1108 -7.74 -44.87 -29.54
C HIS A 1108 -6.49 -44.36 -28.82
N SER A 1109 -6.06 -43.14 -29.16
CA SER A 1109 -4.84 -42.43 -28.72
C SER A 1109 -3.58 -43.02 -29.34
N LYS A 1110 -3.73 -43.87 -30.35
CA LYS A 1110 -2.63 -44.21 -31.24
C LYS A 1110 -2.42 -43.13 -32.29
N GLU A 1111 -3.44 -42.33 -32.57
CA GLU A 1111 -3.41 -41.24 -33.52
C GLU A 1111 -3.41 -39.90 -32.78
N PRO A 1112 -2.95 -38.83 -33.44
CA PRO A 1112 -3.07 -37.49 -32.84
C PRO A 1112 -4.48 -36.91 -32.92
N HIS A 1113 -4.63 -35.65 -32.52
CA HIS A 1113 -5.92 -35.09 -32.18
C HIS A 1113 -6.63 -34.38 -33.33
N TYR A 1114 -6.12 -34.44 -34.55
CA TYR A 1114 -6.90 -33.98 -35.68
C TYR A 1114 -7.69 -35.09 -36.35
N LYS A 1115 -7.39 -36.35 -36.03
CA LYS A 1115 -8.10 -37.48 -36.61
C LYS A 1115 -9.24 -37.97 -35.74
N GLN A 1116 -9.17 -37.76 -34.42
CA GLN A 1116 -10.03 -38.47 -33.47
C GLN A 1116 -11.47 -38.02 -33.59
N SER A 1117 -12.28 -38.84 -34.27
CA SER A 1117 -13.72 -38.79 -34.09
C SER A 1117 -14.03 -39.39 -32.74
N VAL A 1118 -14.28 -38.55 -31.75
CA VAL A 1118 -14.29 -39.01 -30.37
C VAL A 1118 -15.57 -39.75 -30.00
N LYS A 1119 -16.65 -39.60 -30.77
CA LYS A 1119 -17.88 -40.42 -30.74
C LYS A 1119 -18.68 -40.23 -29.44
N TYR A 1120 -18.13 -39.51 -28.48
CA TYR A 1120 -18.64 -39.45 -27.11
C TYR A 1120 -18.16 -38.15 -26.50
N ASP A 1121 -19.04 -37.49 -25.75
CA ASP A 1121 -18.59 -36.48 -24.84
C ASP A 1121 -17.86 -37.15 -23.68
N PRO A 1122 -17.02 -36.42 -22.95
CA PRO A 1122 -16.59 -36.93 -21.65
C PRO A 1122 -17.76 -37.04 -20.68
N VAL A 1123 -17.57 -37.85 -19.64
CA VAL A 1123 -18.66 -38.19 -18.73
C VAL A 1123 -19.11 -37.03 -17.88
N LEU A 1124 -18.35 -35.94 -17.91
CA LEU A 1124 -18.53 -34.77 -17.06
C LEU A 1124 -19.33 -33.67 -17.74
N ALA A 1125 -19.23 -33.57 -19.06
CA ALA A 1125 -19.97 -32.60 -19.84
C ALA A 1125 -21.35 -33.11 -20.27
N LYS A 1126 -21.71 -34.32 -19.87
CA LYS A 1126 -23.01 -34.92 -20.18
C LYS A 1126 -23.86 -35.15 -18.95
N TYR A 1127 -23.28 -35.67 -17.87
CA TYR A 1127 -23.94 -35.80 -16.59
C TYR A 1127 -23.50 -34.69 -15.66
N ASN A 1128 -24.41 -34.26 -14.80
CA ASN A 1128 -24.10 -33.26 -13.78
C ASN A 1128 -23.28 -33.93 -12.67
N PRO A 1129 -22.04 -33.51 -12.44
CA PRO A 1129 -21.20 -34.21 -11.44
C PRO A 1129 -21.63 -33.99 -10.01
N ALA A 1130 -22.36 -32.93 -9.71
CA ALA A 1130 -22.84 -32.71 -8.35
C ALA A 1130 -23.95 -33.68 -7.96
N LYS A 1131 -24.61 -34.29 -8.94
CA LYS A 1131 -25.75 -35.17 -8.72
C LYS A 1131 -25.45 -36.62 -9.04
N TYR A 1132 -24.71 -36.89 -10.12
CA TYR A 1132 -24.41 -38.25 -10.56
C TYR A 1132 -23.06 -38.67 -10.03
N LEU A 1133 -23.04 -39.77 -9.26
CA LEU A 1133 -21.79 -40.30 -8.75
C LEU A 1133 -21.01 -40.97 -9.86
N GLY A 1134 -19.69 -40.76 -9.88
CA GLY A 1134 -18.84 -41.34 -10.88
C GLY A 1134 -18.60 -40.46 -12.10
N SER A 1135 -19.27 -39.33 -12.20
CA SER A 1135 -19.07 -38.37 -13.29
C SER A 1135 -17.91 -37.47 -12.90
N VAL A 1136 -16.69 -37.89 -13.25
CA VAL A 1136 -15.49 -37.18 -12.84
C VAL A 1136 -14.73 -36.67 -14.05
N SER A 1137 -13.63 -35.96 -13.83
CA SER A 1137 -12.80 -35.52 -14.93
C SER A 1137 -11.99 -36.69 -15.47
N GLU A 1138 -11.41 -36.50 -16.66
CA GLU A 1138 -10.67 -37.59 -17.27
C GLU A 1138 -9.31 -37.81 -16.62
N ASN A 1139 -8.66 -36.75 -16.13
CA ASN A 1139 -7.40 -36.95 -15.42
C ASN A 1139 -7.61 -37.64 -14.09
N PHE A 1140 -8.70 -37.32 -13.39
CA PHE A 1140 -8.98 -38.01 -12.15
C PHE A 1140 -9.39 -39.45 -12.38
N GLN A 1141 -10.08 -39.73 -13.47
CA GLN A 1141 -10.44 -41.11 -13.79
C GLN A 1141 -9.23 -41.93 -14.19
N ASP A 1142 -8.24 -41.28 -14.81
CA ASP A 1142 -7.03 -42.00 -15.20
C ASP A 1142 -6.08 -42.16 -14.03
N LYS A 1143 -5.88 -41.10 -13.24
CA LYS A 1143 -4.95 -41.17 -12.11
C LYS A 1143 -5.47 -42.03 -10.98
N LEU A 1144 -6.79 -42.20 -10.87
CA LEU A 1144 -7.32 -43.20 -9.94
C LEU A 1144 -7.00 -44.59 -10.45
N GLU A 1145 -7.36 -44.87 -11.71
CA GLU A 1145 -7.17 -46.20 -12.27
C GLU A 1145 -5.71 -46.51 -12.58
N SER A 1146 -4.82 -45.52 -12.53
CA SER A 1146 -3.39 -45.79 -12.60
C SER A 1146 -2.80 -46.04 -11.22
N PHE A 1147 -3.29 -45.32 -10.20
CA PHE A 1147 -2.89 -45.62 -8.83
C PHE A 1147 -3.36 -46.99 -8.42
N LEU A 1148 -4.61 -47.30 -8.69
CA LEU A 1148 -5.28 -48.49 -8.21
C LEU A 1148 -4.89 -49.74 -8.99
N ASP A 1149 -4.07 -49.58 -10.04
CA ASP A 1149 -3.50 -50.65 -10.83
C ASP A 1149 -2.13 -51.07 -10.33
N LYS A 1150 -1.29 -50.11 -9.93
CA LYS A 1150 0.11 -50.41 -9.62
C LYS A 1150 0.23 -51.21 -8.31
N ASN A 1151 -0.23 -50.64 -7.21
CA ASN A 1151 -0.12 -51.29 -5.92
C ASN A 1151 -1.41 -52.00 -5.53
N SER A 1152 -1.27 -53.04 -4.72
CA SER A 1152 -2.41 -53.89 -4.37
C SER A 1152 -2.34 -54.25 -2.89
N LYS A 1153 -3.18 -53.61 -2.09
CA LYS A 1153 -3.24 -53.83 -0.65
C LYS A 1153 -4.67 -54.12 -0.22
N GLY A 1160 -8.87 -53.66 5.90
CA GLY A 1160 -10.02 -54.43 5.45
C GLY A 1160 -10.75 -53.80 4.28
N VAL A 1161 -10.14 -52.77 3.69
CA VAL A 1161 -10.69 -52.07 2.55
C VAL A 1161 -10.07 -52.65 1.27
N ASN A 1162 -10.92 -53.05 0.33
CA ASN A 1162 -10.46 -53.70 -0.88
C ASN A 1162 -10.27 -52.67 -1.99
N GLU A 1163 -10.13 -53.17 -3.22
CA GLU A 1163 -9.88 -52.32 -4.38
C GLU A 1163 -11.11 -51.58 -4.84
N LYS A 1164 -12.31 -52.09 -4.56
CA LYS A 1164 -13.54 -51.46 -5.04
C LYS A 1164 -14.30 -50.68 -3.97
N LYS A 1165 -13.96 -50.85 -2.69
CA LYS A 1165 -14.49 -49.94 -1.68
C LYS A 1165 -13.77 -48.60 -1.71
N PHE A 1166 -12.59 -48.53 -2.31
CA PHE A 1166 -11.81 -47.30 -2.34
C PHE A 1166 -12.14 -46.45 -3.55
N ARG A 1167 -12.44 -47.05 -4.70
CA ARG A 1167 -12.82 -46.22 -5.84
C ARG A 1167 -14.23 -45.66 -5.70
N ALA A 1168 -15.05 -46.25 -4.84
CA ALA A 1168 -16.37 -45.71 -4.55
C ALA A 1168 -16.35 -44.64 -3.46
N LEU A 1169 -15.17 -44.29 -2.96
CA LEU A 1169 -15.00 -43.19 -2.02
C LEU A 1169 -14.30 -42.00 -2.64
N MET A 1170 -13.37 -42.22 -3.56
CA MET A 1170 -12.78 -41.10 -4.28
C MET A 1170 -13.76 -40.48 -5.26
N GLN A 1171 -14.72 -41.25 -5.75
CA GLN A 1171 -15.74 -40.68 -6.61
C GLN A 1171 -16.75 -39.88 -5.83
N LEU A 1172 -16.82 -40.05 -4.51
CA LEU A 1172 -17.66 -39.23 -3.67
C LEU A 1172 -16.87 -38.10 -3.01
N LYS A 1173 -15.56 -38.27 -2.83
CA LYS A 1173 -14.73 -37.15 -2.42
C LYS A 1173 -14.60 -36.13 -3.54
N TYR A 1174 -14.61 -36.58 -4.79
CA TYR A 1174 -14.62 -35.68 -5.95
C TYR A 1174 -15.89 -34.85 -5.96
N MET A 1175 -17.04 -35.48 -5.68
CA MET A 1175 -18.32 -34.82 -5.85
C MET A 1175 -18.57 -33.77 -4.76
N ARG A 1176 -18.05 -33.99 -3.56
CA ARG A 1176 -18.09 -32.95 -2.54
C ARG A 1176 -17.06 -31.85 -2.84
N SER A 1177 -16.03 -32.16 -3.62
CA SER A 1177 -15.05 -31.16 -4.01
C SER A 1177 -15.52 -30.27 -5.15
N LEU A 1178 -16.73 -30.46 -5.66
CA LEU A 1178 -17.30 -29.59 -6.67
C LEU A 1178 -17.47 -28.17 -6.13
N ILE A 1179 -17.23 -27.19 -6.98
CA ILE A 1179 -17.35 -25.80 -6.57
C ILE A 1179 -18.83 -25.45 -6.42
N ASN A 1180 -19.14 -24.62 -5.42
CA ASN A 1180 -20.54 -24.36 -5.12
C ASN A 1180 -21.12 -23.38 -6.13
N PRO A 1181 -22.38 -23.59 -6.55
CA PRO A 1181 -23.06 -22.60 -7.37
C PRO A 1181 -23.26 -21.29 -6.62
N GLY A 1182 -22.77 -20.21 -7.21
CA GLY A 1182 -22.80 -18.90 -6.59
C GLY A 1182 -21.44 -18.33 -6.24
N GLU A 1183 -20.36 -19.08 -6.44
CA GLU A 1183 -19.01 -18.60 -6.15
C GLU A 1183 -18.62 -17.44 -7.04
N ALA A 1184 -18.12 -16.37 -6.43
CA ALA A 1184 -17.60 -15.23 -7.17
C ALA A 1184 -16.27 -15.62 -7.76
N VAL A 1185 -16.31 -16.21 -8.94
CA VAL A 1185 -15.12 -16.75 -9.56
C VAL A 1185 -14.24 -15.66 -10.15
N GLY A 1186 -14.86 -14.71 -10.87
CA GLY A 1186 -14.08 -13.71 -11.59
C GLY A 1186 -13.34 -12.75 -10.70
N ILE A 1187 -13.82 -12.55 -9.47
CA ILE A 1187 -13.03 -11.81 -8.48
C ILE A 1187 -11.86 -12.65 -7.99
N ILE A 1188 -12.15 -13.92 -7.66
CA ILE A 1188 -11.13 -14.83 -7.13
C ILE A 1188 -10.05 -15.10 -8.17
N ALA A 1189 -10.44 -15.25 -9.44
CA ALA A 1189 -9.46 -15.46 -10.50
C ALA A 1189 -8.61 -14.24 -10.73
N SER A 1190 -9.15 -13.05 -10.46
CA SER A 1190 -8.45 -11.80 -10.64
C SER A 1190 -7.87 -11.24 -9.35
N GLN A 1191 -8.13 -11.87 -8.21
CA GLN A 1191 -7.38 -11.63 -7.00
C GLN A 1191 -6.21 -12.59 -6.84
N SER A 1192 -6.18 -13.65 -7.65
CA SER A 1192 -5.10 -14.62 -7.64
C SER A 1192 -4.05 -14.31 -8.68
N VAL A 1193 -4.18 -13.18 -9.38
CA VAL A 1193 -3.18 -12.73 -10.34
C VAL A 1193 -2.59 -11.39 -9.93
N GLY A 1194 -3.41 -10.48 -9.42
CA GLY A 1194 -2.89 -9.20 -8.95
C GLY A 1194 -2.08 -9.32 -7.67
N GLU A 1195 -2.52 -10.17 -6.75
CA GLU A 1195 -1.83 -10.33 -5.47
C GLU A 1195 -0.51 -11.11 -5.57
N PRO A 1196 -0.35 -12.15 -6.41
CA PRO A 1196 1.01 -12.64 -6.65
C PRO A 1196 1.89 -11.68 -7.44
N SER A 1197 1.33 -10.68 -8.11
CA SER A 1197 2.15 -9.65 -8.73
C SER A 1197 2.73 -8.66 -7.74
N THR A 1198 2.35 -8.74 -6.47
CA THR A 1198 2.94 -7.90 -5.44
C THR A 1198 4.39 -8.30 -5.16
N GLN A 1199 4.67 -9.59 -5.19
CA GLN A 1199 6.01 -10.10 -4.92
C GLN A 1199 6.95 -10.02 -6.12
N MET A 1200 6.55 -9.37 -7.21
CA MET A 1200 7.44 -9.12 -8.34
C MET A 1200 8.12 -7.77 -8.21
N ASN A 1214 16.33 -13.02 -23.19
CA ASN A 1214 16.25 -11.73 -23.87
C ASN A 1214 14.82 -11.40 -24.34
N VAL A 1215 13.90 -11.36 -23.38
CA VAL A 1215 12.50 -11.08 -23.65
C VAL A 1215 11.91 -10.42 -22.41
N THR A 1216 10.79 -9.72 -22.59
CA THR A 1216 10.14 -8.99 -21.50
C THR A 1216 9.62 -9.94 -20.43
N LEU A 1217 9.51 -9.42 -19.22
CA LEU A 1217 9.29 -10.30 -18.07
C LEU A 1217 8.71 -9.51 -16.92
N GLY A 1218 7.80 -10.14 -16.18
CA GLY A 1218 7.28 -9.55 -14.95
C GLY A 1218 6.01 -8.76 -15.13
N ILE A 1219 5.81 -7.76 -14.28
CA ILE A 1219 4.66 -6.87 -14.33
C ILE A 1219 4.56 -6.06 -15.64
N PRO A 1220 5.61 -5.73 -16.41
CA PRO A 1220 5.34 -5.23 -17.77
C PRO A 1220 4.87 -6.30 -18.74
N ARG A 1221 5.13 -7.58 -18.47
CA ARG A 1221 4.60 -8.63 -19.33
C ARG A 1221 3.11 -8.83 -19.08
N LEU A 1222 2.68 -8.77 -17.81
CA LEU A 1222 1.27 -8.78 -17.50
C LEU A 1222 0.57 -7.52 -17.96
N ARG A 1223 1.31 -6.42 -18.09
CA ARG A 1223 0.76 -5.17 -18.60
C ARG A 1223 0.38 -5.28 -20.07
N GLU A 1224 1.19 -5.99 -20.85
CA GLU A 1224 0.93 -6.10 -22.27
C GLU A 1224 -0.15 -7.12 -22.58
N ILE A 1225 -0.20 -8.22 -21.84
CA ILE A 1225 -1.22 -9.23 -22.08
C ILE A 1225 -2.57 -8.73 -21.59
N VAL A 1226 -2.69 -8.50 -20.29
CA VAL A 1226 -3.98 -8.28 -19.65
C VAL A 1226 -4.54 -6.91 -20.00
N MET A 1227 -3.74 -5.87 -19.85
CA MET A 1227 -4.28 -4.52 -19.80
C MET A 1227 -4.38 -3.83 -21.15
N THR A 1228 -3.41 -3.98 -22.05
CA THR A 1228 -3.41 -3.21 -23.28
C THR A 1228 -3.72 -4.00 -24.54
N ALA A 1229 -3.61 -5.33 -24.50
CA ALA A 1229 -3.74 -6.23 -25.66
C ALA A 1229 -2.83 -5.80 -26.80
N SER A 1230 -1.53 -5.82 -26.52
CA SER A 1230 -0.52 -5.27 -27.42
C SER A 1230 -0.38 -6.15 -28.65
N ALA A 1231 -1.02 -5.74 -29.74
CA ALA A 1231 -0.70 -6.33 -31.04
C ALA A 1231 0.71 -5.97 -31.45
N ALA A 1232 1.12 -4.73 -31.22
CA ALA A 1232 2.51 -4.31 -31.38
C ALA A 1232 3.25 -4.55 -30.06
N ILE A 1233 3.50 -5.84 -29.80
CA ILE A 1233 4.25 -6.28 -28.64
C ILE A 1233 5.70 -5.77 -28.72
N LYS A 1234 6.33 -5.64 -27.56
CA LYS A 1234 7.66 -5.04 -27.50
C LYS A 1234 8.72 -5.98 -28.07
N THR A 1235 8.75 -7.22 -27.61
CA THR A 1235 9.76 -8.20 -28.05
C THR A 1235 9.09 -9.53 -28.42
N PRO A 1236 8.58 -9.64 -29.64
CA PRO A 1236 7.99 -10.90 -30.07
C PRO A 1236 9.06 -11.93 -30.34
N GLN A 1237 8.70 -13.20 -30.12
CA GLN A 1237 9.56 -14.32 -30.43
C GLN A 1237 8.72 -15.41 -31.06
N MET A 1238 9.38 -16.52 -31.38
CA MET A 1238 8.75 -17.66 -32.03
C MET A 1238 9.63 -18.85 -31.76
N THR A 1239 9.02 -19.97 -31.40
CA THR A 1239 9.75 -21.17 -31.03
C THR A 1239 9.57 -22.22 -32.12
N LEU A 1240 10.68 -22.74 -32.61
CA LEU A 1240 10.70 -23.60 -33.79
C LEU A 1240 11.21 -24.97 -33.38
N PRO A 1241 10.39 -26.01 -33.39
CA PRO A 1241 10.90 -27.34 -33.05
C PRO A 1241 11.75 -27.96 -34.14
N ILE A 1242 13.04 -28.12 -33.83
CA ILE A 1242 13.95 -28.84 -34.71
C ILE A 1242 13.52 -30.30 -34.79
N TRP A 1243 13.54 -30.87 -36.00
CA TRP A 1243 13.26 -32.29 -36.17
C TRP A 1243 14.32 -33.14 -35.47
N ASN A 1244 13.96 -34.39 -35.22
CA ASN A 1244 14.90 -35.36 -34.66
C ASN A 1244 15.79 -36.00 -35.70
N ASP A 1245 15.72 -35.54 -36.96
CA ASP A 1245 16.56 -36.06 -38.03
C ASP A 1245 17.76 -35.15 -38.30
N VAL A 1246 17.54 -33.84 -38.40
CA VAL A 1246 18.63 -32.92 -38.71
C VAL A 1246 19.53 -32.74 -37.49
N SER A 1247 20.78 -32.38 -37.75
CA SER A 1247 21.82 -32.35 -36.74
C SER A 1247 21.95 -30.95 -36.16
N ASP A 1248 22.81 -30.82 -35.14
CA ASP A 1248 23.10 -29.50 -34.59
C ASP A 1248 23.92 -28.65 -35.55
N GLU A 1249 24.71 -29.29 -36.42
CA GLU A 1249 25.43 -28.54 -37.44
C GLU A 1249 24.47 -28.04 -38.52
N GLN A 1250 23.37 -28.76 -38.75
CA GLN A 1250 22.33 -28.32 -39.65
C GLN A 1250 21.31 -27.42 -38.98
N ALA A 1251 21.57 -26.99 -37.75
CA ALA A 1251 20.72 -26.06 -37.03
C ALA A 1251 21.33 -24.67 -36.92
N ASP A 1252 22.61 -24.57 -36.59
CA ASP A 1252 23.25 -23.26 -36.48
C ASP A 1252 23.64 -22.70 -37.84
N THR A 1253 23.86 -23.56 -38.84
CA THR A 1253 23.97 -23.10 -40.21
C THR A 1253 22.62 -22.87 -40.85
N PHE A 1254 21.55 -23.25 -40.15
CA PHE A 1254 20.19 -22.87 -40.52
C PHE A 1254 19.75 -21.58 -39.85
N CYS A 1255 20.30 -21.29 -38.67
CA CYS A 1255 20.12 -19.97 -38.07
C CYS A 1255 20.76 -18.89 -38.91
N LYS A 1256 21.89 -19.20 -39.56
CA LYS A 1256 22.56 -18.20 -40.39
C LYS A 1256 21.83 -17.94 -41.69
N SER A 1257 20.89 -18.81 -42.06
CA SER A 1257 20.03 -18.56 -43.22
C SER A 1257 18.76 -17.82 -42.85
N ILE A 1258 18.48 -17.63 -41.56
CA ILE A 1258 17.35 -16.82 -41.10
C ILE A 1258 17.94 -15.80 -40.12
N SER A 1259 18.36 -14.65 -40.65
CA SER A 1259 18.97 -13.61 -39.84
C SER A 1259 19.02 -12.34 -40.65
N LYS A 1260 18.68 -11.22 -40.01
CA LYS A 1260 18.79 -9.94 -40.68
C LYS A 1260 20.26 -9.58 -40.79
N VAL A 1261 20.90 -9.93 -41.89
CA VAL A 1261 22.29 -9.59 -42.12
C VAL A 1261 22.33 -8.24 -42.81
N LEU A 1262 22.72 -7.22 -42.06
CA LEU A 1262 22.85 -5.89 -42.61
C LEU A 1262 24.14 -5.79 -43.41
N LEU A 1263 24.21 -4.79 -44.29
CA LEU A 1263 25.47 -4.50 -44.98
C LEU A 1263 26.51 -3.95 -44.03
N SER A 1264 26.07 -3.32 -42.93
CA SER A 1264 26.96 -2.87 -41.87
C SER A 1264 27.71 -3.99 -41.19
N GLU A 1265 27.20 -5.22 -41.24
CA GLU A 1265 27.80 -6.33 -40.52
C GLU A 1265 28.93 -7.00 -41.30
N VAL A 1266 29.18 -6.57 -42.53
CA VAL A 1266 30.12 -7.26 -43.40
C VAL A 1266 31.32 -6.38 -43.77
N ILE A 1267 31.30 -5.10 -43.41
CA ILE A 1267 32.28 -4.14 -43.87
C ILE A 1267 33.34 -3.93 -42.81
N ASP A 1268 34.61 -4.01 -43.21
CA ASP A 1268 35.69 -3.66 -42.30
C ASP A 1268 35.77 -2.16 -42.10
N LYS A 1269 35.95 -1.42 -43.20
CA LYS A 1269 36.02 0.03 -43.15
C LYS A 1269 35.71 0.57 -44.56
N VAL A 1270 35.27 1.82 -44.61
CA VAL A 1270 34.97 2.50 -45.86
C VAL A 1270 35.90 3.71 -45.94
N ILE A 1271 36.65 3.79 -47.02
CA ILE A 1271 37.58 4.89 -47.26
C ILE A 1271 37.00 5.74 -48.37
N VAL A 1272 36.55 6.94 -48.06
CA VAL A 1272 36.10 7.85 -49.10
C VAL A 1272 37.33 8.60 -49.60
N THR A 1273 37.21 9.25 -50.75
CA THR A 1273 38.28 10.07 -51.29
C THR A 1273 37.64 11.17 -52.11
N GLU A 1274 37.88 12.41 -51.72
CA GLU A 1274 37.18 13.57 -52.25
C GLU A 1274 38.17 14.50 -52.91
N THR A 1275 38.08 14.63 -54.24
CA THR A 1275 38.90 15.55 -55.00
C THR A 1275 38.01 16.53 -55.75
N THR A 1276 38.39 17.82 -55.70
CA THR A 1276 37.64 18.86 -56.39
C THR A 1276 38.61 19.98 -56.76
N GLY A 1277 38.65 20.31 -58.04
CA GLY A 1277 39.51 21.38 -58.53
C GLY A 1277 40.72 20.89 -59.28
N ALA A 1287 32.62 19.92 -60.33
CA ALA A 1287 32.53 18.46 -60.30
C ALA A 1287 33.26 17.89 -59.09
N ARG A 1288 32.50 17.52 -58.05
CA ARG A 1288 33.06 16.98 -56.83
C ARG A 1288 33.16 15.46 -56.95
N SER A 1289 34.37 14.93 -56.83
CA SER A 1289 34.68 13.55 -57.16
C SER A 1289 34.84 12.75 -55.87
N TYR A 1290 33.81 11.99 -55.51
CA TYR A 1290 33.86 11.10 -54.35
C TYR A 1290 34.22 9.69 -54.80
N VAL A 1291 35.23 9.11 -54.17
CA VAL A 1291 35.66 7.76 -54.48
C VAL A 1291 35.36 6.87 -53.27
N ILE A 1292 34.20 6.22 -53.27
CA ILE A 1292 33.75 5.46 -52.11
C ILE A 1292 34.36 4.07 -52.24
N HIS A 1293 35.57 3.91 -51.73
CA HIS A 1293 36.22 2.60 -51.68
C HIS A 1293 35.89 1.95 -50.34
N MET A 1294 35.14 0.85 -50.39
CA MET A 1294 34.67 0.18 -49.19
C MET A 1294 35.30 -1.20 -49.07
N ARG A 1295 35.82 -1.49 -47.88
CA ARG A 1295 36.65 -2.66 -47.64
C ARG A 1295 35.89 -3.66 -46.78
N PHE A 1296 35.79 -4.89 -47.26
CA PHE A 1296 35.06 -5.93 -46.56
C PHE A 1296 36.03 -6.78 -45.75
N PHE A 1297 35.47 -7.76 -45.04
CA PHE A 1297 36.31 -8.78 -44.44
C PHE A 1297 36.70 -9.79 -45.52
N ASP A 1298 37.52 -10.77 -45.13
CA ASP A 1298 37.96 -11.79 -46.08
C ASP A 1298 36.78 -12.64 -46.54
N ASN A 1299 36.80 -13.04 -47.81
CA ASN A 1299 35.67 -13.78 -48.39
C ASN A 1299 35.50 -15.14 -47.75
N ASN A 1300 36.59 -15.72 -47.25
CA ASN A 1300 36.50 -16.94 -46.45
C ASN A 1300 35.85 -16.68 -45.10
N GLU A 1301 35.80 -15.43 -44.65
CA GLU A 1301 35.39 -15.13 -43.30
C GLU A 1301 33.93 -14.68 -43.19
N TYR A 1302 33.41 -13.92 -44.15
CA TYR A 1302 32.01 -13.55 -44.09
C TYR A 1302 31.10 -14.51 -44.84
N SER A 1303 31.65 -15.50 -45.52
CA SER A 1303 30.85 -16.60 -46.04
C SER A 1303 30.78 -17.76 -45.06
N GLU A 1304 31.32 -17.59 -43.87
CA GLU A 1304 31.22 -18.57 -42.79
C GLU A 1304 30.45 -18.05 -41.59
N GLU A 1305 30.56 -16.76 -41.28
CA GLU A 1305 29.88 -16.19 -40.12
C GLU A 1305 28.46 -15.75 -40.46
N TYR A 1306 28.20 -15.34 -41.70
CA TYR A 1306 26.86 -14.95 -42.11
C TYR A 1306 26.30 -15.77 -43.26
N ASP A 1307 27.11 -16.65 -43.86
CA ASP A 1307 26.77 -17.40 -45.08
C ASP A 1307 26.34 -16.47 -46.21
N VAL A 1308 27.01 -15.34 -46.33
CA VAL A 1308 26.80 -14.41 -47.43
C VAL A 1308 27.79 -14.75 -48.53
N SER A 1309 27.28 -15.05 -49.71
CA SER A 1309 28.18 -15.41 -50.80
C SER A 1309 28.73 -14.15 -51.46
N LYS A 1310 29.75 -14.37 -52.30
CA LYS A 1310 30.39 -13.28 -53.03
C LYS A 1310 29.45 -12.67 -54.05
N GLU A 1311 28.66 -13.50 -54.73
CA GLU A 1311 27.74 -12.98 -55.75
C GLU A 1311 26.50 -12.35 -55.14
N GLU A 1312 26.09 -12.80 -53.95
CA GLU A 1312 24.97 -12.16 -53.27
C GLU A 1312 25.34 -10.78 -52.76
N LEU A 1313 26.60 -10.60 -52.34
CA LEU A 1313 27.04 -9.30 -51.83
C LEU A 1313 27.10 -8.27 -52.94
N GLN A 1314 27.37 -8.69 -54.17
CA GLN A 1314 27.42 -7.77 -55.29
C GLN A 1314 26.02 -7.24 -55.61
N ASN A 1315 25.00 -8.08 -55.50
CA ASN A 1315 23.63 -7.68 -55.80
C ASN A 1315 22.99 -6.84 -54.70
N VAL A 1316 23.65 -6.66 -53.56
CA VAL A 1316 23.19 -5.69 -52.59
C VAL A 1316 23.71 -4.31 -52.94
N ILE A 1317 24.96 -4.22 -53.38
CA ILE A 1317 25.53 -2.95 -53.81
C ILE A 1317 24.98 -2.55 -55.17
N SER A 1318 24.70 -3.52 -56.04
CA SER A 1318 24.28 -3.23 -57.41
C SER A 1318 22.88 -2.60 -57.45
N ASN A 1319 21.98 -3.04 -56.59
CA ASN A 1319 20.58 -2.66 -56.70
C ASN A 1319 19.97 -2.09 -55.44
N GLN A 1320 20.59 -2.23 -54.28
CA GLN A 1320 19.96 -1.83 -53.02
C GLN A 1320 20.71 -0.74 -52.28
N PHE A 1321 22.04 -0.83 -52.22
CA PHE A 1321 22.82 0.14 -51.46
C PHE A 1321 22.87 1.49 -52.14
N ILE A 1322 23.17 1.50 -53.44
CA ILE A 1322 23.46 2.76 -54.12
C ILE A 1322 22.18 3.55 -54.33
N HIS A 1323 21.06 2.87 -54.59
CA HIS A 1323 19.77 3.56 -54.73
C HIS A 1323 19.31 4.18 -53.42
N LEU A 1324 19.69 3.61 -52.29
CA LEU A 1324 19.49 4.30 -51.01
C LEU A 1324 20.52 5.39 -50.79
N LEU A 1325 21.75 5.18 -51.29
CA LEU A 1325 22.78 6.20 -51.18
C LEU A 1325 22.46 7.40 -52.07
N GLU A 1326 21.93 7.16 -53.26
CA GLU A 1326 21.56 8.24 -54.16
C GLU A 1326 20.34 9.00 -53.67
N ALA A 1327 19.49 8.35 -52.88
CA ALA A 1327 18.34 9.01 -52.28
C ALA A 1327 18.67 9.69 -50.96
N ALA A 1328 19.93 9.67 -50.54
CA ALA A 1328 20.38 10.41 -49.37
C ALA A 1328 21.31 11.55 -49.72
N ILE A 1329 22.04 11.45 -50.84
CA ILE A 1329 22.86 12.56 -51.30
C ILE A 1329 21.98 13.67 -51.84
N VAL A 1330 20.93 13.31 -52.58
CA VAL A 1330 20.01 14.31 -53.12
C VAL A 1330 19.12 14.86 -52.02
N LYS A 1331 18.80 14.04 -51.01
CA LYS A 1331 17.96 14.50 -49.90
C LYS A 1331 18.67 15.54 -49.05
N GLU A 1332 20.00 15.48 -48.98
CA GLU A 1332 20.74 16.52 -48.28
C GLU A 1332 20.95 17.75 -49.15
N ILE A 1333 21.00 17.58 -50.48
CA ILE A 1333 21.09 18.74 -51.36
C ILE A 1333 19.79 19.52 -51.37
N LYS A 1334 18.65 18.83 -51.29
CA LYS A 1334 17.34 19.48 -51.23
C LYS A 1334 17.16 20.28 -49.95
N LYS A 1335 17.86 19.93 -48.87
CA LYS A 1335 17.79 20.68 -47.62
C LYS A 1335 19.10 21.40 -47.29
N GLN A 1336 19.99 21.56 -48.27
CA GLN A 1336 21.10 22.49 -48.11
C GLN A 1336 20.86 23.78 -48.89
N LYS A 1337 19.70 23.90 -49.53
CA LYS A 1337 19.30 25.13 -50.19
C LYS A 1337 18.69 26.15 -49.23
N ARG A 1338 18.86 25.96 -47.93
CA ARG A 1338 18.34 26.87 -46.93
C ARG A 1338 19.46 27.40 -46.06
N ASN A 1440 37.48 -6.73 -68.33
CA ASN A 1440 37.02 -7.67 -69.35
C ASN A 1440 35.56 -7.41 -69.74
N LYS A 1441 34.98 -8.35 -70.50
CA LYS A 1441 33.64 -8.12 -71.05
C LYS A 1441 32.55 -8.27 -70.00
N VAL A 1442 32.78 -9.10 -68.98
CA VAL A 1442 31.76 -9.30 -67.95
C VAL A 1442 31.76 -8.21 -66.90
N GLN A 1443 32.79 -7.37 -66.86
CA GLN A 1443 32.88 -6.30 -65.86
C GLN A 1443 32.69 -4.92 -66.47
N ARG A 1444 33.25 -4.66 -67.65
CA ARG A 1444 33.06 -3.37 -68.30
C ARG A 1444 31.64 -3.17 -68.80
N ASP A 1445 30.91 -4.25 -69.06
CA ASP A 1445 29.49 -4.16 -69.39
C ASP A 1445 28.64 -4.14 -68.14
N ARG A 1446 29.10 -4.76 -67.05
CA ARG A 1446 28.46 -4.61 -65.76
C ARG A 1446 28.61 -3.18 -65.24
N GLN A 1447 29.77 -2.57 -65.49
CA GLN A 1447 30.02 -1.20 -65.07
C GLN A 1447 29.11 -0.21 -65.81
N SER A 1448 28.84 -0.46 -67.09
CA SER A 1448 28.04 0.46 -67.87
C SER A 1448 26.56 0.36 -67.54
N ALA A 1449 26.12 -0.76 -66.95
CA ALA A 1449 24.73 -0.94 -66.59
C ALA A 1449 24.38 -0.22 -65.30
N ILE A 1450 25.33 -0.13 -64.37
CA ILE A 1450 25.09 0.55 -63.10
C ILE A 1450 24.99 2.06 -63.33
N ILE A 1451 25.78 2.57 -64.28
CA ILE A 1451 25.71 3.98 -64.64
C ILE A 1451 24.37 4.29 -65.32
N SER A 1452 23.86 3.35 -66.10
CA SER A 1452 22.68 3.60 -66.92
C SER A 1452 21.41 3.72 -66.08
N HIS A 1453 21.31 2.97 -64.97
CA HIS A 1453 20.15 3.08 -64.10
C HIS A 1453 20.23 4.30 -63.19
N HIS A 1454 21.43 4.64 -62.71
CA HIS A 1454 21.60 5.59 -61.64
C HIS A 1454 21.74 7.02 -62.18
N ARG A 1455 22.00 7.97 -61.28
CA ARG A 1455 21.97 9.38 -61.62
C ARG A 1455 23.37 9.98 -61.81
N PHE A 1456 24.22 9.90 -60.81
CA PHE A 1456 25.57 10.48 -60.89
C PHE A 1456 26.63 9.52 -60.38
N ILE A 1457 26.63 8.29 -60.88
CA ILE A 1457 27.73 7.35 -60.72
C ILE A 1457 28.43 7.23 -62.07
N THR A 1458 29.74 7.46 -62.07
CA THR A 1458 30.51 7.42 -63.31
C THR A 1458 31.43 6.22 -63.42
N LYS A 1459 31.61 5.46 -62.35
CA LYS A 1459 32.44 4.27 -62.38
C LYS A 1459 31.96 3.32 -61.29
N TYR A 1460 32.09 2.03 -61.57
CA TYR A 1460 31.65 1.00 -60.63
C TYR A 1460 32.55 -0.22 -60.82
N ASN A 1461 32.87 -0.89 -59.73
CA ASN A 1461 33.67 -2.09 -59.80
C ASN A 1461 33.41 -2.91 -58.55
N PHE A 1462 33.77 -4.18 -58.61
CA PHE A 1462 33.60 -5.09 -57.49
C PHE A 1462 34.69 -6.14 -57.57
N ASP A 1463 35.12 -6.63 -56.41
CA ASP A 1463 36.17 -7.64 -56.38
C ASP A 1463 35.55 -8.97 -56.73
N ASP A 1464 35.87 -9.49 -57.92
CA ASP A 1464 35.34 -10.77 -58.36
C ASP A 1464 36.30 -11.92 -58.03
N GLU A 1465 37.60 -11.69 -58.16
CA GLU A 1465 38.56 -12.75 -57.91
C GLU A 1465 38.75 -13.04 -56.42
N SER A 1466 38.44 -12.08 -55.55
CA SER A 1466 38.64 -12.31 -54.12
C SER A 1466 37.52 -11.80 -53.22
N GLY A 1467 36.59 -10.97 -53.71
CA GLY A 1467 35.49 -10.51 -52.89
C GLY A 1467 35.84 -9.61 -51.73
N LYS A 1468 37.00 -8.97 -51.78
CA LYS A 1468 37.52 -8.23 -50.63
C LYS A 1468 37.15 -6.76 -50.65
N TRP A 1469 37.12 -6.13 -51.82
CA TRP A 1469 36.91 -4.70 -51.92
C TRP A 1469 35.75 -4.41 -52.87
N CYS A 1470 35.40 -3.13 -52.96
CA CYS A 1470 34.39 -2.61 -53.87
C CYS A 1470 34.58 -1.12 -53.96
N GLU A 1471 34.65 -0.59 -55.18
CA GLU A 1471 34.98 0.80 -55.39
C GLU A 1471 34.08 1.39 -56.47
N PHE A 1472 33.53 2.56 -56.21
CA PHE A 1472 32.66 3.21 -57.18
C PHE A 1472 32.79 4.72 -57.05
N LYS A 1473 33.15 5.35 -58.17
CA LYS A 1473 33.28 6.79 -58.26
C LYS A 1473 31.91 7.43 -58.16
N LEU A 1474 31.89 8.68 -57.69
CA LEU A 1474 30.59 9.34 -57.49
C LEU A 1474 30.81 10.85 -57.69
N GLU A 1475 30.47 11.33 -58.88
CA GLU A 1475 30.62 12.73 -59.26
C GLU A 1475 29.38 13.53 -58.85
N LEU A 1476 29.57 14.83 -58.71
CA LEU A 1476 28.46 15.76 -58.57
C LEU A 1476 28.69 16.99 -59.44
N ALA A 1477 27.88 18.03 -59.23
CA ALA A 1477 28.16 19.33 -59.79
C ALA A 1477 29.13 20.06 -58.86
N ALA A 1478 29.49 21.28 -59.19
CA ALA A 1478 30.29 22.11 -58.31
C ALA A 1478 29.45 23.10 -57.51
N ASP A 1479 28.17 23.26 -57.85
CA ASP A 1479 27.28 24.13 -57.09
C ASP A 1479 27.04 23.59 -55.69
N THR A 1480 27.13 22.28 -55.51
CA THR A 1480 26.87 21.65 -54.23
C THR A 1480 27.99 21.96 -53.25
N GLU A 1481 27.62 22.35 -52.04
CA GLU A 1481 28.60 22.57 -50.98
C GLU A 1481 29.03 21.23 -50.40
N LYS A 1482 29.99 21.27 -49.47
CA LYS A 1482 30.64 20.05 -49.02
C LYS A 1482 29.73 19.21 -48.15
N LEU A 1483 29.41 18.02 -48.64
CA LEU A 1483 28.73 16.99 -47.87
C LEU A 1483 29.76 16.26 -47.01
N LEU A 1484 29.27 15.56 -45.98
CA LEU A 1484 30.18 14.76 -45.17
C LEU A 1484 30.61 13.51 -45.93
N MET A 1485 29.64 12.74 -46.44
CA MET A 1485 29.80 11.55 -47.28
C MET A 1485 30.55 10.41 -46.59
N VAL A 1486 30.81 10.50 -45.30
CA VAL A 1486 31.15 9.35 -44.49
C VAL A 1486 30.03 9.00 -43.54
N ASN A 1487 29.43 10.02 -42.93
CA ASN A 1487 28.27 9.83 -42.08
C ASN A 1487 27.02 9.48 -42.88
N ILE A 1488 26.99 9.78 -44.18
CA ILE A 1488 25.93 9.23 -45.02
C ILE A 1488 26.14 7.75 -45.21
N VAL A 1489 27.36 7.34 -45.58
CA VAL A 1489 27.71 5.94 -45.79
C VAL A 1489 27.55 5.14 -44.50
N GLU A 1490 27.85 5.74 -43.35
CA GLU A 1490 27.61 5.06 -42.08
C GLU A 1490 26.12 4.88 -41.77
N GLU A 1491 25.25 5.70 -42.36
CA GLU A 1491 23.82 5.53 -42.12
C GLU A 1491 23.13 4.68 -43.17
N ILE A 1492 23.63 4.68 -44.40
CA ILE A 1492 23.02 3.87 -45.45
C ILE A 1492 23.45 2.41 -45.32
N CYS A 1493 24.66 2.16 -44.80
CA CYS A 1493 25.10 0.78 -44.60
C CYS A 1493 24.42 0.12 -43.41
N ARG A 1494 23.92 0.89 -42.45
CA ARG A 1494 23.19 0.27 -41.35
C ARG A 1494 21.73 0.01 -41.69
N LYS A 1495 21.26 0.45 -42.86
CA LYS A 1495 19.89 0.23 -43.26
C LYS A 1495 19.79 -0.62 -44.52
N SER A 1496 20.90 -1.21 -44.95
CA SER A 1496 20.94 -2.01 -46.17
C SER A 1496 21.08 -3.48 -45.79
N ILE A 1497 20.08 -4.28 -46.15
CA ILE A 1497 20.02 -5.69 -45.76
C ILE A 1497 20.59 -6.54 -46.88
N ILE A 1498 21.35 -7.57 -46.50
CA ILE A 1498 21.90 -8.51 -47.47
C ILE A 1498 20.79 -9.48 -47.85
N ARG A 1499 20.36 -10.28 -46.89
CA ARG A 1499 19.14 -11.05 -47.01
C ARG A 1499 18.32 -10.83 -45.74
N GLN A 1500 17.01 -10.96 -45.87
CA GLN A 1500 16.13 -10.79 -44.73
C GLN A 1500 14.85 -11.56 -44.97
N ILE A 1501 14.51 -12.43 -44.03
CA ILE A 1501 13.13 -12.90 -43.91
C ILE A 1501 12.36 -11.85 -43.10
N PRO A 1502 11.21 -11.38 -43.60
CA PRO A 1502 10.56 -10.22 -43.00
C PRO A 1502 10.06 -10.47 -41.59
N HIS A 1503 10.04 -9.39 -40.80
CA HIS A 1503 9.63 -9.34 -39.39
C HIS A 1503 10.50 -10.22 -38.48
N ILE A 1504 11.67 -10.64 -38.92
CA ILE A 1504 12.54 -11.52 -38.14
C ILE A 1504 13.93 -10.91 -38.12
N ASP A 1505 14.47 -10.70 -36.93
CA ASP A 1505 15.77 -10.06 -36.74
C ASP A 1505 16.90 -11.05 -36.55
N ARG A 1506 16.69 -12.11 -35.78
CA ARG A 1506 17.79 -12.99 -35.42
C ARG A 1506 17.20 -14.32 -34.97
N CYS A 1507 17.91 -15.41 -35.25
CA CYS A 1507 17.49 -16.76 -34.90
C CYS A 1507 18.56 -17.38 -33.99
N VAL A 1508 18.17 -17.71 -32.76
CA VAL A 1508 19.09 -18.20 -31.73
C VAL A 1508 18.76 -19.66 -31.47
N HIS A 1509 19.80 -20.51 -31.43
CA HIS A 1509 19.65 -21.90 -31.04
C HIS A 1509 20.17 -22.06 -29.61
N PRO A 1510 19.29 -22.08 -28.60
CA PRO A 1510 19.78 -22.19 -27.22
C PRO A 1510 20.07 -23.62 -26.83
N GLU A 1511 20.37 -23.84 -25.56
CA GLU A 1511 20.46 -25.20 -25.04
C GLU A 1511 19.06 -25.82 -24.98
N PRO A 1512 18.95 -27.14 -25.17
CA PRO A 1512 17.63 -27.76 -25.18
C PRO A 1512 16.97 -27.83 -23.81
N GLU A 1513 15.96 -26.99 -23.62
CA GLU A 1513 15.12 -27.09 -22.43
C GLU A 1513 14.25 -28.33 -22.54
N ASN A 1514 14.14 -29.07 -21.43
CA ASN A 1514 13.22 -30.20 -21.24
C ASN A 1514 13.49 -31.35 -22.21
N GLY A 1515 14.68 -31.41 -22.80
CA GLY A 1515 15.04 -32.46 -23.72
C GLY A 1515 14.58 -32.26 -25.15
N LYS A 1516 13.80 -31.21 -25.43
CA LYS A 1516 13.35 -30.94 -26.78
C LYS A 1516 14.24 -29.88 -27.43
N ARG A 1517 14.41 -29.99 -28.74
CA ARG A 1517 15.31 -29.14 -29.49
C ARG A 1517 14.56 -27.90 -29.96
N VAL A 1518 14.99 -26.73 -29.47
CA VAL A 1518 14.24 -25.49 -29.58
C VAL A 1518 15.09 -24.49 -30.36
N LEU A 1519 14.45 -23.73 -31.27
CA LEU A 1519 15.13 -22.79 -32.14
C LEU A 1519 14.42 -21.43 -32.03
N VAL A 1520 14.87 -20.58 -31.11
CA VAL A 1520 14.15 -19.34 -30.79
C VAL A 1520 14.52 -18.25 -31.78
N THR A 1521 13.54 -17.69 -32.46
CA THR A 1521 13.75 -16.52 -33.29
C THR A 1521 13.28 -15.27 -32.57
N GLU A 1522 13.69 -14.11 -33.07
CA GLU A 1522 13.39 -12.83 -32.45
C GLU A 1522 12.36 -12.04 -33.24
N GLY A 1523 11.36 -12.73 -33.78
CA GLY A 1523 10.29 -12.04 -34.48
C GLY A 1523 9.21 -13.02 -34.84
N VAL A 1524 8.15 -12.49 -35.45
CA VAL A 1524 6.98 -13.29 -35.81
C VAL A 1524 6.70 -13.14 -37.31
N ASN A 1525 6.91 -14.22 -38.05
CA ASN A 1525 6.44 -14.37 -39.42
C ASN A 1525 6.14 -15.84 -39.62
N PHE A 1526 4.87 -16.22 -39.47
CA PHE A 1526 4.50 -17.63 -39.55
C PHE A 1526 4.52 -18.16 -40.97
N GLN A 1527 4.27 -17.31 -41.96
CA GLN A 1527 4.20 -17.76 -43.35
C GLN A 1527 5.56 -18.21 -43.84
N ALA A 1528 6.61 -17.46 -43.53
CA ALA A 1528 7.93 -17.75 -44.05
C ALA A 1528 8.62 -18.88 -43.31
N MET A 1529 8.04 -19.39 -42.24
CA MET A 1529 8.50 -20.61 -41.61
C MET A 1529 7.78 -21.84 -42.13
N TRP A 1530 6.74 -21.66 -42.93
CA TRP A 1530 6.04 -22.79 -43.54
C TRP A 1530 6.79 -23.35 -44.73
N ASP A 1531 7.77 -22.61 -45.27
CA ASP A 1531 8.59 -23.14 -46.34
C ASP A 1531 9.66 -24.07 -45.79
N GLN A 1532 10.07 -23.85 -44.55
CA GLN A 1532 11.15 -24.61 -43.93
C GLN A 1532 10.61 -25.88 -43.25
N GLU A 1533 9.94 -26.70 -44.06
CA GLU A 1533 9.41 -27.96 -43.56
C GLU A 1533 10.52 -28.94 -43.23
N ALA A 1534 11.58 -28.95 -44.04
CA ALA A 1534 12.62 -29.97 -43.91
C ALA A 1534 13.50 -29.76 -42.68
N PHE A 1535 13.45 -28.59 -42.06
CA PHE A 1535 14.21 -28.31 -40.86
C PHE A 1535 13.35 -28.11 -39.63
N ILE A 1536 12.14 -27.56 -39.80
CA ILE A 1536 11.29 -27.14 -38.70
C ILE A 1536 10.01 -27.97 -38.71
N ASP A 1537 9.61 -28.48 -37.56
CA ASP A 1537 8.31 -29.08 -37.40
C ASP A 1537 7.28 -27.95 -37.44
N VAL A 1538 6.64 -27.77 -38.60
CA VAL A 1538 5.76 -26.62 -38.80
C VAL A 1538 4.45 -26.75 -38.05
N ASP A 1539 4.07 -27.96 -37.65
CA ASP A 1539 2.86 -28.18 -36.86
C ASP A 1539 3.14 -28.17 -35.37
N GLY A 1540 4.16 -27.45 -34.93
CA GLY A 1540 4.47 -27.31 -33.53
C GLY A 1540 5.04 -25.94 -33.24
N ILE A 1541 4.89 -25.03 -34.19
CA ILE A 1541 5.41 -23.67 -34.08
C ILE A 1541 4.57 -22.92 -33.06
N THR A 1542 5.11 -22.75 -31.86
CA THR A 1542 4.44 -21.93 -30.86
C THR A 1542 5.16 -20.60 -30.77
N SER A 1543 4.47 -19.62 -30.18
CA SER A 1543 4.90 -18.25 -30.29
C SER A 1543 4.73 -17.53 -28.96
N ASN A 1544 4.79 -16.22 -29.02
CA ASN A 1544 4.78 -15.36 -27.85
C ASN A 1544 3.77 -14.26 -28.08
N ASP A 1545 3.53 -13.96 -29.36
CA ASP A 1545 2.68 -12.85 -29.77
C ASP A 1545 1.27 -13.40 -30.01
N VAL A 1546 0.32 -12.95 -29.19
CA VAL A 1546 -1.03 -13.49 -29.22
C VAL A 1546 -1.85 -12.92 -30.36
N ALA A 1547 -1.59 -11.69 -30.78
CA ALA A 1547 -2.40 -11.09 -31.84
C ALA A 1547 -1.97 -11.54 -33.23
N ALA A 1548 -0.88 -12.30 -33.34
CA ALA A 1548 -0.47 -12.90 -34.61
C ALA A 1548 -0.81 -14.38 -34.69
N VAL A 1549 -0.89 -15.07 -33.55
CA VAL A 1549 -1.43 -16.43 -33.55
C VAL A 1549 -2.95 -16.39 -33.64
N LEU A 1550 -3.57 -15.27 -33.27
CA LEU A 1550 -5.00 -15.08 -33.54
C LEU A 1550 -5.27 -14.91 -35.01
N LYS A 1551 -4.36 -14.26 -35.74
CA LYS A 1551 -4.60 -13.91 -37.13
C LYS A 1551 -4.34 -15.08 -38.06
N THR A 1552 -3.32 -15.88 -37.79
CA THR A 1552 -2.97 -17.01 -38.64
C THR A 1552 -3.53 -18.33 -38.14
N TYR A 1553 -3.68 -18.52 -36.84
CA TYR A 1553 -4.13 -19.80 -36.30
C TYR A 1553 -5.48 -19.76 -35.59
N GLY A 1554 -6.16 -18.63 -35.57
CA GLY A 1554 -7.53 -18.62 -35.06
C GLY A 1554 -7.65 -18.28 -33.59
N VAL A 1555 -8.88 -18.45 -33.11
CA VAL A 1555 -9.25 -17.95 -31.78
C VAL A 1555 -8.77 -18.89 -30.68
N GLU A 1556 -8.91 -20.19 -30.88
CA GLU A 1556 -8.55 -21.14 -29.84
C GLU A 1556 -7.04 -21.37 -29.72
N ALA A 1557 -6.25 -20.90 -30.68
CA ALA A 1557 -4.80 -20.90 -30.50
C ALA A 1557 -4.30 -19.62 -29.88
N ALA A 1558 -5.02 -18.52 -30.05
CA ALA A 1558 -4.73 -17.33 -29.26
C ALA A 1558 -5.12 -17.54 -27.81
N ARG A 1559 -6.11 -18.38 -27.57
CA ARG A 1559 -6.53 -18.70 -26.22
C ARG A 1559 -5.52 -19.58 -25.50
N ASN A 1560 -4.72 -20.36 -26.21
CA ASN A 1560 -3.66 -21.11 -25.55
C ASN A 1560 -2.38 -20.32 -25.44
N THR A 1561 -2.11 -19.43 -26.38
CA THR A 1561 -0.95 -18.56 -26.29
C THR A 1561 -1.12 -17.53 -25.19
N ILE A 1562 -2.36 -17.18 -24.84
CA ILE A 1562 -2.53 -16.27 -23.74
C ILE A 1562 -2.37 -16.98 -22.40
N VAL A 1563 -2.76 -18.25 -22.30
CA VAL A 1563 -2.64 -18.98 -21.04
C VAL A 1563 -1.17 -19.27 -20.74
N ASN A 1564 -0.43 -19.75 -21.75
CA ASN A 1564 0.94 -20.14 -21.52
C ASN A 1564 1.88 -18.96 -21.34
N GLU A 1565 1.53 -17.79 -21.84
CA GLU A 1565 2.39 -16.63 -21.66
C GLU A 1565 1.98 -15.77 -20.47
N ILE A 1566 0.80 -16.00 -19.90
CA ILE A 1566 0.47 -15.49 -18.59
C ILE A 1566 0.87 -16.50 -17.52
N ASN A 1567 1.40 -17.66 -17.91
CA ASN A 1567 1.92 -18.66 -17.00
C ASN A 1567 3.42 -18.51 -16.77
N ASN A 1568 4.19 -18.31 -17.84
CA ASN A 1568 5.64 -18.22 -17.68
C ASN A 1568 6.07 -16.89 -17.08
N VAL A 1569 5.18 -15.91 -16.98
CA VAL A 1569 5.46 -14.73 -16.19
C VAL A 1569 5.38 -15.07 -14.70
N PHE A 1570 4.61 -16.10 -14.34
CA PHE A 1570 4.61 -16.59 -12.98
C PHE A 1570 5.53 -17.79 -12.77
N SER A 1571 5.86 -18.53 -13.84
CA SER A 1571 6.78 -19.66 -13.71
C SER A 1571 8.21 -19.22 -13.47
N ARG A 1572 8.56 -17.99 -13.84
CA ARG A 1572 9.91 -17.49 -13.56
C ARG A 1572 10.10 -17.27 -12.07
N TYR A 1573 9.13 -16.66 -11.42
CA TYR A 1573 9.23 -16.27 -10.02
C TYR A 1573 8.88 -17.39 -9.05
N ALA A 1574 8.74 -18.62 -9.56
CA ALA A 1574 8.31 -19.80 -8.79
C ALA A 1574 6.97 -19.58 -8.11
N ILE A 1575 6.09 -18.79 -8.74
CA ILE A 1575 4.76 -18.53 -8.25
C ILE A 1575 3.79 -19.44 -9.01
N SER A 1576 3.13 -20.34 -8.28
CA SER A 1576 2.23 -21.30 -8.91
C SER A 1576 0.80 -20.87 -8.66
N VAL A 1577 0.32 -19.97 -9.51
CA VAL A 1577 -1.11 -19.69 -9.60
C VAL A 1577 -1.75 -20.74 -10.50
N SER A 1578 -2.86 -21.31 -10.05
CA SER A 1578 -3.45 -22.45 -10.73
C SER A 1578 -4.07 -22.02 -12.06
N PHE A 1579 -4.23 -23.01 -12.94
CA PHE A 1579 -4.73 -22.74 -14.29
C PHE A 1579 -6.21 -22.45 -14.34
N ARG A 1580 -6.94 -22.56 -13.23
CA ARG A 1580 -8.36 -22.23 -13.27
C ARG A 1580 -8.57 -20.72 -13.31
N HIS A 1581 -7.60 -19.98 -12.78
CA HIS A 1581 -7.71 -18.53 -12.82
C HIS A 1581 -7.23 -18.01 -14.17
N LEU A 1582 -6.17 -18.61 -14.69
CA LEU A 1582 -5.61 -18.27 -16.00
C LEU A 1582 -6.54 -18.64 -17.14
N ASP A 1583 -7.43 -19.60 -16.91
CA ASP A 1583 -8.34 -20.06 -17.96
C ASP A 1583 -9.51 -19.11 -18.12
N LEU A 1584 -10.01 -18.57 -17.01
CA LEU A 1584 -11.12 -17.63 -17.09
C LEU A 1584 -10.67 -16.26 -17.56
N ILE A 1585 -9.47 -15.83 -17.18
CA ILE A 1585 -8.94 -14.58 -17.72
C ILE A 1585 -8.67 -14.70 -19.21
N ALA A 1586 -8.32 -15.91 -19.67
CA ALA A 1586 -8.23 -16.16 -21.10
C ALA A 1586 -9.60 -16.08 -21.77
N ASP A 1587 -10.55 -16.89 -21.28
CA ASP A 1587 -11.89 -16.96 -21.86
C ASP A 1587 -12.72 -15.71 -21.66
N MET A 1588 -12.31 -14.79 -20.78
CA MET A 1588 -12.96 -13.48 -20.75
C MET A 1588 -12.42 -12.57 -21.85
N MET A 1589 -11.12 -12.65 -22.12
CA MET A 1589 -10.48 -11.80 -23.11
C MET A 1589 -10.74 -12.23 -24.54
N THR A 1590 -11.34 -13.40 -24.75
CA THR A 1590 -11.58 -13.89 -26.10
C THR A 1590 -13.06 -14.24 -26.31
N ARG A 1591 -13.94 -13.64 -25.51
CA ARG A 1591 -15.37 -13.92 -25.56
C ARG A 1591 -16.04 -13.41 -26.82
N GLN A 1592 -15.42 -12.47 -27.53
CA GLN A 1592 -15.99 -11.94 -28.77
C GLN A 1592 -15.30 -12.47 -30.00
N GLY A 1593 -14.46 -13.50 -29.87
CA GLY A 1593 -13.70 -13.98 -31.00
C GLY A 1593 -12.54 -13.11 -31.41
N THR A 1594 -12.26 -12.06 -30.66
CA THR A 1594 -11.16 -11.14 -30.88
C THR A 1594 -10.27 -11.21 -29.64
N TYR A 1595 -9.31 -10.30 -29.55
CA TYR A 1595 -8.40 -10.26 -28.42
C TYR A 1595 -8.62 -8.93 -27.69
N LEU A 1596 -9.58 -8.94 -26.77
CA LEU A 1596 -10.02 -7.72 -26.10
C LEU A 1596 -9.21 -7.49 -24.84
N ALA A 1597 -8.85 -6.24 -24.61
CA ALA A 1597 -8.09 -5.86 -23.43
C ALA A 1597 -9.01 -5.63 -22.25
N PHE A 1598 -8.40 -5.52 -21.07
CA PHE A 1598 -9.10 -5.10 -19.88
C PHE A 1598 -8.87 -3.60 -19.65
N ASN A 1599 -9.55 -2.82 -20.48
CA ASN A 1599 -9.49 -1.37 -20.42
C ASN A 1599 -10.85 -0.82 -20.84
N ARG A 1600 -10.94 0.50 -21.04
CA ARG A 1600 -12.22 1.08 -21.45
C ARG A 1600 -12.49 0.88 -22.93
N GLN A 1601 -11.48 0.53 -23.72
CA GLN A 1601 -11.70 0.25 -25.12
C GLN A 1601 -12.13 -1.20 -25.36
N GLY A 1602 -12.08 -2.05 -24.34
CA GLY A 1602 -12.45 -3.43 -24.49
C GLY A 1602 -13.70 -3.78 -23.70
N MET A 1603 -14.25 -2.80 -22.99
CA MET A 1603 -15.46 -3.00 -22.22
C MET A 1603 -16.64 -2.23 -22.79
N GLU A 1604 -16.47 -1.62 -23.97
CA GLU A 1604 -17.58 -0.92 -24.63
C GLU A 1604 -18.67 -1.91 -25.03
N THR A 1605 -18.28 -3.13 -25.37
CA THR A 1605 -19.21 -4.20 -25.69
C THR A 1605 -19.60 -4.86 -24.36
N SER A 1606 -20.48 -4.18 -23.63
CA SER A 1606 -20.96 -4.67 -22.34
C SER A 1606 -22.32 -4.06 -22.06
N THR A 1607 -23.19 -4.86 -21.44
CA THR A 1607 -24.57 -4.44 -21.22
C THR A 1607 -24.65 -3.39 -20.10
N SER A 1608 -23.86 -3.57 -19.05
CA SER A 1608 -24.02 -2.79 -17.83
C SER A 1608 -23.52 -1.36 -18.01
N SER A 1609 -24.44 -0.40 -17.89
CA SER A 1609 -24.07 0.99 -18.06
C SER A 1609 -23.40 1.56 -16.82
N PHE A 1610 -23.88 1.20 -15.62
CA PHE A 1610 -23.25 1.71 -14.41
C PHE A 1610 -21.88 1.09 -14.15
N MET A 1611 -21.59 -0.07 -14.75
CA MET A 1611 -20.24 -0.61 -14.65
C MET A 1611 -19.25 0.25 -15.43
N LYS A 1612 -19.62 0.66 -16.63
CA LYS A 1612 -18.74 1.48 -17.45
C LYS A 1612 -18.65 2.90 -16.92
N MET A 1613 -19.75 3.41 -16.37
CA MET A 1613 -19.74 4.75 -15.77
C MET A 1613 -18.94 4.78 -14.48
N SER A 1614 -18.84 3.66 -13.78
CA SER A 1614 -18.03 3.63 -12.58
C SER A 1614 -16.57 3.37 -12.85
N TYR A 1615 -16.20 3.00 -14.08
CA TYR A 1615 -14.80 2.66 -14.35
C TYR A 1615 -13.98 3.91 -14.64
N GLU A 1616 -14.27 4.59 -15.76
CA GLU A 1616 -13.62 5.82 -16.17
C GLU A 1616 -14.37 6.37 -17.37
N THR A 1617 -14.15 7.67 -17.64
CA THR A 1617 -14.84 8.46 -18.67
C THR A 1617 -16.35 8.33 -18.54
N THR A 1618 -16.84 8.82 -17.41
CA THR A 1618 -18.23 8.58 -17.00
C THR A 1618 -19.22 9.21 -17.96
N CYS A 1619 -19.01 10.47 -18.33
CA CYS A 1619 -19.95 11.14 -19.20
C CYS A 1619 -19.78 10.77 -20.67
N GLN A 1620 -18.70 10.06 -21.04
CA GLN A 1620 -18.70 9.49 -22.37
C GLN A 1620 -19.59 8.25 -22.44
N PHE A 1621 -19.63 7.46 -21.36
CA PHE A 1621 -20.57 6.35 -21.31
C PHE A 1621 -21.96 6.79 -20.93
N LEU A 1622 -22.12 7.95 -20.30
CA LEU A 1622 -23.45 8.41 -19.94
C LEU A 1622 -24.20 8.88 -21.18
N THR A 1623 -23.51 9.58 -22.08
CA THR A 1623 -24.14 10.07 -23.30
C THR A 1623 -24.33 8.97 -24.32
N LYS A 1624 -23.46 7.95 -24.33
CA LYS A 1624 -23.73 6.78 -25.15
C LYS A 1624 -24.87 5.95 -24.60
N ALA A 1625 -25.15 6.07 -23.30
CA ALA A 1625 -26.31 5.39 -22.74
C ALA A 1625 -27.58 6.14 -23.08
N VAL A 1626 -27.58 7.46 -22.92
CA VAL A 1626 -28.82 8.22 -23.04
C VAL A 1626 -29.17 8.52 -24.50
N LEU A 1627 -28.19 8.56 -25.40
CA LEU A 1627 -28.51 8.63 -26.82
C LEU A 1627 -29.07 7.32 -27.33
N ASP A 1628 -28.63 6.19 -26.77
CA ASP A 1628 -29.18 4.90 -27.13
C ASP A 1628 -30.48 4.59 -26.41
N ASN A 1629 -30.90 5.45 -25.47
CA ASN A 1629 -32.08 5.26 -24.62
C ASN A 1629 -32.02 3.91 -23.90
N GLU A 1630 -30.90 3.68 -23.23
CA GLU A 1630 -30.49 2.35 -22.84
C GLU A 1630 -31.10 1.98 -21.50
N ARG A 1631 -31.91 0.92 -21.49
CA ARG A 1631 -32.44 0.35 -20.27
C ARG A 1631 -31.55 -0.80 -19.82
N GLU A 1632 -31.24 -0.84 -18.53
CA GLU A 1632 -30.43 -1.91 -17.97
C GLU A 1632 -31.15 -2.61 -16.84
N GLN A 1633 -30.95 -3.92 -16.78
CA GLN A 1633 -31.67 -4.82 -15.90
C GLN A 1633 -31.08 -4.89 -14.50
N LEU A 1634 -30.06 -4.07 -14.21
CA LEU A 1634 -29.38 -3.99 -12.92
C LEU A 1634 -28.82 -5.35 -12.50
N ASP A 1635 -28.01 -5.94 -13.38
CA ASP A 1635 -27.46 -7.27 -13.19
C ASP A 1635 -26.04 -7.27 -12.65
N SER A 1636 -25.22 -6.31 -13.07
CA SER A 1636 -23.84 -6.24 -12.62
C SER A 1636 -23.78 -5.79 -11.18
N PRO A 1637 -22.77 -6.24 -10.41
CA PRO A 1637 -22.61 -5.76 -9.04
C PRO A 1637 -22.29 -4.29 -8.94
N SER A 1638 -21.78 -3.68 -10.00
CA SER A 1638 -21.59 -2.23 -9.99
C SER A 1638 -22.91 -1.49 -10.04
N ALA A 1639 -23.87 -2.02 -10.78
CA ALA A 1639 -25.18 -1.37 -10.89
C ALA A 1639 -26.12 -1.73 -9.76
N ARG A 1640 -25.74 -2.65 -8.87
CA ARG A 1640 -26.54 -3.00 -7.71
C ARG A 1640 -25.96 -2.39 -6.44
N ILE A 1641 -24.96 -1.54 -6.57
CA ILE A 1641 -24.51 -0.69 -5.49
C ILE A 1641 -24.85 0.77 -5.75
N VAL A 1642 -24.95 1.18 -7.02
CA VAL A 1642 -25.46 2.50 -7.36
C VAL A 1642 -26.91 2.64 -6.95
N VAL A 1643 -27.71 1.59 -7.17
CA VAL A 1643 -29.14 1.67 -6.87
C VAL A 1643 -29.50 0.91 -5.59
N GLY A 1644 -28.56 0.17 -5.00
CA GLY A 1644 -28.78 -0.40 -3.69
C GLY A 1644 -29.49 -1.72 -3.64
N LYS A 1645 -29.42 -2.52 -4.69
CA LYS A 1645 -30.02 -3.84 -4.69
C LYS A 1645 -29.14 -4.82 -3.92
N LEU A 1646 -29.58 -6.06 -3.82
CA LEU A 1646 -28.75 -7.12 -3.27
C LEU A 1646 -27.94 -7.73 -4.41
N ASN A 1647 -26.69 -8.07 -4.12
CA ASN A 1647 -25.77 -8.54 -5.14
C ASN A 1647 -26.13 -9.96 -5.57
N ASN A 1648 -26.15 -10.20 -6.89
CA ASN A 1648 -26.62 -11.46 -7.48
C ASN A 1648 -25.61 -12.58 -7.42
N VAL A 1649 -24.55 -12.47 -6.62
CA VAL A 1649 -23.51 -13.49 -6.57
C VAL A 1649 -23.33 -13.92 -5.12
N GLY A 1650 -23.32 -15.24 -4.90
CA GLY A 1650 -23.16 -15.74 -3.56
C GLY A 1650 -24.47 -15.95 -2.85
N THR A 1651 -24.83 -14.98 -2.01
CA THR A 1651 -25.99 -15.11 -1.15
C THR A 1651 -27.25 -14.55 -1.80
N GLY A 1652 -27.12 -13.63 -2.74
CA GLY A 1652 -28.28 -13.10 -3.40
C GLY A 1652 -28.60 -13.80 -4.71
N SER A 1653 -28.04 -14.99 -4.91
CA SER A 1653 -28.25 -15.74 -6.14
C SER A 1653 -29.48 -16.64 -6.09
N PHE A 1654 -30.38 -16.41 -5.13
CA PHE A 1654 -31.54 -17.25 -4.87
C PHE A 1654 -32.47 -16.51 -3.91
N ASP A 1655 -33.73 -16.90 -3.91
CA ASP A 1655 -34.68 -16.36 -2.95
C ASP A 1655 -34.95 -17.36 -1.84
N VAL A 1656 -35.39 -16.82 -0.71
CA VAL A 1656 -35.79 -17.61 0.44
C VAL A 1656 -37.30 -17.44 0.61
N LEU A 1657 -38.02 -18.56 0.63
CA LEU A 1657 -39.47 -18.59 0.60
C LEU A 1657 -39.96 -19.38 1.82
N ALA A 1658 -40.85 -18.77 2.59
CA ALA A 1658 -41.34 -19.39 3.82
C ALA A 1658 -42.61 -20.18 3.55
N LYS A 1659 -42.69 -21.40 4.09
CA LYS A 1659 -43.90 -22.22 3.99
C LYS A 1659 -44.83 -21.85 5.14
N VAL A 1660 -45.98 -21.27 4.81
CA VAL A 1660 -46.97 -20.95 5.84
C VAL A 1660 -48.04 -22.03 5.82
N PRO A 1661 -48.55 -22.45 6.99
CA PRO A 1661 -49.37 -23.68 7.03
C PRO A 1661 -50.78 -23.51 6.50
N ASN A 1662 -51.43 -22.38 6.75
CA ASN A 1662 -52.83 -22.25 6.39
C ASN A 1662 -52.98 -21.60 5.01
N ALA A 1663 -54.20 -21.64 4.50
CA ALA A 1663 -54.49 -21.16 3.15
C ALA A 1663 -54.42 -19.64 3.06
N GLN B 10 44.09 -2.28 29.23
CA GLN B 10 43.01 -2.25 28.25
C GLN B 10 43.07 -0.97 27.39
N ALA B 11 43.16 -1.17 26.08
CA ALA B 11 43.46 -0.08 25.16
C ALA B 11 42.25 0.42 24.37
N ARG B 12 41.26 -0.42 24.15
CA ARG B 12 40.08 -0.03 23.36
C ARG B 12 38.96 0.44 24.30
N THR B 13 39.27 1.46 25.08
CA THR B 13 38.33 2.00 26.05
C THR B 13 38.25 3.51 25.92
N ALA B 14 37.06 4.04 26.12
CA ALA B 14 36.85 5.47 26.25
C ALA B 14 36.48 5.77 27.68
N ASP B 15 36.42 7.05 28.01
CA ASP B 15 36.08 7.46 29.37
C ASP B 15 34.75 8.17 29.41
N PHE B 16 33.99 7.91 30.46
CA PHE B 16 32.93 8.83 30.85
C PHE B 16 33.61 10.08 31.38
N ARG B 17 33.25 11.23 30.85
CA ARG B 17 33.88 12.46 31.31
C ARG B 17 33.10 13.12 32.43
N THR B 18 32.78 12.31 33.45
CA THR B 18 32.29 12.81 34.72
C THR B 18 33.37 13.67 35.36
N LEU B 19 32.93 14.72 36.08
CA LEU B 19 33.70 15.82 36.71
C LEU B 19 34.25 16.79 35.68
N GLU B 20 34.10 16.49 34.40
CA GLU B 20 34.30 17.44 33.32
C GLU B 20 32.99 17.75 32.61
N ARG B 21 32.12 16.76 32.48
CA ARG B 21 30.75 17.03 32.05
C ARG B 21 30.01 17.84 33.11
N GLU B 22 30.17 17.46 34.39
CA GLU B 22 29.47 18.16 35.46
C GLU B 22 30.04 19.56 35.67
N SER B 23 31.36 19.67 35.71
CA SER B 23 31.99 20.96 35.95
C SER B 23 31.89 21.91 34.76
N ARG B 24 31.44 21.44 33.61
CA ARG B 24 31.06 22.34 32.53
C ARG B 24 29.58 22.69 32.58
N PHE B 25 28.77 21.86 33.23
CA PHE B 25 27.34 22.17 33.35
C PHE B 25 27.08 23.27 34.35
N ILE B 26 27.85 23.30 35.45
CA ILE B 26 27.61 24.27 36.52
C ILE B 26 27.90 25.68 36.02
N ASN B 27 29.07 25.87 35.42
CA ASN B 27 29.45 27.14 34.83
C ASN B 27 29.89 26.92 33.40
N PRO B 28 29.21 27.52 32.42
CA PRO B 28 29.68 27.47 31.05
C PRO B 28 30.97 28.26 30.89
N PRO B 29 31.76 27.96 29.86
CA PRO B 29 33.08 28.59 29.74
C PRO B 29 32.98 30.07 29.37
N LYS B 30 33.87 30.87 29.97
CA LYS B 30 33.93 32.29 29.70
C LYS B 30 34.82 32.64 28.52
N ASP B 31 35.71 31.73 28.15
CA ASP B 31 36.55 31.86 26.96
C ASP B 31 35.78 31.30 25.76
N LYS B 32 36.50 30.94 24.69
CA LYS B 32 35.96 30.23 23.54
C LYS B 32 35.21 28.96 23.94
N SER B 33 34.27 28.55 23.10
CA SER B 33 33.42 27.41 23.44
C SER B 33 34.16 26.10 23.32
N ALA B 34 33.79 25.15 24.18
CA ALA B 34 34.22 23.78 24.00
C ALA B 34 33.44 23.16 22.84
N PHE B 35 33.87 21.95 22.47
CA PHE B 35 33.40 21.15 21.33
C PHE B 35 33.51 21.96 20.04
N PRO B 36 34.72 22.27 19.57
CA PRO B 36 34.84 23.17 18.41
C PRO B 36 34.47 22.51 17.09
N LEU B 37 34.37 21.19 17.06
CA LEU B 37 33.96 20.49 15.85
C LEU B 37 32.48 20.65 15.57
N LEU B 38 31.68 20.98 16.59
CA LEU B 38 30.28 21.28 16.37
C LEU B 38 30.10 22.64 15.70
N GLN B 39 31.02 23.57 15.92
CA GLN B 39 30.96 24.84 15.23
C GLN B 39 31.39 24.74 13.78
N GLU B 40 32.12 23.68 13.41
CA GLU B 40 32.53 23.48 12.03
C GLU B 40 31.45 22.83 11.20
N ALA B 41 30.45 22.21 11.82
CA ALA B 41 29.33 21.62 11.11
C ALA B 41 28.40 22.66 10.53
N VAL B 42 28.51 23.93 10.93
CA VAL B 42 27.69 25.01 10.41
C VAL B 42 28.50 26.11 9.76
N GLN B 43 29.82 25.97 9.68
CA GLN B 43 30.62 26.90 8.89
C GLN B 43 30.26 26.98 7.41
N PRO B 44 29.73 25.96 6.72
CA PRO B 44 29.13 26.22 5.41
C PRO B 44 27.82 27.00 5.46
N HIS B 45 27.18 27.14 6.62
CA HIS B 45 26.01 28.01 6.75
C HIS B 45 26.36 29.36 7.34
N ILE B 46 27.11 29.39 8.44
CA ILE B 46 27.55 30.64 9.05
C ILE B 46 28.46 31.40 8.10
N GLY B 47 29.45 30.72 7.55
CA GLY B 47 30.41 31.35 6.66
C GLY B 47 29.87 31.75 5.32
N SER B 48 28.67 31.29 4.96
CA SER B 48 28.07 31.66 3.69
C SER B 48 27.31 32.97 3.81
N PHE B 49 26.64 33.19 4.95
CA PHE B 49 25.97 34.47 5.19
C PHE B 49 26.96 35.55 5.57
N ASN B 50 28.11 35.18 6.15
CA ASN B 50 29.13 36.17 6.47
C ASN B 50 29.77 36.73 5.22
N ALA B 51 29.76 35.96 4.12
CA ALA B 51 30.37 36.41 2.89
C ALA B 51 29.56 37.48 2.17
N LEU B 52 28.30 37.69 2.56
CA LEU B 52 27.49 38.72 1.93
C LEU B 52 27.91 40.12 2.35
N THR B 53 28.57 40.26 3.50
CA THR B 53 29.00 41.56 4.00
C THR B 53 30.48 41.65 4.33
N GLU B 54 31.21 40.54 4.35
CA GLU B 54 32.64 40.53 4.63
C GLU B 54 33.39 40.02 3.41
N GLY B 55 34.72 40.02 3.53
CA GLY B 55 35.57 39.63 2.44
C GLY B 55 36.08 40.82 1.66
N PRO B 56 36.61 40.58 0.48
CA PRO B 56 37.15 41.69 -0.33
C PRO B 56 36.04 42.48 -1.01
N ASP B 57 36.31 43.78 -1.14
CA ASP B 57 35.51 44.73 -1.93
C ASP B 57 34.07 44.84 -1.45
N GLY B 58 33.85 44.68 -0.15
CA GLY B 58 32.56 44.93 0.45
C GLY B 58 31.60 43.77 0.48
N GLY B 59 32.05 42.56 0.17
CA GLY B 59 31.17 41.42 0.20
C GLY B 59 30.41 41.24 -1.09
N LEU B 60 29.65 40.14 -1.14
CA LEU B 60 28.98 39.75 -2.38
C LEU B 60 27.78 40.62 -2.68
N LEU B 61 27.14 41.19 -1.67
CA LEU B 61 26.01 42.06 -1.93
C LEU B 61 26.45 43.40 -2.49
N ASN B 62 27.65 43.87 -2.13
CA ASN B 62 28.20 45.06 -2.76
C ASN B 62 28.85 44.77 -4.10
N LEU B 63 28.92 43.51 -4.52
CA LEU B 63 29.36 43.16 -5.87
C LEU B 63 28.19 42.85 -6.78
N GLY B 64 27.04 42.46 -6.23
CA GLY B 64 25.83 42.38 -7.02
C GLY B 64 25.19 43.71 -7.29
N VAL B 65 25.47 44.69 -6.44
CA VAL B 65 25.10 46.07 -6.70
C VAL B 65 25.87 46.62 -7.89
N LYS B 66 27.17 46.34 -7.96
CA LYS B 66 27.98 46.79 -9.09
C LYS B 66 27.59 46.07 -10.38
N ASP B 67 27.07 44.85 -10.28
CA ASP B 67 26.80 44.06 -11.47
C ASP B 67 25.53 44.51 -12.19
N ILE B 68 24.51 44.94 -11.45
CA ILE B 68 23.28 45.40 -12.08
C ILE B 68 23.51 46.70 -12.83
N GLY B 69 24.26 47.62 -12.23
CA GLY B 69 24.60 48.85 -12.92
C GLY B 69 23.48 49.86 -12.88
N GLU B 70 23.22 50.49 -14.02
CA GLU B 70 22.31 51.62 -14.10
C GLU B 70 21.16 51.28 -15.03
N LYS B 71 19.99 51.82 -14.72
CA LYS B 71 18.81 51.71 -15.58
C LYS B 71 18.23 53.10 -15.80
N VAL B 72 17.93 53.42 -17.06
CA VAL B 72 17.60 54.80 -17.41
C VAL B 72 16.21 54.86 -18.04
N ILE B 73 15.65 56.07 -18.07
CA ILE B 73 14.38 56.35 -18.72
C ILE B 73 14.31 57.82 -19.14
N PHE B 74 13.97 58.06 -20.40
CA PHE B 74 14.04 59.41 -20.96
C PHE B 74 12.70 60.14 -20.88
N ASP B 75 12.75 61.43 -21.19
CA ASP B 75 11.61 62.32 -21.21
C ASP B 75 10.92 62.28 -22.57
N GLY B 76 10.05 63.27 -22.81
CA GLY B 76 9.49 63.50 -24.13
C GLY B 76 9.47 64.99 -24.42
N LYS B 77 10.41 65.72 -23.84
CA LYS B 77 10.42 67.17 -23.93
C LYS B 77 11.54 67.64 -24.86
N PRO B 78 11.21 68.25 -26.02
CA PRO B 78 12.21 68.79 -26.94
C PRO B 78 12.77 70.12 -26.49
N GLY B 89 17.20 63.44 -32.79
CA GLY B 89 17.14 64.44 -31.75
C GLY B 89 17.26 63.84 -30.36
N TYR B 90 17.58 64.68 -29.38
CA TYR B 90 17.71 64.21 -28.01
C TYR B 90 16.34 63.89 -27.43
N LEU B 91 16.31 62.92 -26.51
CA LEU B 91 15.07 62.41 -25.97
C LEU B 91 14.65 63.10 -24.68
N GLY B 92 15.54 63.90 -24.08
CA GLY B 92 15.23 64.55 -22.82
C GLY B 92 16.34 64.41 -21.80
N ASN B 93 15.99 63.96 -20.60
CA ASN B 93 16.93 63.75 -19.52
C ASN B 93 16.95 62.27 -19.18
N LYS B 94 18.01 61.82 -18.50
CA LYS B 94 18.31 60.40 -18.53
C LYS B 94 17.75 59.60 -17.36
N LEU B 95 17.84 60.12 -16.13
CA LEU B 95 17.52 59.40 -14.88
C LEU B 95 18.29 58.07 -14.82
N SER B 96 19.60 58.21 -14.70
CA SER B 96 20.48 57.04 -14.61
C SER B 96 20.52 56.58 -13.16
N VAL B 97 19.46 55.87 -12.75
CA VAL B 97 19.28 55.46 -11.36
C VAL B 97 20.01 54.14 -11.13
N SER B 98 20.50 53.94 -9.92
CA SER B 98 21.27 52.76 -9.57
C SER B 98 21.24 52.56 -8.07
N VAL B 99 22.03 51.59 -7.60
CA VAL B 99 22.44 51.44 -6.21
C VAL B 99 23.96 51.50 -6.24
N GLU B 100 24.58 52.05 -5.19
CA GLU B 100 26.02 51.92 -5.08
C GLU B 100 26.48 51.28 -3.79
N GLN B 101 25.59 51.01 -2.85
CA GLN B 101 25.95 50.32 -1.61
C GLN B 101 24.69 49.75 -0.98
N VAL B 102 24.76 48.50 -0.55
CA VAL B 102 23.73 47.89 0.29
C VAL B 102 24.39 47.48 1.61
N SER B 103 23.70 47.73 2.72
CA SER B 103 24.20 47.37 4.03
C SER B 103 23.08 46.76 4.83
N ILE B 104 23.44 45.83 5.71
CA ILE B 104 22.51 45.21 6.64
C ILE B 104 22.92 45.64 8.04
N ALA B 105 22.00 46.27 8.76
CA ALA B 105 22.23 46.60 10.14
C ALA B 105 21.83 45.44 11.03
N LYS B 106 22.50 45.32 12.17
CA LYS B 106 22.13 44.36 13.17
C LYS B 106 20.76 44.72 13.74
N PRO B 107 19.96 43.72 14.11
CA PRO B 107 18.55 43.99 14.49
C PRO B 107 18.43 44.80 15.78
N MET B 108 17.73 45.92 15.68
CA MET B 108 17.43 46.78 16.81
C MET B 108 15.92 46.98 16.87
N SER B 109 15.37 47.03 18.07
CA SER B 109 13.97 47.31 18.27
C SER B 109 13.78 48.71 18.80
N ASN B 110 12.56 49.22 18.64
CA ASN B 110 12.25 50.61 18.98
C ASN B 110 11.00 50.64 19.84
N ASP B 111 11.14 51.11 21.07
CA ASP B 111 10.01 51.20 21.99
C ASP B 111 9.87 52.62 22.55
N ALA B 116 13.94 57.98 19.11
CA ALA B 116 14.72 57.88 20.34
C ALA B 116 15.97 57.02 20.12
N VAL B 117 16.41 56.36 21.19
CA VAL B 117 17.55 55.44 21.13
C VAL B 117 16.99 54.02 21.07
N GLU B 118 17.72 53.13 20.41
CA GLU B 118 17.27 51.78 20.15
C GLU B 118 18.05 50.76 20.97
N ARG B 119 17.36 49.66 21.31
CA ARG B 119 17.94 48.58 22.10
C ARG B 119 18.28 47.41 21.19
N LYS B 120 19.12 46.51 21.72
CA LYS B 120 19.54 45.32 20.99
C LYS B 120 18.53 44.20 21.23
N VAL B 121 17.81 43.81 20.19
CA VAL B 121 16.91 42.66 20.27
C VAL B 121 17.69 41.39 19.95
N TYR B 122 17.58 40.42 20.82
CA TYR B 122 18.16 39.10 20.90
C TYR B 122 17.15 38.06 20.43
N PRO B 123 17.58 36.92 19.86
CA PRO B 123 16.62 36.01 19.22
C PRO B 123 15.70 35.27 20.18
N SER B 124 15.99 35.26 21.47
CA SER B 124 15.02 34.72 22.42
C SER B 124 13.82 35.64 22.54
N GLU B 125 14.00 36.94 22.30
CA GLU B 125 12.88 37.87 22.27
C GLU B 125 12.06 37.69 21.00
N SER B 126 12.65 37.16 19.94
CA SER B 126 11.91 36.91 18.71
C SER B 126 11.21 35.57 18.69
N ARG B 127 11.59 34.64 19.57
CA ARG B 127 10.88 33.37 19.62
C ARG B 127 9.58 33.49 20.41
N GLN B 128 9.60 34.25 21.50
CA GLN B 128 8.42 34.41 22.34
C GLN B 128 7.39 35.32 21.69
N ARG B 129 7.83 36.38 21.00
CA ARG B 129 6.90 37.23 20.27
C ARG B 129 6.36 36.57 19.02
N LEU B 130 6.98 35.46 18.59
CA LEU B 130 6.64 34.71 17.38
C LEU B 130 6.68 35.60 16.13
N THR B 131 7.74 36.39 16.04
CA THR B 131 8.01 37.27 14.91
C THR B 131 9.26 36.81 14.17
N SER B 132 9.65 37.59 13.17
CA SER B 132 10.79 37.28 12.33
C SER B 132 11.98 38.10 12.80
N TYR B 133 13.05 37.41 13.19
CA TYR B 133 14.26 38.05 13.70
C TYR B 133 15.00 38.74 12.57
N ARG B 134 14.75 40.03 12.37
CA ARG B 134 15.19 40.70 11.16
C ARG B 134 15.86 42.04 11.47
N GLY B 135 16.83 42.39 10.62
CA GLY B 135 17.52 43.65 10.72
C GLY B 135 17.26 44.53 9.51
N LYS B 136 17.54 45.82 9.62
CA LYS B 136 17.14 46.78 8.59
C LYS B 136 18.02 46.67 7.36
N LEU B 137 17.39 46.76 6.19
CA LEU B 137 18.06 46.62 4.90
C LEU B 137 18.22 48.01 4.29
N LEU B 138 19.44 48.54 4.33
CA LEU B 138 19.70 49.91 3.89
C LEU B 138 20.35 49.90 2.51
N LEU B 139 19.75 50.64 1.59
CA LEU B 139 20.24 50.81 0.22
C LEU B 139 20.38 52.29 -0.07
N LYS B 140 21.47 52.69 -0.73
CA LYS B 140 21.63 54.07 -1.17
C LYS B 140 21.63 54.13 -2.69
N LEU B 141 20.97 55.14 -3.22
CA LEU B 141 20.71 55.24 -4.65
C LEU B 141 21.57 56.33 -5.28
N LYS B 142 21.81 56.19 -6.57
CA LYS B 142 22.56 57.17 -7.35
C LYS B 142 21.58 57.75 -8.37
N TRP B 143 20.94 58.87 -8.00
CA TRP B 143 19.94 59.52 -8.85
C TRP B 143 20.66 60.50 -9.77
N SER B 144 21.22 59.95 -10.85
CA SER B 144 21.99 60.74 -11.81
C SER B 144 21.10 61.17 -12.98
N VAL B 145 21.23 62.42 -13.40
CA VAL B 145 20.47 62.97 -14.51
C VAL B 145 21.44 63.50 -15.56
N ASN B 146 21.05 63.33 -16.84
CA ASN B 146 21.84 63.71 -18.01
C ASN B 146 23.27 63.17 -17.95
N ASN B 147 23.35 61.83 -17.86
CA ASN B 147 24.60 61.07 -17.77
C ASN B 147 25.44 61.49 -16.56
N GLY B 148 24.78 61.92 -15.49
CA GLY B 148 25.47 62.26 -14.27
C GLY B 148 25.99 63.68 -14.17
N GLU B 149 25.14 64.66 -14.48
CA GLU B 149 25.48 66.05 -14.19
C GLU B 149 25.50 66.28 -12.68
N GLU B 150 24.44 65.87 -12.01
CA GLU B 150 24.36 65.91 -10.56
C GLU B 150 23.95 64.54 -10.05
N ASN B 151 24.20 64.30 -8.77
CA ASN B 151 23.84 63.04 -8.14
C ASN B 151 23.08 63.34 -6.87
N LEU B 152 22.02 62.56 -6.63
CA LEU B 152 21.14 62.79 -5.49
C LEU B 152 21.13 61.50 -4.67
N PHE B 153 22.08 61.37 -3.77
CA PHE B 153 22.20 60.17 -2.96
C PHE B 153 21.19 60.19 -1.82
N GLU B 154 20.58 59.04 -1.57
CA GLU B 154 19.63 58.91 -0.48
C GLU B 154 19.61 57.47 0.01
N VAL B 155 19.84 57.28 1.30
CA VAL B 155 19.84 55.96 1.92
C VAL B 155 18.40 55.60 2.30
N ARG B 156 17.93 54.45 1.86
CA ARG B 156 16.54 54.05 2.05
C ARG B 156 16.44 52.75 2.84
N ASP B 157 15.44 52.65 3.71
CA ASP B 157 15.19 51.42 4.44
C ASP B 157 14.24 50.53 3.63
N CYS B 158 14.80 49.47 3.06
CA CYS B 158 14.05 48.59 2.19
C CYS B 158 13.35 47.46 2.93
N GLY B 159 13.16 47.60 4.22
CA GLY B 159 12.45 46.61 5.02
C GLY B 159 13.37 45.97 6.03
N GLY B 160 12.81 44.99 6.74
CA GLY B 160 13.61 44.21 7.67
C GLY B 160 14.08 42.91 7.03
N LEU B 161 15.38 42.78 6.86
CA LEU B 161 15.93 41.56 6.27
C LEU B 161 16.12 40.52 7.35
N PRO B 162 15.53 39.32 7.22
CA PRO B 162 15.73 38.27 8.23
C PRO B 162 17.17 37.79 8.26
N VAL B 163 17.71 37.69 9.47
CA VAL B 163 19.11 37.40 9.72
C VAL B 163 19.20 36.06 10.41
N MET B 164 20.13 35.22 9.97
CA MET B 164 20.36 33.93 10.60
C MET B 164 21.32 34.06 11.79
N LEU B 165 21.19 33.11 12.72
CA LEU B 165 21.80 33.24 14.03
C LEU B 165 23.30 32.98 13.97
N GLN B 166 24.01 33.69 14.85
CA GLN B 166 25.46 33.60 15.04
C GLN B 166 26.25 33.90 13.77
N SER B 167 25.73 34.74 12.90
CA SER B 167 26.48 35.27 11.79
C SER B 167 27.04 36.63 12.16
N ASN B 168 27.58 37.35 11.17
CA ASN B 168 28.15 38.66 11.45
C ASN B 168 27.09 39.74 11.64
N ARG B 169 25.82 39.44 11.42
CA ARG B 169 24.74 40.39 11.65
C ARG B 169 23.78 39.90 12.72
N CYS B 170 24.16 38.90 13.49
CA CYS B 170 23.46 38.52 14.71
C CYS B 170 24.22 39.05 15.91
N HIS B 171 23.53 39.10 17.04
CA HIS B 171 24.15 39.58 18.27
C HIS B 171 24.83 38.48 19.05
N LEU B 172 24.72 37.23 18.59
CA LEU B 172 25.33 36.08 19.24
C LEU B 172 26.65 35.69 18.59
N ASN B 173 27.32 36.64 17.94
CA ASN B 173 28.40 36.30 17.02
C ASN B 173 29.64 35.84 17.78
N LYS B 174 30.24 36.72 18.57
CA LYS B 174 31.44 36.39 19.30
C LYS B 174 31.16 36.05 20.76
N MET B 175 29.90 35.77 21.08
CA MET B 175 29.54 35.51 22.47
C MET B 175 30.08 34.17 22.96
N SER B 176 30.62 34.21 24.17
CA SER B 176 31.05 33.04 24.88
C SER B 176 29.85 32.15 25.21
N PRO B 177 30.06 30.86 25.46
CA PRO B 177 28.97 30.02 25.98
C PRO B 177 28.47 30.42 27.37
N TYR B 178 29.21 31.25 28.10
CA TYR B 178 28.64 31.85 29.31
C TYR B 178 27.60 32.91 28.94
N GLU B 179 27.95 33.81 28.03
CA GLU B 179 27.06 34.90 27.65
C GLU B 179 25.93 34.46 26.74
N LEU B 180 26.00 33.26 26.18
CA LEU B 180 24.85 32.72 25.46
C LEU B 180 23.80 32.19 26.42
N VAL B 181 24.20 31.72 27.59
CA VAL B 181 23.23 31.33 28.62
C VAL B 181 22.62 32.58 29.26
N GLN B 182 23.43 33.63 29.43
CA GLN B 182 22.96 34.87 30.02
C GLN B 182 22.02 35.65 29.10
N HIS B 183 21.95 35.29 27.82
CA HIS B 183 20.97 35.85 26.89
C HIS B 183 20.02 34.76 26.42
N LYS B 184 19.72 33.82 27.33
CA LYS B 184 18.63 32.86 27.28
C LYS B 184 18.76 31.81 26.18
N GLU B 185 19.88 31.76 25.46
CA GLU B 185 19.84 31.07 24.17
C GLU B 185 19.99 29.56 24.30
N GLU B 186 21.21 29.10 24.58
CA GLU B 186 21.64 27.75 24.95
C GLU B 186 23.16 27.82 25.08
N SER B 187 23.74 26.85 25.80
CA SER B 187 25.16 26.88 26.10
C SER B 187 26.02 26.69 24.85
N ASP B 188 25.84 25.58 24.16
CA ASP B 188 26.62 25.28 22.96
C ASP B 188 25.74 25.40 21.72
N GLU B 189 24.93 26.46 21.69
CA GLU B 189 24.02 26.72 20.59
C GLU B 189 24.78 27.10 19.33
N ILE B 190 24.43 26.46 18.22
CA ILE B 190 25.02 26.73 16.92
C ILE B 190 23.98 27.42 16.06
N GLY B 191 24.44 28.28 15.17
CA GLY B 191 23.53 29.09 14.39
C GLY B 191 23.00 28.35 13.19
N GLY B 192 23.11 28.94 12.01
CA GLY B 192 22.80 28.27 10.78
C GLY B 192 21.42 28.60 10.23
N TYR B 193 20.46 28.83 11.10
CA TYR B 193 19.06 28.95 10.74
C TYR B 193 18.56 30.37 10.91
N PHE B 194 17.55 30.73 10.13
CA PHE B 194 16.82 31.96 10.29
C PHE B 194 15.69 31.75 11.29
N ILE B 195 15.04 32.84 11.68
CA ILE B 195 13.78 32.79 12.43
C ILE B 195 12.80 33.67 11.72
N VAL B 196 11.73 33.08 11.18
CA VAL B 196 10.71 33.79 10.42
C VAL B 196 9.36 33.44 11.03
N ASN B 197 8.70 34.46 11.61
CA ASN B 197 7.41 34.33 12.30
C ASN B 197 7.46 33.29 13.42
N GLY B 198 8.56 33.27 14.16
CA GLY B 198 8.74 32.34 15.25
C GLY B 198 9.15 30.94 14.85
N ILE B 199 9.06 30.60 13.56
CA ILE B 199 9.42 29.28 13.07
C ILE B 199 10.86 29.34 12.59
N GLU B 200 11.66 28.35 12.99
CA GLU B 200 13.08 28.31 12.65
C GLU B 200 13.22 27.70 11.27
N LYS B 201 13.19 28.54 10.25
CA LYS B 201 13.36 28.05 8.90
C LYS B 201 14.84 27.91 8.58
N LEU B 202 15.13 27.20 7.49
CA LEU B 202 16.50 26.93 7.08
C LEU B 202 16.50 26.63 5.60
N ILE B 203 17.32 27.36 4.86
CA ILE B 203 17.42 27.15 3.42
C ILE B 203 18.38 25.99 3.16
N ARG B 204 17.90 25.02 2.37
CA ARG B 204 18.67 23.80 2.15
C ARG B 204 19.84 24.04 1.19
N MET B 205 20.72 23.06 1.13
CA MET B 205 21.80 23.05 0.16
C MET B 205 21.42 22.21 -1.04
N LEU B 206 21.75 22.69 -2.22
CA LEU B 206 21.51 21.97 -3.46
C LEU B 206 22.85 21.58 -4.07
N ILE B 207 22.96 20.34 -4.50
CA ILE B 207 24.16 19.88 -5.18
C ILE B 207 23.99 20.15 -6.67
N VAL B 208 24.99 20.79 -7.27
CA VAL B 208 24.84 21.46 -8.56
C VAL B 208 26.14 21.26 -9.34
N GLN B 209 26.11 21.59 -10.63
CA GLN B 209 27.27 21.46 -11.50
C GLN B 209 28.42 22.36 -11.05
N ARG B 210 29.65 21.86 -11.22
CA ARG B 210 30.85 22.64 -10.88
C ARG B 210 30.92 23.92 -11.68
N ARG B 211 31.40 24.96 -11.04
CA ARG B 211 31.65 26.21 -11.73
C ARG B 211 32.87 26.08 -12.63
N ASN B 212 32.77 26.73 -13.79
CA ASN B 212 33.91 27.13 -14.61
C ASN B 212 34.67 25.94 -15.20
N HIS B 213 33.98 24.81 -15.40
CA HIS B 213 34.57 23.63 -16.02
C HIS B 213 33.60 23.14 -17.08
N PRO B 214 34.00 23.08 -18.35
CA PRO B 214 33.08 22.62 -19.39
C PRO B 214 32.97 21.11 -19.47
N MET B 215 31.89 20.54 -18.96
CA MET B 215 31.76 19.09 -19.01
C MET B 215 30.94 18.71 -20.24
N ALA B 216 31.43 17.73 -20.98
CA ALA B 216 30.80 17.28 -22.21
C ALA B 216 29.76 16.21 -21.87
N ILE B 217 28.51 16.49 -22.20
CA ILE B 217 27.39 15.70 -21.73
C ILE B 217 26.67 15.09 -22.93
N ILE B 218 26.30 13.83 -22.81
CA ILE B 218 25.36 13.18 -23.69
C ILE B 218 23.99 13.20 -23.02
N ARG B 219 23.03 13.86 -23.66
CA ARG B 219 21.65 13.88 -23.19
C ARG B 219 20.73 13.50 -24.35
N PRO B 220 19.79 12.58 -24.14
CA PRO B 220 18.74 12.36 -25.13
C PRO B 220 17.77 13.52 -25.25
N SER B 221 17.74 14.42 -24.27
CA SER B 221 16.91 15.62 -24.35
C SER B 221 17.51 16.68 -25.26
N PHE B 222 18.78 16.56 -25.62
CA PHE B 222 19.35 17.47 -26.62
C PHE B 222 18.78 17.18 -28.01
N ALA B 223 18.37 15.94 -28.26
CA ALA B 223 17.76 15.57 -29.52
C ALA B 223 16.28 15.91 -29.58
N ASN B 224 15.71 16.44 -28.50
CA ASN B 224 14.33 16.91 -28.50
C ASN B 224 14.23 18.40 -28.80
N ARG B 225 15.32 19.01 -29.24
CA ARG B 225 15.31 20.42 -29.60
C ARG B 225 14.85 20.65 -31.03
N GLY B 226 14.64 19.59 -31.80
CA GLY B 226 14.16 19.74 -33.16
C GLY B 226 14.97 18.97 -34.19
N ALA B 227 15.06 19.53 -35.39
CA ALA B 227 15.71 18.85 -36.49
C ALA B 227 17.23 18.94 -36.37
N SER B 228 17.89 17.83 -36.72
CA SER B 228 19.34 17.68 -36.89
C SER B 228 20.14 17.83 -35.60
N TYR B 229 19.50 17.98 -34.45
CA TYR B 229 20.23 18.04 -33.19
C TYR B 229 20.76 16.67 -32.80
N SER B 230 22.01 16.65 -32.34
CA SER B 230 22.58 15.43 -31.81
C SER B 230 22.25 15.29 -30.34
N HIS B 231 22.60 14.16 -29.77
CA HIS B 231 22.58 13.97 -28.34
C HIS B 231 23.87 14.42 -27.68
N TYR B 232 24.82 14.93 -28.46
CA TYR B 232 26.10 15.41 -27.95
C TYR B 232 26.04 16.91 -27.69
N GLY B 233 26.89 17.37 -26.78
CA GLY B 233 26.96 18.77 -26.46
C GLY B 233 27.85 18.98 -25.27
N ILE B 234 28.14 20.26 -25.00
CA ILE B 234 29.03 20.63 -23.91
C ILE B 234 28.30 21.66 -23.06
N GLN B 235 28.70 21.79 -21.80
CA GLN B 235 27.95 22.61 -20.85
C GLN B 235 28.84 23.11 -19.74
N ILE B 236 28.84 24.43 -19.56
CA ILE B 236 29.64 25.11 -18.55
C ILE B 236 28.68 25.89 -17.65
N ARG B 237 29.03 26.03 -16.37
CA ARG B 237 28.21 26.81 -15.44
C ARG B 237 29.10 27.94 -14.92
N SER B 238 29.12 29.05 -15.65
CA SER B 238 29.99 30.17 -15.32
C SER B 238 29.35 31.03 -14.23
N VAL B 239 30.06 31.21 -13.13
CA VAL B 239 29.55 32.01 -12.02
C VAL B 239 30.28 33.36 -12.01
N ARG B 240 29.56 34.40 -11.66
CA ARG B 240 30.12 35.73 -11.60
C ARG B 240 30.80 35.90 -10.25
N PRO B 241 31.62 36.96 -10.07
CA PRO B 241 32.15 37.24 -8.73
C PRO B 241 31.12 37.61 -7.67
N ASP B 242 29.85 37.86 -8.03
CA ASP B 242 28.80 37.95 -7.02
C ASP B 242 28.05 36.65 -6.84
N GLN B 243 28.64 35.53 -7.30
CA GLN B 243 28.14 34.17 -7.12
C GLN B 243 26.79 33.95 -7.77
N THR B 244 26.63 34.43 -8.99
CA THR B 244 25.43 34.24 -9.78
C THR B 244 25.81 33.53 -11.07
N SER B 245 25.07 32.49 -11.42
CA SER B 245 25.49 31.58 -12.48
C SER B 245 24.88 31.97 -13.82
N GLN B 246 25.49 31.43 -14.88
CA GLN B 246 24.94 31.56 -16.23
C GLN B 246 25.50 30.41 -17.06
N THR B 247 24.64 29.46 -17.45
CA THR B 247 25.07 28.35 -18.28
C THR B 247 25.21 28.76 -19.73
N ASN B 248 26.14 28.12 -20.42
CA ASN B 248 26.38 28.35 -21.84
C ASN B 248 26.59 26.99 -22.49
N VAL B 249 25.52 26.44 -23.07
CA VAL B 249 25.53 25.10 -23.65
C VAL B 249 25.83 25.21 -25.14
N LEU B 250 26.82 24.46 -25.61
CA LEU B 250 27.08 24.32 -27.03
C LEU B 250 26.49 23.01 -27.50
N HIS B 251 25.59 23.06 -28.46
CA HIS B 251 25.07 21.85 -29.07
C HIS B 251 25.86 21.51 -30.32
N TYR B 252 25.83 20.24 -30.69
CA TYR B 252 26.32 19.78 -31.98
C TYR B 252 25.13 19.40 -32.84
N LEU B 253 25.05 19.96 -34.02
CA LEU B 253 24.01 19.61 -34.98
C LEU B 253 24.57 18.59 -35.97
N ASN B 254 23.73 17.65 -36.37
CA ASN B 254 24.18 16.58 -37.25
C ASN B 254 24.52 17.06 -38.65
N ASP B 255 24.07 18.25 -39.03
CA ASP B 255 24.55 18.89 -40.25
C ASP B 255 26.04 19.19 -40.18
N GLY B 256 26.52 19.63 -39.02
CA GLY B 256 27.94 19.87 -38.85
C GLY B 256 28.25 21.19 -38.18
N GLN B 257 27.23 22.00 -37.99
CA GLN B 257 27.37 23.30 -37.34
C GLN B 257 27.04 23.18 -35.85
N VAL B 258 27.54 24.13 -35.07
CA VAL B 258 27.35 24.12 -33.63
C VAL B 258 26.65 25.39 -33.19
N THR B 259 25.92 25.29 -32.09
CA THR B 259 24.98 26.33 -31.67
C THR B 259 25.20 26.67 -30.20
N PHE B 260 25.45 27.94 -29.94
CA PHE B 260 25.54 28.46 -28.58
C PHE B 260 24.13 28.64 -28.04
N ARG B 261 23.82 27.96 -26.94
CA ARG B 261 22.52 28.12 -26.30
C ARG B 261 22.72 28.79 -24.95
N PHE B 262 21.85 29.75 -24.63
CA PHE B 262 21.85 30.37 -23.32
C PHE B 262 20.42 30.65 -22.90
N SER B 263 20.26 31.31 -21.77
CA SER B 263 18.96 31.67 -21.21
C SER B 263 19.10 33.02 -20.54
N TRP B 264 18.15 33.92 -20.78
CA TRP B 264 18.17 35.22 -20.12
C TRP B 264 16.94 35.49 -19.28
N ARG B 265 15.76 35.12 -19.76
CA ARG B 265 14.56 35.03 -18.98
C ARG B 265 14.21 33.54 -18.99
N LYS B 266 12.98 33.21 -18.70
CA LYS B 266 12.61 31.80 -18.63
C LYS B 266 12.44 31.14 -20.03
N ASN B 267 13.00 31.71 -21.10
CA ASN B 267 13.02 31.10 -22.42
C ASN B 267 14.44 31.04 -22.96
N GLU B 268 14.68 30.12 -23.88
CA GLU B 268 16.02 29.83 -24.39
C GLU B 268 16.32 30.69 -25.62
N TYR B 269 17.61 30.75 -25.98
CA TYR B 269 18.06 31.50 -27.15
C TYR B 269 19.22 30.77 -27.81
N LEU B 270 19.22 30.75 -29.13
CA LEU B 270 20.14 29.95 -29.93
C LEU B 270 20.93 30.86 -30.86
N VAL B 271 22.26 30.79 -30.80
CA VAL B 271 23.13 31.62 -31.62
C VAL B 271 24.21 30.73 -32.25
N PRO B 272 24.51 30.88 -33.55
CA PRO B 272 25.71 30.21 -34.09
C PRO B 272 26.98 30.79 -33.49
N VAL B 273 27.91 29.90 -33.14
CA VAL B 273 29.03 30.33 -32.30
C VAL B 273 30.11 31.06 -33.07
N VAL B 274 30.09 30.99 -34.40
CA VAL B 274 31.05 31.75 -35.20
C VAL B 274 30.74 33.23 -35.10
N MET B 275 29.46 33.56 -34.90
CA MET B 275 29.06 34.93 -34.61
C MET B 275 29.62 35.40 -33.29
N ILE B 276 29.77 34.51 -32.32
CA ILE B 276 30.35 34.88 -31.04
C ILE B 276 31.87 34.94 -31.14
N LEU B 277 32.49 34.01 -31.86
CA LEU B 277 33.95 33.98 -31.96
C LEU B 277 34.51 35.15 -32.75
N LYS B 278 33.69 35.81 -33.57
CA LYS B 278 34.12 37.01 -34.26
C LYS B 278 33.69 38.27 -33.55
N ALA B 279 32.81 38.17 -32.55
CA ALA B 279 32.39 39.32 -31.75
C ALA B 279 33.17 39.46 -30.45
N LEU B 280 33.76 38.39 -29.93
CA LEU B 280 34.53 38.51 -28.69
C LEU B 280 35.82 39.29 -28.91
N CYS B 281 36.54 38.99 -29.98
CA CYS B 281 37.74 39.76 -30.28
C CYS B 281 37.92 39.81 -31.79
N HIS B 282 38.85 40.65 -32.23
CA HIS B 282 39.12 40.86 -33.64
C HIS B 282 39.95 39.71 -34.16
N THR B 283 39.30 38.79 -34.86
CA THR B 283 39.94 37.58 -35.33
C THR B 283 40.08 37.59 -36.85
N SER B 284 40.98 36.74 -37.32
CA SER B 284 40.98 36.32 -38.70
C SER B 284 40.09 35.09 -38.80
N ASP B 285 40.06 34.44 -39.96
CA ASP B 285 39.32 33.20 -40.07
C ASP B 285 40.24 31.98 -39.97
N ARG B 286 41.54 32.19 -40.15
CA ARG B 286 42.51 31.13 -39.85
C ARG B 286 42.80 31.08 -38.36
N GLU B 287 42.62 32.18 -37.64
CA GLU B 287 42.72 32.18 -36.18
C GLU B 287 41.60 31.35 -35.56
N ILE B 288 40.43 31.33 -36.20
CA ILE B 288 39.38 30.40 -35.80
C ILE B 288 39.77 28.98 -36.16
N PHE B 289 40.44 28.81 -37.31
CA PHE B 289 40.88 27.48 -37.76
C PHE B 289 41.97 26.93 -36.85
N ASP B 290 43.01 27.71 -36.62
CA ASP B 290 44.21 27.22 -35.94
C ASP B 290 44.10 27.25 -34.42
N GLY B 291 42.93 27.48 -33.86
CA GLY B 291 42.80 27.41 -32.42
C GLY B 291 41.95 26.23 -32.01
N ILE B 292 41.11 25.76 -32.92
CA ILE B 292 40.46 24.47 -32.75
C ILE B 292 41.35 23.34 -33.26
N ILE B 293 42.04 23.57 -34.36
CA ILE B 293 43.09 22.66 -34.81
C ILE B 293 44.37 22.99 -34.06
N GLY B 294 45.04 21.98 -33.55
CA GLY B 294 46.37 22.20 -33.02
C GLY B 294 47.39 22.07 -34.13
N ASN B 295 48.30 21.13 -34.00
CA ASN B 295 49.16 20.74 -35.10
C ASN B 295 48.63 19.55 -35.88
N ASP B 296 47.39 19.13 -35.60
CA ASP B 296 46.80 17.95 -36.24
C ASP B 296 45.85 18.38 -37.34
N VAL B 297 46.44 18.73 -38.49
CA VAL B 297 45.67 19.07 -39.67
C VAL B 297 45.34 17.81 -40.49
N LYS B 298 46.16 16.77 -40.36
CA LYS B 298 45.94 15.52 -41.07
C LYS B 298 44.73 14.74 -40.55
N ASP B 299 44.22 15.07 -39.37
CA ASP B 299 43.01 14.45 -38.85
C ASP B 299 41.83 15.00 -39.65
N SER B 300 41.42 14.26 -40.68
CA SER B 300 40.36 14.71 -41.58
C SER B 300 38.97 14.65 -40.97
N PHE B 301 38.81 14.14 -39.74
CA PHE B 301 37.57 14.35 -39.02
C PHE B 301 37.39 15.83 -38.72
N LEU B 302 38.42 16.45 -38.13
CA LEU B 302 38.31 17.80 -37.60
C LEU B 302 38.17 18.83 -38.71
N THR B 303 39.00 18.72 -39.75
CA THR B 303 39.06 19.73 -40.81
C THR B 303 37.78 19.75 -41.62
N ASP B 304 37.12 18.59 -41.78
CA ASP B 304 35.87 18.55 -42.53
C ASP B 304 34.73 19.17 -41.74
N ARG B 305 34.66 18.90 -40.44
CA ARG B 305 33.60 19.50 -39.63
C ARG B 305 33.83 20.99 -39.41
N LEU B 306 35.06 21.46 -39.56
CA LEU B 306 35.38 22.87 -39.43
C LEU B 306 35.19 23.61 -40.74
N GLU B 307 35.28 22.89 -41.86
CA GLU B 307 34.80 23.39 -43.15
C GLU B 307 33.33 23.76 -43.10
N LEU B 308 32.50 22.83 -42.60
CA LEU B 308 31.06 23.01 -42.53
C LEU B 308 30.67 24.13 -41.57
N LEU B 309 31.50 24.39 -40.57
CA LEU B 309 31.20 25.43 -39.59
C LEU B 309 31.52 26.81 -40.14
N LEU B 310 32.67 26.95 -40.79
CA LEU B 310 33.16 28.26 -41.18
C LEU B 310 32.66 28.71 -42.54
N ARG B 311 32.17 27.81 -43.38
CA ARG B 311 31.50 28.24 -44.60
C ARG B 311 30.01 28.37 -44.43
N GLY B 312 29.41 27.68 -43.46
CA GLY B 312 28.00 27.85 -43.21
C GLY B 312 27.67 29.19 -42.59
N PHE B 313 28.64 29.81 -41.92
CA PHE B 313 28.47 31.16 -41.41
C PHE B 313 28.53 32.18 -42.54
N LYS B 314 29.45 31.98 -43.49
CA LYS B 314 29.51 32.89 -44.63
C LYS B 314 28.36 32.67 -45.60
N LYS B 315 27.83 31.45 -45.66
CA LYS B 315 26.64 31.20 -46.47
C LYS B 315 25.42 31.89 -45.87
N ARG B 316 25.21 31.73 -44.56
CA ARG B 316 24.04 32.30 -43.90
C ARG B 316 24.18 33.81 -43.71
N TYR B 317 25.38 34.29 -43.39
CA TYR B 317 25.62 35.70 -43.12
C TYR B 317 26.68 36.20 -44.10
N PRO B 318 26.28 36.58 -45.32
CA PRO B 318 27.27 37.08 -46.30
C PRO B 318 27.79 38.45 -45.96
N HIS B 319 27.08 39.21 -45.12
CA HIS B 319 27.57 40.42 -44.49
C HIS B 319 28.38 40.04 -43.25
N LEU B 320 28.57 40.98 -42.32
CA LEU B 320 29.19 40.74 -41.02
C LEU B 320 30.65 40.31 -41.18
N GLN B 321 31.43 41.17 -41.80
CA GLN B 321 32.79 40.82 -42.17
C GLN B 321 33.82 41.11 -41.10
N ASN B 322 33.46 41.85 -40.04
CA ASN B 322 34.38 42.11 -38.96
C ASN B 322 33.60 42.11 -37.64
N ARG B 323 34.30 42.48 -36.56
CA ARG B 323 33.71 42.41 -35.23
C ARG B 323 32.62 43.45 -35.05
N THR B 324 32.90 44.71 -35.40
CA THR B 324 31.98 45.81 -35.16
C THR B 324 30.74 45.77 -36.03
N GLN B 325 30.69 44.92 -37.06
CA GLN B 325 29.48 44.74 -37.83
C GLN B 325 28.70 43.50 -37.40
N VAL B 326 29.40 42.48 -36.89
CA VAL B 326 28.76 41.40 -36.16
C VAL B 326 28.07 41.94 -34.92
N LEU B 327 28.78 42.77 -34.17
CA LEU B 327 28.36 43.19 -32.84
C LEU B 327 27.16 44.13 -32.89
N GLN B 328 26.91 44.75 -34.04
CA GLN B 328 25.67 45.50 -34.23
C GLN B 328 24.51 44.59 -34.61
N TYR B 329 24.80 43.52 -35.35
CA TYR B 329 23.76 42.54 -35.66
C TYR B 329 23.34 41.79 -34.41
N LEU B 330 24.29 41.50 -33.52
CA LEU B 330 23.98 40.82 -32.27
C LEU B 330 23.28 41.76 -31.30
N GLY B 331 23.43 43.06 -31.47
CA GLY B 331 22.74 44.01 -30.61
C GLY B 331 21.35 44.35 -31.09
N ASP B 332 21.15 44.35 -32.40
CA ASP B 332 19.84 44.69 -32.96
C ASP B 332 18.83 43.58 -32.73
N LYS B 333 19.29 42.34 -32.62
CA LYS B 333 18.38 41.22 -32.41
C LYS B 333 18.04 40.99 -30.95
N PHE B 334 18.90 41.43 -30.03
CA PHE B 334 18.68 41.25 -28.60
C PHE B 334 18.35 42.55 -27.89
N ARG B 335 17.91 43.56 -28.63
CA ARG B 335 17.67 44.87 -28.02
C ARG B 335 16.34 44.88 -27.25
N VAL B 336 15.34 44.18 -27.77
CA VAL B 336 14.03 44.16 -27.12
C VAL B 336 14.06 43.28 -25.87
N VAL B 337 14.91 42.27 -25.84
CA VAL B 337 14.89 41.31 -24.75
C VAL B 337 15.84 41.71 -23.61
N PHE B 338 16.92 42.41 -23.92
CA PHE B 338 17.83 42.88 -22.89
C PHE B 338 17.44 44.24 -22.33
N GLN B 339 16.25 44.73 -22.69
CA GLN B 339 15.64 45.94 -22.14
C GLN B 339 16.55 47.15 -22.30
N ALA B 340 17.09 47.30 -23.50
CA ALA B 340 18.08 48.33 -23.75
C ALA B 340 17.45 49.72 -23.78
N SER B 341 18.28 50.71 -23.62
CA SER B 341 17.92 52.10 -23.66
C SER B 341 18.00 52.64 -25.08
N PRO B 342 17.25 53.70 -25.39
CA PRO B 342 17.46 54.39 -26.66
C PRO B 342 18.80 55.11 -26.77
N ASP B 343 19.48 55.36 -25.64
CA ASP B 343 20.79 56.00 -25.72
C ASP B 343 21.85 55.03 -26.25
N GLN B 344 21.67 53.74 -26.01
CA GLN B 344 22.66 52.75 -26.40
C GLN B 344 22.52 52.37 -27.86
N SER B 345 23.61 52.49 -28.61
CA SER B 345 23.67 52.01 -29.98
C SER B 345 23.69 50.49 -30.02
N ASP B 346 23.70 49.94 -31.23
CA ASP B 346 23.78 48.49 -31.36
C ASP B 346 25.20 47.99 -31.16
N LEU B 347 26.21 48.83 -31.40
CA LEU B 347 27.59 48.45 -31.11
C LEU B 347 27.82 48.31 -29.61
N GLU B 348 27.26 49.21 -28.81
CA GLU B 348 27.50 49.20 -27.38
C GLU B 348 26.40 48.48 -26.60
N VAL B 349 25.40 47.92 -27.27
CA VAL B 349 24.53 46.94 -26.63
C VAL B 349 24.91 45.53 -27.04
N GLY B 350 25.71 45.37 -28.10
CA GLY B 350 26.25 44.07 -28.43
C GLY B 350 27.27 43.58 -27.43
N GLN B 351 28.07 44.50 -26.87
CA GLN B 351 28.97 44.12 -25.78
C GLN B 351 28.19 43.86 -24.49
N GLU B 352 27.02 44.48 -24.34
CA GLU B 352 26.13 44.17 -23.24
C GLU B 352 25.55 42.76 -23.35
N VAL B 353 25.54 42.20 -24.56
CA VAL B 353 25.18 40.79 -24.71
C VAL B 353 26.30 39.90 -24.20
N LEU B 354 27.54 40.21 -24.59
CA LEU B 354 28.65 39.31 -24.31
C LEU B 354 29.07 39.36 -22.84
N ASP B 355 28.85 40.48 -22.17
CA ASP B 355 29.29 40.61 -20.79
C ASP B 355 28.38 39.89 -19.82
N ARG B 356 27.09 39.78 -20.14
CA ARG B 356 26.13 39.19 -19.23
C ARG B 356 25.77 37.76 -19.58
N ILE B 357 26.27 37.23 -20.70
CA ILE B 357 25.88 35.91 -21.15
C ILE B 357 27.10 35.01 -21.35
N VAL B 358 28.00 35.42 -22.25
CA VAL B 358 28.98 34.50 -22.81
C VAL B 358 30.11 34.36 -21.80
N LEU B 359 30.06 33.29 -20.99
CA LEU B 359 31.14 32.84 -20.11
C LEU B 359 31.54 33.92 -19.11
N VAL B 360 30.58 34.21 -18.22
CA VAL B 360 30.67 35.36 -17.33
C VAL B 360 31.71 35.22 -16.23
N HIS B 361 32.32 34.05 -16.04
CA HIS B 361 33.36 33.94 -15.05
C HIS B 361 34.67 34.57 -15.48
N LEU B 362 34.83 34.86 -16.77
CA LEU B 362 35.95 35.70 -17.17
C LEU B 362 35.64 37.16 -16.89
N GLY B 363 34.37 37.52 -16.88
CA GLY B 363 33.95 38.87 -16.57
C GLY B 363 34.24 39.85 -17.69
N LYS B 364 33.83 41.09 -17.46
CA LYS B 364 34.14 42.19 -18.36
C LYS B 364 35.65 42.42 -18.38
N ASP B 365 36.14 42.87 -19.54
CA ASP B 365 37.58 43.03 -19.84
C ASP B 365 38.29 41.68 -19.71
N GLY B 366 37.66 40.66 -20.27
CA GLY B 366 38.24 39.33 -20.38
C GLY B 366 37.88 38.72 -21.72
N SER B 367 37.74 39.57 -22.73
CA SER B 367 37.27 39.12 -24.05
C SER B 367 38.33 38.30 -24.78
N GLN B 368 39.61 38.54 -24.51
CA GLN B 368 40.65 37.70 -25.08
C GLN B 368 40.59 36.29 -24.52
N ASP B 369 40.26 36.15 -23.24
CA ASP B 369 40.24 34.86 -22.56
C ASP B 369 38.92 34.14 -22.71
N LYS B 370 37.83 34.85 -22.99
CA LYS B 370 36.61 34.19 -23.42
C LYS B 370 36.78 33.58 -24.81
N PHE B 371 37.64 34.18 -25.63
CA PHE B 371 37.88 33.66 -26.97
C PHE B 371 38.67 32.37 -26.92
N ARG B 372 39.68 32.28 -26.05
CA ARG B 372 40.45 31.05 -25.94
C ARG B 372 39.66 29.92 -25.31
N MET B 373 38.59 30.23 -24.58
CA MET B 373 37.86 29.21 -23.86
C MET B 373 36.75 28.59 -24.70
N LEU B 374 36.08 29.37 -25.56
CA LEU B 374 35.20 28.78 -26.54
C LEU B 374 35.96 27.97 -27.57
N LEU B 375 37.17 28.40 -27.91
CA LEU B 375 38.04 27.63 -28.81
C LEU B 375 38.46 26.32 -28.18
N PHE B 376 38.50 26.26 -26.84
CA PHE B 376 38.67 25.01 -26.12
C PHE B 376 37.41 24.17 -26.15
N MET B 377 36.24 24.81 -26.11
CA MET B 377 34.98 24.09 -25.97
C MET B 377 34.48 23.53 -27.30
N ILE B 378 34.84 24.13 -28.43
CA ILE B 378 34.49 23.54 -29.72
C ILE B 378 35.30 22.26 -29.95
N ARG B 379 36.60 22.31 -29.63
CA ARG B 379 37.47 21.16 -29.87
C ARG B 379 37.14 20.02 -28.92
N LYS B 380 36.75 20.31 -27.69
CA LYS B 380 36.27 19.26 -26.80
C LYS B 380 34.93 18.71 -27.27
N LEU B 381 34.14 19.52 -27.96
CA LEU B 381 32.91 19.02 -28.56
C LEU B 381 33.20 18.19 -29.81
N TYR B 382 34.15 18.63 -30.63
CA TYR B 382 34.55 17.85 -31.78
C TYR B 382 35.30 16.58 -31.39
N SER B 383 35.92 16.55 -30.22
CA SER B 383 36.55 15.34 -29.71
C SER B 383 35.60 14.46 -28.92
N LEU B 384 34.37 14.92 -28.67
CA LEU B 384 33.34 14.05 -28.13
C LEU B 384 32.60 13.30 -29.21
N VAL B 385 32.25 13.99 -30.31
CA VAL B 385 31.57 13.33 -31.42
C VAL B 385 32.52 12.47 -32.23
N ALA B 386 33.83 12.69 -32.11
CA ALA B 386 34.79 11.79 -32.72
C ALA B 386 34.94 10.49 -31.95
N GLY B 387 34.46 10.46 -30.72
CA GLY B 387 34.62 9.29 -29.88
C GLY B 387 35.92 9.24 -29.11
N GLU B 388 36.74 10.30 -29.18
CA GLU B 388 38.02 10.29 -28.47
C GLU B 388 37.88 10.55 -26.98
N CYS B 389 36.68 10.78 -26.48
CA CYS B 389 36.47 11.15 -25.09
C CYS B 389 35.22 10.47 -24.56
N SER B 390 35.15 10.40 -23.33
CA SER B 390 34.00 9.90 -22.62
C SER B 390 33.11 11.05 -22.17
N PRO B 391 31.80 10.86 -22.12
CA PRO B 391 30.92 11.91 -21.59
C PRO B 391 31.11 12.03 -20.09
N ASP B 392 31.29 13.26 -19.63
CA ASP B 392 31.43 13.53 -18.20
C ASP B 392 30.08 13.34 -17.53
N ASN B 393 30.03 12.46 -16.54
CA ASN B 393 28.79 12.09 -15.88
C ASN B 393 28.30 13.24 -15.02
N PRO B 394 27.12 13.80 -15.28
CA PRO B 394 26.61 14.87 -14.42
C PRO B 394 26.15 14.37 -13.07
N ASP B 395 25.88 13.08 -12.92
CA ASP B 395 25.36 12.54 -11.68
C ASP B 395 26.44 12.14 -10.70
N ALA B 396 27.67 11.90 -11.18
CA ALA B 396 28.78 11.62 -10.29
C ALA B 396 29.17 12.88 -9.54
N THR B 397 29.63 12.71 -8.30
CA THR B 397 30.01 13.86 -7.49
C THR B 397 31.40 14.38 -7.82
N GLN B 398 32.07 13.79 -8.81
CA GLN B 398 33.26 14.40 -9.39
C GLN B 398 32.95 15.77 -9.97
N HIS B 399 31.85 15.87 -10.71
CA HIS B 399 31.44 17.11 -11.38
C HIS B 399 30.32 17.82 -10.65
N GLN B 400 30.34 17.80 -9.32
CA GLN B 400 29.29 18.42 -8.51
C GLN B 400 29.86 19.53 -7.64
N GLU B 401 28.95 20.32 -7.08
CA GLU B 401 29.22 21.61 -6.44
C GLU B 401 28.00 21.92 -5.59
N VAL B 402 28.19 22.72 -4.54
CA VAL B 402 27.15 22.94 -3.54
C VAL B 402 26.72 24.40 -3.57
N LEU B 403 25.41 24.64 -3.65
CA LEU B 403 24.87 25.95 -3.24
C LEU B 403 24.65 25.96 -1.75
N LEU B 404 25.04 27.05 -1.10
CA LEU B 404 25.16 27.04 0.35
C LEU B 404 23.96 27.62 1.06
N GLY B 405 23.03 28.25 0.34
CA GLY B 405 21.86 28.84 0.97
C GLY B 405 22.06 30.25 1.44
N GLY B 406 23.28 30.62 1.80
CA GLY B 406 23.56 32.02 2.11
C GLY B 406 24.03 32.72 0.86
N PHE B 407 24.60 31.96 -0.09
CA PHE B 407 24.92 32.56 -1.38
C PHE B 407 23.66 32.67 -2.24
N LEU B 408 22.76 31.69 -2.15
CA LEU B 408 21.46 31.79 -2.79
C LEU B 408 20.63 32.93 -2.20
N TYR B 409 20.86 33.24 -0.93
CA TYR B 409 20.13 34.33 -0.28
C TYR B 409 20.56 35.68 -0.82
N GLY B 410 21.79 35.78 -1.33
CA GLY B 410 22.26 36.99 -1.98
C GLY B 410 22.00 36.98 -3.47
N MET B 411 21.81 35.79 -4.04
CA MET B 411 21.36 35.69 -5.41
C MET B 411 19.94 36.22 -5.56
N ILE B 412 19.06 35.85 -4.63
CA ILE B 412 17.68 36.35 -4.68
C ILE B 412 17.63 37.81 -4.25
N LEU B 413 18.55 38.26 -3.41
CA LEU B 413 18.51 39.65 -2.95
C LEU B 413 19.06 40.58 -3.99
N LYS B 414 19.95 40.10 -4.86
CA LYS B 414 20.35 40.87 -6.02
C LYS B 414 19.17 41.11 -6.96
N GLU B 415 18.34 40.09 -7.17
CA GLU B 415 17.22 40.24 -8.09
C GLU B 415 16.10 41.09 -7.50
N LYS B 416 15.92 41.07 -6.18
CA LYS B 416 14.89 41.92 -5.59
C LYS B 416 15.33 43.38 -5.50
N ILE B 417 16.62 43.66 -5.59
CA ILE B 417 17.05 45.05 -5.71
C ILE B 417 17.37 45.31 -7.18
N ASP B 418 17.05 44.34 -8.03
CA ASP B 418 17.00 44.55 -9.47
C ASP B 418 15.58 44.86 -9.90
N GLU B 419 14.60 44.16 -9.33
CA GLU B 419 13.20 44.52 -9.52
C GLU B 419 12.89 45.87 -8.89
N TYR B 420 13.58 46.21 -7.80
CA TYR B 420 13.43 47.52 -7.17
C TYR B 420 13.88 48.66 -8.07
N LEU B 421 14.99 48.46 -8.79
CA LEU B 421 15.43 49.47 -9.74
C LEU B 421 14.56 49.54 -11.00
N GLN B 422 13.65 48.59 -11.19
CA GLN B 422 12.75 48.61 -12.32
C GLN B 422 11.36 49.10 -11.97
N ASN B 423 10.93 48.96 -10.71
CA ASN B 423 9.65 49.53 -10.31
C ASN B 423 9.73 51.04 -10.10
N ILE B 424 10.92 51.58 -9.88
CA ILE B 424 11.06 53.03 -9.71
C ILE B 424 11.41 53.66 -11.06
N ILE B 425 11.27 52.87 -12.12
CA ILE B 425 11.26 53.38 -13.49
C ILE B 425 9.93 53.11 -14.18
N ALA B 426 9.32 51.95 -13.91
CA ALA B 426 7.94 51.70 -14.36
C ALA B 426 6.94 52.64 -13.68
N GLN B 427 7.29 53.23 -12.54
CA GLN B 427 6.50 54.31 -11.96
C GLN B 427 6.75 55.62 -12.69
N VAL B 428 7.99 55.87 -13.13
CA VAL B 428 8.27 57.02 -13.98
C VAL B 428 7.61 56.84 -15.34
N ARG B 429 7.61 55.61 -15.86
CA ARG B 429 6.98 55.32 -17.14
C ARG B 429 5.47 55.50 -17.05
N MET B 430 4.88 55.17 -15.91
CA MET B 430 3.48 55.50 -15.66
C MET B 430 3.28 57.01 -15.57
N ASP B 431 4.31 57.73 -15.15
CA ASP B 431 4.20 59.17 -14.93
C ASP B 431 4.43 59.97 -16.21
N ILE B 432 5.17 59.39 -17.17
CA ILE B 432 5.40 60.06 -18.46
C ILE B 432 4.09 60.19 -19.24
N ASN B 433 3.37 59.08 -19.39
CA ASN B 433 2.18 59.07 -20.24
C ASN B 433 1.00 59.73 -19.56
N ARG B 434 0.76 59.40 -18.30
CA ARG B 434 -0.44 59.88 -17.61
C ARG B 434 -0.31 61.34 -17.20
N GLY B 435 0.79 61.69 -16.51
CA GLY B 435 0.96 63.02 -15.97
C GLY B 435 1.97 63.85 -16.74
N MET B 436 2.25 65.03 -16.19
CA MET B 436 3.21 65.96 -16.79
C MET B 436 4.18 66.56 -15.79
N ALA B 437 3.84 66.63 -14.49
CA ALA B 437 4.70 67.26 -13.49
C ALA B 437 5.89 66.38 -13.20
N ILE B 438 6.92 66.53 -14.05
CA ILE B 438 8.11 65.70 -13.99
C ILE B 438 9.34 66.58 -14.15
N ASN B 439 10.20 66.58 -13.15
CA ASN B 439 11.54 67.17 -13.24
C ASN B 439 12.50 66.13 -12.67
N PHE B 440 13.38 65.62 -13.53
CA PHE B 440 14.34 64.62 -13.07
C PHE B 440 15.38 65.23 -12.14
N LYS B 441 15.70 66.51 -12.33
CA LYS B 441 16.69 67.18 -11.50
C LYS B 441 16.15 67.62 -10.15
N ASP B 442 14.85 67.40 -9.89
CA ASP B 442 14.20 67.95 -8.70
C ASP B 442 14.38 66.98 -7.53
N LYS B 443 14.79 67.53 -6.38
CA LYS B 443 14.82 66.75 -5.16
C LYS B 443 13.42 66.34 -4.73
N ARG B 444 12.44 67.23 -4.92
CA ARG B 444 11.08 66.95 -4.51
C ARG B 444 10.40 65.93 -5.40
N TYR B 445 10.82 65.80 -6.65
CA TYR B 445 10.26 64.76 -7.50
C TYR B 445 10.85 63.39 -7.20
N MET B 446 12.09 63.36 -6.71
CA MET B 446 12.67 62.11 -6.23
C MET B 446 11.89 61.55 -5.05
N SER B 447 11.44 62.44 -4.16
CA SER B 447 10.68 62.01 -3.00
C SER B 447 9.30 61.51 -3.40
N ARG B 448 8.72 62.05 -4.46
CA ARG B 448 7.35 61.68 -4.83
C ARG B 448 7.31 60.35 -5.56
N VAL B 449 8.30 60.06 -6.40
CA VAL B 449 8.26 58.82 -7.17
C VAL B 449 8.70 57.63 -6.31
N LEU B 450 9.50 57.87 -5.27
CA LEU B 450 9.97 56.80 -4.41
C LEU B 450 9.00 56.46 -3.29
N MET B 451 7.73 56.79 -3.43
CA MET B 451 6.71 56.42 -2.47
C MET B 451 5.57 55.61 -3.08
N ARG B 452 5.39 55.66 -4.39
CA ARG B 452 4.35 54.92 -5.06
C ARG B 452 4.77 53.48 -5.39
N VAL B 453 5.98 53.09 -5.02
CA VAL B 453 6.50 51.76 -5.30
C VAL B 453 6.47 50.95 -4.00
N ASN B 454 6.74 49.66 -4.12
CA ASN B 454 6.83 48.76 -2.97
C ASN B 454 8.30 48.62 -2.61
N GLU B 455 8.79 49.49 -1.73
CA GLU B 455 10.17 49.44 -1.27
C GLU B 455 10.44 48.30 -0.30
N ASN B 456 9.41 47.62 0.18
CA ASN B 456 9.55 46.62 1.23
C ASN B 456 10.17 45.37 0.64
N ILE B 457 11.49 45.41 0.47
CA ILE B 457 12.23 44.28 -0.08
C ILE B 457 12.41 43.19 0.99
N GLY B 458 12.66 43.61 2.23
CA GLY B 458 12.90 42.68 3.32
C GLY B 458 11.72 41.81 3.69
N SER B 459 10.50 42.20 3.30
CA SER B 459 9.36 41.32 3.49
C SER B 459 9.17 40.33 2.35
N LYS B 460 9.86 40.52 1.22
CA LYS B 460 9.88 39.50 0.18
C LYS B 460 10.83 38.37 0.55
N MET B 461 11.85 38.66 1.36
CA MET B 461 12.72 37.62 1.88
C MET B 461 12.06 36.85 3.00
N GLN B 462 11.25 37.54 3.81
CA GLN B 462 10.39 36.86 4.76
C GLN B 462 9.37 35.99 4.04
N TYR B 463 8.94 36.39 2.84
CA TYR B 463 8.10 35.53 2.02
C TYR B 463 8.86 34.33 1.50
N PHE B 464 10.14 34.51 1.16
CA PHE B 464 10.93 33.40 0.63
C PHE B 464 11.21 32.37 1.71
N LEU B 465 11.60 32.81 2.89
CA LEU B 465 11.98 31.87 3.93
C LEU B 465 10.76 31.16 4.51
N SER B 466 9.60 31.81 4.49
CA SER B 466 8.41 31.18 5.08
C SER B 466 7.78 30.17 4.13
N THR B 467 7.76 30.47 2.83
CA THR B 467 7.13 29.59 1.85
C THR B 467 8.11 28.61 1.23
N GLY B 468 9.32 29.06 0.91
CA GLY B 468 10.23 28.31 0.09
C GLY B 468 10.12 28.59 -1.38
N ASN B 469 9.07 29.29 -1.81
CA ASN B 469 8.85 29.55 -3.23
C ASN B 469 9.82 30.61 -3.72
N LEU B 470 10.29 30.43 -4.94
CA LEU B 470 11.24 31.34 -5.56
C LEU B 470 10.50 32.22 -6.56
N VAL B 471 10.53 33.53 -6.33
CA VAL B 471 9.95 34.50 -7.25
C VAL B 471 11.11 35.25 -7.92
N SER B 472 11.13 35.20 -9.25
CA SER B 472 12.24 35.77 -10.00
C SER B 472 11.75 36.12 -11.39
N GLN B 473 11.99 37.38 -11.81
CA GLN B 473 11.55 37.79 -13.15
C GLN B 473 12.43 37.16 -14.23
N SER B 474 13.70 36.95 -13.93
CA SER B 474 14.57 36.07 -14.69
C SER B 474 14.89 34.91 -13.77
N GLY B 475 14.53 33.71 -14.20
CA GLY B 475 14.79 32.54 -13.38
C GLY B 475 16.27 32.32 -13.18
N LEU B 476 16.61 31.71 -12.06
CA LEU B 476 18.01 31.49 -11.72
C LEU B 476 18.53 30.29 -12.51
N ASP B 477 19.69 29.78 -12.12
CA ASP B 477 20.24 28.60 -12.77
C ASP B 477 19.73 27.32 -12.12
N LEU B 478 18.52 27.37 -11.56
CA LEU B 478 17.92 26.29 -10.81
C LEU B 478 16.72 25.77 -11.57
N GLN B 479 16.54 24.46 -11.55
CA GLN B 479 15.42 23.88 -12.26
C GLN B 479 14.14 23.93 -11.42
N GLN B 480 14.25 23.66 -10.12
CA GLN B 480 13.07 23.73 -9.26
C GLN B 480 12.72 25.18 -8.95
N VAL B 481 11.45 25.41 -8.68
CA VAL B 481 10.94 26.73 -8.38
C VAL B 481 10.47 26.85 -6.94
N SER B 482 10.29 25.74 -6.23
CA SER B 482 9.73 25.75 -4.89
C SER B 482 10.47 24.76 -4.02
N GLY B 483 10.33 24.92 -2.72
CA GLY B 483 10.90 23.98 -1.76
C GLY B 483 12.35 24.22 -1.42
N TYR B 484 12.75 25.48 -1.26
CA TYR B 484 14.13 25.79 -0.92
C TYR B 484 14.38 25.86 0.58
N THR B 485 13.40 26.30 1.37
CA THR B 485 13.53 26.41 2.81
C THR B 485 12.65 25.38 3.49
N VAL B 486 13.25 24.58 4.36
CA VAL B 486 12.59 23.54 5.12
C VAL B 486 12.75 23.87 6.59
N VAL B 487 11.70 23.64 7.39
CA VAL B 487 11.69 23.95 8.82
C VAL B 487 12.77 23.18 9.54
N ALA B 488 13.72 23.89 10.14
CA ALA B 488 14.66 23.27 11.06
C ALA B 488 13.90 22.83 12.30
N GLU B 489 13.88 21.53 12.55
CA GLU B 489 12.86 20.95 13.42
C GLU B 489 13.10 21.28 14.89
N LYS B 490 14.24 20.84 15.42
CA LYS B 490 14.46 20.65 16.86
C LYS B 490 13.30 19.83 17.43
N ILE B 491 13.17 18.64 16.85
CA ILE B 491 12.32 17.60 17.41
C ILE B 491 13.18 16.71 18.28
N ASN B 492 14.48 16.94 18.28
CA ASN B 492 15.58 16.12 18.74
C ASN B 492 16.82 16.94 18.42
N PHE B 493 17.98 16.55 18.97
CA PHE B 493 19.19 17.21 18.52
C PHE B 493 19.83 16.49 17.32
N TYR B 494 19.58 15.19 17.17
CA TYR B 494 20.10 14.48 16.00
C TYR B 494 19.36 14.91 14.75
N ARG B 495 18.07 15.20 14.87
CA ARG B 495 17.31 15.76 13.75
C ARG B 495 17.75 17.18 13.45
N PHE B 496 18.08 17.94 14.49
CA PHE B 496 18.45 19.34 14.31
C PHE B 496 19.81 19.47 13.64
N ILE B 497 20.76 18.62 14.00
CA ILE B 497 22.08 18.70 13.38
C ILE B 497 22.10 18.07 11.99
N SER B 498 21.11 17.21 11.67
CA SER B 498 21.05 16.59 10.36
C SER B 498 20.64 17.56 9.27
N HIS B 499 19.93 18.63 9.60
CA HIS B 499 19.48 19.56 8.58
C HIS B 499 20.64 20.38 8.02
N PHE B 500 21.69 20.58 8.81
CA PHE B 500 22.78 21.43 8.37
C PHE B 500 23.82 20.68 7.55
N ARG B 501 23.72 19.35 7.48
CA ARG B 501 24.69 18.55 6.75
C ARG B 501 24.09 17.85 5.55
N MET B 502 22.80 18.04 5.27
CA MET B 502 22.17 17.39 4.14
C MET B 502 22.30 18.22 2.87
N VAL B 503 22.37 17.53 1.74
CA VAL B 503 22.30 18.17 0.43
C VAL B 503 21.17 17.47 -0.30
N HIS B 504 20.54 18.19 -1.21
CA HIS B 504 19.48 17.61 -2.03
C HIS B 504 19.82 17.79 -3.50
N ARG B 505 19.34 16.86 -4.32
CA ARG B 505 19.70 16.92 -5.73
C ARG B 505 18.77 17.84 -6.52
N GLY B 506 17.47 17.70 -6.36
CA GLY B 506 16.53 18.61 -6.97
C GLY B 506 15.13 18.04 -7.00
N SER B 507 14.17 18.92 -7.22
CA SER B 507 12.78 18.50 -7.39
C SER B 507 12.50 18.01 -8.81
N PHE B 508 13.43 18.19 -9.74
CA PHE B 508 13.31 17.55 -11.05
C PHE B 508 13.54 16.06 -10.94
N PHE B 509 14.42 15.63 -10.04
CA PHE B 509 14.82 14.25 -9.89
C PHE B 509 13.92 13.47 -8.95
N ALA B 510 13.07 14.15 -8.19
CA ALA B 510 12.18 13.45 -7.26
C ALA B 510 11.08 12.72 -8.01
N GLN B 511 10.28 13.45 -8.77
CA GLN B 511 9.19 12.86 -9.55
C GLN B 511 9.70 12.47 -10.95
N LEU B 512 10.72 11.61 -10.95
CA LEU B 512 11.38 11.19 -12.18
C LEU B 512 11.46 9.67 -12.19
N LYS B 513 11.24 9.08 -13.37
CA LYS B 513 11.03 7.65 -13.52
C LYS B 513 12.31 6.89 -13.80
N THR B 514 13.46 7.37 -13.33
CA THR B 514 14.71 6.66 -13.51
C THR B 514 15.32 6.34 -12.15
N THR B 515 16.30 5.44 -12.17
CA THR B 515 16.90 4.89 -10.96
C THR B 515 18.34 5.34 -10.76
N THR B 516 19.09 5.54 -11.85
CA THR B 516 20.53 5.68 -11.82
C THR B 516 21.01 6.99 -11.20
N VAL B 517 20.14 7.93 -10.89
CA VAL B 517 20.57 9.14 -10.19
C VAL B 517 20.56 8.93 -8.68
N ARG B 518 19.82 7.94 -8.19
CA ARG B 518 19.73 7.64 -6.77
C ARG B 518 20.87 6.76 -6.27
N LYS B 519 21.82 6.41 -7.14
CA LYS B 519 22.82 5.40 -6.82
C LYS B 519 23.87 5.94 -5.85
N LEU B 520 24.57 5.01 -5.23
CA LEU B 520 25.69 5.33 -4.36
C LEU B 520 26.93 5.18 -5.21
N LEU B 521 27.42 6.29 -5.70
CA LEU B 521 28.54 6.26 -6.62
C LEU B 521 29.86 6.13 -5.87
N PRO B 522 30.88 5.52 -6.47
CA PRO B 522 32.17 5.39 -5.79
C PRO B 522 32.94 6.70 -5.64
N GLU B 523 32.56 7.75 -6.37
CA GLU B 523 33.28 9.01 -6.27
C GLU B 523 32.97 9.78 -5.00
N SER B 524 32.02 9.33 -4.19
CA SER B 524 31.57 10.02 -2.99
C SER B 524 32.36 9.63 -1.76
N TRP B 525 33.61 9.21 -1.92
CA TRP B 525 34.41 8.74 -0.80
C TRP B 525 34.89 9.94 0.01
N GLY B 526 34.27 10.15 1.17
CA GLY B 526 34.69 11.20 2.07
C GLY B 526 33.93 12.50 1.94
N PHE B 527 33.00 12.57 1.00
CA PHE B 527 32.22 13.77 0.74
C PHE B 527 30.74 13.57 1.00
N LEU B 528 30.20 12.41 0.67
CA LEU B 528 28.82 12.07 0.97
C LEU B 528 28.81 10.83 1.85
N CYS B 529 27.79 10.71 2.69
CA CYS B 529 27.80 9.55 3.57
C CYS B 529 27.09 8.38 2.90
N PRO B 530 27.62 7.15 3.06
CA PRO B 530 26.95 5.99 2.45
C PRO B 530 25.63 5.63 3.11
N VAL B 531 25.58 5.62 4.43
CA VAL B 531 24.42 5.12 5.14
C VAL B 531 23.39 6.22 5.39
N HIS B 532 23.81 7.44 5.67
CA HIS B 532 22.88 8.46 6.14
C HIS B 532 22.11 9.01 4.95
N THR B 533 21.00 8.33 4.65
CA THR B 533 20.08 8.61 3.55
C THR B 533 18.73 8.00 3.91
N PRO B 534 17.62 8.73 3.74
CA PRO B 534 16.31 8.19 4.09
C PRO B 534 15.86 7.07 3.18
N ASP B 535 14.90 6.31 3.67
CA ASP B 535 14.25 5.22 2.94
C ASP B 535 12.94 5.71 2.36
N GLY B 536 12.57 5.15 1.22
CA GLY B 536 11.33 5.51 0.55
C GLY B 536 11.58 6.46 -0.61
N SER B 537 10.83 7.54 -0.66
CA SER B 537 10.83 8.46 -1.79
C SER B 537 12.05 9.37 -1.89
N PRO B 538 12.61 9.98 -0.78
CA PRO B 538 13.83 10.79 -0.98
C PRO B 538 15.11 9.98 -1.01
N CYS B 539 15.03 8.67 -1.23
CA CYS B 539 16.19 7.81 -1.13
C CYS B 539 17.15 8.05 -2.27
N GLY B 540 18.41 8.30 -1.95
CA GLY B 540 19.43 8.59 -2.93
C GLY B 540 19.51 10.05 -3.34
N LEU B 541 18.41 10.79 -3.20
CA LEU B 541 18.34 12.19 -3.61
C LEU B 541 18.69 13.12 -2.47
N LEU B 542 18.09 12.90 -1.32
CA LEU B 542 18.46 13.61 -0.10
C LEU B 542 19.54 12.79 0.61
N ASN B 543 20.73 13.36 0.74
CA ASN B 543 21.85 12.66 1.35
C ASN B 543 22.75 13.68 2.03
N HIS B 544 23.64 13.17 2.88
CA HIS B 544 24.34 13.97 3.87
C HIS B 544 25.84 13.96 3.64
N PHE B 545 26.50 15.04 4.04
CA PHE B 545 27.94 15.10 3.96
C PHE B 545 28.59 14.14 4.95
N ALA B 546 29.86 13.86 4.72
CA ALA B 546 30.69 13.30 5.77
C ALA B 546 30.96 14.35 6.84
N HIS B 547 31.39 13.91 8.02
CA HIS B 547 31.53 14.91 9.07
C HIS B 547 32.82 15.70 8.95
N LYS B 548 33.76 15.27 8.11
CA LYS B 548 34.95 16.05 7.84
C LYS B 548 34.95 16.70 6.47
N CYS B 549 33.86 16.60 5.73
CA CYS B 549 33.73 17.30 4.45
C CYS B 549 33.35 18.75 4.76
N ARG B 550 34.32 19.65 4.71
CA ARG B 550 34.01 21.07 4.82
C ARG B 550 33.94 21.68 3.43
N ILE B 551 33.19 22.77 3.33
CA ILE B 551 32.85 23.41 2.07
C ILE B 551 33.58 24.73 2.00
N SER B 552 34.26 24.98 0.89
CA SER B 552 34.92 26.25 0.63
C SER B 552 33.92 27.39 0.62
N THR B 553 34.29 28.51 1.23
CA THR B 553 33.36 29.61 1.36
C THR B 553 33.97 30.96 1.02
N GLN B 554 35.22 31.00 0.54
CA GLN B 554 35.84 32.25 0.16
C GLN B 554 36.86 31.98 -0.94
N GLN B 555 37.03 32.96 -1.83
CA GLN B 555 37.89 32.82 -2.99
C GLN B 555 39.34 32.72 -2.58
N SER B 556 39.98 31.62 -2.96
CA SER B 556 41.31 31.32 -2.49
C SER B 556 42.35 32.14 -3.26
N ASP B 557 43.59 32.09 -2.81
CA ASP B 557 44.66 32.91 -3.35
C ASP B 557 45.10 32.36 -4.70
N VAL B 558 44.92 33.14 -5.77
CA VAL B 558 45.07 32.63 -7.12
C VAL B 558 46.15 33.40 -7.88
N SER B 559 46.32 34.68 -7.56
CA SER B 559 47.05 35.61 -8.43
C SER B 559 48.55 35.37 -8.51
N ARG B 560 49.10 34.46 -7.72
CA ARG B 560 50.51 34.11 -7.82
C ARG B 560 50.73 32.72 -8.38
N ILE B 561 49.67 32.01 -8.76
CA ILE B 561 49.82 30.68 -9.34
C ILE B 561 50.19 30.74 -10.83
N PRO B 562 49.65 31.62 -11.69
CA PRO B 562 50.22 31.74 -13.03
C PRO B 562 51.65 32.24 -13.09
N SER B 563 52.13 32.94 -12.05
CA SER B 563 53.53 33.35 -12.05
C SER B 563 54.46 32.17 -11.82
N ILE B 564 54.04 31.19 -11.01
CA ILE B 564 54.88 30.06 -10.69
C ILE B 564 54.46 28.80 -11.44
N LEU B 565 53.62 28.93 -12.45
CA LEU B 565 53.46 27.88 -13.45
C LEU B 565 54.29 28.15 -14.69
N TYR B 566 54.59 29.42 -14.98
CA TYR B 566 55.46 29.75 -16.09
C TYR B 566 56.91 29.40 -15.79
N SER B 567 57.26 29.32 -14.51
CA SER B 567 58.56 28.86 -14.06
C SER B 567 58.67 27.35 -14.00
N LEU B 568 57.59 26.63 -14.26
CA LEU B 568 57.62 25.17 -14.29
C LEU B 568 57.65 24.60 -15.70
N GLY B 569 57.36 25.40 -16.71
CA GLY B 569 57.49 24.92 -18.07
C GLY B 569 56.27 25.18 -18.93
N VAL B 570 55.29 25.90 -18.38
CA VAL B 570 54.06 26.17 -19.09
C VAL B 570 54.27 27.36 -20.02
N ALA B 571 54.10 27.13 -21.31
CA ALA B 571 54.12 28.22 -22.27
C ALA B 571 52.89 29.10 -22.08
N PRO B 572 53.01 30.42 -22.23
CA PRO B 572 51.84 31.28 -22.06
C PRO B 572 50.86 31.10 -23.21
N ALA B 573 49.59 31.37 -22.91
CA ALA B 573 48.49 31.14 -23.84
C ALA B 573 48.32 32.25 -24.87
N SER B 574 49.27 33.18 -24.95
CA SER B 574 49.22 34.19 -26.00
C SER B 574 49.85 33.67 -27.29
N HIS B 575 50.98 32.97 -27.18
CA HIS B 575 51.81 32.62 -28.32
C HIS B 575 52.16 31.15 -28.30
N THR B 576 51.14 30.30 -28.13
CA THR B 576 51.36 28.88 -27.89
C THR B 576 51.09 27.99 -29.10
N PHE B 577 49.97 28.20 -29.81
CA PHE B 577 49.57 27.47 -31.03
C PHE B 577 49.49 25.95 -30.76
N ALA B 578 48.50 25.61 -29.94
CA ALA B 578 48.26 24.21 -29.60
C ALA B 578 46.81 24.04 -29.16
N ALA B 579 46.26 22.85 -29.41
CA ALA B 579 44.93 22.51 -28.94
C ALA B 579 44.80 20.99 -28.93
N GLY B 580 43.71 20.52 -28.32
CA GLY B 580 43.35 19.13 -28.37
C GLY B 580 44.03 18.27 -27.31
N PRO B 581 43.72 16.97 -27.31
CA PRO B 581 44.31 16.07 -26.31
C PRO B 581 45.76 15.70 -26.55
N SER B 582 46.36 16.14 -27.66
CA SER B 582 47.77 15.92 -27.89
C SER B 582 48.65 16.73 -26.94
N LEU B 583 48.12 17.80 -26.36
CA LEU B 583 48.70 18.51 -25.23
C LEU B 583 47.74 18.38 -24.06
N CYS B 584 48.12 18.94 -22.91
CA CYS B 584 47.19 19.11 -21.81
C CYS B 584 47.11 20.59 -21.48
N CYS B 585 45.91 21.05 -21.17
CA CYS B 585 45.64 22.47 -20.99
C CYS B 585 45.67 22.81 -19.51
N VAL B 586 46.39 23.88 -19.17
CA VAL B 586 46.48 24.34 -17.79
C VAL B 586 45.43 25.41 -17.57
N GLN B 587 44.46 25.11 -16.70
CA GLN B 587 43.39 26.06 -16.40
C GLN B 587 43.32 26.32 -14.90
N ILE B 588 43.25 27.59 -14.53
CA ILE B 588 43.06 28.00 -13.15
C ILE B 588 41.72 28.71 -13.03
N ASP B 589 40.77 28.07 -12.36
CA ASP B 589 39.41 28.57 -12.11
C ASP B 589 38.64 28.88 -13.40
N GLY B 590 38.99 28.22 -14.49
CA GLY B 590 38.23 28.30 -15.71
C GLY B 590 38.90 29.00 -16.87
N LYS B 591 40.05 29.65 -16.67
CA LYS B 591 40.72 30.34 -17.76
C LYS B 591 42.01 29.64 -18.13
N ILE B 592 42.36 29.68 -19.41
CA ILE B 592 43.56 28.99 -19.88
C ILE B 592 44.79 29.79 -19.45
N ILE B 593 45.66 29.14 -18.69
CA ILE B 593 46.95 29.73 -18.35
C ILE B 593 47.99 29.37 -19.39
N GLY B 594 47.92 28.18 -19.96
CA GLY B 594 48.82 27.81 -21.03
C GLY B 594 48.76 26.32 -21.32
N TRP B 595 49.72 25.90 -22.13
CA TRP B 595 49.76 24.56 -22.69
C TRP B 595 51.08 23.90 -22.35
N VAL B 596 51.02 22.63 -21.93
CA VAL B 596 52.21 21.88 -21.54
C VAL B 596 51.96 20.43 -21.93
N SER B 597 53.05 19.68 -22.13
CA SER B 597 52.95 18.29 -22.55
C SER B 597 52.38 17.42 -21.42
N HIS B 598 51.83 16.26 -21.82
CA HIS B 598 51.32 15.30 -20.84
C HIS B 598 52.42 14.74 -19.97
N GLU B 599 53.65 14.68 -20.49
CA GLU B 599 54.80 14.26 -19.70
C GLU B 599 55.10 15.28 -18.61
N GLN B 600 55.31 16.53 -18.99
CA GLN B 600 55.65 17.57 -18.05
C GLN B 600 54.45 17.99 -17.20
N GLY B 601 53.24 17.85 -17.73
CA GLY B 601 52.03 18.26 -17.03
C GLY B 601 51.66 17.39 -15.85
N LYS B 602 52.29 16.24 -15.69
CA LYS B 602 52.22 15.49 -14.44
C LYS B 602 53.39 15.82 -13.53
N ILE B 603 54.52 16.23 -14.11
CA ILE B 603 55.66 16.68 -13.33
C ILE B 603 55.34 18.01 -12.67
N ILE B 604 54.63 18.90 -13.37
CA ILE B 604 54.35 20.22 -12.83
C ILE B 604 53.02 20.19 -12.10
N ALA B 605 52.43 19.00 -11.97
CA ALA B 605 51.27 18.79 -11.12
C ALA B 605 51.58 18.03 -9.84
N ASP B 606 52.79 17.49 -9.73
CA ASP B 606 53.21 16.88 -8.48
C ASP B 606 53.98 17.84 -7.59
N THR B 607 54.69 18.81 -8.19
CA THR B 607 55.25 19.89 -7.38
C THR B 607 54.18 20.80 -6.81
N LEU B 608 53.12 21.07 -7.57
CA LEU B 608 52.04 21.90 -7.04
C LEU B 608 51.30 21.24 -5.89
N ARG B 609 51.39 19.92 -5.76
CA ARG B 609 50.91 19.27 -4.55
C ARG B 609 51.98 19.25 -3.47
N TYR B 610 53.24 19.08 -3.86
CA TYR B 610 54.32 19.04 -2.89
C TYR B 610 54.56 20.41 -2.26
N TRP B 611 54.35 21.48 -3.03
CA TRP B 611 54.57 22.82 -2.51
C TRP B 611 53.35 23.39 -1.80
N LYS B 612 52.16 22.86 -2.04
CA LYS B 612 51.01 23.36 -1.29
C LYS B 612 50.93 22.70 0.08
N VAL B 613 51.48 21.49 0.22
CA VAL B 613 51.46 20.80 1.50
C VAL B 613 52.61 21.29 2.37
N GLU B 614 53.83 21.26 1.84
CA GLU B 614 54.95 21.95 2.47
C GLU B 614 54.77 23.44 2.23
N GLY B 615 54.15 24.14 3.18
CA GLY B 615 53.66 25.49 2.89
C GLY B 615 54.69 26.61 2.91
N LYS B 616 55.85 26.39 2.30
CA LYS B 616 56.88 27.40 2.19
C LYS B 616 56.70 28.30 0.98
N THR B 617 55.88 27.89 0.02
CA THR B 617 55.65 28.69 -1.18
C THR B 617 54.62 29.78 -0.88
N PRO B 618 54.90 31.05 -1.19
CA PRO B 618 53.96 32.12 -0.87
C PRO B 618 52.84 32.32 -1.88
N GLY B 619 52.62 31.38 -2.79
CA GLY B 619 51.59 31.55 -3.80
C GLY B 619 50.58 30.43 -3.86
N LEU B 620 50.93 29.26 -3.34
CA LEU B 620 50.05 28.10 -3.37
C LEU B 620 49.34 27.96 -2.05
N PRO B 621 48.01 28.08 -2.02
CA PRO B 621 47.27 27.84 -0.78
C PRO B 621 47.09 26.35 -0.53
N ILE B 622 46.73 26.03 0.72
CA ILE B 622 46.46 24.64 1.08
C ILE B 622 45.11 24.18 0.54
N ASP B 623 44.23 25.12 0.25
CA ASP B 623 42.87 24.83 -0.15
C ASP B 623 42.71 24.68 -1.66
N LEU B 624 43.82 24.63 -2.39
CA LEU B 624 43.76 24.55 -3.84
C LEU B 624 43.42 23.12 -4.27
N GLU B 625 42.74 23.01 -5.40
CA GLU B 625 42.34 21.74 -5.97
C GLU B 625 43.01 21.60 -7.33
N ILE B 626 44.08 20.80 -7.40
CA ILE B 626 44.83 20.61 -8.63
C ILE B 626 44.37 19.28 -9.25
N GLY B 627 43.39 19.37 -10.13
CA GLY B 627 42.85 18.19 -10.77
C GLY B 627 43.53 17.85 -12.06
N TYR B 628 44.48 16.94 -12.01
CA TYR B 628 45.17 16.46 -13.21
C TYR B 628 44.41 15.28 -13.79
N VAL B 629 44.16 15.33 -15.10
CA VAL B 629 43.46 14.28 -15.82
C VAL B 629 44.45 13.68 -16.83
N PRO B 630 44.94 12.47 -16.59
CA PRO B 630 46.01 11.92 -17.42
C PRO B 630 45.50 11.49 -18.79
N PRO B 631 46.37 11.45 -19.80
CA PRO B 631 45.91 11.04 -21.14
C PRO B 631 45.63 9.54 -21.18
N SER B 632 44.50 9.18 -21.77
CA SER B 632 44.08 7.80 -21.79
C SER B 632 43.28 7.55 -23.05
N THR B 633 43.17 6.29 -23.43
CA THR B 633 42.43 5.90 -24.62
C THR B 633 40.94 6.03 -24.34
N ARG B 634 40.31 7.03 -24.97
CA ARG B 634 38.86 7.27 -24.94
C ARG B 634 38.32 7.53 -23.53
N GLY B 635 39.16 8.05 -22.65
CA GLY B 635 38.78 8.35 -21.29
C GLY B 635 38.17 9.72 -21.17
N GLN B 636 38.40 10.35 -20.02
CA GLN B 636 37.99 11.73 -19.85
C GLN B 636 38.93 12.63 -20.65
N TYR B 637 38.45 13.82 -20.99
CA TYR B 637 39.28 14.78 -21.71
C TYR B 637 40.45 15.21 -20.82
N PRO B 638 41.68 15.19 -21.30
CA PRO B 638 42.84 15.46 -20.45
C PRO B 638 42.97 16.94 -20.13
N GLY B 639 44.00 17.25 -19.35
CA GLY B 639 44.28 18.61 -18.94
C GLY B 639 44.58 18.70 -17.46
N LEU B 640 45.02 19.88 -17.06
CA LEU B 640 45.31 20.20 -15.67
C LEU B 640 44.39 21.34 -15.26
N TYR B 641 43.37 21.02 -14.47
CA TYR B 641 42.28 21.93 -14.16
C TYR B 641 42.41 22.35 -12.70
N LEU B 642 43.05 23.49 -12.46
CA LEU B 642 43.19 24.01 -11.10
C LEU B 642 41.91 24.71 -10.69
N PHE B 643 41.45 24.44 -9.46
CA PHE B 643 40.22 25.01 -8.94
C PHE B 643 40.51 25.65 -7.59
N GLY B 644 40.01 26.87 -7.40
CA GLY B 644 40.21 27.56 -6.14
C GLY B 644 39.03 28.39 -5.69
N GLY B 645 37.90 28.26 -6.35
CA GLY B 645 36.77 29.14 -6.15
C GLY B 645 35.98 28.85 -4.88
N HIS B 646 34.80 29.46 -4.82
CA HIS B 646 33.87 29.23 -3.73
C HIS B 646 33.22 27.87 -3.86
N SER B 647 32.50 27.48 -2.79
CA SER B 647 31.44 26.47 -2.81
C SER B 647 31.94 25.07 -3.12
N ARG B 648 33.24 24.80 -3.02
CA ARG B 648 33.77 23.49 -3.35
C ARG B 648 33.51 22.51 -2.23
N MET B 649 33.87 21.25 -2.47
CA MET B 649 33.77 20.19 -1.48
C MET B 649 35.18 19.73 -1.15
N LEU B 650 35.53 19.70 0.13
CA LEU B 650 36.91 19.46 0.52
C LEU B 650 36.94 18.46 1.65
N ARG B 651 37.94 17.58 1.64
CA ARG B 651 38.14 16.63 2.72
C ARG B 651 39.62 16.57 3.06
N PRO B 652 39.95 16.30 4.32
CA PRO B 652 41.36 16.16 4.70
C PRO B 652 41.89 14.75 4.45
N VAL B 653 43.16 14.70 4.09
CA VAL B 653 43.83 13.44 3.80
C VAL B 653 45.31 13.66 4.06
N ARG B 654 45.99 12.62 4.50
CA ARG B 654 47.38 12.76 4.93
C ARG B 654 48.30 12.39 3.79
N TYR B 655 49.28 13.26 3.51
CA TYR B 655 50.14 13.16 2.35
C TYR B 655 51.48 12.56 2.76
N LEU B 656 51.81 11.38 2.20
CA LEU B 656 52.86 10.50 2.71
C LEU B 656 54.30 11.03 2.63
N PRO B 657 54.75 11.69 1.57
CA PRO B 657 56.04 12.37 1.73
C PRO B 657 55.86 13.66 2.52
N LEU B 658 56.61 13.78 3.63
CA LEU B 658 56.50 14.89 4.59
C LEU B 658 55.08 14.96 5.13
N ASP B 659 54.74 14.02 6.03
CA ASP B 659 53.40 13.77 6.53
C ASP B 659 52.70 15.00 7.10
N LYS B 660 51.73 15.53 6.36
CA LYS B 660 51.00 16.72 6.74
C LYS B 660 49.58 16.59 6.20
N GLU B 661 48.74 17.53 6.56
CA GLU B 661 47.35 17.51 6.15
C GLU B 661 47.21 18.10 4.76
N ASP B 662 46.67 17.31 3.84
CA ASP B 662 46.35 17.77 2.50
C ASP B 662 44.84 17.81 2.35
N ILE B 663 44.36 18.76 1.56
CA ILE B 663 42.94 19.04 1.42
C ILE B 663 42.57 18.88 -0.05
N VAL B 664 41.69 17.91 -0.34
CA VAL B 664 41.43 17.46 -1.70
C VAL B 664 39.95 17.52 -2.03
N GLY B 665 39.65 17.77 -3.30
CA GLY B 665 38.29 17.81 -3.80
C GLY B 665 37.92 16.54 -4.54
N PRO B 666 36.68 16.43 -5.00
CA PRO B 666 36.24 15.18 -5.62
C PRO B 666 36.73 15.03 -7.05
N PHE B 667 36.81 16.16 -7.78
CA PHE B 667 37.38 16.17 -9.12
C PHE B 667 38.85 15.79 -9.11
N GLU B 668 39.53 16.08 -8.01
CA GLU B 668 40.93 15.77 -7.81
C GLU B 668 41.14 14.35 -7.30
N GLN B 669 40.11 13.76 -6.70
CA GLN B 669 40.27 12.50 -5.98
C GLN B 669 40.21 11.29 -6.89
N VAL B 670 39.48 11.39 -8.01
CA VAL B 670 39.17 10.21 -8.81
C VAL B 670 40.36 9.67 -9.59
N TYR B 671 41.47 10.40 -9.65
CA TYR B 671 42.66 9.90 -10.34
C TYR B 671 43.84 9.65 -9.43
N MET B 672 43.73 9.91 -8.14
CA MET B 672 44.84 9.68 -7.23
C MET B 672 44.48 8.56 -6.27
N ASN B 673 45.53 7.99 -5.67
CA ASN B 673 45.41 6.80 -4.83
C ASN B 673 45.64 7.20 -3.38
N ILE B 674 44.60 7.05 -2.56
CA ILE B 674 44.75 7.19 -1.13
C ILE B 674 44.65 5.78 -0.55
N ALA B 675 45.08 5.64 0.70
CA ALA B 675 44.97 4.37 1.40
C ALA B 675 44.06 4.57 2.60
N VAL B 676 43.32 3.52 2.98
CA VAL B 676 42.35 3.73 4.03
C VAL B 676 43.01 3.65 5.42
N THR B 677 44.20 3.06 5.51
CA THR B 677 44.93 2.91 6.75
C THR B 677 46.40 2.69 6.41
N PRO B 678 47.33 3.20 7.22
CA PRO B 678 48.76 3.08 6.87
C PRO B 678 49.33 1.68 6.94
N GLN B 679 48.58 0.68 7.37
CA GLN B 679 48.98 -0.71 7.24
C GLN B 679 48.57 -1.30 5.89
N GLU B 680 48.00 -0.50 4.99
CA GLU B 680 47.65 -0.93 3.65
C GLU B 680 48.31 -0.08 2.58
N ILE B 681 49.33 0.71 2.94
CA ILE B 681 50.07 1.49 1.96
C ILE B 681 50.89 0.54 1.10
N GLN B 682 50.69 0.60 -0.21
CA GLN B 682 51.52 -0.13 -1.15
C GLN B 682 52.48 0.84 -1.83
N ASN B 683 53.67 0.33 -2.15
CA ASN B 683 54.78 1.19 -2.52
C ASN B 683 54.70 1.59 -3.98
N ASN B 684 55.05 2.85 -4.24
CA ASN B 684 55.02 3.54 -5.53
C ASN B 684 53.63 3.59 -6.16
N VAL B 685 52.55 3.28 -5.44
CA VAL B 685 51.23 3.51 -6.00
C VAL B 685 50.39 4.42 -5.11
N HIS B 686 50.61 4.39 -3.80
CA HIS B 686 49.78 5.15 -2.87
C HIS B 686 50.47 6.47 -2.51
N THR B 687 49.81 7.57 -2.84
CA THR B 687 50.31 8.90 -2.52
C THR B 687 49.84 9.35 -1.15
N HIS B 688 48.58 9.11 -0.82
CA HIS B 688 47.98 9.60 0.41
C HIS B 688 47.48 8.45 1.27
N VAL B 689 47.12 8.79 2.50
CA VAL B 689 46.44 7.89 3.42
C VAL B 689 45.46 8.74 4.21
N GLU B 690 44.39 8.12 4.69
CA GLU B 690 43.42 8.86 5.47
C GLU B 690 43.88 8.99 6.91
N PHE B 691 43.42 10.06 7.57
CA PHE B 691 43.72 10.22 8.99
C PHE B 691 43.02 9.15 9.81
N THR B 692 41.80 8.80 9.43
CA THR B 692 41.02 7.78 10.09
C THR B 692 39.98 7.27 9.10
N PRO B 693 39.63 5.99 9.14
CA PRO B 693 38.60 5.46 8.23
C PRO B 693 37.17 5.78 8.62
N THR B 694 36.95 6.70 9.55
CA THR B 694 35.62 7.10 9.97
C THR B 694 35.28 8.54 9.61
N ASN B 695 36.15 9.25 8.88
CA ASN B 695 35.84 10.58 8.44
C ASN B 695 35.07 10.60 7.12
N ILE B 696 34.64 9.42 6.68
CA ILE B 696 33.79 9.26 5.51
C ILE B 696 32.32 9.22 5.92
N LEU B 697 32.03 8.86 7.15
CA LEU B 697 30.70 8.75 7.70
C LEU B 697 30.27 10.10 8.28
N SER B 698 28.95 10.29 8.37
CA SER B 698 28.38 11.54 8.82
C SER B 698 28.38 11.62 10.35
N ILE B 699 27.65 12.60 10.90
CA ILE B 699 27.49 12.73 12.35
C ILE B 699 26.74 11.52 12.89
N LEU B 700 25.51 11.32 12.39
CA LEU B 700 24.63 10.24 12.83
C LEU B 700 25.14 8.86 12.47
N ALA B 701 26.11 8.76 11.56
CA ALA B 701 26.61 7.47 11.13
C ALA B 701 27.75 6.97 11.98
N ASN B 702 28.58 7.86 12.53
CA ASN B 702 29.62 7.44 13.45
C ASN B 702 29.02 7.00 14.77
N LEU B 703 27.87 7.53 15.14
CA LEU B 703 27.30 7.33 16.45
C LEU B 703 26.58 6.00 16.62
N THR B 704 26.32 5.27 15.54
CA THR B 704 25.79 3.93 15.74
C THR B 704 26.94 2.95 16.02
N PRO B 705 26.89 2.20 17.10
CA PRO B 705 28.07 1.45 17.53
C PRO B 705 28.22 0.15 16.79
N PHE B 706 29.48 -0.19 16.50
CA PHE B 706 29.88 -1.43 15.82
C PHE B 706 29.19 -1.56 14.46
N SER B 707 29.13 -0.44 13.73
CA SER B 707 28.37 -0.37 12.49
C SER B 707 28.95 -1.24 11.39
N ASP B 708 30.22 -1.62 11.49
CA ASP B 708 30.85 -2.57 10.60
C ASP B 708 30.44 -4.01 10.85
N PHE B 709 29.47 -4.27 11.73
CA PHE B 709 28.94 -5.61 11.95
C PHE B 709 27.50 -5.74 11.50
N ASN B 710 26.74 -4.65 11.47
CA ASN B 710 25.34 -4.71 11.08
C ASN B 710 25.22 -4.82 9.57
N GLN B 711 24.10 -5.38 9.13
CA GLN B 711 23.75 -5.32 7.73
C GLN B 711 23.46 -3.87 7.35
N SER B 712 23.79 -3.51 6.11
CA SER B 712 23.67 -2.12 5.67
C SER B 712 22.27 -1.53 5.58
N PRO B 713 21.19 -2.28 5.28
CA PRO B 713 19.85 -1.70 5.49
C PRO B 713 19.52 -1.43 6.95
N ARG B 714 20.25 -2.00 7.90
CA ARG B 714 20.01 -1.76 9.30
C ARG B 714 20.87 -0.65 9.88
N ASN B 715 21.92 -0.25 9.17
CA ASN B 715 22.62 0.98 9.51
C ASN B 715 21.88 2.19 8.99
N MET B 716 21.24 2.08 7.82
CA MET B 716 20.55 3.22 7.24
C MET B 716 19.25 3.53 7.95
N TYR B 717 18.64 2.54 8.60
CA TYR B 717 17.42 2.78 9.34
C TYR B 717 17.70 3.50 10.65
N GLN B 718 18.90 3.31 11.20
CA GLN B 718 19.22 3.99 12.45
C GLN B 718 19.56 5.45 12.23
N CYS B 719 20.09 5.80 11.07
CA CYS B 719 20.15 7.21 10.72
C CYS B 719 18.75 7.79 10.52
N GLN B 720 17.78 6.95 10.16
CA GLN B 720 16.39 7.39 10.08
C GLN B 720 15.74 7.42 11.45
N MET B 721 16.00 6.41 12.28
CA MET B 721 15.35 6.29 13.58
C MET B 721 16.16 6.87 14.73
N GLY B 722 17.36 7.38 14.47
CA GLY B 722 18.05 8.14 15.49
C GLY B 722 17.60 9.57 15.56
N LYS B 723 16.92 10.05 14.53
CA LYS B 723 16.42 11.41 14.47
C LYS B 723 14.90 11.42 14.40
N GLN B 724 14.28 10.37 14.93
CA GLN B 724 12.85 10.32 15.22
C GLN B 724 12.61 9.96 16.68
N THR B 725 13.54 10.30 17.56
CA THR B 725 13.49 9.90 18.95
C THR B 725 12.93 11.00 19.82
N MET B 726 12.17 10.60 20.83
CA MET B 726 11.88 11.47 21.94
C MET B 726 13.15 11.60 22.77
N GLY B 727 13.95 12.63 22.50
CA GLY B 727 15.19 12.81 23.22
C GLY B 727 15.11 14.03 24.11
N THR B 728 16.17 14.82 24.15
CA THR B 728 16.13 16.15 24.73
C THR B 728 16.43 17.14 23.63
N PRO B 729 15.50 18.03 23.27
CA PRO B 729 15.77 19.01 22.21
C PRO B 729 16.83 20.02 22.64
N GLY B 730 16.57 20.66 23.77
CA GLY B 730 17.52 21.59 24.32
C GLY B 730 17.39 21.62 25.83
N VAL B 731 17.80 22.73 26.44
CA VAL B 731 17.68 22.90 27.88
C VAL B 731 17.03 24.24 28.19
N ALA B 732 16.89 25.07 27.16
CA ALA B 732 16.32 26.41 27.31
C ALA B 732 14.85 26.43 26.93
N LEU B 733 14.11 25.36 27.28
CA LEU B 733 12.73 25.18 26.85
C LEU B 733 11.78 26.23 27.41
N CYS B 734 12.18 26.94 28.46
CA CYS B 734 11.31 27.98 29.02
C CYS B 734 11.16 29.16 28.06
N HIS B 735 12.25 29.52 27.38
CA HIS B 735 12.25 30.64 26.46
C HIS B 735 11.93 30.22 25.03
N ARG B 736 11.50 28.98 24.84
CA ARG B 736 11.08 28.47 23.56
C ARG B 736 9.56 28.43 23.52
N SER B 737 8.99 28.74 22.35
CA SER B 737 7.54 28.70 22.17
C SER B 737 7.18 27.87 20.96
N ASP B 738 7.82 26.70 20.83
CA ASP B 738 7.62 25.84 19.68
C ASP B 738 6.29 25.09 19.83
N ASN B 739 5.63 24.85 18.69
CA ASN B 739 4.26 24.33 18.70
C ASN B 739 4.17 22.88 19.17
N LYS B 740 5.24 22.11 19.03
CA LYS B 740 5.24 20.73 19.49
C LYS B 740 6.68 20.36 19.79
N LEU B 741 6.91 19.75 20.94
CA LEU B 741 8.27 19.58 21.44
C LEU B 741 8.29 18.36 22.35
N TYR B 742 9.16 17.40 22.06
CA TYR B 742 9.21 16.13 22.75
C TYR B 742 10.46 16.08 23.62
N ARG B 743 10.28 15.92 24.93
CA ARG B 743 11.41 15.95 25.85
C ARG B 743 11.36 14.69 26.71
N LEU B 744 12.41 13.88 26.62
CA LEU B 744 12.54 12.70 27.47
C LEU B 744 13.16 13.09 28.80
N GLN B 745 12.67 12.48 29.88
CA GLN B 745 12.89 13.03 31.21
C GLN B 745 14.29 12.73 31.73
N THR B 746 14.63 11.45 31.87
CA THR B 746 15.93 11.05 32.41
C THR B 746 16.72 10.35 31.30
N GLY B 747 17.55 11.12 30.61
CA GLY B 747 18.45 10.54 29.65
C GLY B 747 19.77 10.13 30.27
N GLN B 748 20.45 9.20 29.61
CA GLN B 748 21.69 8.64 30.09
C GLN B 748 22.72 8.66 28.97
N THR B 749 23.98 8.87 29.34
CA THR B 749 25.05 8.69 28.39
C THR B 749 25.27 7.19 28.17
N PRO B 750 25.64 6.79 26.96
CA PRO B 750 25.79 5.35 26.69
C PRO B 750 27.06 4.77 27.27
N ILE B 751 26.97 3.51 27.68
CA ILE B 751 28.18 2.72 27.97
C ILE B 751 28.99 2.57 26.70
N VAL B 752 28.36 2.04 25.66
CA VAL B 752 29.00 1.75 24.40
C VAL B 752 28.76 2.96 23.51
N LYS B 753 29.77 3.81 23.38
CA LYS B 753 29.66 5.01 22.58
C LYS B 753 30.85 5.12 21.64
N ALA B 754 30.66 5.83 20.54
CA ALA B 754 31.79 6.16 19.69
C ALA B 754 32.62 7.26 20.34
N ASN B 755 33.79 7.51 19.77
CA ASN B 755 34.63 8.57 20.30
C ASN B 755 34.24 9.94 19.77
N LEU B 756 33.43 10.01 18.72
CA LEU B 756 32.87 11.27 18.28
C LEU B 756 31.66 11.68 19.09
N TYR B 757 31.16 10.79 19.95
CA TYR B 757 30.05 11.14 20.85
C TYR B 757 30.49 12.19 21.87
N ASP B 758 31.66 11.99 22.46
CA ASP B 758 32.21 12.98 23.40
C ASP B 758 32.60 14.26 22.70
N ASP B 759 32.95 14.17 21.42
CA ASP B 759 33.61 15.25 20.72
C ASP B 759 32.63 16.30 20.23
N TYR B 760 31.41 15.89 19.86
CA TYR B 760 30.38 16.83 19.45
C TYR B 760 29.55 17.36 20.60
N GLY B 761 29.78 16.89 21.82
CA GLY B 761 28.98 17.38 22.92
C GLY B 761 27.60 16.77 22.94
N MET B 762 27.49 15.51 22.57
CA MET B 762 26.20 14.83 22.59
C MET B 762 25.77 14.44 23.99
N ASP B 763 26.65 14.55 24.98
CA ASP B 763 26.27 14.45 26.39
C ASP B 763 25.37 15.58 26.81
N ASN B 764 25.43 16.73 26.13
CA ASN B 764 24.48 17.81 26.38
C ASN B 764 23.07 17.42 25.95
N PHE B 765 22.93 16.44 25.06
CA PHE B 765 21.64 16.06 24.49
C PHE B 765 21.48 14.55 24.57
N PRO B 766 21.05 14.01 25.71
CA PRO B 766 20.93 12.56 25.86
C PRO B 766 19.64 12.08 25.21
N ASN B 767 19.75 11.12 24.30
CA ASN B 767 18.58 10.66 23.55
C ASN B 767 18.07 9.30 24.01
N GLY B 768 18.58 8.77 25.10
CA GLY B 768 18.06 7.50 25.54
C GLY B 768 18.57 7.03 26.88
N PHE B 769 18.65 5.71 27.01
CA PHE B 769 18.81 5.09 28.32
C PHE B 769 19.33 3.68 28.15
N ASN B 770 20.14 3.24 29.10
CA ASN B 770 20.83 1.95 29.05
C ASN B 770 19.94 0.93 29.72
N ALA B 771 19.26 0.11 28.93
CA ALA B 771 18.32 -0.87 29.45
C ALA B 771 18.97 -2.24 29.47
N VAL B 772 18.70 -3.01 30.53
CA VAL B 772 19.21 -4.37 30.67
C VAL B 772 18.36 -5.25 29.76
N VAL B 773 18.87 -5.59 28.59
CA VAL B 773 18.09 -6.21 27.54
C VAL B 773 18.44 -7.68 27.46
N ALA B 774 17.43 -8.54 27.56
CA ALA B 774 17.59 -9.97 27.44
C ALA B 774 17.11 -10.45 26.08
N VAL B 775 17.90 -11.31 25.46
CA VAL B 775 17.54 -11.94 24.20
C VAL B 775 16.97 -13.30 24.56
N ILE B 776 15.65 -13.41 24.66
CA ILE B 776 15.00 -14.63 25.11
C ILE B 776 13.59 -14.69 24.54
N SER B 777 13.19 -15.88 24.12
CA SER B 777 11.78 -16.18 23.88
C SER B 777 11.22 -16.73 25.18
N TYR B 778 10.43 -15.91 25.87
CA TYR B 778 9.90 -16.33 27.16
C TYR B 778 8.41 -16.05 27.22
N THR B 779 8.00 -14.98 26.57
CA THR B 779 6.71 -14.35 26.81
C THR B 779 5.63 -14.91 25.91
N GLY B 780 5.93 -15.06 24.62
CA GLY B 780 4.95 -15.35 23.63
C GLY B 780 4.38 -14.13 22.96
N TYR B 781 4.56 -12.95 23.54
CA TYR B 781 3.97 -11.73 23.04
C TYR B 781 4.91 -10.91 22.17
N ASP B 782 6.11 -11.39 21.90
CA ASP B 782 7.13 -10.49 21.38
C ASP B 782 7.77 -11.01 20.10
N MET B 783 6.99 -11.65 19.23
CA MET B 783 7.63 -12.45 18.19
C MET B 783 8.10 -11.62 17.00
N ASP B 784 7.17 -11.05 16.24
CA ASP B 784 7.47 -10.52 14.90
C ASP B 784 8.45 -9.34 14.90
N ASP B 785 8.00 -8.22 15.40
CA ASP B 785 8.85 -7.08 15.69
C ASP B 785 8.68 -6.59 17.10
N ALA B 786 7.55 -6.88 17.73
CA ALA B 786 7.15 -6.32 19.01
C ALA B 786 8.05 -6.79 20.15
N MET B 787 8.11 -5.98 21.19
CA MET B 787 8.89 -6.23 22.39
C MET B 787 8.00 -6.02 23.60
N ILE B 788 8.55 -6.32 24.78
CA ILE B 788 7.87 -6.04 26.04
C ILE B 788 8.79 -5.24 26.94
N ILE B 789 8.19 -4.66 27.98
CA ILE B 789 8.90 -3.92 29.02
C ILE B 789 8.53 -4.57 30.34
N ASN B 790 9.48 -4.57 31.28
CA ASN B 790 9.18 -4.86 32.67
C ASN B 790 8.14 -3.86 33.17
N LYS B 791 7.11 -4.36 33.87
CA LYS B 791 6.07 -3.46 34.32
C LYS B 791 6.59 -2.53 35.40
N SER B 792 7.35 -3.06 36.35
CA SER B 792 7.92 -2.23 37.40
C SER B 792 9.15 -1.47 36.94
N ALA B 793 9.55 -1.56 35.67
CA ALA B 793 10.57 -0.66 35.17
C ALA B 793 10.02 0.73 35.01
N ASP B 794 8.93 0.88 34.25
CA ASP B 794 8.32 2.19 34.05
C ASP B 794 7.22 2.48 35.07
N GLU B 795 7.17 1.73 36.17
CA GLU B 795 6.62 2.31 37.38
C GLU B 795 7.68 3.15 38.08
N ARG B 796 8.94 3.01 37.69
CA ARG B 796 10.07 3.71 38.28
C ARG B 796 10.62 4.81 37.39
N GLY B 797 9.95 5.13 36.29
CA GLY B 797 10.38 6.22 35.43
C GLY B 797 11.33 5.79 34.34
N PHE B 798 10.99 4.72 33.64
CA PHE B 798 11.81 4.15 32.58
C PHE B 798 11.22 4.55 31.23
N GLY B 799 11.96 5.34 30.46
CA GLY B 799 11.45 5.78 29.19
C GLY B 799 10.35 6.81 29.27
N TYR B 800 10.26 7.55 30.38
CA TYR B 800 9.21 8.53 30.55
C TYR B 800 9.57 9.82 29.83
N GLY B 801 8.56 10.43 29.19
CA GLY B 801 8.77 11.68 28.48
C GLY B 801 7.50 12.51 28.51
N THR B 802 7.65 13.79 28.17
CA THR B 802 6.53 14.71 28.08
C THR B 802 6.57 15.45 26.75
N MET B 803 5.38 15.80 26.26
CA MET B 803 5.22 16.58 25.04
C MET B 803 4.75 17.98 25.38
N TYR B 804 5.44 18.99 24.84
CA TYR B 804 5.14 20.38 25.12
C TYR B 804 4.48 20.99 23.88
N LYS B 805 3.20 21.27 23.97
CA LYS B 805 2.43 21.86 22.89
C LYS B 805 2.11 23.31 23.22
N THR B 806 2.21 24.19 22.23
CA THR B 806 1.99 25.61 22.41
C THR B 806 1.04 26.12 21.34
N GLU B 807 -0.01 26.82 21.76
CA GLU B 807 -0.91 27.49 20.83
C GLU B 807 -1.07 28.94 21.24
N LYS B 808 -1.25 29.79 20.25
CA LYS B 808 -1.34 31.24 20.46
C LYS B 808 -2.80 31.67 20.37
N VAL B 809 -3.33 32.21 21.46
CA VAL B 809 -4.67 32.78 21.48
C VAL B 809 -4.55 34.25 21.13
N ASP B 810 -5.12 34.63 19.99
CA ASP B 810 -5.00 35.98 19.45
C ASP B 810 -6.39 36.54 19.23
N LEU B 811 -6.68 37.68 19.84
CA LEU B 811 -7.98 38.34 19.74
C LEU B 811 -7.96 39.49 18.75
N ALA B 812 -7.07 39.44 17.76
CA ALA B 812 -6.89 40.55 16.84
C ALA B 812 -6.83 40.12 15.37
N LEU B 813 -7.23 38.90 15.05
CA LEU B 813 -7.18 38.40 13.68
C LEU B 813 -8.54 38.43 12.99
N ASN B 814 -9.32 39.48 13.27
CA ASN B 814 -10.54 39.77 12.54
C ASN B 814 -10.75 41.27 12.31
N ARG B 815 -9.66 42.04 12.31
CA ARG B 815 -9.79 43.50 12.25
C ARG B 815 -8.49 44.12 11.73
N ASN B 816 -8.60 45.35 11.25
CA ASN B 816 -7.48 46.09 10.68
C ASN B 816 -7.87 47.57 10.62
N ARG B 817 -6.84 48.43 10.51
CA ARG B 817 -6.95 49.87 10.25
C ARG B 817 -7.72 50.58 11.36
N GLY B 818 -7.09 50.57 12.54
CA GLY B 818 -7.46 51.44 13.66
C GLY B 818 -8.83 51.30 14.27
N ASP B 819 -9.59 50.29 13.85
CA ASP B 819 -10.91 50.06 14.43
C ASP B 819 -10.76 49.55 15.86
N PRO B 820 -11.62 49.98 16.78
CA PRO B 820 -11.34 49.81 18.20
C PRO B 820 -11.48 48.35 18.63
N ILE B 821 -10.79 48.03 19.72
CA ILE B 821 -10.72 46.65 20.20
C ILE B 821 -12.03 46.24 20.85
N THR B 822 -12.86 45.53 20.09
CA THR B 822 -14.16 45.08 20.55
C THR B 822 -14.08 43.90 21.51
N GLN B 823 -12.91 43.26 21.61
CA GLN B 823 -12.74 42.05 22.42
C GLN B 823 -11.60 42.29 23.40
N HIS B 824 -11.94 42.35 24.68
CA HIS B 824 -10.99 42.59 25.75
C HIS B 824 -10.81 41.32 26.56
N PHE B 825 -9.61 41.11 27.08
CA PHE B 825 -9.38 39.99 27.98
C PHE B 825 -10.06 40.23 29.33
N GLY B 826 -10.51 39.16 29.93
CA GLY B 826 -11.11 39.22 31.24
C GLY B 826 -12.61 39.07 31.21
N PHE B 827 -13.21 39.30 32.36
CA PHE B 827 -14.66 39.17 32.54
C PHE B 827 -15.31 40.55 32.56
N GLY B 828 -16.54 40.59 32.06
CA GLY B 828 -17.32 41.82 32.03
C GLY B 828 -18.23 41.95 33.23
N ASN B 829 -19.50 42.28 32.99
CA ASN B 829 -20.45 42.44 34.09
C ASN B 829 -21.80 41.80 33.82
N ASP B 830 -21.87 40.83 32.91
CA ASP B 830 -23.11 40.13 32.68
C ASP B 830 -23.23 38.94 33.62
N GLU B 831 -24.22 38.08 33.39
CA GLU B 831 -24.36 36.84 34.15
C GLU B 831 -23.59 35.75 33.42
N TRP B 832 -22.29 35.74 33.66
CA TRP B 832 -21.53 34.61 33.12
C TRP B 832 -21.42 33.50 34.15
N PRO B 833 -21.44 32.24 33.73
CA PRO B 833 -21.50 31.13 34.70
C PRO B 833 -20.21 30.98 35.49
N LYS B 834 -20.35 30.96 36.82
CA LYS B 834 -19.24 30.86 37.76
C LYS B 834 -18.69 29.44 37.89
N GLU B 835 -19.06 28.54 36.96
CA GLU B 835 -18.53 27.19 36.94
C GLU B 835 -17.02 27.18 36.72
N TRP B 836 -16.52 28.08 35.89
CA TRP B 836 -15.11 28.05 35.49
C TRP B 836 -14.24 29.02 36.26
N LEU B 837 -14.49 29.23 37.55
CA LEU B 837 -13.47 29.84 38.38
C LEU B 837 -12.37 28.87 38.75
N GLU B 838 -12.54 27.58 38.47
CA GLU B 838 -11.54 26.59 38.78
C GLU B 838 -10.38 26.60 37.80
N LYS B 839 -10.53 27.24 36.66
CA LYS B 839 -9.50 27.28 35.63
C LYS B 839 -8.93 28.66 35.40
N LEU B 840 -9.76 29.70 35.42
CA LEU B 840 -9.38 31.02 34.94
C LEU B 840 -9.20 31.99 36.09
N ASP B 841 -8.26 32.92 35.91
CA ASP B 841 -7.97 33.93 36.91
C ASP B 841 -8.81 35.17 36.60
N GLU B 842 -8.69 36.21 37.43
CA GLU B 842 -9.48 37.42 37.25
C GLU B 842 -9.04 38.26 36.07
N ASP B 843 -7.89 37.96 35.46
CA ASP B 843 -7.45 38.62 34.24
C ASP B 843 -7.82 37.85 32.98
N GLY B 844 -8.66 36.83 33.11
CA GLY B 844 -9.12 36.06 31.99
C GLY B 844 -8.24 34.89 31.60
N LEU B 845 -7.03 34.91 31.95
CA LEU B 845 -5.94 34.01 31.67
C LEU B 845 -5.95 32.84 32.67
N PRO B 846 -5.56 31.65 32.24
CA PRO B 846 -5.68 30.49 33.13
C PRO B 846 -4.53 30.42 34.12
N TYR B 847 -4.74 29.61 35.14
CA TYR B 847 -3.72 29.45 36.17
C TYR B 847 -2.62 28.52 35.69
N ILE B 848 -1.40 28.79 36.16
CA ILE B 848 -0.27 27.95 35.83
C ILE B 848 -0.36 26.65 36.60
N GLY B 849 -0.24 25.53 35.89
CA GLY B 849 -0.21 24.22 36.51
C GLY B 849 -1.53 23.50 36.61
N THR B 850 -2.62 24.09 36.13
CA THR B 850 -3.91 23.45 36.28
C THR B 850 -4.09 22.35 35.22
N TYR B 851 -4.94 21.39 35.55
CA TYR B 851 -5.21 20.23 34.71
C TYR B 851 -6.39 20.51 33.80
N VAL B 852 -6.19 20.37 32.50
CA VAL B 852 -7.17 20.77 31.49
C VAL B 852 -7.43 19.59 30.56
N GLU B 853 -8.69 19.17 30.47
CA GLU B 853 -9.13 18.16 29.53
C GLU B 853 -10.06 18.79 28.50
N GLU B 854 -10.59 17.96 27.60
CA GLU B 854 -11.40 18.42 26.48
C GLU B 854 -12.71 19.02 26.97
N GLY B 855 -12.86 20.33 26.81
CA GLY B 855 -14.03 21.05 27.28
C GLY B 855 -13.73 22.19 28.23
N ASP B 856 -12.52 22.26 28.78
CA ASP B 856 -12.22 23.32 29.72
C ASP B 856 -11.86 24.61 28.99
N PRO B 857 -12.18 25.76 29.55
CA PRO B 857 -11.81 27.03 28.92
C PRO B 857 -10.37 27.41 29.23
N ILE B 858 -9.70 27.98 28.23
CA ILE B 858 -8.32 28.41 28.39
C ILE B 858 -8.15 29.91 28.33
N CYS B 859 -9.18 30.66 27.96
CA CYS B 859 -9.14 32.11 28.07
C CYS B 859 -10.56 32.62 28.16
N ALA B 860 -10.74 33.75 28.84
CA ALA B 860 -12.02 34.42 28.93
C ALA B 860 -11.89 35.80 28.32
N TYR B 861 -12.84 36.17 27.46
CA TYR B 861 -12.80 37.48 26.81
C TYR B 861 -14.21 38.03 26.68
N PHE B 862 -14.35 39.32 26.93
CA PHE B 862 -15.62 40.04 26.82
C PHE B 862 -15.77 40.61 25.43
N ASP B 863 -16.94 40.42 24.82
CA ASP B 863 -17.22 40.92 23.48
C ASP B 863 -18.16 42.12 23.59
N ASP B 864 -17.89 43.15 22.79
CA ASP B 864 -18.62 44.40 22.91
C ASP B 864 -19.90 44.43 22.07
N THR B 865 -19.92 43.75 20.93
CA THR B 865 -21.14 43.71 20.13
C THR B 865 -22.14 42.68 20.63
N LEU B 866 -21.78 41.88 21.63
CA LEU B 866 -22.70 40.90 22.19
C LEU B 866 -22.91 41.05 23.69
N ASN B 867 -22.08 41.84 24.38
CA ASN B 867 -22.08 42.00 25.84
C ASN B 867 -21.97 40.66 26.57
N LYS B 868 -21.20 39.75 25.99
CA LYS B 868 -21.16 38.36 26.43
C LYS B 868 -19.72 37.93 26.58
N THR B 869 -19.34 37.53 27.79
CA THR B 869 -17.99 37.05 28.03
C THR B 869 -17.89 35.63 27.49
N LYS B 870 -17.48 35.51 26.23
CA LYS B 870 -17.28 34.18 25.72
C LYS B 870 -15.90 33.65 26.12
N ILE B 871 -15.67 32.38 25.83
CA ILE B 871 -14.41 31.73 26.15
C ILE B 871 -13.89 31.04 24.90
N LYS B 872 -12.70 30.46 25.04
CA LYS B 872 -12.15 29.54 24.05
C LYS B 872 -11.79 28.25 24.77
N THR B 873 -12.27 27.13 24.24
CA THR B 873 -12.10 25.86 24.90
C THR B 873 -10.91 25.10 24.32
N TYR B 874 -10.46 24.10 25.08
CA TYR B 874 -9.28 23.32 24.75
C TYR B 874 -9.65 22.26 23.73
N HIS B 875 -9.23 22.45 22.48
CA HIS B 875 -9.61 21.57 21.37
C HIS B 875 -8.58 20.48 21.15
N SER B 876 -8.46 19.60 22.15
CA SER B 876 -7.57 18.46 22.04
C SER B 876 -8.06 17.37 22.97
N SER B 877 -8.05 16.13 22.50
CA SER B 877 -8.57 15.00 23.26
C SER B 877 -7.52 14.35 24.15
N GLU B 878 -6.47 15.07 24.50
CA GLU B 878 -5.38 14.52 25.31
C GLU B 878 -5.09 15.49 26.44
N PRO B 879 -5.34 15.10 27.70
CA PRO B 879 -5.36 16.07 28.80
C PRO B 879 -3.96 16.57 29.14
N ALA B 880 -3.88 17.87 29.40
CA ALA B 880 -2.61 18.56 29.52
C ALA B 880 -2.55 19.34 30.82
N TYR B 881 -1.46 20.09 30.98
CA TYR B 881 -1.23 20.93 32.13
C TYR B 881 -0.66 22.24 31.63
N ILE B 882 -1.26 23.35 32.06
CA ILE B 882 -0.83 24.66 31.57
C ILE B 882 0.49 25.04 32.22
N GLU B 883 1.52 25.25 31.42
CA GLU B 883 2.86 25.42 31.95
C GLU B 883 3.31 26.87 31.98
N GLU B 884 3.20 27.59 30.87
CA GLU B 884 3.51 29.01 30.89
C GLU B 884 2.51 29.75 30.01
N VAL B 885 2.20 30.98 30.43
CA VAL B 885 1.25 31.84 29.76
C VAL B 885 1.94 33.18 29.55
N ASN B 886 2.19 33.54 28.30
CA ASN B 886 2.92 34.75 27.97
C ASN B 886 1.98 35.88 27.59
N LEU B 887 2.46 37.10 27.76
CA LEU B 887 1.73 38.29 27.34
C LEU B 887 2.55 38.92 26.22
N ILE B 888 2.22 38.56 24.98
CA ILE B 888 2.86 39.18 23.81
C ILE B 888 2.26 40.57 23.68
N GLY B 889 3.03 41.58 24.07
CA GLY B 889 2.62 42.96 23.89
C GLY B 889 3.05 43.47 22.54
N ASP B 890 2.15 44.20 21.88
CA ASP B 890 2.40 44.69 20.54
C ASP B 890 3.09 46.04 20.62
N GLU B 891 4.05 46.25 19.72
CA GLU B 891 4.82 47.50 19.71
C GLU B 891 4.05 48.58 18.96
N SER B 892 3.72 49.65 19.66
CA SER B 892 3.10 50.82 19.05
C SER B 892 3.40 52.03 19.94
N ASN B 893 3.34 53.21 19.33
CA ASN B 893 3.55 54.43 20.11
C ASN B 893 2.38 54.71 21.05
N LYS B 894 1.15 54.50 20.58
CA LYS B 894 -0.03 54.54 21.42
C LYS B 894 -0.21 53.15 22.01
N PHE B 895 0.01 53.04 23.32
CA PHE B 895 0.27 51.76 23.98
C PHE B 895 -1.02 50.95 24.08
N GLN B 896 -1.08 49.84 23.34
CA GLN B 896 -2.31 49.09 23.16
C GLN B 896 -2.51 48.10 24.31
N GLU B 897 -3.77 47.93 24.70
CA GLU B 897 -4.17 46.80 25.54
C GLU B 897 -3.88 45.50 24.80
N LEU B 898 -3.54 44.45 25.56
CA LEU B 898 -3.04 43.22 24.95
C LEU B 898 -4.14 42.50 24.17
N GLN B 899 -3.73 41.88 23.05
CA GLN B 899 -4.62 41.10 22.21
C GLN B 899 -4.03 39.74 21.88
N THR B 900 -2.88 39.39 22.46
CA THR B 900 -2.13 38.20 22.05
C THR B 900 -1.55 37.54 23.28
N VAL B 901 -1.90 36.27 23.49
CA VAL B 901 -1.42 35.48 24.62
C VAL B 901 -1.07 34.09 24.12
N SER B 902 0.16 33.65 24.39
CA SER B 902 0.62 32.31 24.04
C SER B 902 0.57 31.41 25.27
N ILE B 903 -0.08 30.26 25.13
CA ILE B 903 -0.25 29.31 26.22
C ILE B 903 0.47 28.01 25.85
N LYS B 904 1.23 27.47 26.80
CA LYS B 904 2.01 26.25 26.61
C LYS B 904 1.47 25.14 27.49
N TYR B 905 1.37 23.94 26.93
CA TYR B 905 0.87 22.79 27.66
C TYR B 905 2.00 21.78 27.86
N ARG B 906 1.77 20.83 28.76
CA ARG B 906 2.61 19.65 28.84
C ARG B 906 1.72 18.44 29.05
N ILE B 907 2.09 17.32 28.45
CA ILE B 907 1.25 16.12 28.42
C ILE B 907 2.09 14.94 28.87
N ARG B 908 1.59 14.19 29.84
CA ARG B 908 2.29 13.03 30.37
C ARG B 908 2.29 11.92 29.32
N ARG B 909 3.42 11.73 28.66
CA ARG B 909 3.59 10.59 27.76
C ARG B 909 4.29 9.45 28.49
N THR B 910 3.55 8.86 29.43
CA THR B 910 3.94 7.60 30.06
C THR B 910 4.00 6.51 28.98
N PRO B 911 5.05 5.65 28.97
CA PRO B 911 5.17 4.67 27.88
C PRO B 911 4.10 3.60 27.90
N GLN B 912 3.14 3.75 26.99
CA GLN B 912 2.00 2.87 26.87
C GLN B 912 2.36 1.69 25.96
N ILE B 913 1.45 0.73 25.88
CA ILE B 913 1.60 -0.33 24.88
C ILE B 913 1.35 0.24 23.50
N GLY B 914 2.05 -0.30 22.51
CA GLY B 914 2.03 0.26 21.18
C GLY B 914 3.11 1.27 20.90
N ASP B 915 3.82 1.73 21.94
CA ASP B 915 4.91 2.67 21.76
C ASP B 915 6.14 1.96 21.21
N LYS B 916 6.89 2.68 20.40
CA LYS B 916 7.95 2.11 19.59
C LYS B 916 9.29 2.45 20.24
N PHE B 917 9.98 1.44 20.76
CA PHE B 917 11.35 1.63 21.24
C PHE B 917 12.30 1.05 20.21
N SER B 918 13.54 1.54 20.24
CA SER B 918 14.51 1.09 19.26
C SER B 918 15.90 1.10 19.86
N SER B 919 16.75 0.20 19.37
CA SER B 919 18.16 0.19 19.70
C SER B 919 18.88 1.22 18.83
N ARG B 920 20.21 1.17 18.83
CA ARG B 920 20.99 1.93 17.87
C ARG B 920 21.42 1.09 16.67
N HIS B 921 20.64 0.05 16.36
CA HIS B 921 21.02 -0.89 15.32
C HIS B 921 19.85 -1.22 14.41
N GLY B 922 18.92 -0.30 14.23
CA GLY B 922 17.84 -0.49 13.28
C GLY B 922 16.80 -1.50 13.71
N GLN B 923 16.66 -1.71 15.01
CA GLN B 923 15.77 -2.72 15.59
C GLN B 923 14.64 -2.00 16.33
N LYS B 924 13.55 -1.72 15.64
CA LYS B 924 12.41 -1.14 16.33
C LYS B 924 11.34 -2.20 16.59
N GLY B 925 10.50 -1.91 17.57
CA GLY B 925 9.41 -2.80 17.91
C GLY B 925 8.45 -2.18 18.89
N VAL B 926 7.15 -2.43 18.72
CA VAL B 926 6.15 -1.82 19.58
C VAL B 926 6.11 -2.59 20.88
N CYS B 927 5.44 -2.05 21.89
CA CYS B 927 5.23 -2.76 23.13
C CYS B 927 4.00 -3.63 23.00
N SER B 928 4.15 -4.92 23.30
CA SER B 928 2.99 -5.79 23.37
C SER B 928 2.27 -5.62 24.70
N ARG B 929 3.00 -5.81 25.79
CA ARG B 929 2.38 -5.80 27.10
C ARG B 929 3.45 -5.50 28.14
N LYS B 930 3.13 -4.59 29.05
CA LYS B 930 4.01 -4.32 30.18
C LYS B 930 3.96 -5.49 31.15
N TRP B 931 4.90 -6.40 30.99
CA TRP B 931 4.89 -7.70 31.66
C TRP B 931 5.28 -7.52 33.13
N PRO B 932 4.52 -8.08 34.06
CA PRO B 932 4.81 -7.86 35.48
C PRO B 932 6.11 -8.48 35.91
N THR B 933 6.74 -7.84 36.91
CA THR B 933 8.09 -8.21 37.35
C THR B 933 8.17 -9.63 37.89
N ILE B 934 7.16 -10.05 38.66
CA ILE B 934 7.18 -11.41 39.18
C ILE B 934 6.95 -12.47 38.11
N ASP B 935 6.47 -12.08 36.92
CA ASP B 935 6.36 -12.99 35.80
C ASP B 935 7.50 -12.82 34.80
N MET B 936 8.58 -12.16 35.18
CA MET B 936 9.73 -12.05 34.29
C MET B 936 10.83 -12.99 34.72
N PRO B 937 11.73 -13.37 33.81
CA PRO B 937 12.89 -14.16 34.22
C PRO B 937 13.86 -13.34 35.04
N PHE B 938 14.69 -14.05 35.80
CA PHE B 938 15.63 -13.41 36.69
C PHE B 938 16.91 -14.22 36.75
N SER B 939 18.04 -13.52 36.84
CA SER B 939 19.35 -14.15 36.83
C SER B 939 19.66 -14.77 38.19
N GLU B 940 20.86 -15.32 38.32
CA GLU B 940 21.31 -15.76 39.63
C GLU B 940 21.70 -14.58 40.50
N THR B 941 22.12 -13.47 39.89
CA THR B 941 22.43 -12.26 40.63
C THR B 941 21.18 -11.51 41.06
N GLY B 942 20.01 -11.86 40.54
CA GLY B 942 18.77 -11.29 40.98
C GLY B 942 18.21 -10.19 40.13
N ILE B 943 18.97 -9.72 39.13
CA ILE B 943 18.45 -8.66 38.27
C ILE B 943 17.40 -9.24 37.34
N GLN B 944 16.50 -8.38 36.88
CA GLN B 944 15.45 -8.79 35.98
C GLN B 944 15.45 -7.81 34.82
N PRO B 945 15.44 -8.30 33.59
CA PRO B 945 15.63 -7.41 32.44
C PRO B 945 14.41 -6.53 32.22
N ASP B 946 14.67 -5.28 31.83
CA ASP B 946 13.58 -4.35 31.63
C ASP B 946 13.13 -4.24 30.18
N ILE B 947 13.85 -4.84 29.24
CA ILE B 947 13.37 -5.10 27.90
C ILE B 947 13.67 -6.56 27.58
N ILE B 948 12.69 -7.28 27.05
CA ILE B 948 12.94 -8.55 26.38
C ILE B 948 12.91 -8.31 24.88
N ILE B 949 13.97 -8.70 24.19
CA ILE B 949 13.95 -8.76 22.74
C ILE B 949 13.94 -10.23 22.33
N ASN B 950 13.24 -10.54 21.25
CA ASN B 950 13.13 -11.90 20.76
C ASN B 950 14.45 -12.30 20.10
N PRO B 951 14.84 -13.58 20.15
CA PRO B 951 15.98 -14.03 19.36
C PRO B 951 15.69 -14.21 17.88
N HIS B 952 14.48 -13.94 17.40
CA HIS B 952 14.17 -14.08 15.99
C HIS B 952 14.29 -12.78 15.22
N ALA B 953 14.45 -11.66 15.90
CA ALA B 953 14.69 -10.40 15.21
C ALA B 953 16.09 -10.32 14.64
N PHE B 954 16.99 -11.19 15.07
CA PHE B 954 18.38 -11.19 14.68
C PHE B 954 18.79 -11.92 13.39
N PRO B 955 18.29 -13.12 13.03
CA PRO B 955 18.84 -13.77 11.82
C PRO B 955 18.45 -13.12 10.51
N SER B 956 17.19 -12.72 10.33
CA SER B 956 16.81 -12.11 9.07
C SER B 956 17.25 -10.66 8.96
N ARG B 957 17.61 -10.03 10.08
CA ARG B 957 18.08 -8.65 10.06
C ARG B 957 19.60 -8.55 10.08
N MET B 958 20.28 -9.50 10.72
CA MET B 958 21.74 -9.60 10.79
C MET B 958 22.37 -8.37 11.43
N THR B 959 21.81 -7.96 12.57
CA THR B 959 22.38 -6.87 13.36
C THR B 959 23.24 -7.45 14.46
N ILE B 960 24.41 -7.97 14.05
CA ILE B 960 25.33 -8.57 14.99
C ILE B 960 26.00 -7.51 15.87
N GLY B 961 26.00 -6.25 15.42
CA GLY B 961 26.47 -5.15 16.25
C GLY B 961 25.64 -4.89 17.48
N MET B 962 24.40 -5.38 17.51
CA MET B 962 23.62 -5.32 18.73
C MET B 962 24.09 -6.35 19.74
N PHE B 963 24.54 -7.52 19.26
CA PHE B 963 25.04 -8.56 20.15
C PHE B 963 26.36 -8.17 20.80
N VAL B 964 27.21 -7.43 20.12
CA VAL B 964 28.47 -7.04 20.72
C VAL B 964 28.32 -5.77 21.54
N GLU B 965 27.20 -5.05 21.40
CA GLU B 965 26.89 -4.01 22.37
C GLU B 965 26.45 -4.62 23.69
N SER B 966 25.84 -5.81 23.65
CA SER B 966 25.41 -6.49 24.87
C SER B 966 26.59 -6.98 25.69
N LEU B 967 27.64 -7.46 25.03
CA LEU B 967 28.89 -7.78 25.72
C LEU B 967 29.57 -6.54 26.25
N ALA B 968 29.75 -5.54 25.39
CA ALA B 968 30.49 -4.35 25.77
C ALA B 968 29.73 -3.49 26.76
N GLY B 969 28.40 -3.51 26.68
CA GLY B 969 27.61 -2.78 27.67
C GLY B 969 27.69 -3.42 29.04
N LYS B 970 27.61 -4.74 29.10
CA LYS B 970 27.61 -5.43 30.39
C LYS B 970 28.99 -5.41 31.03
N ALA B 971 30.04 -5.53 30.22
CA ALA B 971 31.40 -5.51 30.76
C ALA B 971 31.80 -4.13 31.26
N GLY B 972 31.23 -3.08 30.67
CA GLY B 972 31.58 -1.74 31.08
C GLY B 972 30.85 -1.26 32.32
N ALA B 973 29.64 -1.78 32.56
CA ALA B 973 28.93 -1.45 33.79
C ALA B 973 29.54 -2.14 35.00
N LEU B 974 30.26 -3.23 34.80
CA LEU B 974 30.91 -3.92 35.90
C LEU B 974 32.20 -3.21 36.31
N HIS B 975 33.09 -2.98 35.36
CA HIS B 975 34.36 -2.36 35.67
C HIS B 975 34.26 -0.86 35.87
N GLY B 976 33.09 -0.26 35.62
CA GLY B 976 32.95 1.16 35.76
C GLY B 976 33.64 1.93 34.66
N ILE B 977 33.79 1.32 33.50
CA ILE B 977 34.49 1.94 32.38
C ILE B 977 33.53 2.06 31.21
N ALA B 978 33.86 2.95 30.29
CA ALA B 978 33.25 2.95 28.99
C ALA B 978 34.18 2.25 28.01
N GLN B 979 33.61 1.83 26.88
CA GLN B 979 34.43 1.36 25.78
C GLN B 979 34.06 2.14 24.55
N ASP B 980 35.05 2.42 23.70
CA ASP B 980 34.72 3.02 22.44
C ASP B 980 34.10 1.98 21.51
N SER B 981 33.32 2.47 20.57
CA SER B 981 32.79 1.61 19.54
C SER B 981 32.81 2.31 18.19
N THR B 982 33.76 3.20 18.00
CA THR B 982 33.99 3.76 16.68
C THR B 982 34.43 2.63 15.74
N PRO B 983 33.90 2.60 14.52
CA PRO B 983 34.10 1.41 13.69
C PRO B 983 35.52 1.28 13.18
N TRP B 984 35.90 0.01 12.94
CA TRP B 984 37.22 -0.43 12.50
C TRP B 984 38.30 -0.09 13.53
N ILE B 985 38.03 -0.48 14.77
CA ILE B 985 39.06 -0.62 15.80
C ILE B 985 39.34 -2.07 16.11
N PHE B 986 38.68 -3.00 15.43
CA PHE B 986 38.84 -4.43 15.64
C PHE B 986 39.23 -5.09 14.32
N ASN B 987 40.30 -5.88 14.35
CA ASN B 987 40.68 -6.65 13.19
C ASN B 987 39.86 -7.93 13.12
N GLU B 988 40.13 -8.76 12.11
CA GLU B 988 39.54 -10.08 12.06
C GLU B 988 40.24 -11.03 13.02
N ASP B 989 41.46 -10.70 13.43
CA ASP B 989 42.19 -11.52 14.41
C ASP B 989 41.60 -11.35 15.80
N ASP B 990 41.62 -10.12 16.33
CA ASP B 990 41.04 -9.86 17.65
C ASP B 990 39.59 -9.48 17.50
N THR B 991 38.74 -10.49 17.51
CA THR B 991 37.31 -10.31 17.56
C THR B 991 36.92 -9.60 18.85
N PRO B 992 35.97 -8.65 18.81
CA PRO B 992 35.50 -8.05 20.07
C PRO B 992 34.79 -9.02 21.00
N ALA B 993 34.31 -10.16 20.50
CA ALA B 993 33.82 -11.21 21.39
C ALA B 993 34.95 -11.78 22.24
N ASP B 994 36.18 -11.72 21.75
CA ASP B 994 37.34 -12.06 22.57
C ASP B 994 37.82 -10.88 23.40
N TYR B 995 37.58 -9.65 22.96
CA TYR B 995 37.99 -8.51 23.76
C TYR B 995 37.02 -8.24 24.90
N PHE B 996 35.73 -8.41 24.66
CA PHE B 996 34.73 -8.18 25.70
C PHE B 996 34.33 -9.44 26.42
N GLY B 997 34.71 -10.61 25.92
CA GLY B 997 34.51 -11.83 26.66
C GLY B 997 35.53 -12.02 27.74
N GLU B 998 36.78 -11.63 27.46
CA GLU B 998 37.83 -11.70 28.46
C GLU B 998 37.64 -10.69 29.58
N GLN B 999 36.89 -9.61 29.33
CA GLN B 999 36.53 -8.71 30.42
C GLN B 999 35.40 -9.27 31.26
N LEU B 1000 34.47 -10.00 30.65
CA LEU B 1000 33.41 -10.63 31.41
C LEU B 1000 33.93 -11.83 32.21
N ALA B 1001 35.00 -12.46 31.74
CA ALA B 1001 35.57 -13.58 32.48
C ALA B 1001 36.32 -13.12 33.71
N LYS B 1002 36.91 -11.94 33.67
CA LYS B 1002 37.61 -11.37 34.81
C LYS B 1002 36.69 -10.74 35.83
N ALA B 1003 35.38 -10.71 35.58
CA ALA B 1003 34.41 -10.24 36.54
C ALA B 1003 33.62 -11.37 37.17
N GLY B 1004 33.86 -12.61 36.76
CA GLY B 1004 33.11 -13.74 37.24
C GLY B 1004 31.92 -14.13 36.38
N TYR B 1005 31.69 -13.43 35.28
CA TYR B 1005 30.57 -13.70 34.40
C TYR B 1005 31.04 -14.55 33.22
N ASN B 1006 30.09 -14.93 32.37
CA ASN B 1006 30.38 -15.87 31.30
C ASN B 1006 31.12 -15.18 30.17
N TYR B 1007 32.00 -15.94 29.51
CA TYR B 1007 32.79 -15.43 28.41
C TYR B 1007 31.91 -15.09 27.22
N HIS B 1008 30.86 -15.87 27.00
CA HIS B 1008 30.02 -15.71 25.83
C HIS B 1008 28.85 -14.77 26.05
N GLY B 1009 28.88 -13.97 27.12
CA GLY B 1009 27.83 -13.02 27.40
C GLY B 1009 26.57 -13.59 28.02
N ASN B 1010 26.47 -14.91 28.12
CA ASN B 1010 25.29 -15.56 28.65
C ASN B 1010 25.21 -15.38 30.16
N GLU B 1011 24.02 -15.61 30.72
CA GLU B 1011 23.80 -15.69 32.16
C GLU B 1011 22.75 -16.74 32.45
N PRO B 1012 22.89 -17.49 33.54
CA PRO B 1012 21.85 -18.44 33.94
C PRO B 1012 20.64 -17.69 34.47
N MET B 1013 19.48 -17.94 33.88
CA MET B 1013 18.26 -17.30 34.34
C MET B 1013 17.23 -18.36 34.70
N TYR B 1014 16.20 -17.91 35.40
CA TYR B 1014 15.16 -18.77 35.93
C TYR B 1014 13.81 -18.31 35.40
N SER B 1015 12.85 -19.21 35.34
CA SER B 1015 11.50 -18.82 34.93
C SER B 1015 10.84 -18.02 36.05
N GLY B 1016 10.13 -16.97 35.67
CA GLY B 1016 9.41 -16.20 36.67
C GLY B 1016 8.09 -16.82 37.08
N ALA B 1017 7.51 -17.66 36.22
CA ALA B 1017 6.20 -18.23 36.44
C ALA B 1017 6.28 -19.58 37.16
N THR B 1018 7.11 -20.50 36.66
CA THR B 1018 7.27 -21.81 37.27
C THR B 1018 8.46 -21.90 38.21
N GLY B 1019 9.36 -20.91 38.20
CA GLY B 1019 10.48 -20.94 39.11
C GLY B 1019 11.56 -21.94 38.75
N GLU B 1020 11.58 -22.42 37.51
CA GLU B 1020 12.47 -23.47 37.10
C GLU B 1020 13.75 -22.91 36.51
N GLU B 1021 14.82 -23.70 36.61
CA GLU B 1021 16.04 -23.41 35.88
C GLU B 1021 15.79 -23.59 34.38
N LEU B 1022 15.96 -22.51 33.63
CA LEU B 1022 15.91 -22.55 32.17
C LEU B 1022 17.08 -23.37 31.62
N ARG B 1023 16.89 -23.89 30.41
CA ARG B 1023 17.88 -24.82 29.84
C ARG B 1023 19.22 -24.18 29.53
N ALA B 1024 19.21 -23.26 28.59
CA ALA B 1024 20.44 -22.57 28.21
C ALA B 1024 20.63 -21.36 29.09
N ASP B 1025 21.88 -20.98 29.26
CA ASP B 1025 22.17 -19.71 29.90
C ASP B 1025 21.74 -18.59 28.97
N ILE B 1026 20.95 -17.68 29.49
CA ILE B 1026 20.27 -16.70 28.66
C ILE B 1026 21.21 -15.54 28.40
N TYR B 1027 21.23 -15.07 27.15
CA TYR B 1027 22.13 -14.03 26.70
C TYR B 1027 21.59 -12.67 27.10
N VAL B 1028 22.26 -11.99 28.03
CA VAL B 1028 21.81 -10.68 28.50
C VAL B 1028 22.94 -9.66 28.41
N GLY B 1029 22.67 -8.47 28.92
CA GLY B 1029 23.59 -7.35 28.88
C GLY B 1029 22.80 -6.08 28.71
N VAL B 1030 23.46 -4.95 28.93
CA VAL B 1030 22.80 -3.67 28.78
C VAL B 1030 23.09 -3.16 27.37
N VAL B 1031 22.07 -2.60 26.72
CA VAL B 1031 22.26 -1.88 25.46
C VAL B 1031 21.47 -0.58 25.56
N TYR B 1032 21.99 0.43 24.87
CA TYR B 1032 21.36 1.75 24.87
C TYR B 1032 20.10 1.71 24.03
N TYR B 1033 18.98 2.10 24.60
CA TYR B 1033 17.75 2.19 23.82
C TYR B 1033 17.32 3.62 23.54
N GLN B 1034 16.44 3.72 22.56
CA GLN B 1034 15.90 4.98 22.11
C GLN B 1034 14.38 4.86 22.08
N ARG B 1035 13.70 5.89 22.54
CA ARG B 1035 12.24 5.92 22.48
C ARG B 1035 11.81 6.79 21.32
N LEU B 1036 11.07 6.19 20.38
CA LEU B 1036 10.67 6.89 19.17
C LEU B 1036 9.43 7.73 19.47
N ARG B 1037 8.80 8.23 18.42
CA ARG B 1037 7.91 9.38 18.55
C ARG B 1037 6.47 9.09 18.15
N HIS B 1038 6.23 8.14 17.27
CA HIS B 1038 4.86 7.76 16.91
C HIS B 1038 4.36 6.60 17.75
N LYS B 1043 -4.82 6.89 14.38
CA LYS B 1043 -4.54 6.15 15.60
C LYS B 1043 -5.72 6.23 16.56
N PHE B 1044 -6.42 5.09 16.71
CA PHE B 1044 -7.52 4.92 17.67
C PHE B 1044 -8.67 5.91 17.42
N GLN B 1045 -9.40 5.63 16.35
CA GLN B 1045 -10.71 6.20 16.16
C GLN B 1045 -11.77 5.10 16.20
N VAL B 1046 -12.92 5.42 16.78
CA VAL B 1046 -14.10 4.56 16.75
C VAL B 1046 -15.26 5.39 16.24
N ARG B 1047 -16.33 4.70 15.85
CA ARG B 1047 -17.60 5.34 15.54
C ARG B 1047 -18.70 4.30 15.59
N SER B 1048 -19.74 4.59 16.36
CA SER B 1048 -21.03 3.92 16.22
C SER B 1048 -21.96 4.73 15.33
N THR B 1049 -22.33 5.93 15.76
CA THR B 1049 -22.99 6.91 14.91
C THR B 1049 -22.33 8.27 15.07
N GLY B 1050 -22.94 9.31 14.52
CA GLY B 1050 -22.41 10.64 14.65
C GLY B 1050 -22.87 11.54 13.53
N PRO B 1051 -22.07 12.55 13.21
CA PRO B 1051 -22.43 13.46 12.11
C PRO B 1051 -22.29 12.80 10.76
N VAL B 1052 -23.09 13.29 9.81
CA VAL B 1052 -23.02 12.81 8.44
C VAL B 1052 -22.71 13.97 7.51
N ASN B 1053 -22.63 13.69 6.21
CA ASN B 1053 -22.34 14.69 5.21
C ASN B 1053 -23.64 15.37 4.77
N SER B 1054 -23.50 16.54 4.17
CA SER B 1054 -24.66 17.30 3.72
C SER B 1054 -25.02 17.02 2.28
N LEU B 1055 -24.05 16.63 1.47
CA LEU B 1055 -24.31 16.32 0.07
C LEU B 1055 -24.74 14.88 -0.15
N THR B 1056 -24.21 13.95 0.63
CA THR B 1056 -24.42 12.53 0.39
C THR B 1056 -25.02 11.78 1.57
N MET B 1057 -25.11 12.41 2.75
CA MET B 1057 -25.58 11.80 4.01
C MET B 1057 -24.75 10.56 4.39
N GLN B 1058 -23.50 10.53 3.99
CA GLN B 1058 -22.54 9.53 4.39
C GLN B 1058 -21.76 10.04 5.58
N PRO B 1059 -21.14 9.15 6.37
CA PRO B 1059 -20.33 9.60 7.51
C PRO B 1059 -19.17 10.50 7.13
N VAL B 1060 -18.81 11.38 8.07
CA VAL B 1060 -17.87 12.47 7.85
C VAL B 1060 -16.46 11.91 7.81
N LYS B 1061 -15.61 12.46 6.94
CA LYS B 1061 -14.18 12.18 6.99
C LYS B 1061 -13.55 12.93 8.15
N GLY B 1062 -12.81 12.22 8.99
CA GLY B 1062 -12.07 12.89 10.03
C GLY B 1062 -12.10 12.20 11.38
N ARG B 1063 -10.94 12.07 12.01
CA ARG B 1063 -10.89 11.47 13.33
C ARG B 1063 -11.38 12.44 14.40
N LYS B 1064 -11.03 13.73 14.27
CA LYS B 1064 -11.37 14.71 15.29
C LYS B 1064 -12.85 15.08 15.29
N ARG B 1065 -13.56 14.84 14.19
CA ARG B 1065 -14.97 15.19 14.10
C ARG B 1065 -15.88 14.01 14.36
N HIS B 1066 -15.36 12.95 14.98
CA HIS B 1066 -16.07 11.69 15.27
C HIS B 1066 -16.65 11.08 14.00
N GLY B 1067 -15.81 10.98 12.97
CA GLY B 1067 -16.22 10.45 11.69
C GLY B 1067 -15.82 9.00 11.50
N GLY B 1068 -16.27 8.45 10.37
CA GLY B 1068 -16.13 7.04 10.09
C GLY B 1068 -14.90 6.71 9.24
N ILE B 1069 -14.70 5.41 9.05
CA ILE B 1069 -13.64 4.89 8.20
C ILE B 1069 -14.26 4.41 6.90
N ARG B 1070 -13.44 4.23 5.88
CA ARG B 1070 -13.93 4.00 4.53
C ARG B 1070 -13.82 2.53 4.15
N VAL B 1071 -14.89 1.98 3.58
CA VAL B 1071 -14.87 0.68 2.94
C VAL B 1071 -14.78 0.96 1.46
N GLY B 1072 -13.56 0.97 0.93
CA GLY B 1072 -13.31 1.43 -0.42
C GLY B 1072 -13.58 0.36 -1.46
N GLU B 1073 -13.00 0.56 -2.65
CA GLU B 1073 -13.23 -0.34 -3.76
C GLU B 1073 -12.46 -1.64 -3.64
N MET B 1074 -11.25 -1.60 -3.08
CA MET B 1074 -10.50 -2.83 -2.91
C MET B 1074 -11.06 -3.64 -1.75
N GLU B 1075 -11.71 -2.96 -0.81
CA GLU B 1075 -12.48 -3.59 0.25
C GLU B 1075 -13.82 -4.08 -0.22
N ARG B 1076 -14.31 -3.56 -1.34
CA ARG B 1076 -15.64 -3.89 -1.85
C ARG B 1076 -15.65 -5.27 -2.48
N ASP B 1077 -14.71 -5.54 -3.39
CA ASP B 1077 -14.67 -6.83 -4.04
C ASP B 1077 -14.01 -7.92 -3.21
N ALA B 1078 -13.39 -7.57 -2.09
CA ALA B 1078 -13.09 -8.58 -1.09
C ALA B 1078 -14.37 -9.11 -0.46
N LEU B 1079 -15.39 -8.27 -0.36
CA LEU B 1079 -16.69 -8.72 0.12
C LEU B 1079 -17.49 -9.41 -0.97
N ILE B 1080 -17.29 -9.04 -2.23
CA ILE B 1080 -17.81 -9.85 -3.33
C ILE B 1080 -17.08 -11.18 -3.38
N GLY B 1081 -15.77 -11.16 -3.12
CA GLY B 1081 -14.93 -12.32 -3.33
C GLY B 1081 -15.21 -13.48 -2.40
N HIS B 1082 -15.66 -13.20 -1.17
CA HIS B 1082 -16.14 -14.26 -0.31
C HIS B 1082 -17.52 -14.76 -0.71
N GLY B 1083 -18.20 -14.07 -1.61
CA GLY B 1083 -19.57 -14.39 -1.93
C GLY B 1083 -20.56 -13.97 -0.88
N THR B 1084 -20.13 -13.25 0.15
CA THR B 1084 -21.04 -12.74 1.15
C THR B 1084 -21.73 -11.48 0.62
N SER B 1085 -23.04 -11.55 0.48
CA SER B 1085 -23.78 -10.50 -0.19
C SER B 1085 -24.55 -9.60 0.76
N PHE B 1086 -24.68 -9.99 2.03
CA PHE B 1086 -25.27 -9.12 3.03
C PHE B 1086 -24.25 -8.33 3.82
N LEU B 1087 -22.98 -8.74 3.84
CA LEU B 1087 -21.92 -7.90 4.38
C LEU B 1087 -21.65 -6.70 3.48
N LEU B 1088 -21.73 -6.89 2.18
CA LEU B 1088 -21.56 -5.77 1.28
C LEU B 1088 -22.75 -4.84 1.31
N GLN B 1089 -23.95 -5.38 1.54
CA GLN B 1089 -25.10 -4.50 1.68
C GLN B 1089 -25.06 -3.79 3.02
N ASP B 1090 -24.45 -4.40 4.04
CA ASP B 1090 -24.39 -3.77 5.35
C ASP B 1090 -23.38 -2.63 5.35
N ARG B 1091 -22.19 -2.86 4.80
CA ARG B 1091 -21.18 -1.82 4.79
C ARG B 1091 -21.50 -0.74 3.77
N LEU B 1092 -21.87 -1.11 2.55
CA LEU B 1092 -22.09 -0.11 1.53
C LEU B 1092 -23.50 0.46 1.51
N LEU B 1093 -24.45 -0.13 2.20
CA LEU B 1093 -25.73 0.56 2.23
C LEU B 1093 -26.38 0.67 3.60
N ASN B 1094 -26.33 -0.39 4.42
CA ASN B 1094 -27.16 -0.36 5.63
C ASN B 1094 -26.54 0.51 6.71
N SER B 1095 -25.23 0.67 6.70
CA SER B 1095 -24.56 1.41 7.75
C SER B 1095 -23.84 2.65 7.24
N SER B 1096 -24.17 3.12 6.03
CA SER B 1096 -23.61 4.38 5.56
C SER B 1096 -24.67 5.44 5.29
N ASP B 1097 -25.53 5.25 4.30
CA ASP B 1097 -26.47 6.28 3.90
C ASP B 1097 -27.80 5.68 3.47
N TYR B 1098 -28.31 4.74 4.27
CA TYR B 1098 -29.60 4.14 4.02
C TYR B 1098 -30.72 5.16 4.21
N THR B 1099 -31.69 5.14 3.31
CA THR B 1099 -32.84 6.02 3.40
C THR B 1099 -34.01 5.35 2.69
N GLN B 1100 -35.22 5.52 3.25
CA GLN B 1100 -36.44 5.02 2.60
C GLN B 1100 -37.11 6.20 1.92
N ALA B 1101 -36.55 6.61 0.79
CA ALA B 1101 -37.09 7.73 0.03
C ALA B 1101 -38.36 7.30 -0.70
N SER B 1102 -39.15 8.29 -1.09
CA SER B 1102 -40.43 8.06 -1.75
C SER B 1102 -40.30 8.26 -3.25
N VAL B 1103 -40.91 7.36 -4.01
CA VAL B 1103 -40.74 7.26 -5.46
C VAL B 1103 -42.13 7.28 -6.11
N CYS B 1104 -42.25 7.93 -7.25
CA CYS B 1104 -43.46 7.81 -8.05
C CYS B 1104 -43.42 6.53 -8.89
N ARG B 1105 -44.60 5.94 -9.10
CA ARG B 1105 -44.68 4.69 -9.86
C ARG B 1105 -44.90 4.91 -11.35
N GLU B 1106 -45.33 6.09 -11.79
CA GLU B 1106 -45.40 6.36 -13.21
C GLU B 1106 -44.32 7.31 -13.72
N CYS B 1107 -43.72 8.12 -12.84
CA CYS B 1107 -42.55 8.88 -13.23
C CYS B 1107 -41.29 8.03 -13.10
N GLY B 1108 -41.19 7.24 -12.06
CA GLY B 1108 -39.95 6.59 -11.71
C GLY B 1108 -38.86 7.55 -11.31
N SER B 1109 -39.22 8.66 -10.68
CA SER B 1109 -38.27 9.70 -10.34
C SER B 1109 -38.19 9.84 -8.83
N ILE B 1110 -36.96 9.91 -8.30
CA ILE B 1110 -36.78 9.90 -6.85
C ILE B 1110 -37.11 11.26 -6.26
N LEU B 1111 -36.57 12.32 -6.86
CA LEU B 1111 -36.60 13.66 -6.28
C LEU B 1111 -37.74 14.51 -6.82
N THR B 1112 -38.91 13.92 -7.01
CA THR B 1112 -40.09 14.67 -7.40
C THR B 1112 -41.14 14.74 -6.29
N THR B 1113 -41.56 13.59 -5.77
CA THR B 1113 -42.71 13.53 -4.90
C THR B 1113 -42.38 14.05 -3.50
N GLN B 1114 -43.41 14.57 -2.83
CA GLN B 1114 -43.22 15.36 -1.62
C GLN B 1114 -44.50 15.42 -0.81
N GLN B 1115 -44.34 15.76 0.47
CA GLN B 1115 -45.47 15.80 1.40
C GLN B 1115 -46.42 16.94 1.07
N SER B 1116 -47.70 16.62 0.88
CA SER B 1116 -48.69 17.65 0.63
C SER B 1116 -48.97 18.45 1.90
N VAL B 1117 -49.27 19.73 1.72
CA VAL B 1117 -49.66 20.58 2.84
C VAL B 1117 -51.15 20.37 3.10
N PRO B 1118 -51.52 19.80 4.23
CA PRO B 1118 -52.92 19.42 4.45
C PRO B 1118 -53.78 20.63 4.81
N ARG B 1119 -55.08 20.37 4.91
CA ARG B 1119 -56.00 21.34 5.48
C ARG B 1119 -55.99 21.20 7.00
N ILE B 1120 -56.95 21.82 7.67
CA ILE B 1120 -57.09 21.69 9.11
C ILE B 1120 -57.71 20.33 9.41
N GLY B 1121 -56.97 19.48 10.11
CA GLY B 1121 -57.45 18.16 10.46
C GLY B 1121 -57.18 17.08 9.43
N SER B 1122 -56.67 17.44 8.26
CA SER B 1122 -56.36 16.46 7.23
C SER B 1122 -55.01 15.80 7.50
N ILE B 1123 -54.63 14.91 6.60
CA ILE B 1123 -53.36 14.19 6.70
C ILE B 1123 -52.47 14.57 5.52
N SER B 1124 -51.17 14.63 5.78
CA SER B 1124 -50.19 15.00 4.77
C SER B 1124 -49.81 13.75 3.99
N THR B 1125 -50.32 13.62 2.77
CA THR B 1125 -50.00 12.49 1.93
C THR B 1125 -48.79 12.79 1.05
N VAL B 1126 -48.20 11.72 0.51
CA VAL B 1126 -47.07 11.82 -0.38
C VAL B 1126 -47.61 11.85 -1.81
N CYS B 1127 -47.11 12.78 -2.62
CA CYS B 1127 -47.78 13.07 -3.87
C CYS B 1127 -46.81 13.71 -4.85
N CYS B 1128 -47.07 13.52 -6.13
CA CYS B 1128 -46.09 13.73 -7.18
C CYS B 1128 -46.28 15.08 -7.88
N ARG B 1129 -45.17 15.68 -8.31
CA ARG B 1129 -45.16 16.98 -8.96
C ARG B 1129 -45.09 16.90 -10.48
N ARG B 1130 -44.44 15.87 -11.03
CA ARG B 1130 -44.18 15.82 -12.46
C ARG B 1130 -45.43 15.44 -13.25
N CYS B 1131 -46.08 14.35 -12.88
CA CYS B 1131 -47.27 13.87 -13.56
C CYS B 1131 -48.55 14.29 -12.86
N SER B 1132 -48.56 15.51 -12.32
CA SER B 1132 -49.78 16.12 -11.82
C SER B 1132 -50.27 17.17 -12.79
N MET B 1133 -51.48 17.66 -12.54
CA MET B 1133 -52.13 18.64 -13.41
C MET B 1133 -52.63 19.78 -12.55
N ARG B 1134 -52.52 21.02 -13.05
CA ARG B 1134 -53.06 22.16 -12.32
C ARG B 1134 -54.58 22.09 -12.24
N PHE B 1135 -55.13 22.66 -11.17
CA PHE B 1135 -56.58 22.68 -11.01
C PHE B 1135 -57.24 23.67 -11.96
N GLU B 1136 -56.52 24.70 -12.38
CA GLU B 1136 -56.99 25.55 -13.47
C GLU B 1136 -56.93 24.82 -14.82
N ASP B 1137 -56.12 23.76 -14.91
CA ASP B 1137 -56.00 22.99 -16.15
C ASP B 1137 -56.95 21.81 -16.19
N ALA B 1138 -57.35 21.29 -15.02
CA ALA B 1138 -58.27 20.15 -14.95
C ALA B 1138 -59.73 20.61 -14.84
N LYS B 1139 -60.13 21.48 -15.77
CA LYS B 1139 -61.46 22.09 -15.88
C LYS B 1139 -61.91 22.77 -14.58
N ILE B 1153 -62.74 15.28 -10.90
CA ILE B 1153 -62.20 15.40 -9.55
C ILE B 1153 -63.15 14.74 -8.56
N ASP B 1154 -62.59 14.21 -7.46
CA ASP B 1154 -63.37 13.50 -6.47
C ASP B 1154 -62.97 13.85 -5.04
N ASP B 1155 -62.34 15.02 -4.83
CA ASP B 1155 -62.09 15.68 -3.53
C ASP B 1155 -61.02 14.97 -2.69
N SER B 1156 -60.57 13.79 -3.13
CA SER B 1156 -59.52 13.07 -2.44
C SER B 1156 -58.22 13.02 -3.23
N GLN B 1157 -58.29 13.16 -4.55
CA GLN B 1157 -57.10 13.28 -5.38
C GLN B 1157 -56.55 14.69 -5.42
N ILE B 1158 -57.15 15.63 -4.69
CA ILE B 1158 -56.79 17.04 -4.75
C ILE B 1158 -55.94 17.36 -3.54
N TRP B 1159 -54.77 17.95 -3.76
CA TRP B 1159 -53.86 18.34 -2.70
C TRP B 1159 -53.27 19.70 -3.03
N GLU B 1160 -52.48 20.24 -2.10
CA GLU B 1160 -52.06 21.63 -2.18
C GLU B 1160 -50.62 21.79 -1.70
N ASP B 1161 -49.88 22.70 -2.34
CA ASP B 1161 -48.55 23.10 -1.89
C ASP B 1161 -48.64 24.00 -0.66
N GLY B 1162 -47.48 24.48 -0.23
CA GLY B 1162 -47.43 25.55 0.74
C GLY B 1162 -47.50 26.93 0.15
N GLN B 1163 -47.44 27.02 -1.18
CA GLN B 1163 -47.60 28.31 -1.85
C GLN B 1163 -49.02 28.82 -1.74
N GLY B 1164 -49.98 27.91 -1.61
CA GLY B 1164 -51.37 28.20 -1.88
C GLY B 1164 -51.84 27.65 -3.20
N ASN B 1165 -51.01 26.86 -3.88
CA ASN B 1165 -51.35 26.27 -5.16
C ASN B 1165 -51.93 24.88 -4.89
N LYS B 1166 -53.22 24.71 -5.17
CA LYS B 1166 -53.92 23.46 -4.93
C LYS B 1166 -54.18 22.81 -6.28
N PHE B 1167 -53.69 21.59 -6.47
CA PHE B 1167 -53.89 20.94 -7.76
C PHE B 1167 -53.92 19.42 -7.63
N VAL B 1168 -54.58 18.79 -8.59
CA VAL B 1168 -54.99 17.39 -8.54
C VAL B 1168 -54.13 16.57 -9.50
N GLY B 1169 -53.60 15.45 -9.01
CA GLY B 1169 -52.74 14.65 -9.85
C GLY B 1169 -52.27 13.35 -9.27
N GLY B 1170 -50.98 13.05 -9.47
CA GLY B 1170 -50.41 11.74 -9.20
C GLY B 1170 -50.39 11.28 -7.76
N ASN B 1171 -51.18 10.27 -7.46
CA ASN B 1171 -51.18 9.60 -6.17
C ASN B 1171 -50.47 8.25 -6.23
N GLU B 1172 -50.05 7.83 -7.42
CA GLU B 1172 -49.30 6.58 -7.59
C GLU B 1172 -47.89 6.81 -7.06
N THR B 1173 -47.67 6.45 -5.79
CA THR B 1173 -46.37 6.69 -5.17
C THR B 1173 -46.15 5.65 -4.08
N THR B 1174 -44.89 5.46 -3.73
CA THR B 1174 -44.49 4.46 -2.74
C THR B 1174 -43.10 4.84 -2.23
N THR B 1175 -42.69 4.19 -1.14
CA THR B 1175 -41.39 4.42 -0.53
C THR B 1175 -40.48 3.25 -0.83
N VAL B 1176 -39.28 3.55 -1.35
CA VAL B 1176 -38.32 2.54 -1.76
C VAL B 1176 -36.98 2.81 -1.08
N ALA B 1177 -36.41 1.78 -0.46
CA ALA B 1177 -35.14 1.90 0.25
C ALA B 1177 -33.99 1.97 -0.73
N ILE B 1178 -33.33 3.12 -0.79
CA ILE B 1178 -32.23 3.41 -1.70
C ILE B 1178 -31.07 3.94 -0.87
N PRO B 1179 -29.85 4.08 -1.40
CA PRO B 1179 -28.88 4.96 -0.75
C PRO B 1179 -29.18 6.41 -1.08
N PHE B 1180 -28.70 7.30 -0.21
CA PHE B 1180 -29.00 8.71 -0.43
C PHE B 1180 -28.18 9.28 -1.57
N VAL B 1181 -27.01 8.70 -1.85
CA VAL B 1181 -26.12 9.22 -2.89
C VAL B 1181 -26.73 9.02 -4.29
N LEU B 1182 -27.69 8.11 -4.42
CA LEU B 1182 -28.43 8.00 -5.67
C LEU B 1182 -29.30 9.23 -5.90
N LYS B 1183 -29.83 9.81 -4.82
CA LYS B 1183 -30.68 10.99 -4.94
C LYS B 1183 -29.86 12.22 -5.33
N TYR B 1184 -28.58 12.24 -4.97
CA TYR B 1184 -27.69 13.29 -5.44
C TYR B 1184 -27.20 13.04 -6.86
N LEU B 1185 -27.17 11.78 -7.30
CA LEU B 1185 -26.81 11.49 -8.69
C LEU B 1185 -27.88 11.97 -9.64
N ASP B 1186 -29.15 11.87 -9.24
CA ASP B 1186 -30.24 12.39 -10.06
C ASP B 1186 -30.20 13.90 -10.15
N SER B 1187 -29.77 14.56 -9.09
CA SER B 1187 -29.73 16.02 -9.10
C SER B 1187 -28.59 16.54 -9.95
N GLU B 1188 -27.49 15.79 -10.05
CA GLU B 1188 -26.39 16.19 -10.90
C GLU B 1188 -26.63 15.85 -12.36
N LEU B 1189 -27.53 14.91 -12.64
CA LEU B 1189 -27.84 14.53 -14.01
C LEU B 1189 -29.03 15.28 -14.58
N SER B 1190 -30.02 15.62 -13.76
CA SER B 1190 -31.15 16.40 -14.26
C SER B 1190 -30.76 17.84 -14.54
N ALA B 1191 -29.69 18.34 -13.92
CA ALA B 1191 -29.14 19.63 -14.30
C ALA B 1191 -28.56 19.59 -15.71
N MET B 1192 -27.88 18.50 -16.05
CA MET B 1192 -27.44 18.27 -17.42
C MET B 1192 -28.61 18.05 -18.35
N GLY B 1193 -29.71 17.50 -17.84
CA GLY B 1193 -30.87 17.21 -18.66
C GLY B 1193 -31.04 15.72 -18.88
N ILE B 1194 -30.67 14.91 -17.89
CA ILE B 1194 -30.68 13.46 -18.02
C ILE B 1194 -31.71 12.90 -17.02
N ARG B 1195 -32.75 12.29 -17.55
CA ARG B 1195 -33.85 11.76 -16.73
C ARG B 1195 -33.60 10.29 -16.45
N LEU B 1196 -33.69 9.91 -15.19
CA LEU B 1196 -33.55 8.53 -14.75
C LEU B 1196 -34.88 8.02 -14.25
N ARG B 1197 -35.42 7.01 -14.94
CA ARG B 1197 -36.74 6.47 -14.65
C ARG B 1197 -36.60 5.17 -13.88
N TYR B 1198 -36.75 5.25 -12.56
CA TYR B 1198 -36.55 4.12 -11.66
C TYR B 1198 -37.88 3.40 -11.51
N ASN B 1199 -38.16 2.43 -12.39
CA ASN B 1199 -39.45 1.77 -12.31
C ASN B 1199 -39.43 0.63 -11.29
N VAL B 1200 -40.50 0.57 -10.48
CA VAL B 1200 -40.58 -0.33 -9.35
C VAL B 1200 -41.52 -1.48 -9.69
N GLU B 1201 -41.36 -2.60 -9.00
CA GLU B 1201 -41.99 -3.82 -9.52
C GLU B 1201 -43.46 -3.98 -9.13
N PRO B 1202 -43.93 -3.80 -7.84
CA PRO B 1202 -45.37 -3.85 -7.64
C PRO B 1202 -46.06 -2.58 -8.16
N LYS B 1203 -46.71 -2.71 -9.31
CA LYS B 1203 -47.46 -1.62 -9.89
C LYS B 1203 -48.94 -1.95 -9.95
N GLU C 30 3.74 -41.96 49.15
CA GLU C 30 2.96 -41.19 50.10
C GLU C 30 3.75 -39.99 50.61
N TRP C 31 3.20 -38.80 50.40
CA TRP C 31 3.79 -37.56 50.89
C TRP C 31 2.91 -36.99 51.99
N ASN C 32 3.48 -36.83 53.17
CA ASN C 32 2.80 -36.20 54.29
C ASN C 32 3.68 -35.07 54.80
N VAL C 33 3.07 -34.13 55.52
CA VAL C 33 3.80 -32.96 55.98
C VAL C 33 4.77 -33.27 57.12
N GLU C 34 4.64 -34.43 57.77
CA GLU C 34 5.69 -34.86 58.69
C GLU C 34 6.91 -35.35 57.93
N LYS C 35 6.72 -35.92 56.74
CA LYS C 35 7.86 -36.28 55.90
C LYS C 35 8.49 -35.04 55.30
N PHE C 36 7.72 -33.97 55.13
CA PHE C 36 8.29 -32.71 54.67
C PHE C 36 9.01 -31.97 55.78
N LYS C 37 8.44 -31.96 56.99
CA LYS C 37 9.03 -31.23 58.11
C LYS C 37 10.36 -31.84 58.55
N LYS C 38 10.48 -33.17 58.44
CA LYS C 38 11.75 -33.82 58.73
C LYS C 38 12.82 -33.44 57.71
N ASP C 39 12.47 -33.37 56.44
CA ASP C 39 13.46 -33.14 55.39
C ASP C 39 13.78 -31.66 55.21
N PHE C 40 12.88 -30.76 55.59
CA PHE C 40 13.11 -29.33 55.43
C PHE C 40 13.98 -28.81 56.57
N GLU C 41 15.00 -28.02 56.24
CA GLU C 41 15.70 -27.26 57.26
C GLU C 41 16.20 -25.95 56.65
N VAL C 42 16.20 -24.92 57.47
CA VAL C 42 16.67 -23.59 57.10
C VAL C 42 18.10 -23.43 57.58
N ASN C 43 18.99 -23.02 56.68
CA ASN C 43 20.34 -22.62 57.04
C ASN C 43 20.48 -21.15 56.70
N ILE C 44 20.90 -20.34 57.67
CA ILE C 44 20.96 -18.90 57.52
C ILE C 44 22.40 -18.46 57.44
N SER C 45 22.75 -17.73 56.37
CA SER C 45 24.12 -17.30 56.15
C SER C 45 24.44 -16.02 56.90
N SER C 46 23.57 -15.02 56.81
CA SER C 46 23.85 -13.73 57.43
C SER C 46 22.56 -12.96 57.64
N LEU C 47 22.50 -12.21 58.74
CA LEU C 47 21.46 -11.23 58.97
C LEU C 47 22.03 -9.82 58.83
N ASP C 48 21.13 -8.87 58.66
CA ASP C 48 21.46 -7.45 58.70
C ASP C 48 20.17 -6.71 58.98
N ALA C 49 20.25 -5.39 59.06
CA ALA C 49 19.05 -4.57 59.15
C ALA C 49 18.34 -4.47 57.81
N ARG C 50 19.05 -4.68 56.71
CA ARG C 50 18.50 -4.53 55.37
C ARG C 50 18.60 -5.78 54.52
N GLU C 51 19.62 -6.60 54.70
CA GLU C 51 19.99 -7.63 53.73
C GLU C 51 20.17 -8.97 54.43
N ALA C 52 19.23 -9.89 54.23
CA ALA C 52 19.34 -11.24 54.75
C ALA C 52 19.79 -12.20 53.65
N ASN C 53 20.25 -13.37 54.08
CA ASN C 53 20.74 -14.40 53.17
C ASN C 53 20.64 -15.74 53.89
N PHE C 54 19.95 -16.69 53.28
CA PHE C 54 19.54 -17.90 53.97
C PHE C 54 19.17 -18.94 52.94
N ASP C 55 18.89 -20.16 53.42
CA ASP C 55 18.68 -21.30 52.53
C ASP C 55 17.38 -22.00 52.88
N LEU C 56 16.74 -22.55 51.85
CA LEU C 56 15.55 -23.39 52.01
C LEU C 56 15.87 -24.74 51.40
N ILE C 57 16.25 -25.68 52.26
CA ILE C 57 16.67 -27.01 51.82
C ILE C 57 15.44 -27.89 51.70
N ASN C 58 15.35 -28.65 50.59
CA ASN C 58 14.36 -29.71 50.37
C ASN C 58 12.94 -29.16 50.33
N ILE C 59 12.79 -27.97 49.76
CA ILE C 59 11.48 -27.42 49.44
C ILE C 59 11.39 -27.36 47.92
N ASP C 60 10.17 -27.31 47.40
CA ASP C 60 10.00 -27.38 45.96
C ASP C 60 10.20 -26.00 45.33
N THR C 61 10.55 -26.01 44.03
CA THR C 61 10.55 -24.80 43.22
C THR C 61 9.14 -24.23 43.07
N SER C 62 8.13 -25.06 43.20
CA SER C 62 6.75 -24.61 43.20
C SER C 62 6.45 -23.68 44.38
N ILE C 63 7.05 -23.96 45.53
CA ILE C 63 6.82 -23.18 46.73
C ILE C 63 7.81 -22.03 46.86
N ALA C 64 9.08 -22.29 46.51
CA ALA C 64 10.11 -21.26 46.67
C ALA C 64 9.93 -20.13 45.68
N ASN C 65 9.32 -20.38 44.52
CA ASN C 65 8.92 -19.28 43.65
C ASN C 65 7.75 -18.54 44.25
N ALA C 66 6.80 -19.27 44.86
CA ALA C 66 5.61 -18.66 45.44
C ALA C 66 5.94 -17.76 46.62
N PHE C 67 7.06 -17.97 47.30
CA PHE C 67 7.46 -17.08 48.37
C PHE C 67 8.06 -15.79 47.84
N ARG C 68 8.96 -15.87 46.85
CA ARG C 68 9.59 -14.67 46.35
C ARG C 68 8.68 -13.83 45.46
N ARG C 69 7.61 -14.42 44.91
CA ARG C 69 6.62 -13.64 44.18
C ARG C 69 5.72 -12.85 45.12
N ILE C 70 5.65 -13.24 46.39
CA ILE C 70 4.92 -12.49 47.39
C ILE C 70 5.80 -11.41 48.04
N MET C 71 7.10 -11.68 48.22
CA MET C 71 8.00 -10.69 48.78
C MET C 71 8.14 -9.48 47.89
N ILE C 72 8.02 -9.66 46.58
CA ILE C 72 8.08 -8.53 45.65
C ILE C 72 6.73 -7.86 45.49
N SER C 73 5.67 -8.63 45.27
CA SER C 73 4.44 -8.07 44.74
C SER C 73 3.32 -7.95 45.76
N GLU C 74 3.30 -8.74 46.82
CA GLU C 74 2.08 -8.89 47.61
C GLU C 74 2.21 -8.57 49.10
N VAL C 75 3.42 -8.38 49.63
CA VAL C 75 3.55 -7.90 51.00
C VAL C 75 3.57 -6.38 50.97
N PRO C 76 2.76 -5.71 51.79
CA PRO C 76 2.54 -4.27 51.61
C PRO C 76 3.71 -3.42 52.12
N SER C 77 3.58 -2.13 51.88
CA SER C 77 4.45 -1.10 52.42
C SER C 77 3.67 0.21 52.41
N VAL C 78 4.33 1.30 52.78
CA VAL C 78 3.72 2.61 52.81
C VAL C 78 4.52 3.52 51.89
N ALA C 79 3.84 4.12 50.91
CA ALA C 79 4.50 5.02 49.98
C ALA C 79 3.50 6.10 49.56
N ALA C 80 4.03 7.24 49.14
CA ALA C 80 3.21 8.38 48.78
C ALA C 80 2.45 8.12 47.48
N GLU C 81 1.14 8.28 47.52
CA GLU C 81 0.35 8.13 46.30
C GLU C 81 -0.33 9.41 45.87
N TYR C 82 -0.85 10.22 46.78
CA TYR C 82 -1.52 11.46 46.43
C TYR C 82 -0.67 12.63 46.88
N VAL C 83 -0.14 13.37 45.91
CA VAL C 83 0.67 14.55 46.19
C VAL C 83 -0.13 15.77 45.77
N TYR C 84 -0.24 16.74 46.68
CA TYR C 84 -1.06 17.93 46.50
C TYR C 84 -0.14 19.13 46.39
N PHE C 85 0.21 19.49 45.16
CA PHE C 85 1.04 20.67 44.93
C PHE C 85 0.25 21.94 45.17
N PHE C 86 0.71 22.75 46.13
CA PHE C 86 0.21 24.11 46.25
C PHE C 86 1.00 25.08 45.38
N ASN C 87 2.32 24.99 45.38
CA ASN C 87 3.12 25.82 44.51
C ASN C 87 4.36 25.05 44.10
N ASN C 88 4.79 25.27 42.86
CA ASN C 88 6.01 24.66 42.34
C ASN C 88 6.50 25.55 41.21
N THR C 89 7.50 26.38 41.49
CA THR C 89 8.14 27.19 40.47
C THR C 89 9.52 26.68 40.11
N SER C 90 9.80 25.41 40.38
CA SER C 90 11.07 24.80 40.03
C SER C 90 11.09 24.46 38.54
N VAL C 91 12.19 23.86 38.10
CA VAL C 91 12.33 23.44 36.71
C VAL C 91 11.75 22.03 36.51
N ILE C 92 11.94 21.16 37.49
CA ILE C 92 11.29 19.86 37.49
C ILE C 92 9.79 20.06 37.66
N GLN C 93 9.01 19.47 36.76
CA GLN C 93 7.57 19.72 36.75
C GLN C 93 6.88 18.84 37.77
N ASP C 94 5.55 18.89 37.78
CA ASP C 94 4.79 18.45 38.94
C ASP C 94 4.53 16.94 38.90
N GLU C 95 4.17 16.41 37.74
CA GLU C 95 3.95 14.97 37.62
C GLU C 95 5.24 14.19 37.72
N VAL C 96 6.38 14.83 37.52
CA VAL C 96 7.68 14.18 37.72
C VAL C 96 8.06 14.20 39.19
N LEU C 97 7.92 15.37 39.84
CA LEU C 97 8.33 15.52 41.23
C LEU C 97 7.36 14.82 42.17
N ALA C 98 6.11 14.63 41.78
CA ALA C 98 5.23 13.78 42.56
C ALA C 98 5.64 12.32 42.46
N HIS C 99 6.07 11.89 41.26
CA HIS C 99 6.49 10.53 41.03
C HIS C 99 7.75 10.17 41.79
N ARG C 100 8.59 11.16 42.10
CA ARG C 100 9.80 10.90 42.86
C ARG C 100 9.51 10.77 44.35
N ILE C 101 8.50 11.48 44.85
CA ILE C 101 8.15 11.38 46.27
C ILE C 101 7.49 10.03 46.54
N GLY C 102 6.81 9.45 45.56
CA GLY C 102 6.27 8.11 45.72
C GLY C 102 7.36 7.06 45.79
N LEU C 103 8.43 7.24 45.03
CA LEU C 103 9.53 6.29 45.02
C LEU C 103 10.41 6.38 46.26
N VAL C 104 10.22 7.38 47.11
CA VAL C 104 10.95 7.51 48.37
C VAL C 104 10.46 6.43 49.34
N PRO C 105 11.34 5.58 49.87
CA PRO C 105 10.91 4.64 50.91
C PRO C 105 10.70 5.35 52.24
N LEU C 106 9.67 4.93 52.96
CA LEU C 106 9.30 5.56 54.22
C LEU C 106 9.43 4.55 55.34
N LYS C 107 10.27 4.89 56.33
CA LYS C 107 10.53 3.99 57.45
C LYS C 107 9.37 4.11 58.44
N VAL C 108 8.31 3.38 58.15
CA VAL C 108 7.17 3.28 59.04
C VAL C 108 6.65 1.84 58.97
N ASP C 109 6.19 1.33 60.11
CA ASP C 109 5.67 -0.03 60.17
C ASP C 109 4.38 -0.11 59.37
N PRO C 110 4.25 -1.06 58.43
CA PRO C 110 2.99 -1.19 57.68
C PRO C 110 1.82 -1.74 58.49
N ASP C 111 2.03 -2.12 59.75
CA ASP C 111 0.97 -2.66 60.58
C ASP C 111 0.39 -1.64 61.55
N MET C 112 0.92 -0.42 61.56
CA MET C 112 0.39 0.63 62.42
C MET C 112 -0.70 1.44 61.75
N LEU C 113 -1.12 1.07 60.55
CA LEU C 113 -2.13 1.80 59.81
C LEU C 113 -2.78 0.87 58.80
N THR C 114 -4.09 1.04 58.61
CA THR C 114 -4.89 0.08 57.85
C THR C 114 -5.09 0.53 56.41
N TRP C 115 -6.01 -0.13 55.72
CA TRP C 115 -6.27 0.04 54.30
C TRP C 115 -7.35 1.09 54.06
N VAL C 116 -7.41 1.56 52.82
CA VAL C 116 -8.40 2.56 52.42
C VAL C 116 -9.50 1.88 51.63
N ASP C 117 -10.61 2.58 51.45
CA ASP C 117 -11.69 2.16 50.57
C ASP C 117 -11.71 3.08 49.36
N SER C 118 -11.56 2.49 48.17
CA SER C 118 -11.47 3.28 46.94
C SER C 118 -12.81 3.83 46.50
N ASN C 119 -13.91 3.29 47.01
CA ASN C 119 -15.23 3.76 46.62
C ASN C 119 -15.71 4.95 47.43
N LEU C 120 -15.15 5.17 48.62
CA LEU C 120 -15.53 6.30 49.45
C LEU C 120 -15.05 7.60 48.82
N PRO C 121 -15.81 8.69 48.95
CA PRO C 121 -15.34 9.98 48.42
C PRO C 121 -14.21 10.55 49.28
N ASP C 122 -13.59 11.60 48.74
CA ASP C 122 -12.35 12.15 49.30
C ASP C 122 -12.53 12.85 50.63
N ASP C 123 -13.77 13.04 51.09
CA ASP C 123 -13.99 13.59 52.42
C ASP C 123 -13.82 12.51 53.49
N GLU C 124 -14.34 11.31 53.25
CA GLU C 124 -14.30 10.24 54.23
C GLU C 124 -13.24 9.18 53.94
N LYS C 125 -12.52 9.28 52.82
CA LYS C 125 -11.60 8.22 52.45
C LYS C 125 -10.30 8.28 53.25
N PHE C 126 -9.78 9.48 53.45
CA PHE C 126 -8.52 9.66 54.17
C PHE C 126 -8.83 9.93 55.64
N THR C 127 -8.48 9.00 56.51
CA THR C 127 -8.71 9.13 57.93
C THR C 127 -7.37 9.22 58.66
N ASP C 128 -7.42 9.17 59.98
CA ASP C 128 -6.21 9.14 60.81
C ASP C 128 -5.66 7.75 61.00
N GLU C 129 -6.42 6.71 60.64
CA GLU C 129 -5.98 5.34 60.79
C GLU C 129 -5.43 4.74 59.50
N ASN C 130 -5.53 5.48 58.39
CA ASN C 130 -5.19 4.96 57.08
C ASN C 130 -4.10 5.75 56.38
N THR C 131 -3.96 7.03 56.67
CA THR C 131 -3.15 7.92 55.86
C THR C 131 -2.18 8.69 56.74
N ILE C 132 -0.91 8.62 56.39
CA ILE C 132 0.14 9.43 56.99
C ILE C 132 0.39 10.63 56.08
N VAL C 133 0.36 11.83 56.65
CA VAL C 133 0.44 13.05 55.87
C VAL C 133 1.87 13.60 55.96
N LEU C 134 2.53 13.68 54.81
CA LEU C 134 3.85 14.28 54.70
C LEU C 134 3.75 15.64 54.04
N SER C 135 4.57 16.58 54.49
CA SER C 135 4.58 17.93 53.95
C SER C 135 5.99 18.32 53.53
N LEU C 136 6.06 19.25 52.58
CA LEU C 136 7.34 19.76 52.10
C LEU C 136 7.17 21.22 51.76
N ASN C 137 7.87 22.09 52.50
CA ASN C 137 7.82 23.53 52.25
C ASN C 137 9.25 24.04 52.24
N VAL C 138 9.73 24.42 51.05
CA VAL C 138 11.11 24.87 50.89
C VAL C 138 11.11 26.07 49.96
N LYS C 139 11.94 27.06 50.30
CA LYS C 139 12.10 28.27 49.51
C LYS C 139 13.59 28.53 49.34
N CYS C 140 14.02 28.70 48.10
CA CYS C 140 15.42 28.97 47.83
C CYS C 140 15.66 30.46 47.75
N THR C 141 16.79 30.90 48.29
CA THR C 141 17.17 32.30 48.26
C THR C 141 18.68 32.41 48.17
N ARG C 142 19.14 33.51 47.58
CA ARG C 142 20.56 33.68 47.31
C ARG C 142 21.30 34.03 48.60
N ASN C 143 22.41 33.36 48.85
CA ASN C 143 23.13 33.50 50.11
C ASN C 143 24.06 34.70 50.03
N PRO C 144 23.87 35.75 50.82
CA PRO C 144 24.78 36.90 50.77
C PRO C 144 26.13 36.62 51.39
N ASP C 145 26.27 35.58 52.21
CA ASP C 145 27.52 35.21 52.82
C ASP C 145 28.32 34.22 51.98
N ALA C 146 28.09 34.19 50.68
CA ALA C 146 28.86 33.32 49.80
C ALA C 146 30.24 33.93 49.56
N PRO C 147 31.30 33.10 49.51
CA PRO C 147 32.63 33.62 49.23
C PRO C 147 32.78 34.02 47.77
N LYS C 148 33.89 34.68 47.47
CA LYS C 148 34.13 35.19 46.13
C LYS C 148 34.58 34.07 45.21
N GLY C 149 33.98 34.00 44.02
CA GLY C 149 34.37 32.99 43.05
C GLY C 149 33.94 31.59 43.38
N SER C 150 32.90 31.43 44.19
CA SER C 150 32.47 30.09 44.59
C SER C 150 31.64 29.45 43.49
N THR C 151 31.50 28.13 43.59
CA THR C 151 30.84 27.34 42.56
C THR C 151 29.82 26.41 43.20
N ASP C 152 30.07 26.06 44.46
CA ASP C 152 29.20 25.14 45.20
C ASP C 152 27.87 25.84 45.51
N PRO C 153 26.72 25.29 45.08
CA PRO C 153 25.44 25.94 45.39
C PRO C 153 25.00 25.80 46.84
N LYS C 154 25.70 25.01 47.66
CA LYS C 154 25.48 25.09 49.09
C LYS C 154 26.24 26.27 49.68
N GLU C 155 27.42 26.57 49.15
CA GLU C 155 28.11 27.80 49.51
C GLU C 155 27.39 29.02 48.94
N LEU C 156 26.76 28.88 47.78
CA LEU C 156 26.28 30.02 47.02
C LEU C 156 24.80 30.33 47.25
N TYR C 157 23.98 29.33 47.52
CA TYR C 157 22.55 29.55 47.69
C TYR C 157 22.09 28.94 49.01
N ASN C 158 20.88 29.27 49.40
CA ASN C 158 20.26 28.72 50.60
C ASN C 158 19.10 27.83 50.19
N ASN C 159 19.05 26.61 50.73
CA ASN C 159 18.02 25.60 50.44
C ASN C 159 17.95 25.27 48.96
N ALA C 160 19.11 25.18 48.30
CA ALA C 160 19.14 24.92 46.87
C ALA C 160 18.78 23.47 46.55
N HIS C 161 19.28 22.53 47.35
CA HIS C 161 19.02 21.11 47.12
C HIS C 161 17.92 20.64 48.06
N VAL C 162 16.95 19.92 47.51
CA VAL C 162 15.84 19.36 48.28
C VAL C 162 16.13 17.90 48.52
N TYR C 163 16.17 17.49 49.78
CA TYR C 163 16.43 16.12 50.18
C TYR C 163 15.16 15.48 50.72
N ALA C 164 15.21 14.16 50.87
CA ALA C 164 14.05 13.43 51.41
C ALA C 164 13.84 13.69 52.89
N ARG C 165 14.89 14.07 53.62
CA ARG C 165 14.74 14.42 55.03
C ARG C 165 13.98 15.72 55.23
N ASP C 166 13.78 16.51 54.19
CA ASP C 166 12.99 17.73 54.26
C ASP C 166 11.49 17.46 54.22
N LEU C 167 11.08 16.23 53.93
CA LEU C 167 9.70 15.81 54.08
C LEU C 167 9.38 15.72 55.57
N LYS C 168 8.73 16.75 56.10
CA LYS C 168 8.49 16.83 57.53
C LYS C 168 7.15 16.18 57.85
N PHE C 169 7.17 15.18 58.72
CA PHE C 169 5.97 14.45 59.11
C PHE C 169 5.08 15.29 59.99
N GLU C 170 3.80 15.35 59.66
CA GLU C 170 2.81 16.14 60.38
C GLU C 170 1.67 15.25 60.83
N PRO C 171 1.67 14.77 62.07
CA PRO C 171 0.63 13.84 62.51
C PRO C 171 -0.70 14.55 62.72
N GLN C 172 -1.77 13.92 62.23
CA GLN C 172 -3.11 14.49 62.27
C GLN C 172 -4.04 13.51 62.98
N GLY C 173 -4.65 13.97 64.07
CA GLY C 173 -5.60 13.16 64.78
C GLY C 173 -4.99 12.36 65.92
N ARG C 174 -5.39 11.10 66.04
CA ARG C 174 -4.95 10.23 67.11
C ARG C 174 -3.55 9.67 66.89
N GLN C 175 -2.93 9.96 65.75
CA GLN C 175 -1.65 9.35 65.41
C GLN C 175 -0.46 10.09 66.01
N SER C 176 -0.69 10.99 66.95
CA SER C 176 0.36 11.51 67.79
C SER C 176 0.56 10.70 69.06
N THR C 177 -0.37 9.79 69.38
CA THR C 177 -0.21 8.91 70.52
C THR C 177 0.34 7.54 70.15
N THR C 178 0.02 7.03 68.96
CA THR C 178 0.55 5.75 68.53
C THR C 178 1.90 5.86 67.82
N PHE C 179 2.19 6.97 67.17
CA PHE C 179 3.48 7.20 66.54
C PHE C 179 4.38 8.09 67.38
N ALA C 180 4.27 7.99 68.70
CA ALA C 180 5.09 8.83 69.56
C ALA C 180 6.53 8.34 69.63
N ASP C 181 6.73 7.02 69.62
CA ASP C 181 8.09 6.50 69.69
C ASP C 181 8.79 6.48 68.33
N CYS C 182 8.04 6.23 67.25
CA CYS C 182 8.61 6.12 65.91
C CYS C 182 8.01 7.17 64.98
N PRO C 183 8.57 8.37 64.94
CA PRO C 183 8.12 9.35 63.94
C PRO C 183 8.57 8.94 62.56
N VAL C 184 7.79 9.35 61.56
CA VAL C 184 8.04 8.96 60.18
C VAL C 184 9.21 9.78 59.65
N VAL C 185 10.34 9.13 59.48
CA VAL C 185 11.48 9.65 58.73
C VAL C 185 11.64 8.72 57.54
N PRO C 186 11.95 9.21 56.34
CA PRO C 186 12.19 8.28 55.23
C PRO C 186 13.46 7.49 55.43
N ALA C 187 13.46 6.27 54.90
CA ALA C 187 14.49 5.29 55.20
C ALA C 187 15.83 5.61 54.55
N ASP C 188 15.84 6.50 53.57
CA ASP C 188 17.06 6.96 52.90
C ASP C 188 16.98 8.48 52.86
N PRO C 189 17.45 9.15 53.91
CA PRO C 189 17.17 10.59 54.06
C PRO C 189 17.98 11.49 53.14
N ASP C 190 18.95 10.97 52.38
CA ASP C 190 19.75 11.77 51.48
C ASP C 190 19.32 11.67 50.03
N ILE C 191 18.08 11.24 49.78
CA ILE C 191 17.58 11.16 48.41
C ILE C 191 17.36 12.57 47.88
N LEU C 192 18.02 12.88 46.76
CA LEU C 192 17.98 14.22 46.18
C LEU C 192 16.72 14.37 45.35
N LEU C 193 15.68 14.97 45.94
CA LEU C 193 14.39 15.10 45.27
C LEU C 193 14.44 16.10 44.14
N ALA C 194 14.77 17.35 44.45
CA ALA C 194 14.76 18.41 43.46
C ALA C 194 15.87 19.40 43.77
N LYS C 195 16.13 20.27 42.81
CA LYS C 195 17.10 21.33 42.98
C LYS C 195 16.44 22.65 42.61
N LEU C 196 16.85 23.72 43.28
CA LEU C 196 16.21 25.01 43.14
C LEU C 196 17.24 26.10 42.89
N ARG C 197 16.74 27.29 42.65
CA ARG C 197 17.48 28.53 42.41
C ARG C 197 16.69 29.63 43.11
N PRO C 198 17.34 30.75 43.48
CA PRO C 198 16.65 31.76 44.31
C PRO C 198 15.47 32.41 43.61
N GLY C 199 14.34 32.45 44.32
CA GLY C 199 13.08 32.83 43.77
C GLY C 199 12.12 31.68 43.56
N GLN C 200 12.63 30.45 43.55
CA GLN C 200 11.83 29.27 43.30
C GLN C 200 11.42 28.61 44.60
N GLU C 201 10.31 27.88 44.58
CA GLU C 201 9.82 27.23 45.78
C GLU C 201 8.97 26.03 45.41
N ILE C 202 8.81 25.14 46.39
CA ILE C 202 7.93 23.98 46.32
C ILE C 202 7.13 23.93 47.62
N SER C 203 5.82 23.76 47.51
CA SER C 203 4.97 23.59 48.68
C SER C 203 3.94 22.51 48.39
N LEU C 204 3.93 21.44 49.17
CA LEU C 204 3.05 20.32 48.88
C LEU C 204 2.68 19.58 50.17
N LYS C 205 1.65 18.74 50.05
CA LYS C 205 1.25 17.78 51.07
C LYS C 205 1.13 16.42 50.40
N ALA C 206 1.69 15.39 51.01
CA ALA C 206 1.67 14.03 50.47
C ALA C 206 0.86 13.13 51.37
N HIS C 207 -0.09 12.41 50.79
CA HIS C 207 -0.92 11.44 51.50
C HIS C 207 -0.45 10.04 51.13
N CYS C 208 0.21 9.36 52.07
CA CYS C 208 0.78 8.04 51.81
C CYS C 208 -0.04 6.96 52.51
N ILE C 209 -0.41 5.94 51.75
CA ILE C 209 -1.28 4.86 52.22
C ILE C 209 -0.61 3.53 51.95
N LEU C 210 -1.33 2.43 52.21
CA LEU C 210 -0.81 1.09 51.92
C LEU C 210 -1.00 0.75 50.44
N GLY C 211 -0.75 -0.50 50.12
CA GLY C 211 -0.77 -0.99 48.76
C GLY C 211 0.25 -2.09 48.61
N ILE C 212 -0.01 -2.96 47.63
CA ILE C 212 0.88 -4.06 47.33
C ILE C 212 1.74 -3.68 46.13
N GLY C 213 2.79 -4.46 45.89
CA GLY C 213 3.71 -4.14 44.81
C GLY C 213 3.16 -4.42 43.43
N GLY C 214 2.07 -5.16 43.31
CA GLY C 214 1.47 -5.42 42.01
C GLY C 214 0.73 -4.24 41.44
N ASP C 215 0.39 -3.25 42.27
CA ASP C 215 -0.26 -2.04 41.79
C ASP C 215 0.76 -1.08 41.21
N HIS C 216 1.71 -0.64 42.03
CA HIS C 216 2.84 0.17 41.59
C HIS C 216 4.08 -0.39 42.26
N ALA C 217 5.24 -0.09 41.70
CA ALA C 217 6.49 -0.61 42.25
C ALA C 217 6.95 0.11 43.50
N LYS C 218 6.32 1.23 43.87
CA LYS C 218 6.73 1.97 45.05
C LYS C 218 6.30 1.28 46.34
N PHE C 219 5.37 0.34 46.25
CA PHE C 219 4.91 -0.39 47.43
C PHE C 219 5.68 -1.69 47.65
N SER C 220 6.55 -2.07 46.74
CA SER C 220 7.35 -3.27 46.93
C SER C 220 8.37 -3.01 48.02
N PRO C 221 8.32 -3.70 49.16
CA PRO C 221 9.17 -3.34 50.29
C PRO C 221 10.59 -3.85 50.17
N VAL C 222 10.94 -4.47 49.05
CA VAL C 222 12.15 -5.25 48.90
C VAL C 222 12.96 -4.65 47.75
N SER C 223 14.27 -4.49 47.97
CA SER C 223 15.17 -4.09 46.89
C SER C 223 15.17 -5.13 45.77
N THR C 224 15.60 -6.35 46.08
CA THR C 224 15.24 -7.51 45.27
C THR C 224 15.24 -8.74 46.15
N ALA C 225 14.28 -9.63 45.90
CA ALA C 225 14.20 -10.93 46.55
C ALA C 225 14.19 -11.99 45.48
N SER C 226 15.18 -12.86 45.50
CA SER C 226 15.31 -13.90 44.50
C SER C 226 16.15 -15.02 45.09
N TYR C 227 16.30 -16.09 44.34
CA TYR C 227 17.13 -17.20 44.76
C TYR C 227 18.07 -17.61 43.64
N ARG C 228 18.91 -18.57 43.98
CA ARG C 228 19.68 -19.34 43.01
C ARG C 228 19.89 -20.71 43.63
N LEU C 229 19.65 -21.75 42.85
CA LEU C 229 19.86 -23.09 43.34
C LEU C 229 21.36 -23.36 43.50
N LEU C 230 21.69 -24.29 44.38
CA LEU C 230 23.09 -24.54 44.71
C LEU C 230 23.79 -25.22 43.54
N PRO C 231 24.91 -24.68 43.06
CA PRO C 231 25.66 -25.40 42.02
C PRO C 231 26.28 -26.67 42.57
N GLN C 232 26.25 -27.71 41.75
CA GLN C 232 26.77 -29.01 42.11
C GLN C 232 27.96 -29.29 41.20
N ILE C 233 29.14 -28.86 41.65
CA ILE C 233 30.37 -29.12 40.91
C ILE C 233 30.71 -30.60 41.10
N ASN C 234 30.64 -31.38 40.03
CA ASN C 234 30.87 -32.82 40.09
C ASN C 234 32.17 -33.15 39.36
N ILE C 235 33.22 -33.36 40.13
CA ILE C 235 34.50 -33.77 39.54
C ILE C 235 34.47 -35.29 39.34
N LEU C 236 34.65 -35.72 38.09
CA LEU C 236 34.55 -37.13 37.74
C LEU C 236 35.89 -37.84 37.69
N GLN C 237 36.93 -37.17 37.18
CA GLN C 237 38.27 -37.71 37.05
C GLN C 237 39.24 -36.88 37.90
N PRO C 238 40.28 -37.50 38.47
CA PRO C 238 41.22 -36.72 39.30
C PRO C 238 42.02 -35.72 38.48
N ILE C 239 42.20 -34.54 39.06
CA ILE C 239 42.78 -33.39 38.37
C ILE C 239 44.10 -33.08 39.06
N LYS C 240 44.81 -34.13 39.45
CA LYS C 240 46.12 -33.99 40.10
C LYS C 240 47.13 -33.31 39.16
N GLY C 241 48.14 -32.72 39.77
CA GLY C 241 49.22 -32.08 39.04
C GLY C 241 49.02 -30.59 38.90
N GLU C 242 49.71 -30.02 37.91
CA GLU C 242 49.58 -28.59 37.62
C GLU C 242 48.30 -28.24 36.88
N SER C 243 47.48 -29.23 36.52
CA SER C 243 46.12 -28.96 36.08
C SER C 243 45.21 -28.55 37.22
N ALA C 244 45.59 -28.85 38.47
CA ALA C 244 44.82 -28.39 39.62
C ALA C 244 44.95 -26.89 39.82
N ARG C 245 46.07 -26.31 39.39
CA ARG C 245 46.20 -24.85 39.46
C ARG C 245 45.36 -24.16 38.38
N ARG C 246 45.02 -24.86 37.31
CA ARG C 246 44.22 -24.29 36.24
C ARG C 246 42.75 -24.69 36.32
N PHE C 247 42.43 -25.80 36.98
CA PHE C 247 41.04 -26.09 37.29
C PHE C 247 40.54 -25.21 38.43
N GLN C 248 41.43 -24.69 39.25
CA GLN C 248 41.05 -23.76 40.31
C GLN C 248 40.91 -22.34 39.78
N LYS C 249 41.73 -21.98 38.80
CA LYS C 249 41.77 -20.62 38.26
C LYS C 249 40.48 -20.24 37.54
N CYS C 250 39.75 -21.21 37.02
CA CYS C 250 38.51 -20.96 36.29
C CYS C 250 37.34 -20.60 37.18
N PHE C 251 37.40 -20.92 38.46
CA PHE C 251 36.33 -20.68 39.40
C PHE C 251 36.61 -19.45 40.27
N PRO C 252 35.61 -18.92 40.96
CA PRO C 252 35.89 -17.94 42.01
C PRO C 252 36.75 -18.53 43.10
N PRO C 253 37.55 -17.70 43.79
CA PRO C 253 38.70 -18.23 44.56
C PRO C 253 38.34 -19.09 45.78
N GLY C 254 37.11 -19.00 46.29
CA GLY C 254 36.78 -19.82 47.43
C GLY C 254 36.16 -21.16 47.13
N VAL C 255 36.08 -21.54 45.86
CA VAL C 255 35.28 -22.70 45.46
C VAL C 255 36.14 -23.96 45.48
N ILE C 256 37.24 -23.95 44.75
CA ILE C 256 38.09 -25.13 44.58
C ILE C 256 39.38 -24.88 45.36
N GLY C 257 39.80 -25.87 46.13
CA GLY C 257 41.08 -25.79 46.81
C GLY C 257 41.98 -26.95 46.45
N ILE C 258 43.28 -26.77 46.55
CA ILE C 258 44.25 -27.83 46.31
C ILE C 258 44.61 -28.46 47.65
N ASP C 259 44.69 -29.79 47.67
CA ASP C 259 44.92 -30.54 48.89
C ASP C 259 46.40 -30.77 49.09
N GLU C 260 46.81 -30.91 50.36
CA GLU C 260 48.21 -31.04 50.72
C GLU C 260 48.63 -32.47 51.04
N GLY C 261 47.67 -33.40 51.21
CA GLY C 261 48.03 -34.80 51.33
C GLY C 261 48.49 -35.32 49.98
N SER C 262 47.58 -35.27 49.00
CA SER C 262 47.93 -35.39 47.60
C SER C 262 47.50 -34.10 46.92
N ASP C 263 48.28 -33.68 45.92
CA ASP C 263 47.94 -32.48 45.15
C ASP C 263 46.70 -32.80 44.34
N GLU C 264 45.54 -32.39 44.84
CA GLU C 264 44.26 -32.87 44.36
C GLU C 264 43.24 -31.75 44.52
N ALA C 265 42.46 -31.49 43.47
CA ALA C 265 41.43 -30.48 43.51
C ALA C 265 40.13 -31.06 44.05
N TYR C 266 39.44 -30.28 44.87
CA TYR C 266 38.20 -30.72 45.48
C TYR C 266 37.30 -29.50 45.69
N VAL C 267 36.06 -29.75 46.06
CA VAL C 267 35.09 -28.68 46.28
C VAL C 267 35.16 -28.20 47.72
N LYS C 268 35.40 -26.91 47.91
CA LYS C 268 35.33 -26.29 49.23
C LYS C 268 33.99 -25.63 49.47
N ASP C 269 33.63 -24.65 48.64
CA ASP C 269 32.42 -23.84 48.84
C ASP C 269 31.73 -23.73 47.48
N ALA C 270 30.63 -24.47 47.32
CA ALA C 270 29.82 -24.38 46.12
C ALA C 270 28.79 -23.27 46.19
N ARG C 271 28.96 -22.31 47.11
CA ARG C 271 28.10 -21.14 47.18
C ARG C 271 28.72 -19.93 46.51
N LYS C 272 30.05 -19.86 46.44
CA LYS C 272 30.74 -18.70 45.92
C LYS C 272 30.87 -18.70 44.40
N ASP C 273 30.42 -19.74 43.71
CA ASP C 273 30.64 -19.85 42.28
C ASP C 273 29.52 -19.16 41.52
N THR C 274 29.79 -17.97 41.03
CA THR C 274 29.00 -17.41 39.95
C THR C 274 29.14 -18.33 38.74
N VAL C 275 28.02 -18.88 38.28
CA VAL C 275 28.04 -20.01 37.34
C VAL C 275 28.43 -19.45 35.97
N SER C 276 29.72 -19.55 35.64
CA SER C 276 30.27 -18.99 34.42
C SER C 276 30.61 -20.04 33.36
N ARG C 277 30.73 -21.31 33.76
CA ARG C 277 31.11 -22.42 32.89
C ARG C 277 32.43 -22.17 32.17
N GLU C 278 33.41 -21.67 32.93
CA GLU C 278 34.72 -21.40 32.37
C GLU C 278 35.47 -22.69 32.07
N VAL C 279 35.28 -23.72 32.91
CA VAL C 279 35.88 -25.03 32.66
C VAL C 279 35.28 -25.72 31.45
N LEU C 280 34.05 -25.35 31.04
CA LEU C 280 33.46 -25.91 29.84
C LEU C 280 34.11 -25.35 28.58
N ARG C 281 34.75 -24.18 28.67
CA ARG C 281 35.48 -23.65 27.53
C ARG C 281 36.72 -24.47 27.21
N TYR C 282 37.47 -24.84 28.24
CA TYR C 282 38.74 -25.52 28.03
C TYR C 282 38.53 -26.97 27.63
N GLU C 283 39.15 -27.37 26.52
CA GLU C 283 39.06 -28.73 26.02
C GLU C 283 39.82 -29.73 26.88
N GLU C 284 40.64 -29.26 27.82
CA GLU C 284 41.28 -30.14 28.79
C GLU C 284 40.27 -30.78 29.72
N PHE C 285 39.19 -30.07 30.05
CA PHE C 285 38.25 -30.50 31.08
C PHE C 285 36.89 -30.89 30.49
N ALA C 286 36.90 -31.58 29.35
CA ALA C 286 35.65 -31.92 28.68
C ALA C 286 34.90 -33.05 29.38
N ASP C 287 35.60 -33.92 30.10
CA ASP C 287 34.97 -35.05 30.77
C ASP C 287 35.30 -35.10 32.26
N LYS C 288 36.32 -34.38 32.72
CA LYS C 288 36.73 -34.46 34.12
C LYS C 288 35.72 -33.82 35.07
N VAL C 289 34.85 -32.94 34.58
CA VAL C 289 33.85 -32.28 35.40
C VAL C 289 32.58 -32.09 34.58
N LYS C 290 31.44 -32.21 35.24
CA LYS C 290 30.17 -31.75 34.69
C LYS C 290 29.53 -30.82 35.70
N LEU C 291 28.90 -29.77 35.21
CA LEU C 291 28.33 -28.72 36.05
C LEU C 291 26.82 -28.89 36.11
N GLY C 292 26.33 -29.29 37.27
CA GLY C 292 24.92 -29.49 37.45
C GLY C 292 24.34 -28.45 38.37
N ARG C 293 23.35 -28.85 39.17
CA ARG C 293 22.60 -27.93 40.01
C ARG C 293 21.80 -28.72 41.03
N VAL C 294 21.94 -28.40 42.33
CA VAL C 294 21.21 -29.12 43.36
C VAL C 294 19.75 -28.68 43.34
N ARG C 295 18.85 -29.62 43.08
CA ARG C 295 17.48 -29.33 42.65
C ARG C 295 16.62 -28.72 43.74
N ASN C 296 17.00 -28.81 45.01
CA ASN C 296 16.15 -28.33 46.09
C ASN C 296 16.82 -27.33 47.01
N HIS C 297 18.12 -27.10 46.88
CA HIS C 297 18.85 -26.25 47.82
C HIS C 297 18.80 -24.82 47.29
N PHE C 298 17.88 -24.02 47.82
CA PHE C 298 17.77 -22.64 47.42
C PHE C 298 18.66 -21.76 48.28
N ILE C 299 19.01 -20.60 47.74
CA ILE C 299 19.76 -19.59 48.48
C ILE C 299 19.02 -18.27 48.29
N PHE C 300 18.14 -17.93 49.23
CA PHE C 300 17.43 -16.67 49.12
C PHE C 300 18.36 -15.53 49.50
N ASN C 301 18.23 -14.40 48.80
CA ASN C 301 18.98 -13.18 49.12
C ASN C 301 17.96 -12.05 49.15
N VAL C 302 17.39 -11.79 50.31
CA VAL C 302 16.34 -10.78 50.47
C VAL C 302 16.99 -9.49 50.93
N GLU C 303 16.61 -8.38 50.29
CA GLU C 303 17.16 -7.07 50.62
C GLU C 303 16.01 -6.10 50.83
N SER C 304 15.80 -5.67 52.07
CA SER C 304 14.71 -4.76 52.36
C SER C 304 15.03 -3.35 51.86
N ALA C 305 13.97 -2.62 51.52
CA ALA C 305 14.14 -1.24 51.06
C ALA C 305 14.42 -0.29 52.21
N GLY C 306 13.96 -0.60 53.41
CA GLY C 306 14.22 0.23 54.56
C GLY C 306 13.06 0.36 55.52
N ALA C 307 11.87 -0.05 55.08
CA ALA C 307 10.69 0.05 55.93
C ALA C 307 10.66 -1.06 56.97
N MET C 308 10.92 -2.29 56.56
CA MET C 308 10.89 -3.46 57.43
C MET C 308 12.23 -4.16 57.40
N THR C 309 12.31 -5.23 58.07
CA THR C 309 13.50 -6.04 58.04
C THR C 309 13.29 -7.23 57.12
N PRO C 310 14.34 -7.72 56.44
CA PRO C 310 14.18 -8.95 55.66
C PRO C 310 13.97 -10.18 56.52
N GLU C 311 14.32 -10.10 57.80
CA GLU C 311 13.93 -11.10 58.80
C GLU C 311 12.41 -11.21 58.90
N GLU C 312 11.68 -10.11 58.70
CA GLU C 312 10.23 -10.11 58.86
C GLU C 312 9.48 -10.19 57.53
N ILE C 313 10.10 -9.73 56.43
CA ILE C 313 9.43 -9.77 55.13
C ILE C 313 9.24 -11.21 54.67
N PHE C 314 10.23 -12.08 54.87
CA PHE C 314 10.05 -13.48 54.55
C PHE C 314 9.06 -14.15 55.49
N PHE C 315 8.98 -13.67 56.73
CA PHE C 315 7.99 -14.17 57.67
C PHE C 315 6.59 -13.77 57.25
N LYS C 316 6.44 -12.59 56.64
CA LYS C 316 5.13 -12.18 56.16
C LYS C 316 4.73 -12.90 54.88
N SER C 317 5.70 -13.31 54.07
CA SER C 317 5.37 -13.93 52.80
C SER C 317 5.00 -15.40 52.96
N VAL C 318 5.48 -16.07 54.00
CA VAL C 318 4.96 -17.39 54.32
C VAL C 318 3.65 -17.29 55.07
N ARG C 319 3.30 -16.11 55.58
CA ARG C 319 2.01 -15.87 56.20
C ARG C 319 0.94 -15.52 55.19
N ILE C 320 1.31 -14.80 54.12
CA ILE C 320 0.35 -14.42 53.10
C ILE C 320 -0.14 -15.63 52.32
N LEU C 321 0.79 -16.51 51.91
CA LEU C 321 0.39 -17.71 51.18
C LEU C 321 -0.36 -18.69 52.07
N LYS C 322 -0.14 -18.64 53.39
CA LYS C 322 -0.95 -19.43 54.30
C LYS C 322 -2.33 -18.82 54.48
N ASN C 323 -2.41 -17.49 54.56
CA ASN C 323 -3.71 -16.82 54.59
C ASN C 323 -4.44 -16.96 53.26
N LYS C 324 -3.70 -17.14 52.18
CA LYS C 324 -4.30 -17.26 50.85
C LYS C 324 -4.99 -18.61 50.68
N ALA C 325 -4.40 -19.68 51.21
CA ALA C 325 -5.07 -20.97 51.23
C ALA C 325 -6.11 -21.06 52.33
N GLU C 326 -5.96 -20.28 53.39
CA GLU C 326 -6.98 -20.25 54.43
C GLU C 326 -8.24 -19.54 53.95
N TYR C 327 -8.10 -18.59 53.03
CA TYR C 327 -9.27 -17.87 52.56
C TYR C 327 -10.10 -18.73 51.61
N LEU C 328 -9.45 -19.57 50.79
CA LEU C 328 -10.21 -20.43 49.89
C LEU C 328 -10.78 -21.65 50.57
N LYS C 329 -10.23 -22.05 51.72
CA LYS C 329 -10.76 -23.20 52.43
C LYS C 329 -12.13 -22.89 53.02
N ASN C 330 -12.36 -21.63 53.39
CA ASN C 330 -13.59 -21.22 54.05
C ASN C 330 -14.64 -20.66 53.11
N CYS C 331 -14.25 -20.19 51.92
CA CYS C 331 -15.23 -19.69 50.97
C CYS C 331 -15.99 -20.83 50.32
N PRO C 332 -17.30 -20.73 50.19
CA PRO C 332 -18.04 -21.71 49.40
C PRO C 332 -17.73 -21.57 47.93
N ILE C 333 -17.65 -22.71 47.25
CA ILE C 333 -17.20 -22.74 45.87
C ILE C 333 -18.29 -22.25 44.93
N THR D 12 -49.17 5.96 12.25
CA THR D 12 -49.86 5.22 11.20
C THR D 12 -49.15 5.40 9.87
N ALA D 13 -49.81 4.91 8.80
CA ALA D 13 -49.36 4.99 7.41
C ALA D 13 -47.98 4.35 7.22
N THR D 14 -47.95 3.04 7.44
CA THR D 14 -46.73 2.25 7.32
C THR D 14 -47.10 0.99 6.53
N THR D 15 -46.08 0.32 5.98
CA THR D 15 -46.29 -0.98 5.35
C THR D 15 -46.73 -2.06 6.34
N LEU D 16 -46.52 -1.84 7.65
CA LEU D 16 -47.11 -2.70 8.65
C LEU D 16 -48.61 -2.47 8.80
N ASN D 17 -49.12 -1.35 8.30
CA ASN D 17 -50.53 -1.01 8.45
C ASN D 17 -51.28 -1.12 7.12
N THR D 18 -50.84 -0.41 6.11
CA THR D 18 -51.52 -0.39 4.84
C THR D 18 -50.89 -1.39 3.89
N PRO D 19 -51.63 -1.87 2.89
CA PRO D 19 -50.99 -2.59 1.79
C PRO D 19 -50.09 -1.69 0.99
N VAL D 20 -49.16 -2.31 0.27
CA VAL D 20 -48.23 -1.56 -0.57
C VAL D 20 -48.98 -0.91 -1.72
N VAL D 21 -49.60 -1.71 -2.57
CA VAL D 21 -50.43 -1.22 -3.67
C VAL D 21 -51.78 -1.92 -3.57
N ILE D 22 -52.85 -1.14 -3.69
CA ILE D 22 -54.23 -1.64 -3.59
C ILE D 22 -54.90 -1.47 -4.94
N HIS D 23 -55.57 -2.51 -5.41
CA HIS D 23 -56.14 -2.53 -6.76
C HIS D 23 -57.63 -2.85 -6.74
N ALA D 24 -58.17 -3.07 -7.94
CA ALA D 24 -59.55 -3.49 -8.13
C ALA D 24 -59.56 -4.55 -9.22
N THR D 25 -59.96 -5.77 -8.86
CA THR D 25 -59.87 -6.88 -9.79
C THR D 25 -60.97 -6.82 -10.85
N GLN D 26 -62.16 -6.37 -10.47
CA GLN D 26 -63.33 -6.49 -11.34
C GLN D 26 -64.25 -5.30 -11.06
N LEU D 27 -65.14 -5.00 -12.01
CA LEU D 27 -66.09 -3.92 -11.83
C LEU D 27 -67.09 -4.26 -10.73
N PRO D 28 -67.54 -3.28 -9.96
CA PRO D 28 -68.53 -3.55 -8.92
C PRO D 28 -69.95 -3.60 -9.46
N GLN D 29 -70.76 -4.45 -8.84
CA GLN D 29 -72.20 -4.45 -9.09
C GLN D 29 -72.94 -4.41 -7.77
N HIS D 30 -74.09 -3.75 -7.77
CA HIS D 30 -74.81 -3.45 -6.54
C HIS D 30 -75.56 -4.68 -6.05
N VAL D 31 -75.67 -4.79 -4.73
CA VAL D 31 -76.37 -5.89 -4.08
C VAL D 31 -77.55 -5.33 -3.29
N SER D 32 -78.53 -6.19 -3.06
CA SER D 32 -79.72 -5.82 -2.30
C SER D 32 -79.50 -6.12 -0.83
N THR D 33 -80.55 -5.92 -0.02
CA THR D 33 -80.45 -6.02 1.43
C THR D 33 -80.23 -7.45 1.90
N ASP D 34 -80.70 -8.43 1.10
CA ASP D 34 -80.56 -9.84 1.47
C ASP D 34 -79.08 -10.28 1.44
N GLU D 35 -78.30 -9.72 0.52
CA GLU D 35 -76.87 -10.00 0.51
C GLU D 35 -76.17 -9.29 1.65
N VAL D 36 -76.61 -8.07 1.96
CA VAL D 36 -75.94 -7.27 2.99
C VAL D 36 -76.20 -7.84 4.38
N LEU D 37 -77.43 -8.27 4.65
CA LEU D 37 -77.76 -8.81 5.96
C LEU D 37 -77.13 -10.17 6.19
N GLN D 38 -77.04 -10.99 5.12
CA GLN D 38 -76.37 -12.28 5.23
C GLN D 38 -74.87 -12.10 5.43
N PHE D 39 -74.31 -11.04 4.86
CA PHE D 39 -72.92 -10.69 5.14
C PHE D 39 -72.76 -10.20 6.57
N LEU D 40 -73.61 -9.27 6.99
CA LEU D 40 -73.53 -8.69 8.33
C LEU D 40 -74.10 -9.59 9.41
N GLU D 41 -74.51 -10.81 9.09
CA GLU D 41 -74.73 -11.83 10.09
C GLU D 41 -73.67 -12.91 10.02
N SER D 42 -72.71 -12.78 9.10
CA SER D 42 -71.55 -13.65 9.04
C SER D 42 -70.25 -12.95 9.34
N PHE D 43 -70.10 -11.70 8.88
CA PHE D 43 -68.92 -10.92 9.23
C PHE D 43 -68.96 -10.49 10.69
N ILE D 44 -70.14 -10.24 11.24
CA ILE D 44 -70.27 -9.94 12.66
C ILE D 44 -70.10 -11.20 13.50
N ASP D 45 -70.62 -12.33 13.00
CA ASP D 45 -70.62 -13.56 13.77
C ASP D 45 -69.22 -14.12 13.92
N GLU D 46 -68.47 -14.23 12.82
CA GLU D 46 -67.15 -14.84 12.87
C GLU D 46 -66.08 -13.91 13.41
N LYS D 47 -66.41 -12.64 13.65
CA LYS D 47 -65.49 -11.72 14.31
C LYS D 47 -65.75 -11.64 15.81
N GLU D 48 -67.02 -11.74 16.21
CA GLU D 48 -67.35 -11.80 17.63
C GLU D 48 -66.98 -13.15 18.24
N ASN D 49 -67.28 -14.24 17.53
CA ASN D 49 -67.00 -15.58 18.03
C ASN D 49 -65.58 -16.01 17.69
N THR D 80 -57.76 -4.51 20.57
CA THR D 80 -58.44 -4.55 19.28
C THR D 80 -59.27 -3.29 19.06
N ASN D 81 -58.85 -2.48 18.09
CA ASN D 81 -59.53 -1.22 17.81
C ASN D 81 -60.88 -1.45 17.16
N LEU D 82 -61.05 -2.58 16.45
CA LEU D 82 -62.31 -2.81 15.73
C LEU D 82 -63.45 -3.21 16.65
N SER D 83 -63.20 -3.42 17.94
CA SER D 83 -64.26 -3.69 18.89
C SER D 83 -65.19 -2.49 19.05
N SER D 84 -64.70 -1.28 18.82
CA SER D 84 -65.58 -0.11 18.70
C SER D 84 -66.21 0.00 17.32
N SER D 85 -65.65 -0.68 16.32
CA SER D 85 -66.19 -0.65 14.98
C SER D 85 -67.23 -1.74 14.74
N ILE D 86 -67.28 -2.76 15.61
CA ILE D 86 -68.38 -3.72 15.58
C ILE D 86 -69.69 -3.05 15.94
N SER D 87 -69.64 -2.11 16.90
CA SER D 87 -70.83 -1.36 17.30
C SER D 87 -71.33 -0.48 16.16
N GLN D 88 -70.42 0.14 15.42
CA GLN D 88 -70.81 0.96 14.27
C GLN D 88 -71.31 0.12 13.11
N LEU D 89 -70.97 -1.17 13.09
CA LEU D 89 -71.59 -2.09 12.14
C LEU D 89 -72.95 -2.55 12.60
N LYS D 90 -73.14 -2.72 13.91
CA LYS D 90 -74.47 -3.09 14.42
C LYS D 90 -75.44 -1.91 14.37
N ARG D 91 -74.95 -0.68 14.26
CA ARG D 91 -75.82 0.45 13.95
C ARG D 91 -76.32 0.39 12.53
N ILE D 92 -75.57 -0.23 11.63
CA ILE D 92 -76.04 -0.42 10.26
C ILE D 92 -76.87 -1.70 10.16
N GLN D 93 -76.56 -2.70 11.00
CA GLN D 93 -77.26 -3.98 10.93
C GLN D 93 -78.71 -3.85 11.35
N ARG D 94 -78.99 -2.97 12.32
CA ARG D 94 -80.36 -2.76 12.77
C ARG D 94 -81.16 -1.89 11.80
N ASP D 95 -80.50 -1.10 10.95
CA ASP D 95 -81.24 -0.22 10.06
C ASP D 95 -81.70 -0.94 8.80
N PHE D 96 -81.20 -2.13 8.53
CA PHE D 96 -81.66 -2.92 7.40
C PHE D 96 -82.55 -4.08 7.81
N LYS D 97 -82.73 -4.32 9.10
CA LYS D 97 -83.67 -5.34 9.57
C LYS D 97 -84.95 -4.73 10.11
N GLY D 98 -84.84 -3.86 11.11
CA GLY D 98 -86.02 -3.32 11.76
C GLY D 98 -85.92 -1.84 12.05
N LEU D 99 -86.16 -1.46 13.31
CA LEU D 99 -86.23 -0.07 13.72
C LEU D 99 -85.38 0.11 14.97
N PRO D 100 -84.71 1.26 15.11
CA PRO D 100 -84.00 1.55 16.37
C PRO D 100 -84.94 2.02 17.47
N ASP E 2 15.34 -26.66 -64.06
CA ASP E 2 14.45 -26.35 -62.94
C ASP E 2 15.23 -26.09 -61.66
N GLN E 3 15.23 -24.83 -61.20
CA GLN E 3 15.80 -24.49 -59.91
C GLN E 3 14.78 -24.00 -58.90
N GLU E 4 13.65 -23.48 -59.35
CA GLU E 4 12.54 -23.10 -58.47
C GLU E 4 11.23 -23.72 -58.92
N ASN E 5 11.26 -24.58 -59.95
CA ASN E 5 10.10 -25.35 -60.35
C ASN E 5 9.94 -26.62 -59.53
N GLU E 6 11.00 -27.10 -58.90
CA GLU E 6 10.89 -28.22 -57.97
C GLU E 6 10.43 -27.78 -56.58
N ARG E 7 10.20 -26.49 -56.38
CA ARG E 7 9.63 -25.97 -55.14
C ARG E 7 8.19 -25.53 -55.31
N ASN E 8 7.87 -24.91 -56.45
CA ASN E 8 6.49 -24.47 -56.69
C ASN E 8 5.55 -25.65 -56.89
N ILE E 9 6.05 -26.76 -57.43
CA ILE E 9 5.26 -27.99 -57.44
C ILE E 9 5.11 -28.54 -56.03
N SER E 10 6.17 -28.42 -55.22
CA SER E 10 6.09 -28.91 -53.84
C SER E 10 5.20 -28.01 -52.99
N ARG E 11 5.19 -26.70 -53.24
CA ARG E 11 4.26 -25.83 -52.55
C ARG E 11 2.82 -26.11 -52.99
N LEU E 12 2.63 -26.44 -54.25
CA LEU E 12 1.30 -26.77 -54.75
C LEU E 12 0.87 -28.16 -54.30
N TRP E 13 1.82 -29.04 -54.03
CA TRP E 13 1.49 -30.34 -53.46
C TRP E 13 1.05 -30.21 -52.00
N ARG E 14 1.70 -29.33 -51.24
CA ARG E 14 1.30 -29.10 -49.87
C ARG E 14 -0.02 -28.33 -49.81
N ALA E 15 -0.30 -27.52 -50.84
CA ALA E 15 -1.60 -26.86 -50.91
C ALA E 15 -2.69 -27.85 -51.27
N PHE E 16 -2.42 -28.74 -52.23
CA PHE E 16 -3.41 -29.70 -52.68
C PHE E 16 -3.75 -30.73 -51.61
N ARG E 17 -2.81 -31.01 -50.70
CA ARG E 17 -3.09 -31.98 -49.65
C ARG E 17 -4.03 -31.40 -48.59
N THR E 18 -3.86 -30.12 -48.26
CA THR E 18 -4.73 -29.52 -47.25
C THR E 18 -6.13 -29.29 -47.79
N VAL E 19 -6.27 -29.11 -49.10
CA VAL E 19 -7.60 -29.00 -49.70
C VAL E 19 -8.31 -30.35 -49.65
N LYS E 20 -7.56 -31.45 -49.77
CA LYS E 20 -8.14 -32.77 -49.54
C LYS E 20 -8.56 -32.93 -48.07
N GLU E 21 -7.73 -32.47 -47.14
CA GLU E 21 -8.03 -32.61 -45.72
C GLU E 21 -9.12 -31.64 -45.28
N MET E 22 -9.28 -30.51 -45.97
CA MET E 22 -10.31 -29.55 -45.61
C MET E 22 -11.69 -30.07 -46.01
N VAL E 23 -11.76 -30.75 -47.14
CA VAL E 23 -13.03 -31.29 -47.62
C VAL E 23 -13.44 -32.52 -46.82
N LYS E 24 -12.47 -33.33 -46.39
CA LYS E 24 -12.79 -34.49 -45.57
C LYS E 24 -13.24 -34.08 -44.17
N ASP E 25 -12.70 -32.98 -43.64
CA ASP E 25 -13.13 -32.50 -42.33
C ASP E 25 -14.52 -31.88 -42.36
N ARG E 26 -14.91 -31.32 -43.50
CA ARG E 26 -16.29 -30.83 -43.66
C ARG E 26 -17.29 -31.97 -43.77
N GLY E 27 -16.84 -33.18 -44.09
CA GLY E 27 -17.70 -34.34 -44.07
C GLY E 27 -17.98 -34.97 -45.42
N TYR E 28 -17.28 -34.55 -46.48
CA TYR E 28 -17.54 -35.09 -47.80
C TYR E 28 -16.78 -36.39 -47.99
N PHE E 29 -16.91 -36.97 -49.18
CA PHE E 29 -16.35 -38.28 -49.50
C PHE E 29 -15.01 -38.07 -50.19
N ILE E 30 -13.95 -37.99 -49.39
CA ILE E 30 -12.57 -38.02 -49.85
C ILE E 30 -11.90 -39.16 -49.11
N THR E 31 -11.42 -40.17 -49.84
CA THR E 31 -10.79 -41.29 -49.19
C THR E 31 -9.39 -40.91 -48.71
N GLN E 32 -8.79 -41.82 -47.94
CA GLN E 32 -7.48 -41.54 -47.36
C GLN E 32 -6.37 -41.61 -48.41
N GLU E 33 -6.58 -42.42 -49.47
CA GLU E 33 -5.58 -42.51 -50.52
C GLU E 33 -5.52 -41.24 -51.36
N GLU E 34 -6.62 -40.48 -51.44
CA GLU E 34 -6.58 -39.21 -52.13
C GLU E 34 -5.84 -38.16 -51.33
N VAL E 35 -5.96 -38.21 -50.00
CA VAL E 35 -5.18 -37.32 -49.15
C VAL E 35 -3.71 -37.71 -49.17
N GLU E 36 -3.42 -38.97 -48.87
CA GLU E 36 -2.06 -39.52 -48.85
C GLU E 36 -1.57 -39.71 -50.29
N LEU E 37 -1.29 -38.60 -50.94
CA LEU E 37 -0.83 -38.61 -52.33
C LEU E 37 0.60 -38.10 -52.37
N PRO E 38 1.60 -38.98 -52.48
CA PRO E 38 3.00 -38.54 -52.38
C PRO E 38 3.42 -37.69 -53.57
N LEU E 39 4.59 -37.07 -53.41
CA LEU E 39 5.05 -36.05 -54.35
C LEU E 39 5.42 -36.63 -55.70
N GLU E 40 5.95 -37.86 -55.71
CA GLU E 40 6.24 -38.53 -56.98
C GLU E 40 4.98 -38.92 -57.73
N ASP E 41 3.85 -39.08 -57.03
CA ASP E 41 2.58 -39.33 -57.68
C ASP E 41 1.84 -38.05 -58.01
N PHE E 42 2.12 -36.95 -57.31
CA PHE E 42 1.53 -35.67 -57.70
C PHE E 42 2.13 -35.18 -59.02
N LYS E 43 3.43 -35.39 -59.22
CA LYS E 43 4.06 -34.93 -60.44
C LYS E 43 3.63 -35.75 -61.65
N ALA E 44 3.31 -37.03 -61.44
CA ALA E 44 2.90 -37.88 -62.55
C ALA E 44 1.46 -37.61 -62.97
N LYS E 45 0.58 -37.36 -61.99
CA LYS E 45 -0.83 -37.26 -62.27
C LYS E 45 -1.28 -35.86 -62.68
N TYR E 46 -0.79 -34.83 -62.00
CA TYR E 46 -1.31 -33.47 -62.17
C TYR E 46 -0.33 -32.54 -62.88
N CYS E 47 0.46 -33.06 -63.81
CA CYS E 47 1.44 -32.24 -64.50
C CYS E 47 1.62 -32.80 -65.92
N ASP E 48 2.49 -32.13 -66.68
CA ASP E 48 2.82 -32.55 -68.03
C ASP E 48 4.25 -33.09 -68.09
N SER E 49 4.71 -33.41 -69.30
CA SER E 49 6.09 -33.84 -69.48
C SER E 49 7.08 -32.69 -69.31
N MET E 50 6.62 -31.45 -69.43
CA MET E 50 7.50 -30.29 -69.31
C MET E 50 7.96 -30.04 -67.88
N GLY E 51 7.25 -30.58 -66.89
CA GLY E 51 7.49 -30.23 -65.51
C GLY E 51 6.73 -29.01 -65.05
N ARG E 52 5.66 -28.63 -65.75
CA ARG E 52 4.93 -27.41 -65.48
C ARG E 52 3.49 -27.77 -65.17
N PRO E 53 3.08 -27.74 -63.89
CA PRO E 53 1.77 -28.29 -63.52
C PRO E 53 0.63 -27.38 -63.97
N GLN E 54 -0.30 -27.96 -64.71
CA GLN E 54 -1.52 -27.26 -65.06
C GLN E 54 -2.55 -27.46 -63.95
N ARG E 55 -3.35 -26.43 -63.71
CA ARG E 55 -4.31 -26.45 -62.62
C ARG E 55 -5.73 -26.59 -63.11
N LYS E 56 -5.94 -26.70 -64.43
CA LYS E 56 -7.25 -27.09 -64.94
C LYS E 56 -7.57 -28.54 -64.57
N MET E 57 -6.56 -29.40 -64.59
CA MET E 57 -6.78 -30.81 -64.25
C MET E 57 -6.91 -31.02 -62.75
N MET E 58 -6.34 -30.12 -61.93
CA MET E 58 -6.34 -30.30 -60.48
C MET E 58 -7.70 -30.09 -59.84
N SER E 59 -8.65 -29.52 -60.56
CA SER E 59 -9.98 -29.30 -60.01
C SER E 59 -10.72 -30.62 -59.85
N PHE E 60 -11.62 -30.68 -58.86
CA PHE E 60 -12.33 -31.90 -58.57
C PHE E 60 -13.72 -31.57 -58.04
N GLN E 61 -14.44 -32.62 -57.63
CA GLN E 61 -15.84 -32.52 -57.24
C GLN E 61 -16.08 -33.46 -56.08
N ALA E 62 -16.70 -32.94 -55.02
CA ALA E 62 -16.93 -33.70 -53.80
C ALA E 62 -18.42 -33.87 -53.54
N ASN E 63 -18.76 -34.99 -52.92
CA ASN E 63 -20.10 -35.36 -52.51
C ASN E 63 -20.06 -35.81 -51.05
N PRO E 64 -21.13 -35.59 -50.29
CA PRO E 64 -21.10 -35.93 -48.87
C PRO E 64 -21.10 -37.43 -48.63
N THR E 65 -20.65 -37.80 -47.43
CA THR E 65 -20.74 -39.18 -47.01
C THR E 65 -22.16 -39.49 -46.53
N GLU E 66 -22.42 -40.77 -46.29
CA GLU E 66 -23.73 -41.18 -45.81
C GLU E 66 -24.00 -40.73 -44.38
N GLU E 67 -22.95 -40.50 -43.59
CA GLU E 67 -23.16 -39.95 -42.25
C GLU E 67 -23.32 -38.45 -42.29
N SER E 68 -22.78 -37.78 -43.30
CA SER E 68 -23.01 -36.35 -43.44
C SER E 68 -24.39 -36.03 -43.96
N ILE E 69 -25.00 -36.92 -44.75
CA ILE E 69 -26.38 -36.72 -45.18
C ILE E 69 -27.33 -36.97 -44.03
N SER E 70 -27.08 -38.00 -43.22
CA SER E 70 -27.95 -38.34 -42.11
C SER E 70 -27.91 -37.32 -40.99
N LYS E 71 -26.82 -36.56 -40.87
CA LYS E 71 -26.70 -35.51 -39.87
C LYS E 71 -26.98 -34.13 -40.45
N PHE E 72 -26.56 -33.86 -41.69
CA PHE E 72 -26.78 -32.59 -42.35
C PHE E 72 -27.47 -32.86 -43.68
N PRO E 73 -28.80 -32.94 -43.69
CA PRO E 73 -29.51 -33.23 -44.96
C PRO E 73 -29.45 -32.09 -45.97
N ASP E 74 -29.03 -30.89 -45.58
CA ASP E 74 -28.97 -29.73 -46.44
C ASP E 74 -27.76 -29.74 -47.37
N MET E 75 -26.79 -30.63 -47.14
CA MET E 75 -25.52 -30.58 -47.85
C MET E 75 -25.70 -30.96 -49.32
N GLY E 76 -25.35 -30.03 -50.20
CA GLY E 76 -25.39 -30.29 -51.63
C GLY E 76 -24.09 -30.90 -52.09
N SER E 77 -23.45 -30.30 -53.09
CA SER E 77 -22.17 -30.79 -53.57
C SER E 77 -21.18 -29.63 -53.64
N LEU E 78 -19.91 -29.99 -53.83
CA LEU E 78 -18.81 -29.05 -53.74
C LEU E 78 -17.99 -29.09 -55.02
N TRP E 79 -17.46 -27.93 -55.41
CA TRP E 79 -16.65 -27.81 -56.62
C TRP E 79 -15.43 -26.97 -56.28
N VAL E 80 -14.25 -27.55 -56.40
CA VAL E 80 -13.00 -26.93 -55.97
C VAL E 80 -12.21 -26.55 -57.20
N GLU E 81 -11.90 -25.26 -57.34
CA GLU E 81 -11.23 -24.76 -58.52
C GLU E 81 -9.88 -24.13 -58.16
N PHE E 82 -8.84 -24.60 -58.81
CA PHE E 82 -7.53 -23.97 -58.77
C PHE E 82 -7.40 -23.08 -59.98
N CYS E 83 -6.99 -21.83 -59.76
CA CYS E 83 -6.92 -20.87 -60.85
C CYS E 83 -5.72 -21.16 -61.75
N ASP E 84 -5.70 -20.49 -62.89
CA ASP E 84 -4.57 -20.59 -63.80
C ASP E 84 -3.91 -19.26 -64.05
N GLU E 85 -4.70 -18.20 -64.20
CA GLU E 85 -4.12 -16.86 -64.32
C GLU E 85 -3.86 -16.28 -62.93
N PRO E 86 -2.70 -15.64 -62.73
CA PRO E 86 -2.30 -15.27 -61.36
C PRO E 86 -3.12 -14.15 -60.75
N SER E 87 -3.57 -13.18 -61.54
CA SER E 87 -4.44 -12.11 -61.06
C SER E 87 -5.83 -12.35 -61.62
N VAL E 88 -6.74 -12.76 -60.74
CA VAL E 88 -8.09 -13.13 -61.15
C VAL E 88 -8.87 -11.86 -61.51
N GLY E 89 -9.37 -11.81 -62.74
CA GLY E 89 -10.15 -10.69 -63.21
C GLY E 89 -11.64 -10.94 -63.10
N VAL E 90 -12.41 -10.06 -63.76
CA VAL E 90 -13.86 -10.12 -63.69
C VAL E 90 -14.47 -11.02 -64.76
N LYS E 91 -13.66 -11.68 -65.58
CA LYS E 91 -14.20 -12.63 -66.56
C LYS E 91 -13.86 -14.08 -66.23
N THR E 92 -12.75 -14.34 -65.53
CA THR E 92 -12.48 -15.69 -65.06
C THR E 92 -13.32 -16.05 -63.85
N MET E 93 -13.82 -15.04 -63.13
CA MET E 93 -14.72 -15.31 -62.02
C MET E 93 -16.10 -15.75 -62.52
N LYS E 94 -16.57 -15.15 -63.62
CA LYS E 94 -17.92 -15.43 -64.13
C LYS E 94 -18.08 -16.87 -64.59
N THR E 95 -17.02 -17.47 -65.12
CA THR E 95 -17.09 -18.89 -65.49
C THR E 95 -17.23 -19.78 -64.26
N PHE E 96 -16.62 -19.37 -63.14
CA PHE E 96 -16.76 -20.11 -61.89
C PHE E 96 -18.12 -19.84 -61.23
N VAL E 97 -18.66 -18.64 -61.38
CA VAL E 97 -19.99 -18.32 -60.85
C VAL E 97 -21.07 -19.10 -61.59
N ILE E 98 -20.96 -19.18 -62.92
CA ILE E 98 -21.97 -19.85 -63.74
C ILE E 98 -21.89 -21.37 -63.58
N HIS E 99 -20.68 -21.91 -63.41
CA HIS E 99 -20.53 -23.36 -63.29
C HIS E 99 -21.11 -23.91 -61.99
N ILE E 100 -21.21 -23.08 -60.96
CA ILE E 100 -21.86 -23.52 -59.72
C ILE E 100 -23.36 -23.61 -59.91
N GLN E 101 -23.96 -22.65 -60.63
CA GLN E 101 -25.40 -22.68 -60.90
C GLN E 101 -25.81 -23.81 -61.83
N GLU E 102 -24.89 -24.36 -62.63
CA GLU E 102 -25.29 -25.33 -63.62
C GLU E 102 -25.43 -26.73 -63.03
N LYS E 103 -24.44 -27.16 -62.24
CA LYS E 103 -24.52 -28.43 -61.54
C LYS E 103 -24.98 -28.27 -60.10
N ASN E 104 -25.73 -27.19 -59.82
CA ASN E 104 -26.35 -26.76 -58.56
C ASN E 104 -25.57 -27.13 -57.29
N PHE E 105 -24.29 -26.74 -57.25
CA PHE E 105 -23.46 -27.02 -56.10
C PHE E 105 -23.89 -26.17 -54.91
N GLN E 106 -23.70 -26.71 -53.71
CA GLN E 106 -23.97 -25.95 -52.50
C GLN E 106 -22.91 -24.89 -52.29
N THR E 107 -21.65 -25.32 -52.23
CA THR E 107 -20.52 -24.43 -52.01
C THR E 107 -19.54 -24.66 -53.14
N GLY E 108 -18.89 -23.59 -53.60
CA GLY E 108 -17.75 -23.73 -54.48
C GLY E 108 -16.57 -22.95 -53.96
N ILE E 109 -15.50 -23.63 -53.59
CA ILE E 109 -14.31 -22.93 -53.11
C ILE E 109 -13.40 -22.65 -54.31
N PHE E 110 -12.48 -21.71 -54.13
CA PHE E 110 -11.85 -21.04 -55.27
C PHE E 110 -10.45 -20.61 -54.85
N VAL E 111 -9.45 -21.41 -55.19
CA VAL E 111 -8.08 -21.18 -54.76
C VAL E 111 -7.34 -20.47 -55.89
N TYR E 112 -6.75 -19.32 -55.58
CA TYR E 112 -6.09 -18.46 -56.55
C TYR E 112 -4.62 -18.26 -56.18
N GLN E 113 -3.87 -17.65 -57.10
CA GLN E 113 -2.43 -17.50 -56.91
C GLN E 113 -2.08 -16.31 -56.02
N ASN E 114 -2.37 -15.10 -56.49
CA ASN E 114 -1.92 -13.90 -55.78
C ASN E 114 -3.07 -13.01 -55.35
N ASN E 115 -3.93 -12.57 -56.27
CA ASN E 115 -4.98 -11.65 -55.90
C ASN E 115 -6.17 -11.82 -56.83
N ILE E 116 -7.34 -11.51 -56.30
CA ILE E 116 -8.55 -11.33 -57.09
C ILE E 116 -8.76 -9.84 -57.25
N THR E 117 -9.23 -9.42 -58.43
CA THR E 117 -9.63 -8.04 -58.65
C THR E 117 -10.71 -7.65 -57.65
N PRO E 118 -10.61 -6.49 -56.99
CA PRO E 118 -11.63 -6.08 -56.02
C PRO E 118 -13.01 -5.86 -56.62
N SER E 119 -13.11 -5.64 -57.93
CA SER E 119 -14.41 -5.66 -58.60
C SER E 119 -14.86 -7.08 -58.91
N ALA E 120 -13.93 -8.04 -58.97
CA ALA E 120 -14.29 -9.44 -59.14
C ALA E 120 -14.64 -10.12 -57.83
N MET E 121 -14.37 -9.47 -56.69
CA MET E 121 -14.89 -9.93 -55.41
C MET E 121 -16.35 -9.55 -55.20
N LYS E 122 -16.95 -8.83 -56.14
CA LYS E 122 -18.37 -8.50 -56.10
C LYS E 122 -19.23 -9.68 -56.52
N LEU E 123 -18.64 -10.76 -57.04
CA LEU E 123 -19.39 -11.91 -57.50
C LEU E 123 -19.42 -13.06 -56.51
N VAL E 124 -18.44 -13.15 -55.62
CA VAL E 124 -18.42 -14.24 -54.63
C VAL E 124 -19.53 -14.18 -53.57
N PRO E 125 -20.18 -13.08 -53.22
CA PRO E 125 -21.46 -13.21 -52.49
C PRO E 125 -22.71 -13.12 -53.36
N SER E 126 -22.56 -13.00 -54.69
CA SER E 126 -23.63 -12.46 -55.51
C SER E 126 -24.77 -13.44 -55.73
N ILE E 127 -24.51 -14.74 -55.70
CA ILE E 127 -25.53 -15.72 -56.06
C ILE E 127 -25.99 -16.44 -54.79
N PRO E 128 -27.25 -16.28 -54.39
CA PRO E 128 -27.77 -17.07 -53.27
C PRO E 128 -28.51 -18.29 -53.79
N PRO E 129 -28.62 -19.36 -52.98
CA PRO E 129 -28.00 -19.57 -51.67
C PRO E 129 -26.65 -20.27 -51.80
N ALA E 130 -26.16 -20.36 -53.04
CA ALA E 130 -24.92 -21.07 -53.33
C ALA E 130 -23.74 -20.22 -52.89
N THR E 131 -23.15 -20.56 -51.74
CA THR E 131 -22.02 -19.80 -51.24
C THR E 131 -20.77 -20.08 -52.07
N ILE E 132 -19.84 -19.14 -52.03
CA ILE E 132 -18.55 -19.24 -52.72
C ILE E 132 -17.47 -18.89 -51.71
N GLU E 133 -16.53 -19.79 -51.50
CA GLU E 133 -15.45 -19.57 -50.57
C GLU E 133 -14.16 -19.32 -51.33
N THR E 134 -13.18 -18.72 -50.65
CA THR E 134 -12.07 -18.07 -51.34
C THR E 134 -10.81 -18.19 -50.50
N PHE E 135 -9.76 -18.77 -51.08
CA PHE E 135 -8.53 -19.06 -50.35
C PHE E 135 -7.31 -18.76 -51.20
N ASN E 136 -6.22 -18.36 -50.53
CA ASN E 136 -4.93 -18.26 -51.18
C ASN E 136 -4.35 -19.65 -51.43
N GLU E 137 -3.32 -19.71 -52.27
CA GLU E 137 -2.54 -20.93 -52.39
C GLU E 137 -1.30 -20.91 -51.53
N ALA E 138 -0.88 -19.75 -51.05
CA ALA E 138 0.22 -19.64 -50.10
C ALA E 138 -0.23 -19.79 -48.66
N ALA E 139 -1.52 -19.60 -48.39
CA ALA E 139 -2.06 -19.78 -47.06
C ALA E 139 -2.45 -21.21 -46.77
N LEU E 140 -2.68 -22.02 -47.80
CA LEU E 140 -3.10 -23.40 -47.66
C LEU E 140 -1.93 -24.37 -47.62
N VAL E 141 -0.71 -23.87 -47.38
CA VAL E 141 0.46 -24.74 -47.36
C VAL E 141 0.43 -25.64 -46.14
N VAL E 142 0.29 -25.04 -44.96
CA VAL E 142 0.21 -25.78 -43.70
C VAL E 142 -1.24 -25.76 -43.25
N ASN E 143 -1.81 -26.94 -43.04
CA ASN E 143 -3.14 -27.04 -42.45
C ASN E 143 -3.04 -26.64 -40.98
N ILE E 144 -3.78 -25.60 -40.61
CA ILE E 144 -3.67 -25.06 -39.26
C ILE E 144 -4.30 -25.96 -38.21
N THR E 145 -5.19 -26.88 -38.61
CA THR E 145 -5.85 -27.74 -37.64
C THR E 145 -4.93 -28.83 -37.11
N HIS E 146 -3.76 -29.03 -37.73
CA HIS E 146 -2.73 -29.93 -37.27
C HIS E 146 -1.81 -29.30 -36.25
N HIS E 147 -2.01 -28.03 -35.92
CA HIS E 147 -1.16 -27.37 -34.96
C HIS E 147 -1.47 -27.89 -33.56
N GLU E 148 -0.45 -27.86 -32.70
CA GLU E 148 -0.61 -28.43 -31.37
C GLU E 148 -1.50 -27.58 -30.49
N LEU E 149 -1.60 -26.29 -30.78
CA LEU E 149 -2.35 -25.34 -29.96
C LEU E 149 -3.81 -25.21 -30.36
N VAL E 150 -4.24 -25.82 -31.46
CA VAL E 150 -5.66 -25.77 -31.82
C VAL E 150 -6.34 -27.06 -31.39
N PRO E 151 -7.57 -27.00 -30.92
CA PRO E 151 -8.32 -28.23 -30.61
C PRO E 151 -9.09 -28.76 -31.79
N LYS E 152 -9.86 -29.81 -31.55
CA LYS E 152 -10.72 -30.42 -32.56
C LYS E 152 -12.01 -29.61 -32.65
N HIS E 153 -12.23 -28.93 -33.77
CA HIS E 153 -13.44 -28.17 -34.03
C HIS E 153 -14.43 -29.03 -34.82
N ILE E 154 -15.65 -29.16 -34.30
CA ILE E 154 -16.71 -29.93 -34.96
C ILE E 154 -17.97 -29.08 -34.99
N ARG E 155 -18.51 -28.85 -36.18
CA ARG E 155 -19.75 -28.09 -36.27
C ARG E 155 -20.95 -28.94 -35.89
N LEU E 156 -21.89 -28.32 -35.18
CA LEU E 156 -23.04 -29.04 -34.64
C LEU E 156 -24.21 -28.98 -35.62
N SER E 157 -24.97 -30.06 -35.65
CA SER E 157 -26.20 -30.09 -36.43
C SER E 157 -27.27 -29.25 -35.74
N SER E 158 -28.34 -28.95 -36.50
CA SER E 158 -29.44 -28.17 -35.95
C SER E 158 -30.18 -28.92 -34.86
N ASP E 159 -30.16 -30.25 -34.90
CA ASP E 159 -30.76 -31.04 -33.84
C ASP E 159 -29.87 -31.18 -32.62
N GLU E 160 -28.57 -30.88 -32.76
CA GLU E 160 -27.67 -30.81 -31.62
C GLU E 160 -27.39 -29.38 -31.18
N LYS E 161 -27.73 -28.39 -32.02
CA LYS E 161 -27.67 -27.00 -31.58
C LYS E 161 -28.77 -26.70 -30.59
N ARG E 162 -29.96 -27.25 -30.80
CA ARG E 162 -31.09 -26.97 -29.92
C ARG E 162 -30.93 -27.65 -28.58
N GLU E 163 -30.44 -28.89 -28.57
CA GLU E 163 -30.23 -29.61 -27.32
C GLU E 163 -29.14 -28.98 -26.47
N LEU E 164 -28.22 -28.25 -27.09
CA LEU E 164 -27.28 -27.43 -26.33
C LEU E 164 -27.98 -26.23 -25.70
N LEU E 165 -28.80 -25.53 -26.49
CA LEU E 165 -29.50 -24.36 -26.00
C LEU E 165 -30.62 -24.71 -25.02
N LYS E 166 -31.09 -25.96 -25.04
CA LYS E 166 -32.10 -26.39 -24.08
C LYS E 166 -31.49 -26.75 -22.74
N ARG E 167 -30.30 -27.36 -22.75
CA ARG E 167 -29.69 -27.81 -21.50
C ARG E 167 -29.20 -26.64 -20.67
N TYR E 168 -28.58 -25.64 -21.30
CA TYR E 168 -28.09 -24.49 -20.57
C TYR E 168 -29.08 -23.33 -20.55
N ARG E 169 -30.24 -23.50 -21.18
CA ARG E 169 -31.32 -22.50 -21.24
C ARG E 169 -30.83 -21.18 -21.81
N LEU E 170 -30.07 -21.27 -22.90
CA LEU E 170 -29.39 -20.13 -23.48
C LEU E 170 -30.20 -19.51 -24.60
N LYS E 171 -29.93 -18.23 -24.83
CA LYS E 171 -30.24 -17.61 -26.10
C LYS E 171 -29.17 -18.02 -27.11
N GLU E 172 -29.38 -17.65 -28.36
CA GLU E 172 -28.38 -17.96 -29.39
C GLU E 172 -27.13 -17.12 -29.20
N SER E 173 -27.28 -15.92 -28.64
CA SER E 173 -26.25 -14.90 -28.65
C SER E 173 -25.50 -14.82 -27.32
N GLN E 174 -25.72 -15.75 -26.41
CA GLN E 174 -25.05 -15.73 -25.12
C GLN E 174 -23.87 -16.68 -25.05
N LEU E 175 -23.60 -17.44 -26.11
CA LEU E 175 -22.45 -18.33 -26.15
C LEU E 175 -21.18 -17.53 -26.35
N PRO E 176 -20.01 -18.12 -26.08
CA PRO E 176 -18.76 -17.49 -26.52
C PRO E 176 -18.71 -17.45 -28.04
N ARG E 177 -18.04 -16.44 -28.57
CA ARG E 177 -18.14 -16.13 -29.98
C ARG E 177 -16.87 -16.56 -30.71
N ILE E 178 -17.05 -17.11 -31.89
CA ILE E 178 -15.97 -17.29 -32.86
C ILE E 178 -16.28 -16.36 -34.02
N GLN E 179 -15.25 -15.79 -34.62
CA GLN E 179 -15.50 -14.89 -35.74
C GLN E 179 -15.82 -15.69 -37.00
N ARG E 180 -16.30 -14.98 -38.00
CA ARG E 180 -16.44 -15.56 -39.32
C ARG E 180 -15.14 -15.47 -40.12
N ALA E 181 -14.20 -14.66 -39.66
CA ALA E 181 -12.98 -14.39 -40.39
C ALA E 181 -11.73 -15.03 -39.80
N ASP E 182 -11.84 -15.74 -38.66
CA ASP E 182 -10.64 -16.42 -38.20
C ASP E 182 -10.42 -17.68 -39.04
N PRO E 183 -9.18 -18.16 -39.19
CA PRO E 183 -8.92 -19.20 -40.18
C PRO E 183 -9.43 -20.59 -39.82
N VAL E 184 -9.96 -20.80 -38.62
CA VAL E 184 -10.55 -22.09 -38.32
C VAL E 184 -12.01 -22.15 -38.77
N ALA E 185 -12.75 -21.06 -38.59
CA ALA E 185 -14.11 -20.98 -39.12
C ALA E 185 -14.14 -20.60 -40.60
N LEU E 186 -12.98 -20.42 -41.23
CA LEU E 186 -12.89 -20.43 -42.68
C LEU E 186 -12.56 -21.82 -43.19
N TYR E 187 -11.82 -22.60 -42.40
CA TYR E 187 -11.50 -23.98 -42.73
C TYR E 187 -12.76 -24.82 -42.82
N LEU E 188 -13.56 -24.82 -41.75
CA LEU E 188 -14.81 -25.58 -41.75
C LEU E 188 -15.87 -24.95 -42.64
N GLY E 189 -15.78 -23.66 -42.92
CA GLY E 189 -16.77 -23.00 -43.74
C GLY E 189 -18.07 -22.83 -42.98
N LEU E 190 -18.02 -22.06 -41.91
CA LEU E 190 -19.17 -21.85 -41.05
C LEU E 190 -19.97 -20.65 -41.52
N LYS E 191 -21.28 -20.83 -41.64
CA LYS E 191 -22.20 -19.75 -41.94
C LYS E 191 -22.69 -19.16 -40.62
N ARG E 192 -23.08 -17.88 -40.65
CA ARG E 192 -23.32 -17.12 -39.43
C ARG E 192 -24.46 -17.71 -38.59
N GLY E 193 -24.14 -18.06 -37.36
CA GLY E 193 -25.09 -18.56 -36.41
C GLY E 193 -25.19 -20.05 -36.28
N GLU E 194 -24.09 -20.79 -36.47
CA GLU E 194 -24.09 -22.21 -36.21
C GLU E 194 -22.96 -22.55 -35.25
N VAL E 195 -23.28 -23.35 -34.24
CA VAL E 195 -22.36 -23.60 -33.13
C VAL E 195 -21.35 -24.65 -33.55
N VAL E 196 -20.09 -24.41 -33.21
CA VAL E 196 -19.02 -25.37 -33.42
C VAL E 196 -18.58 -25.90 -32.06
N LYS E 197 -18.24 -27.18 -32.00
CA LYS E 197 -17.87 -27.85 -30.76
C LYS E 197 -16.37 -27.95 -30.66
N ILE E 198 -15.82 -27.62 -29.50
CA ILE E 198 -14.38 -27.53 -29.30
C ILE E 198 -14.00 -28.54 -28.24
N ILE E 199 -13.28 -29.57 -28.63
CA ILE E 199 -12.85 -30.63 -27.73
C ILE E 199 -11.45 -30.25 -27.25
N ARG E 200 -11.37 -29.72 -26.04
CA ARG E 200 -10.25 -28.90 -25.61
C ARG E 200 -9.47 -29.63 -24.54
N LYS E 201 -8.16 -29.74 -24.74
CA LYS E 201 -7.30 -30.43 -23.78
C LYS E 201 -6.94 -29.49 -22.63
N SER E 202 -7.10 -29.97 -21.40
CA SER E 202 -6.79 -29.18 -20.21
C SER E 202 -5.65 -29.80 -19.43
N GLU E 203 -5.05 -28.98 -18.57
CA GLU E 203 -3.93 -29.43 -17.76
C GLU E 203 -4.39 -30.25 -16.56
N THR E 204 -5.58 -29.96 -16.04
CA THR E 204 -6.05 -30.56 -14.79
C THR E 204 -7.22 -31.50 -15.00
N SER E 205 -8.09 -31.24 -15.98
CA SER E 205 -9.28 -32.06 -16.23
C SER E 205 -9.17 -32.92 -17.48
N GLY E 206 -8.25 -32.61 -18.40
CA GLY E 206 -8.11 -33.41 -19.60
C GLY E 206 -8.95 -32.88 -20.73
N ARG E 207 -9.80 -33.72 -21.31
CA ARG E 207 -10.74 -33.29 -22.33
C ARG E 207 -11.99 -32.69 -21.67
N TYR E 208 -12.40 -31.53 -22.16
CA TYR E 208 -13.72 -30.99 -21.86
C TYR E 208 -14.25 -30.28 -23.09
N ALA E 209 -15.49 -30.56 -23.43
CA ALA E 209 -16.10 -29.99 -24.62
C ALA E 209 -16.63 -28.60 -24.32
N SER E 210 -16.20 -27.62 -25.11
CA SER E 210 -16.73 -26.28 -25.07
C SER E 210 -17.29 -25.94 -26.44
N TYR E 211 -17.95 -24.79 -26.55
CA TYR E 211 -18.70 -24.46 -27.75
C TYR E 211 -18.52 -22.99 -28.08
N ARG E 212 -18.46 -22.67 -29.37
CA ARG E 212 -18.47 -21.29 -29.83
C ARG E 212 -19.47 -21.14 -30.96
N ILE E 213 -19.94 -19.91 -31.15
CA ILE E 213 -20.93 -19.60 -32.17
C ILE E 213 -20.36 -18.50 -33.05
N CYS E 214 -20.71 -18.53 -34.34
CA CYS E 214 -20.17 -17.61 -35.32
C CYS E 214 -21.20 -16.55 -35.67
N MET E 215 -20.89 -15.32 -35.30
CA MET E 215 -21.73 -14.16 -35.57
C MET E 215 -20.93 -13.12 -36.33
N PRO F 55 -59.57 -3.21 -13.17
CA PRO F 55 -60.80 -3.99 -13.36
C PRO F 55 -60.76 -4.83 -14.62
N GLU F 56 -60.16 -4.28 -15.68
CA GLU F 56 -59.99 -5.01 -16.92
C GLU F 56 -58.52 -4.93 -17.33
N ASP F 57 -57.89 -3.81 -17.01
CA ASP F 57 -56.47 -3.64 -17.30
C ASP F 57 -55.61 -4.42 -16.32
N PHE F 58 -55.91 -4.31 -15.02
CA PHE F 58 -55.18 -5.07 -14.01
C PHE F 58 -55.52 -6.55 -14.09
N GLN F 59 -56.72 -6.89 -14.57
CA GLN F 59 -57.07 -8.28 -14.79
C GLN F 59 -56.20 -8.91 -15.87
N GLN F 60 -55.90 -8.16 -16.92
CA GLN F 60 -54.97 -8.64 -17.94
C GLN F 60 -53.53 -8.54 -17.47
N HIS F 61 -53.21 -7.55 -16.64
CA HIS F 61 -51.86 -7.42 -16.12
C HIS F 61 -51.51 -8.53 -15.14
N GLU F 62 -52.49 -9.06 -14.42
CA GLU F 62 -52.20 -10.07 -13.41
C GLU F 62 -52.09 -11.45 -14.03
N GLN F 63 -52.95 -11.77 -14.99
CA GLN F 63 -52.90 -13.11 -15.59
C GLN F 63 -51.71 -13.29 -16.52
N ILE F 64 -51.16 -12.20 -17.06
CA ILE F 64 -49.87 -12.30 -17.76
C ILE F 64 -48.74 -12.52 -16.77
N ARG F 65 -48.77 -11.81 -15.64
CA ARG F 65 -47.69 -11.89 -14.67
C ARG F 65 -47.66 -13.24 -13.96
N ARG F 66 -48.79 -13.93 -13.90
CA ARG F 66 -48.84 -15.26 -13.31
C ARG F 66 -48.67 -16.36 -14.34
N LYS F 67 -48.74 -16.03 -15.63
CA LYS F 67 -48.47 -17.01 -16.67
C LYS F 67 -46.98 -17.12 -16.95
N THR F 68 -46.24 -16.01 -16.85
CA THR F 68 -44.79 -16.08 -16.96
C THR F 68 -44.19 -16.79 -15.75
N LEU F 69 -44.69 -16.50 -14.55
CA LEU F 69 -44.12 -17.08 -13.34
C LEU F 69 -44.46 -18.56 -13.21
N LYS F 70 -45.45 -19.04 -13.96
CA LYS F 70 -45.65 -20.47 -14.15
C LYS F 70 -44.80 -21.03 -15.27
N GLU F 71 -44.55 -20.22 -16.30
CA GLU F 71 -43.65 -20.63 -17.37
C GLU F 71 -42.21 -20.75 -16.86
N LYS F 72 -41.79 -19.82 -15.99
CA LYS F 72 -40.48 -19.90 -15.37
C LYS F 72 -40.40 -20.99 -14.30
N ALA F 73 -41.50 -21.59 -13.89
CA ALA F 73 -41.45 -22.62 -12.88
C ALA F 73 -41.00 -23.94 -13.48
N ILE F 74 -40.08 -24.61 -12.82
CA ILE F 74 -39.60 -25.93 -13.22
C ILE F 74 -40.17 -26.95 -12.24
N PRO F 75 -40.85 -28.00 -12.72
CA PRO F 75 -41.52 -28.93 -11.80
C PRO F 75 -40.54 -29.79 -11.01
N LYS F 76 -41.11 -30.51 -10.05
CA LYS F 76 -40.32 -31.16 -9.01
C LYS F 76 -39.62 -32.41 -9.52
N ASP F 77 -40.19 -33.11 -10.49
CA ASP F 77 -39.53 -34.28 -11.07
C ASP F 77 -38.70 -33.95 -12.29
N GLN F 78 -38.57 -32.67 -12.64
CA GLN F 78 -37.79 -32.26 -13.81
C GLN F 78 -36.72 -31.24 -13.42
N ARG F 79 -36.28 -31.27 -12.18
CA ARG F 79 -35.25 -30.37 -11.69
C ARG F 79 -33.92 -31.11 -11.64
N ALA F 80 -32.85 -30.43 -12.07
CA ALA F 80 -31.58 -31.11 -12.29
C ALA F 80 -30.40 -30.30 -11.79
N THR F 81 -30.57 -29.54 -10.72
CA THR F 81 -29.45 -28.89 -10.07
C THR F 81 -28.92 -29.80 -8.96
N THR F 82 -28.05 -29.27 -8.11
CA THR F 82 -27.43 -30.11 -7.09
C THR F 82 -28.41 -30.38 -5.95
N PRO F 83 -28.36 -31.59 -5.37
CA PRO F 83 -29.17 -31.88 -4.18
C PRO F 83 -28.53 -31.52 -2.85
N TYR F 84 -27.41 -30.80 -2.85
CA TYR F 84 -26.73 -30.38 -1.64
C TYR F 84 -27.06 -28.93 -1.34
N MET F 85 -27.27 -28.62 -0.07
CA MET F 85 -27.38 -27.24 0.33
C MET F 85 -25.98 -26.64 0.37
N THR F 86 -25.75 -25.61 -0.44
CA THR F 86 -24.43 -25.07 -0.66
C THR F 86 -23.96 -24.29 0.57
N LYS F 87 -22.74 -23.75 0.49
CA LYS F 87 -22.25 -22.93 1.60
C LYS F 87 -22.87 -21.55 1.60
N TYR F 88 -23.51 -21.15 0.50
CA TYR F 88 -24.18 -19.87 0.40
C TYR F 88 -25.64 -19.96 0.80
N GLU F 89 -26.28 -21.08 0.46
CA GLU F 89 -27.65 -21.32 0.90
C GLU F 89 -27.73 -21.56 2.38
N ARG F 90 -26.70 -22.19 2.96
CA ARG F 90 -26.74 -22.55 4.37
C ARG F 90 -26.68 -21.31 5.27
N ALA F 91 -25.85 -20.34 4.92
CA ALA F 91 -25.69 -19.17 5.77
C ALA F 91 -26.90 -18.26 5.72
N ARG F 92 -27.57 -18.16 4.58
CA ARG F 92 -28.74 -17.31 4.49
C ARG F 92 -29.96 -17.97 5.14
N ILE F 93 -30.05 -19.29 5.10
CA ILE F 93 -31.09 -20.00 5.84
C ILE F 93 -30.91 -19.77 7.34
N LEU F 94 -29.67 -19.81 7.83
CA LEU F 94 -29.43 -19.48 9.22
C LEU F 94 -29.66 -18.00 9.50
N GLY F 95 -29.41 -17.14 8.54
CA GLY F 95 -29.55 -15.72 8.76
C GLY F 95 -30.97 -15.22 8.71
N THR F 96 -31.75 -15.70 7.74
CA THR F 96 -33.12 -15.25 7.60
C THR F 96 -34.02 -15.86 8.68
N ARG F 97 -33.75 -17.10 9.07
CA ARG F 97 -34.50 -17.70 10.17
C ARG F 97 -34.19 -17.02 11.50
N ALA F 98 -32.93 -16.65 11.73
CA ALA F 98 -32.58 -15.96 12.97
C ALA F 98 -33.14 -14.54 13.03
N LEU F 99 -33.42 -13.92 11.89
CA LEU F 99 -34.18 -12.67 11.91
C LEU F 99 -35.64 -12.91 12.26
N GLN F 100 -36.16 -14.10 11.96
CA GLN F 100 -37.54 -14.40 12.28
C GLN F 100 -37.70 -14.77 13.75
N ILE F 101 -36.76 -15.56 14.30
CA ILE F 101 -36.80 -15.94 15.71
C ILE F 101 -36.64 -14.71 16.61
N SER F 102 -35.83 -13.75 16.17
CA SER F 102 -35.70 -12.51 16.93
C SER F 102 -36.93 -11.62 16.81
N MET F 103 -37.78 -11.85 15.81
CA MET F 103 -39.01 -11.09 15.63
C MET F 103 -40.24 -11.94 15.95
N ASN F 104 -40.10 -12.78 16.98
CA ASN F 104 -41.20 -13.50 17.63
C ASN F 104 -41.89 -14.52 16.72
N ALA F 105 -41.11 -15.21 15.89
CA ALA F 105 -41.68 -16.32 15.15
C ALA F 105 -41.83 -17.54 16.06
N PRO F 106 -42.77 -18.43 15.78
CA PRO F 106 -42.87 -19.65 16.58
C PRO F 106 -41.69 -20.59 16.31
N VAL F 107 -41.09 -21.06 17.39
CA VAL F 107 -39.87 -21.84 17.36
C VAL F 107 -40.24 -23.31 17.43
N PHE F 108 -39.59 -24.14 16.60
CA PHE F 108 -39.92 -25.54 16.48
C PHE F 108 -38.97 -26.45 17.25
N VAL F 109 -38.23 -25.92 18.23
CA VAL F 109 -37.21 -26.69 18.92
C VAL F 109 -37.19 -26.29 20.38
N ASP F 110 -36.77 -27.21 21.24
CA ASP F 110 -36.66 -26.92 22.66
C ASP F 110 -35.45 -26.01 22.91
N LEU F 111 -35.71 -24.83 23.46
CA LEU F 111 -34.64 -23.90 23.79
C LEU F 111 -33.94 -24.39 25.06
N GLU F 112 -32.67 -24.76 24.93
CA GLU F 112 -31.86 -25.10 26.10
C GLU F 112 -31.09 -23.88 26.58
N GLY F 113 -31.84 -22.83 26.91
CA GLY F 113 -31.24 -21.58 27.33
C GLY F 113 -30.49 -20.84 26.26
N GLU F 114 -30.79 -21.09 24.99
CA GLU F 114 -30.14 -20.39 23.89
C GLU F 114 -30.76 -19.03 23.72
N THR F 115 -29.95 -17.98 23.88
CA THR F 115 -30.42 -16.62 23.72
C THR F 115 -29.96 -15.97 22.42
N ASP F 116 -28.98 -16.56 21.76
CA ASP F 116 -28.54 -16.08 20.46
C ASP F 116 -29.50 -16.62 19.41
N PRO F 117 -30.15 -15.76 18.62
CA PRO F 117 -31.07 -16.27 17.58
C PRO F 117 -30.38 -17.06 16.49
N LEU F 118 -29.08 -16.88 16.29
CA LEU F 118 -28.38 -17.62 15.27
C LEU F 118 -28.00 -19.01 15.75
N ARG F 119 -27.84 -19.19 17.06
CA ARG F 119 -27.63 -20.51 17.64
C ARG F 119 -28.91 -21.32 17.73
N ILE F 120 -30.06 -20.66 17.79
CA ILE F 120 -31.34 -21.36 17.74
C ILE F 120 -31.60 -21.85 16.32
N ALA F 121 -31.31 -21.02 15.31
CA ALA F 121 -31.51 -21.42 13.93
C ALA F 121 -30.53 -22.50 13.51
N MET F 122 -29.33 -22.53 14.10
CA MET F 122 -28.43 -23.67 13.91
C MET F 122 -28.94 -24.91 14.61
N LYS F 123 -29.81 -24.77 15.59
CA LYS F 123 -30.41 -25.91 16.25
C LYS F 123 -31.64 -26.39 15.50
N GLU F 124 -32.37 -25.49 14.84
CA GLU F 124 -33.50 -25.92 14.03
C GLU F 124 -33.03 -26.60 12.75
N LEU F 125 -31.85 -26.23 12.25
CA LEU F 125 -31.32 -26.84 11.03
C LEU F 125 -30.84 -28.27 11.27
N ALA F 126 -30.55 -28.63 12.52
CA ALA F 126 -30.09 -29.99 12.81
C ALA F 126 -31.23 -30.99 12.71
N GLU F 127 -32.40 -30.68 13.27
CA GLU F 127 -33.56 -31.56 13.19
C GLU F 127 -34.45 -31.24 12.00
N LYS F 128 -33.98 -30.40 11.06
CA LYS F 128 -34.63 -30.11 9.78
C LYS F 128 -36.03 -29.52 9.98
N LYS F 129 -36.13 -28.53 10.86
CA LYS F 129 -37.41 -27.94 11.22
C LYS F 129 -37.61 -26.54 10.64
N ILE F 130 -36.62 -26.00 9.95
CA ILE F 130 -36.70 -24.66 9.37
C ILE F 130 -37.71 -24.65 8.22
N PRO F 131 -38.78 -23.86 8.30
CA PRO F 131 -39.83 -23.89 7.28
C PRO F 131 -39.57 -22.97 6.09
N LEU F 132 -38.39 -23.08 5.50
CA LEU F 132 -38.01 -22.21 4.39
C LEU F 132 -37.76 -23.03 3.14
N VAL F 133 -37.79 -22.35 2.00
CA VAL F 133 -37.66 -22.96 0.68
C VAL F 133 -36.72 -22.12 -0.16
N ILE F 134 -35.70 -22.76 -0.73
CA ILE F 134 -34.73 -22.08 -1.59
C ILE F 134 -35.28 -22.07 -3.02
N ARG F 135 -35.31 -20.88 -3.62
CA ARG F 135 -35.76 -20.72 -5.00
C ARG F 135 -34.51 -20.48 -5.84
N ARG F 136 -33.92 -21.56 -6.31
CA ARG F 136 -32.66 -21.51 -7.06
C ARG F 136 -32.92 -20.99 -8.46
N TYR F 137 -32.52 -19.75 -8.72
CA TYR F 137 -32.73 -19.16 -10.03
C TYR F 137 -31.70 -19.64 -11.03
N LEU F 138 -32.17 -19.93 -12.21
CA LEU F 138 -31.41 -20.27 -13.39
C LEU F 138 -31.19 -19.01 -14.22
N PRO F 139 -30.17 -18.97 -15.07
CA PRO F 139 -29.89 -17.72 -15.82
C PRO F 139 -30.88 -17.39 -16.91
N ASP F 140 -31.78 -18.32 -17.24
CA ASP F 140 -32.92 -18.01 -18.10
C ASP F 140 -33.88 -17.03 -17.44
N GLY F 141 -33.87 -16.95 -16.12
CA GLY F 141 -34.95 -16.36 -15.37
C GLY F 141 -35.87 -17.39 -14.75
N SER F 142 -35.75 -18.64 -15.17
CA SER F 142 -36.50 -19.74 -14.58
C SER F 142 -35.91 -20.09 -13.22
N PHE F 143 -36.67 -20.85 -12.43
CA PHE F 143 -36.29 -21.14 -11.07
C PHE F 143 -36.63 -22.57 -10.72
N GLU F 144 -36.07 -23.04 -9.60
CA GLU F 144 -36.38 -24.34 -9.04
C GLU F 144 -36.55 -24.18 -7.53
N ASP F 145 -37.58 -24.83 -6.98
CA ASP F 145 -37.92 -24.68 -5.57
C ASP F 145 -37.45 -25.90 -4.80
N TRP F 146 -36.48 -25.70 -3.93
CA TRP F 146 -35.94 -26.73 -3.06
C TRP F 146 -36.23 -26.34 -1.62
N SER F 147 -36.94 -27.19 -0.89
CA SER F 147 -37.09 -26.92 0.53
C SER F 147 -35.84 -27.36 1.28
N VAL F 148 -35.69 -26.85 2.50
CA VAL F 148 -34.50 -27.14 3.30
C VAL F 148 -34.50 -28.60 3.76
N GLU F 149 -35.68 -29.19 3.94
CA GLU F 149 -35.77 -30.59 4.37
C GLU F 149 -35.33 -31.55 3.28
N GLU F 150 -35.48 -31.18 2.01
CA GLU F 150 -35.02 -32.05 0.93
C GLU F 150 -33.51 -32.00 0.74
N LEU F 151 -32.92 -30.85 1.00
CA LEU F 151 -31.49 -30.66 0.78
C LEU F 151 -30.71 -31.35 1.90
N ILE F 152 -29.56 -31.92 1.54
CA ILE F 152 -28.66 -32.51 2.52
C ILE F 152 -27.45 -31.61 2.69
N VAL F 153 -26.86 -31.68 3.88
CA VAL F 153 -25.72 -30.85 4.24
C VAL F 153 -24.44 -31.65 4.15
N ASP F 154 -23.35 -30.95 3.82
CA ASP F 154 -21.97 -31.46 3.86
C ASP F 154 -21.73 -32.71 3.01
N CYS G 37 -77.19 1.44 -1.07
CA CYS G 37 -76.27 1.45 -2.20
C CYS G 37 -74.93 0.83 -1.84
N ILE G 38 -74.94 -0.15 -0.95
CA ILE G 38 -73.74 -0.92 -0.65
C ILE G 38 -73.37 -1.76 -1.86
N VAL G 39 -72.14 -1.63 -2.33
CA VAL G 39 -71.67 -2.29 -3.52
C VAL G 39 -70.55 -3.25 -3.12
N ARG G 40 -70.26 -4.20 -3.99
CA ARG G 40 -69.22 -5.19 -3.75
C ARG G 40 -68.07 -4.99 -4.74
N VAL G 41 -66.87 -4.79 -4.24
CA VAL G 41 -65.66 -4.73 -5.05
C VAL G 41 -64.79 -5.94 -4.72
N PRO G 42 -64.35 -6.70 -5.71
CA PRO G 42 -63.22 -7.61 -5.48
C PRO G 42 -61.90 -6.94 -5.79
N ILE G 43 -60.95 -7.04 -4.86
CA ILE G 43 -59.70 -6.30 -4.98
C ILE G 43 -58.52 -7.25 -5.03
N ALA G 44 -57.32 -6.69 -5.16
CA ALA G 44 -56.08 -7.42 -5.00
C ALA G 44 -55.11 -6.49 -4.28
N LEU G 45 -54.40 -7.03 -3.29
CA LEU G 45 -53.64 -6.21 -2.37
C LEU G 45 -52.30 -6.86 -2.07
N TYR G 46 -51.23 -6.06 -2.12
CA TYR G 46 -49.88 -6.52 -1.87
C TYR G 46 -49.49 -6.08 -0.47
N VAL G 47 -49.41 -7.04 0.45
CA VAL G 47 -49.32 -6.74 1.87
C VAL G 47 -48.04 -7.30 2.45
N SER G 48 -47.76 -6.90 3.68
CA SER G 48 -46.67 -7.48 4.45
C SER G 48 -47.18 -8.62 5.30
N LEU G 49 -46.24 -9.30 5.96
CA LEU G 49 -46.59 -10.40 6.86
C LEU G 49 -45.43 -10.59 7.84
N ALA G 50 -45.73 -10.45 9.12
CA ALA G 50 -44.73 -10.51 10.17
C ALA G 50 -44.45 -11.95 10.59
N PRO G 51 -43.29 -12.23 11.21
CA PRO G 51 -42.99 -13.62 11.57
C PRO G 51 -43.83 -14.18 12.71
N MET G 52 -44.52 -13.35 13.50
CA MET G 52 -45.39 -13.92 14.51
C MET G 52 -46.64 -14.54 13.91
N TYR G 53 -46.98 -14.16 12.69
CA TYR G 53 -48.08 -14.77 11.94
C TYR G 53 -47.57 -15.72 10.87
N LEU G 54 -46.47 -16.42 11.13
CA LEU G 54 -45.95 -17.45 10.26
C LEU G 54 -46.57 -18.82 10.52
N GLU G 55 -47.37 -18.96 11.57
CA GLU G 55 -48.17 -20.16 11.78
C GLU G 55 -49.62 -19.98 11.35
N ASN G 56 -50.09 -18.74 11.26
CA ASN G 56 -51.50 -18.45 10.95
C ASN G 56 -51.53 -17.26 10.01
N PRO G 57 -51.25 -17.48 8.72
CA PRO G 57 -51.01 -16.35 7.82
C PRO G 57 -52.27 -15.60 7.42
N LEU G 58 -53.44 -16.26 7.39
CA LEU G 58 -54.68 -15.55 7.12
C LEU G 58 -55.08 -14.65 8.27
N GLN G 59 -54.69 -15.01 9.50
CA GLN G 59 -54.91 -14.15 10.65
C GLN G 59 -54.08 -12.87 10.55
N GLY G 60 -52.85 -12.99 10.05
CA GLY G 60 -51.96 -11.85 10.00
C GLY G 60 -52.30 -10.83 8.94
N VAL G 61 -53.00 -11.24 7.89
CA VAL G 61 -53.45 -10.26 6.90
C VAL G 61 -54.69 -9.53 7.43
N MET G 62 -55.49 -10.19 8.26
CA MET G 62 -56.66 -9.54 8.83
C MET G 62 -56.28 -8.52 9.89
N LYS G 63 -55.43 -8.91 10.83
CA LYS G 63 -55.12 -8.03 11.96
C LYS G 63 -54.17 -6.90 11.62
N GLN G 64 -53.47 -6.97 10.50
CA GLN G 64 -52.55 -5.92 10.12
C GLN G 64 -53.12 -4.99 9.05
N HIS G 65 -53.79 -5.53 8.03
CA HIS G 65 -54.14 -4.73 6.88
C HIS G 65 -55.63 -4.63 6.61
N LEU G 66 -56.47 -5.39 7.32
CA LEU G 66 -57.90 -5.41 7.06
C LEU G 66 -58.72 -4.92 8.23
N ASN G 67 -58.42 -5.35 9.44
CA ASN G 67 -59.13 -4.86 10.62
C ASN G 67 -58.83 -3.40 10.96
N PRO G 68 -57.66 -2.82 10.66
CA PRO G 68 -57.56 -1.36 10.63
C PRO G 68 -58.18 -0.68 9.43
N LEU G 69 -58.90 -1.40 8.57
CA LEU G 69 -59.45 -0.83 7.36
C LEU G 69 -60.97 -0.81 7.34
N VAL G 70 -61.63 -1.57 8.22
CA VAL G 70 -63.09 -1.52 8.33
C VAL G 70 -63.50 -0.23 9.02
N MET G 71 -64.66 0.29 8.63
CA MET G 71 -65.22 1.57 9.10
C MET G 71 -64.29 2.75 8.89
N LYS G 72 -63.52 2.74 7.81
CA LYS G 72 -62.73 3.89 7.38
C LYS G 72 -63.04 4.16 5.92
N TYR G 73 -62.49 5.26 5.42
CA TYR G 73 -62.59 5.59 4.00
C TYR G 73 -61.30 5.17 3.31
N ASN G 74 -61.45 4.53 2.14
CA ASN G 74 -60.30 4.11 1.35
C ASN G 74 -60.49 4.64 -0.06
N ASN G 75 -59.42 5.22 -0.61
CA ASN G 75 -59.53 5.97 -1.87
C ASN G 75 -59.72 5.04 -3.05
N LYS G 76 -58.86 4.03 -3.17
CA LYS G 76 -58.88 3.14 -4.33
C LYS G 76 -60.04 2.16 -4.31
N VAL G 77 -60.80 2.10 -3.22
CA VAL G 77 -61.99 1.25 -3.15
C VAL G 77 -63.22 1.99 -3.64
N GLY G 78 -63.38 3.25 -3.25
CA GLY G 78 -64.45 4.08 -3.75
C GLY G 78 -65.23 4.81 -2.68
N GLY G 79 -65.46 4.17 -1.54
CA GLY G 79 -66.22 4.76 -0.45
C GLY G 79 -65.74 4.28 0.88
N VAL G 80 -66.68 4.01 1.79
CA VAL G 80 -66.36 3.56 3.14
C VAL G 80 -66.39 2.04 3.16
N VAL G 81 -65.27 1.44 3.51
CA VAL G 81 -65.17 -0.02 3.56
C VAL G 81 -65.91 -0.53 4.79
N LEU G 82 -66.95 -1.33 4.56
CA LEU G 82 -67.66 -1.96 5.67
C LEU G 82 -66.91 -3.19 6.17
N GLY G 83 -66.75 -4.19 5.33
CA GLY G 83 -66.09 -5.41 5.72
C GLY G 83 -65.51 -6.15 4.54
N TYR G 84 -65.17 -7.41 4.77
CA TYR G 84 -64.53 -8.25 3.77
C TYR G 84 -65.05 -9.68 3.87
N GLU G 85 -64.90 -10.41 2.77
CA GLU G 85 -65.23 -11.83 2.75
C GLU G 85 -64.32 -12.52 1.74
N GLY G 86 -63.87 -13.73 2.07
CA GLY G 86 -63.11 -14.53 1.14
C GLY G 86 -61.69 -14.08 0.94
N LEU G 87 -60.87 -14.16 1.99
CA LEU G 87 -59.46 -13.85 1.91
C LEU G 87 -58.70 -15.09 1.48
N LYS G 88 -57.99 -15.00 0.37
CA LYS G 88 -57.20 -16.11 -0.16
C LYS G 88 -55.82 -15.60 -0.56
N ILE G 89 -54.78 -16.16 0.05
CA ILE G 89 -53.41 -15.81 -0.29
C ILE G 89 -53.05 -16.41 -1.64
N LEU G 90 -52.57 -15.58 -2.54
CA LEU G 90 -52.01 -16.10 -3.79
C LEU G 90 -50.64 -16.71 -3.52
N ASP G 91 -50.52 -18.00 -3.80
CA ASP G 91 -49.30 -18.75 -3.55
C ASP G 91 -48.20 -18.29 -4.49
N ALA G 92 -46.96 -18.48 -4.05
CA ALA G 92 -45.83 -18.08 -4.87
C ALA G 92 -45.61 -19.06 -6.02
N ASP G 93 -45.38 -20.35 -5.71
CA ASP G 93 -45.17 -21.32 -6.78
C ASP G 93 -46.49 -21.65 -7.47
N PRO G 94 -46.56 -21.51 -8.79
CA PRO G 94 -47.83 -21.76 -9.50
C PRO G 94 -48.11 -23.22 -9.75
N LEU G 95 -47.19 -24.11 -9.40
CA LEU G 95 -47.37 -25.53 -9.61
C LEU G 95 -48.18 -26.19 -8.50
N SER G 96 -48.59 -25.42 -7.49
CA SER G 96 -49.41 -25.93 -6.41
C SER G 96 -50.89 -25.78 -6.75
N LYS G 97 -51.69 -26.66 -6.18
CA LYS G 97 -53.13 -26.63 -6.38
C LYS G 97 -53.77 -25.55 -5.54
N GLU G 98 -55.04 -25.25 -5.83
CA GLU G 98 -55.83 -24.38 -4.96
C GLU G 98 -56.25 -25.10 -3.69
N ASP G 99 -56.17 -26.42 -3.67
CA ASP G 99 -56.52 -27.23 -2.51
C ASP G 99 -55.42 -27.28 -1.47
N THR G 100 -54.22 -26.79 -1.81
CA THR G 100 -53.07 -26.94 -0.94
C THR G 100 -53.16 -26.05 0.28
N SER G 101 -52.80 -26.61 1.44
CA SER G 101 -52.77 -25.84 2.67
C SER G 101 -51.52 -24.98 2.75
N GLU G 102 -50.36 -25.58 2.49
CA GLU G 102 -49.10 -24.86 2.55
C GLU G 102 -48.94 -23.96 1.35
N LYS G 103 -48.51 -22.72 1.59
CA LYS G 103 -48.24 -21.75 0.54
C LYS G 103 -46.91 -21.06 0.83
N LEU G 104 -46.29 -20.52 -0.20
CA LEU G 104 -44.98 -19.91 -0.09
C LEU G 104 -45.10 -18.39 -0.02
N ILE G 105 -44.29 -17.77 0.84
CA ILE G 105 -44.28 -16.33 1.03
C ILE G 105 -42.88 -15.82 0.77
N LYS G 106 -42.76 -14.82 -0.11
CA LYS G 106 -41.45 -14.33 -0.51
C LYS G 106 -40.90 -13.39 0.55
N ILE G 107 -39.90 -13.85 1.30
CA ILE G 107 -39.31 -13.07 2.37
C ILE G 107 -38.49 -11.92 1.77
N THR G 108 -38.62 -10.74 2.37
CA THR G 108 -37.77 -9.61 2.04
C THR G 108 -36.30 -9.97 2.29
N PRO G 109 -35.38 -9.58 1.39
CA PRO G 109 -33.96 -9.87 1.66
C PRO G 109 -33.41 -9.17 2.89
N ASP G 110 -33.81 -7.91 3.12
CA ASP G 110 -33.28 -7.14 4.23
C ASP G 110 -33.88 -7.59 5.56
N THR G 111 -35.21 -7.60 5.65
CA THR G 111 -36.02 -7.76 6.85
C THR G 111 -36.74 -9.11 6.84
N PRO G 112 -37.09 -9.67 8.00
CA PRO G 112 -37.78 -10.96 8.02
C PRO G 112 -39.26 -10.90 7.70
N PHE G 113 -39.80 -9.75 7.29
CA PHE G 113 -41.20 -9.66 6.93
C PHE G 113 -41.40 -10.23 5.53
N GLY G 114 -42.48 -10.97 5.36
CA GLY G 114 -42.79 -11.58 4.08
C GLY G 114 -43.88 -10.81 3.35
N PHE G 115 -43.85 -10.89 2.02
CA PHE G 115 -44.79 -10.19 1.17
C PHE G 115 -45.60 -11.17 0.35
N THR G 116 -46.84 -10.78 0.02
CA THR G 116 -47.72 -11.67 -0.73
C THR G 116 -48.81 -10.84 -1.42
N TRP G 117 -49.42 -11.46 -2.41
CA TRP G 117 -50.63 -10.96 -3.04
C TRP G 117 -51.83 -11.70 -2.49
N CYS G 118 -52.93 -10.98 -2.27
CA CYS G 118 -54.14 -11.60 -1.76
C CYS G 118 -55.34 -11.09 -2.54
N HIS G 119 -56.36 -11.94 -2.64
CA HIS G 119 -57.66 -11.54 -3.15
C HIS G 119 -58.67 -11.58 -2.02
N VAL G 120 -59.50 -10.54 -1.94
CA VAL G 120 -60.57 -10.48 -0.95
C VAL G 120 -61.69 -9.62 -1.52
N ASN G 121 -62.91 -9.94 -1.13
CA ASN G 121 -64.11 -9.24 -1.58
C ASN G 121 -64.50 -8.24 -0.50
N LEU G 122 -64.15 -6.97 -0.70
CA LEU G 122 -64.61 -5.94 0.22
C LEU G 122 -66.05 -5.57 -0.09
N TYR G 123 -66.80 -5.20 0.95
CA TYR G 123 -68.10 -4.58 0.77
C TYR G 123 -67.98 -3.13 1.20
N VAL G 124 -68.42 -2.22 0.35
CA VAL G 124 -68.14 -0.80 0.52
C VAL G 124 -69.40 0.01 0.23
N TRP G 125 -69.75 0.90 1.15
CA TRP G 125 -70.88 1.81 1.00
C TRP G 125 -70.38 3.10 0.36
N GLN G 126 -70.77 3.34 -0.89
CA GLN G 126 -70.25 4.49 -1.61
C GLN G 126 -71.37 5.48 -1.92
N PRO G 127 -71.23 6.75 -1.56
CA PRO G 127 -72.18 7.77 -2.02
C PRO G 127 -71.66 8.49 -3.26
N GLN G 128 -72.58 8.80 -4.16
CA GLN G 128 -72.28 9.56 -5.36
C GLN G 128 -73.35 10.63 -5.55
N VAL G 129 -73.08 11.56 -6.47
CA VAL G 129 -73.97 12.69 -6.67
C VAL G 129 -75.23 12.26 -7.40
N GLY G 130 -76.31 13.01 -7.20
CA GLY G 130 -77.58 12.70 -7.79
C GLY G 130 -78.34 11.56 -7.14
N ASP G 131 -77.89 11.08 -5.98
CA ASP G 131 -78.49 9.94 -5.33
C ASP G 131 -79.28 10.37 -4.08
N VAL G 132 -80.27 9.55 -3.73
CA VAL G 132 -81.20 9.86 -2.65
C VAL G 132 -80.86 8.98 -1.44
N LEU G 133 -80.73 9.60 -0.28
CA LEU G 133 -80.28 8.92 0.93
C LEU G 133 -81.30 9.10 2.05
N GLU G 134 -81.52 8.03 2.81
CA GLU G 134 -82.37 8.08 3.99
C GLU G 134 -81.58 8.63 5.17
N GLY G 135 -82.21 9.54 5.92
CA GLY G 135 -81.52 10.25 6.97
C GLY G 135 -82.25 10.16 8.30
N TYR G 136 -81.48 10.43 9.37
CA TYR G 136 -81.98 10.45 10.73
C TYR G 136 -81.50 11.73 11.39
N ILE G 137 -82.43 12.47 12.01
CA ILE G 137 -82.16 13.83 12.47
C ILE G 137 -81.26 13.80 13.71
N PHE G 138 -80.19 14.59 13.68
CA PHE G 138 -79.27 14.73 14.81
C PHE G 138 -79.02 16.17 15.21
N ILE G 139 -78.97 17.11 14.26
CA ILE G 139 -78.75 18.53 14.54
C ILE G 139 -79.81 19.34 13.82
N GLN G 140 -80.54 20.17 14.58
CA GLN G 140 -81.48 21.15 14.05
C GLN G 140 -80.99 22.53 14.44
N SER G 141 -80.27 23.18 13.54
CA SER G 141 -79.74 24.52 13.77
C SER G 141 -80.16 25.46 12.64
N ALA G 142 -79.90 26.74 12.85
CA ALA G 142 -80.18 27.78 11.86
C ALA G 142 -79.08 27.93 10.83
N SER G 143 -78.07 27.07 10.86
CA SER G 143 -76.96 27.10 9.92
C SER G 143 -76.94 25.88 9.00
N HIS G 144 -76.96 24.68 9.57
CA HIS G 144 -76.93 23.44 8.81
C HIS G 144 -77.98 22.49 9.37
N ILE G 145 -78.18 21.38 8.66
CA ILE G 145 -79.01 20.30 9.17
C ILE G 145 -78.12 19.07 9.29
N GLY G 146 -77.52 18.87 10.47
CA GLY G 146 -76.62 17.76 10.68
C GLY G 146 -77.36 16.48 11.02
N LEU G 147 -77.43 15.56 10.06
CA LEU G 147 -78.20 14.34 10.20
C LEU G 147 -77.30 13.14 10.02
N LEU G 148 -77.78 11.98 10.45
CA LEU G 148 -77.04 10.74 10.34
C LEU G 148 -77.67 9.83 9.31
N ILE G 149 -76.81 9.15 8.53
CA ILE G 149 -77.23 8.20 7.51
C ILE G 149 -76.83 6.82 7.98
N HIS G 150 -77.82 5.93 8.10
CA HIS G 150 -77.66 4.53 8.55
C HIS G 150 -77.01 4.45 9.92
N ASP G 151 -77.35 5.42 10.78
CA ASP G 151 -76.99 5.51 12.20
C ASP G 151 -75.49 5.62 12.46
N ALA G 152 -74.67 5.79 11.42
CA ALA G 152 -73.23 5.75 11.59
C ALA G 152 -72.51 6.93 10.94
N PHE G 153 -73.02 7.40 9.81
CA PHE G 153 -72.31 8.35 8.96
C PHE G 153 -72.92 9.73 9.07
N ASN G 154 -72.07 10.76 9.14
CA ASN G 154 -72.50 12.14 9.22
C ASN G 154 -72.92 12.68 7.84
N ALA G 155 -73.70 13.75 7.87
CA ALA G 155 -74.13 14.45 6.65
C ALA G 155 -74.52 15.87 7.03
N SER G 156 -74.68 16.71 6.00
CA SER G 156 -75.08 18.09 6.23
C SER G 156 -75.87 18.62 5.04
N ILE G 157 -76.70 19.61 5.31
CA ILE G 157 -77.38 20.40 4.29
C ILE G 157 -77.18 21.87 4.66
N LYS G 158 -76.57 22.63 3.76
CA LYS G 158 -76.14 23.98 4.06
C LYS G 158 -77.32 24.96 4.05
N LYS G 159 -77.02 26.21 4.40
CA LYS G 159 -78.05 27.24 4.44
C LYS G 159 -78.52 27.63 3.05
N ASN G 160 -77.57 27.84 2.12
CA ASN G 160 -77.92 28.24 0.76
C ASN G 160 -78.57 27.12 -0.03
N ASN G 161 -78.48 25.87 0.44
CA ASN G 161 -79.25 24.79 -0.16
C ASN G 161 -80.71 24.80 0.28
N ILE G 162 -80.98 25.33 1.47
CA ILE G 162 -82.36 25.45 1.94
C ILE G 162 -83.01 26.65 1.27
N PRO G 163 -84.16 26.48 0.61
CA PRO G 163 -84.76 27.60 -0.13
C PRO G 163 -85.42 28.66 0.76
N VAL G 164 -86.08 29.63 0.13
CA VAL G 164 -86.56 30.81 0.84
C VAL G 164 -87.77 30.46 1.71
N ASP G 165 -88.69 29.63 1.18
CA ASP G 165 -89.96 29.39 1.85
C ASP G 165 -89.87 28.49 3.08
N TRP G 166 -88.69 27.98 3.43
CA TRP G 166 -88.52 27.13 4.60
C TRP G 166 -87.81 27.93 5.68
N THR G 167 -88.61 28.50 6.59
CA THR G 167 -88.13 29.37 7.65
C THR G 167 -87.89 28.57 8.93
N PHE G 168 -87.15 29.17 9.84
CA PHE G 168 -86.73 28.53 11.08
C PHE G 168 -87.32 29.25 12.28
N VAL G 169 -87.81 28.47 13.25
CA VAL G 169 -88.35 29.01 14.50
C VAL G 169 -87.28 28.89 15.58
N HIS G 170 -87.19 29.91 16.44
CA HIS G 170 -86.16 29.95 17.45
C HIS G 170 -86.60 29.17 18.69
N ASN G 171 -85.62 28.78 19.49
CA ASN G 171 -85.86 28.02 20.72
C ASN G 171 -85.07 28.70 21.84
N ASP G 172 -85.75 29.50 22.65
CA ASP G 172 -85.12 30.15 23.79
C ASP G 172 -84.91 29.21 24.97
N VAL G 173 -85.52 28.02 24.93
CA VAL G 173 -85.45 27.08 26.05
C VAL G 173 -84.22 26.18 25.90
N GLU G 174 -84.17 25.44 24.80
CA GLU G 174 -83.10 24.47 24.59
C GLU G 174 -82.67 24.40 23.12
N LEU G 214 -82.11 25.09 19.09
CA LEU G 214 -82.65 23.77 18.76
C LEU G 214 -84.14 23.84 18.44
N GLY G 215 -84.45 24.44 17.29
CA GLY G 215 -85.83 24.51 16.84
C GLY G 215 -86.09 23.57 15.68
N HIS G 216 -86.85 24.03 14.70
CA HIS G 216 -87.13 23.23 13.51
C HIS G 216 -87.41 24.15 12.34
N TRP G 217 -87.19 23.62 11.14
CA TRP G 217 -87.43 24.35 9.91
C TRP G 217 -88.87 24.10 9.47
N VAL G 218 -89.68 25.16 9.45
CA VAL G 218 -91.07 25.04 9.03
C VAL G 218 -91.12 24.89 7.51
N ASP G 219 -91.76 23.82 7.05
CA ASP G 219 -91.73 23.47 5.63
C ASP G 219 -92.72 24.32 4.84
N SER G 220 -92.99 23.89 3.60
CA SER G 220 -93.91 24.62 2.72
C SER G 220 -95.37 24.45 3.14
N ASN G 221 -95.67 23.46 3.98
CA ASN G 221 -97.03 23.17 4.40
C ASN G 221 -97.26 23.41 5.88
N GLY G 222 -96.23 23.85 6.62
CA GLY G 222 -96.39 24.22 8.01
C GLY G 222 -96.43 23.06 8.99
N GLU G 223 -95.34 22.29 9.07
CA GLU G 223 -95.22 21.23 10.06
C GLU G 223 -93.76 20.97 10.40
N PRO G 224 -93.44 20.67 11.66
CA PRO G 224 -92.05 20.41 12.02
C PRO G 224 -91.58 19.06 11.50
N ILE G 225 -90.31 19.01 11.11
CA ILE G 225 -89.74 17.82 10.49
C ILE G 225 -89.33 16.80 11.55
N ASP G 226 -89.50 15.53 11.23
CA ASP G 226 -89.16 14.43 12.13
C ASP G 226 -88.98 13.16 11.29
N GLY G 227 -88.09 12.29 11.73
CA GLY G 227 -87.92 11.00 11.07
C GLY G 227 -87.00 11.11 9.87
N LYS G 228 -87.46 10.61 8.73
CA LYS G 228 -86.66 10.60 7.52
C LYS G 228 -86.60 11.99 6.89
N LEU G 229 -85.56 12.20 6.08
CA LEU G 229 -85.38 13.45 5.34
C LEU G 229 -84.65 13.10 4.05
N ARG G 230 -85.41 12.85 2.98
CA ARG G 230 -84.86 12.36 1.73
C ARG G 230 -84.33 13.54 0.92
N PHE G 231 -83.01 13.66 0.84
CA PHE G 231 -82.35 14.71 0.09
C PHE G 231 -81.48 14.09 -0.99
N THR G 232 -80.95 14.95 -1.86
CA THR G 232 -80.06 14.54 -2.94
C THR G 232 -78.64 15.03 -2.65
N VAL G 233 -77.67 14.26 -3.13
CA VAL G 233 -76.27 14.49 -2.80
C VAL G 233 -75.73 15.63 -3.66
N ARG G 234 -75.06 16.59 -3.03
CA ARG G 234 -74.33 17.64 -3.72
C ARG G 234 -72.85 17.31 -3.88
N ASN G 235 -72.17 17.02 -2.78
CA ASN G 235 -70.74 16.73 -2.80
C ASN G 235 -70.43 15.81 -1.62
N VAL G 236 -69.37 15.02 -1.78
CA VAL G 236 -68.92 14.08 -0.76
C VAL G 236 -67.59 14.57 -0.23
N HIS G 237 -67.47 14.66 1.10
CA HIS G 237 -66.30 15.22 1.77
C HIS G 237 -65.69 14.16 2.68
N THR G 238 -64.65 13.48 2.18
CA THR G 238 -63.97 12.41 2.89
C THR G 238 -62.62 12.85 3.43
N THR G 239 -62.33 14.15 3.39
CA THR G 239 -60.97 14.64 3.60
C THR G 239 -60.57 14.58 5.07
N GLY G 240 -61.51 14.80 5.97
CA GLY G 240 -61.19 14.81 7.39
C GLY G 240 -61.09 13.43 8.00
N ARG G 241 -61.62 13.27 9.21
CA ARG G 241 -61.62 11.96 9.86
C ARG G 241 -62.64 11.04 9.20
N VAL G 242 -63.87 11.50 9.07
CA VAL G 242 -64.97 10.69 8.56
C VAL G 242 -65.49 11.29 7.26
N VAL G 243 -66.29 10.50 6.56
CA VAL G 243 -66.94 10.96 5.34
C VAL G 243 -68.01 11.99 5.70
N SER G 244 -68.21 12.97 4.82
CA SER G 244 -69.31 13.92 4.94
C SER G 244 -69.98 14.06 3.58
N VAL G 245 -71.29 14.29 3.60
CA VAL G 245 -72.09 14.38 2.38
C VAL G 245 -72.79 15.74 2.37
N ASP G 246 -72.45 16.56 1.39
CA ASP G 246 -73.16 17.81 1.16
C ASP G 246 -74.40 17.53 0.31
N GLY G 247 -75.44 18.34 0.53
CA GLY G 247 -76.71 18.06 -0.13
C GLY G 247 -77.66 19.23 -0.28
N THR G 248 -78.39 19.26 -1.38
CA THR G 248 -79.40 20.27 -1.64
C THR G 248 -80.80 19.72 -1.37
N LEU G 249 -81.77 20.63 -1.35
CA LEU G 249 -83.16 20.32 -1.06
C LEU G 249 -84.08 20.72 -2.20
N ILE G 250 -83.62 20.55 -3.43
CA ILE G 250 -84.45 20.77 -4.61
C ILE G 250 -84.53 19.48 -5.39
N SER G 251 -85.32 19.48 -6.47
CA SER G 251 -85.48 18.28 -7.31
C SER G 251 -84.84 18.48 -8.68
N ASN H 3 2.09 -62.21 29.43
CA ASN H 3 2.75 -63.06 28.45
C ASN H 3 4.09 -62.45 28.08
N THR H 4 5.07 -63.30 27.79
CA THR H 4 6.42 -62.86 27.43
C THR H 4 6.71 -63.29 26.01
N LEU H 5 7.08 -62.32 25.16
CA LEU H 5 7.14 -62.55 23.73
C LEU H 5 8.55 -62.74 23.18
N PHE H 6 9.58 -62.26 23.88
CA PHE H 6 10.95 -62.33 23.36
C PHE H 6 11.91 -62.26 24.53
N ASP H 7 12.82 -63.22 24.60
CA ASP H 7 13.82 -63.31 25.66
C ASP H 7 15.16 -63.56 25.03
N ASP H 8 16.13 -62.69 25.27
CA ASP H 8 17.44 -62.85 24.65
C ASP H 8 18.46 -62.04 25.44
N ILE H 9 19.71 -62.47 25.34
CA ILE H 9 20.84 -61.77 25.96
C ILE H 9 21.67 -61.19 24.82
N PHE H 10 21.67 -59.87 24.72
CA PHE H 10 22.40 -59.15 23.68
C PHE H 10 23.68 -58.57 24.25
N GLN H 11 24.68 -58.38 23.39
CA GLN H 11 25.95 -57.79 23.77
C GLN H 11 26.15 -56.53 22.93
N VAL H 12 26.35 -55.40 23.61
CA VAL H 12 26.34 -54.10 22.95
C VAL H 12 27.64 -53.90 22.17
N SER H 13 27.53 -53.51 20.92
CA SER H 13 28.70 -53.26 20.09
C SER H 13 29.15 -51.80 20.19
N GLU H 14 28.24 -50.85 20.00
CA GLU H 14 28.61 -49.44 20.05
C GLU H 14 27.50 -48.64 20.71
N VAL H 15 27.89 -47.57 21.40
CA VAL H 15 26.98 -46.66 22.08
C VAL H 15 27.20 -45.28 21.48
N ASP H 16 26.22 -44.76 20.76
CA ASP H 16 26.37 -43.50 20.06
C ASP H 16 25.63 -42.42 20.81
N PRO H 17 26.31 -41.38 21.31
CA PRO H 17 25.61 -40.22 21.87
C PRO H 17 24.80 -39.50 20.81
N GLY H 18 25.49 -39.05 19.77
CA GLY H 18 24.86 -38.47 18.58
C GLY H 18 24.03 -37.23 18.85
N ARG H 19 24.65 -36.18 19.39
CA ARG H 19 24.10 -34.84 19.57
C ARG H 19 22.86 -34.79 20.47
N TYR H 20 22.52 -35.87 21.15
CA TYR H 20 21.46 -35.85 22.15
C TYR H 20 22.11 -35.79 23.52
N ASN H 21 21.60 -34.91 24.36
CA ASN H 21 22.24 -34.69 25.65
C ASN H 21 21.86 -35.78 26.65
N LYS H 22 20.78 -36.52 26.41
CA LYS H 22 20.34 -37.50 27.40
C LYS H 22 20.13 -38.90 26.82
N VAL H 23 19.77 -39.03 25.55
CA VAL H 23 19.54 -40.36 25.00
C VAL H 23 20.73 -40.78 24.16
N CYS H 24 20.85 -42.10 23.95
CA CYS H 24 21.90 -42.71 23.15
C CYS H 24 21.33 -43.92 22.43
N ARG H 25 21.79 -44.16 21.21
CA ARG H 25 21.32 -45.32 20.47
C ARG H 25 22.29 -46.48 20.63
N ILE H 26 21.73 -47.68 20.64
CA ILE H 26 22.45 -48.91 20.93
C ILE H 26 22.43 -49.78 19.69
N GLU H 27 23.57 -50.36 19.36
CA GLU H 27 23.65 -51.44 18.39
C GLU H 27 24.21 -52.66 19.12
N ALA H 28 23.38 -53.67 19.28
CA ALA H 28 23.76 -54.89 19.98
C ALA H 28 23.63 -56.07 19.04
N ALA H 29 24.05 -57.23 19.54
CA ALA H 29 23.93 -58.48 18.82
C ALA H 29 23.81 -59.61 19.84
N SER H 30 23.06 -60.63 19.49
CA SER H 30 22.78 -61.70 20.42
C SER H 30 23.98 -62.63 20.56
N THR H 31 24.28 -63.01 21.79
CA THR H 31 25.30 -64.02 22.05
C THR H 31 24.79 -65.43 21.84
N THR H 32 23.49 -65.60 21.58
CA THR H 32 22.88 -66.91 21.39
C THR H 32 22.54 -67.22 19.95
N GLN H 33 22.23 -66.21 19.13
CA GLN H 33 21.99 -66.38 17.71
C GLN H 33 22.72 -65.30 16.93
N ASP H 34 23.19 -65.67 15.74
CA ASP H 34 24.00 -64.75 14.95
C ASP H 34 23.13 -63.78 14.14
N GLN H 35 21.98 -64.23 13.66
CA GLN H 35 21.14 -63.39 12.80
C GLN H 35 20.22 -62.48 13.59
N CYS H 36 20.15 -62.62 14.91
CA CYS H 36 19.27 -61.82 15.75
C CYS H 36 20.09 -60.69 16.38
N LYS H 37 19.71 -59.46 16.08
CA LYS H 37 20.42 -58.30 16.61
C LYS H 37 19.42 -57.19 16.93
N LEU H 38 19.92 -56.18 17.63
CA LEU H 38 19.08 -55.15 18.25
C LEU H 38 19.58 -53.77 17.85
N THR H 39 18.63 -52.85 17.67
CA THR H 39 18.92 -51.43 17.53
C THR H 39 17.91 -50.68 18.39
N LEU H 40 18.37 -49.86 19.31
CA LEU H 40 17.51 -49.37 20.38
C LEU H 40 17.95 -47.99 20.84
N ASP H 41 16.97 -47.12 21.12
CA ASP H 41 17.20 -45.79 21.67
C ASP H 41 16.81 -45.80 23.14
N ILE H 42 17.80 -45.67 24.03
CA ILE H 42 17.53 -45.52 25.45
C ILE H 42 18.17 -44.21 25.91
N ASN H 43 17.82 -43.78 27.11
CA ASN H 43 18.47 -42.63 27.74
C ASN H 43 19.43 -43.09 28.82
N VAL H 44 20.69 -42.65 28.72
CA VAL H 44 21.75 -43.16 29.58
C VAL H 44 21.96 -42.29 30.82
N GLU H 45 21.20 -41.22 30.98
CA GLU H 45 21.19 -40.50 32.24
C GLU H 45 20.16 -41.04 33.19
N LEU H 46 19.41 -42.05 32.75
CA LEU H 46 18.46 -42.77 33.58
C LEU H 46 18.73 -44.26 33.62
N PHE H 47 19.34 -44.81 32.57
CA PHE H 47 19.86 -46.18 32.59
C PHE H 47 21.17 -46.19 31.80
N PRO H 48 22.31 -46.04 32.46
CA PRO H 48 23.57 -45.90 31.74
C PRO H 48 24.09 -47.23 31.22
N VAL H 49 24.64 -47.19 30.00
CA VAL H 49 25.22 -48.36 29.35
C VAL H 49 26.58 -48.01 28.80
N ALA H 50 27.32 -49.05 28.41
CA ALA H 50 28.59 -48.92 27.73
C ALA H 50 28.67 -50.01 26.68
N ALA H 51 29.76 -50.02 25.91
CA ALA H 51 29.94 -51.09 24.94
C ALA H 51 30.39 -52.36 25.63
N GLN H 52 30.13 -53.49 24.97
CA GLN H 52 30.45 -54.85 25.44
C GLN H 52 29.79 -55.13 26.80
N ASP H 53 28.50 -54.87 26.88
CA ASP H 53 27.70 -55.17 28.06
C ASP H 53 26.62 -56.17 27.71
N SER H 54 26.37 -57.11 28.61
CA SER H 54 25.28 -58.04 28.43
C SER H 54 24.00 -57.39 28.91
N LEU H 55 23.01 -57.30 28.02
CA LEU H 55 21.70 -56.74 28.32
C LEU H 55 20.65 -57.80 28.05
N THR H 56 20.08 -58.36 29.11
CA THR H 56 18.99 -59.32 28.97
C THR H 56 17.74 -58.54 28.55
N VAL H 57 17.44 -58.58 27.26
CA VAL H 57 16.31 -57.82 26.70
C VAL H 57 15.08 -58.70 26.72
N THR H 58 13.97 -58.17 27.24
CA THR H 58 12.70 -58.88 27.30
C THR H 58 11.60 -57.99 26.75
N ILE H 59 10.86 -58.50 25.77
CA ILE H 59 9.67 -57.85 25.24
C ILE H 59 8.46 -58.65 25.70
N ALA H 60 7.58 -58.02 26.47
CA ALA H 60 6.44 -58.70 27.07
C ALA H 60 5.15 -58.01 26.65
N SER H 61 4.04 -58.70 26.93
CA SER H 61 2.72 -58.21 26.56
C SER H 61 1.97 -57.55 27.71
N SER H 62 2.37 -57.82 28.96
CA SER H 62 1.78 -57.18 30.11
C SER H 62 2.75 -57.29 31.27
N LEU H 63 2.59 -56.41 32.24
CA LEU H 63 3.44 -56.44 33.43
C LEU H 63 2.78 -57.18 34.59
N ASN H 64 2.34 -58.41 34.35
CA ASN H 64 1.63 -59.17 35.36
C ASN H 64 2.44 -60.37 35.84
N SER H 78 -6.25 -48.52 32.64
CA SER H 78 -5.15 -47.68 32.15
C SER H 78 -4.01 -47.64 33.15
N TRP H 79 -3.07 -46.72 32.93
CA TRP H 79 -1.91 -46.62 33.80
C TRP H 79 -2.26 -45.85 35.07
N ARG H 80 -1.67 -46.28 36.18
CA ARG H 80 -1.80 -45.64 37.47
C ARG H 80 -0.44 -45.76 38.14
N PRO H 81 0.05 -44.72 38.82
CA PRO H 81 1.37 -44.78 39.44
C PRO H 81 1.39 -45.80 40.58
N PRO H 82 2.51 -46.49 40.78
CA PRO H 82 2.51 -47.69 41.62
C PRO H 82 2.34 -47.43 43.11
N GLN H 83 1.15 -47.72 43.61
CA GLN H 83 0.89 -47.67 45.04
C GLN H 83 1.49 -48.89 45.73
N ALA H 84 1.54 -48.83 47.05
CA ALA H 84 2.30 -49.81 47.82
C ALA H 84 1.59 -51.17 47.85
N GLY H 85 2.39 -52.23 47.76
CA GLY H 85 1.86 -53.57 47.75
C GLY H 85 1.49 -54.11 46.40
N ASP H 86 2.03 -53.55 45.32
CA ASP H 86 1.75 -54.01 43.97
C ASP H 86 2.88 -54.91 43.49
N ARG H 87 2.52 -55.90 42.67
CA ARG H 87 3.48 -56.80 42.07
C ARG H 87 3.41 -56.68 40.56
N SER H 88 4.57 -56.64 39.93
CA SER H 88 4.67 -56.40 38.50
C SER H 88 5.74 -57.32 37.91
N LEU H 89 5.72 -57.43 36.59
CA LEU H 89 6.76 -58.20 35.91
C LEU H 89 8.03 -57.38 35.77
N ALA H 90 7.95 -56.06 35.95
CA ALA H 90 9.09 -55.16 35.88
C ALA H 90 9.95 -55.18 37.12
N ASP H 91 9.60 -55.98 38.13
CA ASP H 91 10.37 -55.99 39.37
C ASP H 91 11.71 -56.69 39.19
N ASP H 92 11.81 -57.61 38.25
CA ASP H 92 13.04 -58.35 38.00
C ASP H 92 13.92 -57.69 36.94
N TYR H 93 13.63 -56.45 36.59
CA TYR H 93 14.33 -55.72 35.53
C TYR H 93 14.78 -54.37 36.06
N ASP H 94 15.53 -53.64 35.24
CA ASP H 94 16.13 -52.40 35.67
C ASP H 94 15.74 -51.19 34.83
N TYR H 95 15.14 -51.40 33.66
CA TYR H 95 14.73 -50.30 32.78
C TYR H 95 13.65 -50.85 31.87
N VAL H 96 12.41 -50.38 32.04
CA VAL H 96 11.32 -50.89 31.21
C VAL H 96 10.71 -49.72 30.46
N MET H 97 10.16 -50.02 29.28
CA MET H 97 9.53 -49.01 28.44
C MET H 97 8.21 -49.56 27.90
N TYR H 98 7.55 -48.76 27.06
CA TYR H 98 6.24 -49.12 26.52
C TYR H 98 6.02 -48.37 25.22
N GLY H 99 5.81 -49.09 24.14
CA GLY H 99 5.67 -48.47 22.84
C GLY H 99 4.70 -49.20 21.93
N THR H 100 4.88 -49.04 20.63
CA THR H 100 3.93 -49.55 19.66
C THR H 100 4.68 -50.18 18.50
N ALA H 101 4.32 -51.42 18.15
CA ALA H 101 4.73 -51.98 16.88
C ALA H 101 3.99 -51.27 15.75
N TYR H 102 4.73 -50.78 14.78
CA TYR H 102 4.09 -50.15 13.63
C TYR H 102 4.52 -50.76 12.30
N LYS H 103 5.47 -51.69 12.29
CA LYS H 103 6.03 -52.12 11.01
C LYS H 103 6.68 -53.50 11.15
N PHE H 104 6.28 -54.42 10.29
CA PHE H 104 7.02 -55.63 10.01
C PHE H 104 7.59 -55.53 8.60
N GLU H 105 8.67 -56.26 8.34
CA GLU H 105 9.14 -56.41 6.97
C GLU H 105 9.90 -57.72 6.83
N GLU H 106 9.90 -58.25 5.61
CA GLU H 106 10.73 -59.38 5.23
C GLU H 106 12.02 -58.84 4.64
N VAL H 107 13.14 -59.09 5.33
CA VAL H 107 14.43 -58.75 4.75
C VAL H 107 14.78 -59.75 3.66
N SER H 108 14.68 -61.04 3.97
CA SER H 108 14.89 -62.13 3.03
C SER H 108 14.17 -63.35 3.60
N LYS H 109 14.48 -64.53 3.05
CA LYS H 109 14.09 -65.75 3.72
C LYS H 109 14.89 -65.88 5.02
N ASP H 110 14.23 -66.47 6.03
CA ASP H 110 14.76 -66.67 7.39
C ASP H 110 15.13 -65.35 8.08
N LEU H 111 14.51 -64.24 7.71
CA LEU H 111 14.78 -62.96 8.35
C LEU H 111 13.51 -62.11 8.39
N ILE H 112 13.27 -61.51 9.55
CA ILE H 112 12.17 -60.57 9.78
C ILE H 112 12.70 -59.41 10.60
N ALA H 113 12.51 -58.18 10.13
CA ALA H 113 12.87 -56.98 10.86
C ALA H 113 11.61 -56.31 11.39
N VAL H 114 11.57 -56.06 12.69
CA VAL H 114 10.40 -55.54 13.39
C VAL H 114 10.77 -54.20 14.00
N TYR H 115 9.97 -53.18 13.73
CA TYR H 115 10.28 -51.82 14.19
C TYR H 115 9.31 -51.45 15.29
N TYR H 116 9.82 -51.09 16.46
CA TYR H 116 9.01 -50.50 17.52
C TYR H 116 9.33 -49.01 17.63
N SER H 117 8.50 -48.30 18.39
CA SER H 117 8.73 -46.88 18.66
C SER H 117 8.20 -46.58 20.05
N PHE H 118 9.11 -46.28 20.96
CA PHE H 118 8.80 -46.11 22.37
C PHE H 118 8.70 -44.62 22.65
N GLY H 119 7.53 -44.06 22.40
CA GLY H 119 7.30 -42.64 22.59
C GLY H 119 8.11 -41.75 21.69
N GLY H 120 8.54 -42.25 20.54
CA GLY H 120 9.43 -41.54 19.66
C GLY H 120 10.85 -42.05 19.67
N LEU H 121 11.22 -42.81 20.69
CA LEU H 121 12.54 -43.43 20.77
C LEU H 121 12.48 -44.75 20.03
N LEU H 122 13.14 -44.82 18.88
CA LEU H 122 12.93 -45.92 17.95
C LEU H 122 13.59 -47.20 18.44
N MET H 123 13.08 -48.33 17.91
CA MET H 123 13.69 -49.63 18.12
C MET H 123 13.55 -50.44 16.85
N ARG H 124 14.59 -51.20 16.51
CA ARG H 124 14.58 -52.09 15.37
C ARG H 124 15.14 -53.44 15.78
N LEU H 125 14.41 -54.51 15.49
CA LEU H 125 14.79 -55.86 15.90
C LEU H 125 14.80 -56.78 14.68
N GLU H 126 15.99 -57.00 14.12
CA GLU H 126 16.14 -57.93 13.00
C GLU H 126 16.51 -59.31 13.53
N GLY H 127 15.80 -60.34 13.06
CA GLY H 127 16.11 -61.69 13.46
C GLY H 127 15.38 -62.68 12.58
N ASN H 128 15.53 -63.95 12.93
CA ASN H 128 14.84 -65.02 12.20
C ASN H 128 13.35 -65.00 12.54
N TYR H 129 12.54 -65.49 11.60
CA TYR H 129 11.10 -65.43 11.80
C TYR H 129 10.62 -66.45 12.82
N ARG H 130 11.37 -67.55 12.99
CA ARG H 130 10.98 -68.53 14.00
C ARG H 130 11.25 -68.01 15.40
N ASN H 131 12.29 -67.17 15.55
CA ASN H 131 12.51 -66.49 16.82
C ASN H 131 11.49 -65.38 17.04
N LEU H 132 11.17 -64.63 15.99
CA LEU H 132 10.32 -63.44 16.10
C LEU H 132 8.88 -63.73 15.69
N ASN H 133 8.39 -64.93 15.99
CA ASN H 133 7.04 -65.31 15.59
C ASN H 133 5.99 -64.85 16.59
N ASN H 134 6.35 -64.74 17.87
CA ASN H 134 5.40 -64.29 18.87
C ASN H 134 5.08 -62.80 18.76
N LEU H 135 5.98 -62.01 18.18
CA LEU H 135 5.79 -60.57 18.11
C LEU H 135 4.71 -60.23 17.09
N LYS H 136 3.67 -59.53 17.53
CA LYS H 136 2.59 -59.10 16.67
C LYS H 136 2.54 -57.57 16.66
N GLN H 137 1.77 -57.04 15.69
CA GLN H 137 1.55 -55.60 15.61
C GLN H 137 0.61 -55.17 16.73
N GLU H 138 1.16 -54.72 17.84
CA GLU H 138 0.37 -54.31 18.99
C GLU H 138 1.26 -53.43 19.88
N ASN H 139 0.67 -52.91 20.95
CA ASN H 139 1.46 -52.25 21.97
C ASN H 139 2.29 -53.28 22.73
N ALA H 140 3.51 -52.91 23.09
CA ALA H 140 4.41 -53.87 23.72
C ALA H 140 5.26 -53.20 24.78
N TYR H 141 5.54 -53.94 25.85
CA TYR H 141 6.43 -53.53 26.92
C TYR H 141 7.80 -54.11 26.65
N LEU H 142 8.83 -53.26 26.60
CA LEU H 142 10.20 -53.72 26.47
C LEU H 142 10.94 -53.49 27.78
N LEU H 143 11.80 -54.45 28.15
CA LEU H 143 12.34 -54.53 29.49
C LEU H 143 13.83 -54.85 29.41
N ILE H 144 14.66 -54.05 30.07
CA ILE H 144 16.11 -54.19 29.99
C ILE H 144 16.65 -54.58 31.36
N ARG H 145 17.38 -55.69 31.42
CA ARG H 145 18.02 -56.18 32.63
C ARG H 145 19.53 -56.05 32.48
N ARG H 146 20.22 -55.87 33.62
CA ARG H 146 21.69 -55.72 33.76
C ARG H 146 22.25 -54.47 33.10
N SER I 2 48.79 28.66 -48.34
CA SER I 2 47.73 28.88 -47.35
C SER I 2 46.67 27.79 -47.46
N VAL I 3 47.07 26.64 -47.99
CA VAL I 3 46.15 25.55 -48.28
C VAL I 3 46.34 24.48 -47.22
N VAL I 4 45.26 24.13 -46.52
CA VAL I 4 45.24 23.01 -45.58
C VAL I 4 43.98 22.19 -45.87
N GLY I 5 44.12 21.17 -46.69
CA GLY I 5 43.00 20.28 -46.97
C GLY I 5 42.12 20.85 -48.05
N SER I 6 40.81 20.86 -47.79
CA SER I 6 39.83 21.32 -48.77
C SER I 6 39.62 22.82 -48.75
N LEU I 7 40.00 23.49 -47.67
CA LEU I 7 39.79 24.92 -47.49
C LEU I 7 41.08 25.69 -47.67
N ILE I 8 40.97 26.87 -48.29
CA ILE I 8 42.12 27.70 -48.62
C ILE I 8 41.91 29.09 -48.05
N PHE I 9 42.99 29.72 -47.60
CA PHE I 9 42.91 31.00 -46.90
C PHE I 9 43.66 32.07 -47.68
N CYS I 10 43.50 33.31 -47.23
CA CYS I 10 44.22 34.43 -47.82
C CYS I 10 45.58 34.57 -47.15
N LEU I 11 46.58 34.94 -47.96
CA LEU I 11 47.95 35.06 -47.46
C LEU I 11 48.15 36.25 -46.55
N ASP I 12 47.23 37.21 -46.53
CA ASP I 12 47.41 38.44 -45.78
C ASP I 12 46.42 38.60 -44.63
N CYS I 13 45.12 38.47 -44.90
CA CYS I 13 44.12 38.73 -43.88
C CYS I 13 43.64 37.47 -43.16
N GLY I 14 43.90 36.29 -43.69
CA GLY I 14 43.48 35.07 -43.06
C GLY I 14 42.04 34.69 -43.29
N ASP I 15 41.30 35.46 -44.08
CA ASP I 15 39.91 35.12 -44.36
C ASP I 15 39.83 33.93 -45.29
N LEU I 16 38.85 33.08 -45.04
CA LEU I 16 38.61 31.89 -45.87
C LEU I 16 38.16 32.29 -47.27
N LEU I 17 38.91 31.86 -48.27
CA LEU I 17 38.55 32.15 -49.65
C LEU I 17 37.33 31.31 -50.06
N GLU I 18 36.76 31.66 -51.21
CA GLU I 18 35.61 30.94 -51.71
C GLU I 18 36.04 29.59 -52.29
N ASN I 19 35.05 28.75 -52.54
CA ASN I 19 35.29 27.46 -53.17
C ASN I 19 35.67 27.70 -54.63
N PRO I 20 36.86 27.28 -55.09
CA PRO I 20 37.34 27.71 -56.42
C PRO I 20 36.62 27.08 -57.61
N ASN I 21 35.53 26.37 -57.38
CA ASN I 21 34.67 25.92 -58.47
C ASN I 21 33.26 26.47 -58.35
N ALA I 22 33.00 27.34 -57.38
CA ALA I 22 31.77 28.10 -57.30
C ALA I 22 31.97 29.55 -57.72
N VAL I 23 33.14 29.88 -58.25
CA VAL I 23 33.50 31.23 -58.67
C VAL I 23 33.66 31.20 -60.19
N LEU I 24 33.36 32.33 -60.83
CA LEU I 24 33.68 32.50 -62.24
C LEU I 24 35.21 32.45 -62.43
N GLY I 25 35.62 32.12 -63.64
CA GLY I 25 36.93 31.53 -63.86
C GLY I 25 38.10 32.48 -63.68
N SER I 26 39.25 31.83 -63.48
CA SER I 26 40.62 32.36 -63.55
C SER I 26 41.05 33.24 -62.37
N ASN I 27 40.14 33.59 -61.47
CA ASN I 27 40.51 34.35 -60.28
C ASN I 27 39.58 34.03 -59.11
N VAL I 28 40.15 34.02 -57.92
CA VAL I 28 39.41 33.97 -56.66
C VAL I 28 39.66 35.29 -55.93
N GLU I 29 38.59 35.97 -55.54
CA GLU I 29 38.68 37.26 -54.89
C GLU I 29 38.25 37.12 -53.44
N CYS I 30 39.08 37.61 -52.53
CA CYS I 30 38.77 37.55 -51.11
C CYS I 30 37.63 38.49 -50.76
N SER I 31 36.90 38.16 -49.71
CA SER I 31 35.71 38.93 -49.35
C SER I 31 36.01 40.10 -48.44
N GLN I 32 37.25 40.26 -47.97
CA GLN I 32 37.63 41.43 -47.20
C GLN I 32 38.68 42.27 -47.89
N CYS I 33 39.85 41.71 -48.20
CA CYS I 33 40.90 42.48 -48.85
C CYS I 33 40.70 42.62 -50.35
N LYS I 34 39.82 41.80 -50.94
CA LYS I 34 39.60 41.73 -52.39
C LYS I 34 40.90 41.44 -53.14
N ALA I 35 41.66 40.48 -52.63
CA ALA I 35 42.94 40.13 -53.22
C ALA I 35 42.75 39.30 -54.48
N ILE I 36 43.85 39.00 -55.14
CA ILE I 36 43.84 38.31 -56.43
C ILE I 36 44.49 36.95 -56.22
N TYR I 37 43.70 35.90 -56.33
CA TYR I 37 44.21 34.53 -56.29
C TYR I 37 43.74 33.81 -57.54
N PRO I 38 44.62 33.51 -58.48
CA PRO I 38 44.18 32.81 -59.69
C PRO I 38 43.88 31.35 -59.39
N LYS I 39 42.95 30.79 -60.18
CA LYS I 39 42.52 29.42 -59.97
C LYS I 39 43.54 28.38 -60.39
N SER I 40 44.68 28.78 -60.95
CA SER I 40 45.81 27.87 -61.07
C SER I 40 46.42 27.62 -59.71
N GLN I 41 47.26 26.58 -59.65
CA GLN I 41 48.01 26.08 -58.48
C GLN I 41 47.15 25.80 -57.24
N PHE I 42 45.82 25.73 -57.40
CA PHE I 42 44.88 25.42 -56.32
C PHE I 42 44.10 24.15 -56.64
N SER I 43 44.69 23.25 -57.43
CA SER I 43 43.95 22.17 -58.07
C SER I 43 43.81 20.93 -57.18
N ASN I 44 44.94 20.35 -56.78
CA ASN I 44 44.92 19.07 -56.09
C ASN I 44 44.43 19.22 -54.66
N LEU I 45 43.12 19.31 -54.49
CA LEU I 45 42.48 19.43 -53.18
C LEU I 45 41.89 18.06 -52.85
N LYS I 46 42.58 17.31 -51.98
CA LYS I 46 42.23 15.93 -51.69
C LYS I 46 42.07 15.72 -50.19
N VAL I 47 40.95 15.11 -49.80
CA VAL I 47 40.72 14.68 -48.43
C VAL I 47 40.22 13.24 -48.44
N VAL I 48 40.91 12.35 -47.75
CA VAL I 48 40.46 10.98 -47.55
C VAL I 48 39.98 10.85 -46.11
N THR I 49 39.00 9.97 -45.90
CA THR I 49 38.44 9.80 -44.57
C THR I 49 38.02 8.36 -44.37
N THR I 50 38.68 7.67 -43.45
CA THR I 50 38.28 6.34 -43.03
C THR I 50 37.07 6.45 -42.10
N THR I 51 36.26 5.40 -42.07
CA THR I 51 35.12 5.37 -41.16
C THR I 51 35.61 5.25 -39.71
N ALA I 52 34.68 5.48 -38.78
CA ALA I 52 35.01 5.85 -37.40
C ALA I 52 35.44 4.68 -36.51
N ASP I 53 35.71 3.50 -37.06
CA ASP I 53 36.30 2.32 -36.43
C ASP I 53 35.38 1.66 -35.38
N ASP I 54 34.25 2.26 -35.06
CA ASP I 54 33.22 1.64 -34.25
C ASP I 54 31.87 1.85 -34.93
N ALA I 55 31.87 2.39 -36.14
CA ALA I 55 30.65 2.74 -36.82
C ALA I 55 29.87 1.51 -37.28
N PHE I 56 30.54 0.37 -37.45
CA PHE I 56 29.91 -0.85 -37.93
C PHE I 56 30.11 -1.92 -36.86
N PRO I 57 29.25 -1.98 -35.85
CA PRO I 57 29.35 -3.07 -34.87
C PRO I 57 28.77 -4.34 -35.45
N SER I 58 29.48 -5.45 -35.22
CA SER I 58 29.04 -6.73 -35.73
C SER I 58 29.67 -7.82 -34.87
N SER I 59 29.16 -9.04 -35.04
CA SER I 59 29.75 -10.21 -34.40
C SER I 59 30.99 -10.70 -35.11
N LEU I 60 31.36 -10.10 -36.25
CA LEU I 60 32.55 -10.48 -36.97
C LEU I 60 33.75 -9.62 -36.63
N ARG I 61 33.52 -8.33 -36.32
CA ARG I 61 34.61 -7.46 -35.91
C ARG I 61 35.15 -7.85 -34.54
N ALA I 62 34.27 -8.28 -33.63
CA ALA I 62 34.68 -8.62 -32.28
C ALA I 62 35.52 -9.89 -32.22
N LYS I 63 35.44 -10.75 -33.24
CA LYS I 63 36.32 -11.90 -33.29
C LYS I 63 37.74 -11.51 -33.65
N LYS I 64 37.91 -10.43 -34.42
CA LYS I 64 39.24 -9.97 -34.79
C LYS I 64 39.86 -9.03 -33.78
N SER I 65 39.06 -8.46 -32.87
CA SER I 65 39.63 -7.72 -31.75
C SER I 65 40.31 -8.66 -30.76
N VAL I 66 39.92 -9.94 -30.75
CA VAL I 66 40.65 -10.97 -30.00
C VAL I 66 42.04 -11.14 -30.57
N VAL I 67 42.17 -11.10 -31.89
CA VAL I 67 43.48 -11.13 -32.54
C VAL I 67 44.23 -9.82 -32.30
N LYS I 85 65.78 -2.12 5.77
CA LYS I 85 66.68 -1.99 6.92
C LYS I 85 66.63 -0.55 7.45
N CYS I 86 65.47 -0.23 8.03
CA CYS I 86 65.25 1.05 8.69
C CYS I 86 66.30 1.30 9.78
N PRO I 87 66.93 2.47 9.81
CA PRO I 87 68.11 2.65 10.67
C PRO I 87 67.81 2.74 12.15
N GLN I 88 66.61 3.16 12.56
CA GLN I 88 66.34 3.35 13.98
C GLN I 88 66.02 2.04 14.68
N CYS I 89 64.92 1.39 14.29
CA CYS I 89 64.49 0.16 14.93
C CYS I 89 65.08 -1.06 14.24
N GLY I 90 65.02 -1.12 12.92
CA GLY I 90 65.50 -2.25 12.16
C GLY I 90 64.35 -3.11 11.69
N ASN I 91 63.91 -2.89 10.45
CA ASN I 91 62.75 -3.58 9.91
C ASN I 91 62.75 -3.39 8.41
N GLU I 92 62.72 -4.50 7.66
CA GLU I 92 62.76 -4.42 6.21
C GLU I 92 61.44 -3.93 5.61
N GLU I 93 60.35 -3.99 6.37
CA GLU I 93 59.05 -3.48 5.93
C GLU I 93 58.95 -2.01 6.31
N MET I 94 59.17 -1.13 5.33
CA MET I 94 59.01 0.30 5.49
C MET I 94 58.62 0.89 4.14
N ASN I 95 57.63 1.78 4.15
CA ASN I 95 57.03 2.27 2.93
C ASN I 95 57.94 3.27 2.22
N TYR I 96 57.71 3.40 0.91
CA TYR I 96 58.44 4.34 0.07
C TYR I 96 57.57 4.70 -1.14
N HIS I 97 57.79 5.90 -1.67
CA HIS I 97 57.06 6.38 -2.84
C HIS I 97 57.89 7.46 -3.50
N THR I 98 58.10 7.34 -4.81
CA THR I 98 58.95 8.27 -5.54
C THR I 98 58.11 9.25 -6.34
N LEU I 99 58.59 10.48 -6.43
CA LEU I 99 58.01 11.49 -7.32
C LEU I 99 59.12 12.14 -8.11
N GLN I 100 58.84 12.43 -9.37
CA GLN I 100 59.72 13.23 -10.22
C GLN I 100 59.23 14.66 -10.08
N LEU I 101 59.94 15.47 -9.29
CA LEU I 101 59.32 16.71 -8.81
C LEU I 101 59.36 17.84 -9.83
N ARG I 102 60.54 18.38 -10.11
CA ARG I 102 60.56 19.65 -10.81
C ARG I 102 60.62 19.50 -12.32
N SER I 103 61.41 18.55 -12.82
CA SER I 103 61.59 18.37 -14.25
C SER I 103 61.96 16.93 -14.52
N ALA I 104 61.96 16.58 -15.80
CA ALA I 104 62.47 15.28 -16.22
C ALA I 104 63.98 15.24 -16.28
N ASP I 105 64.65 16.39 -16.13
CA ASP I 105 66.10 16.43 -16.15
C ASP I 105 66.72 15.93 -14.86
N GLU I 106 66.06 16.16 -13.73
CA GLU I 106 66.59 15.73 -12.44
C GLU I 106 66.17 14.30 -12.15
N GLY I 107 66.61 13.78 -11.01
CA GLY I 107 66.21 12.46 -10.58
C GLY I 107 64.95 12.48 -9.75
N ALA I 108 64.24 11.35 -9.77
CA ALA I 108 63.04 11.20 -8.96
C ALA I 108 63.40 11.11 -7.49
N THR I 109 62.73 11.91 -6.65
CA THR I 109 63.04 11.93 -5.23
C THR I 109 62.39 10.74 -4.57
N VAL I 110 63.21 9.88 -3.96
CA VAL I 110 62.74 8.63 -3.38
C VAL I 110 62.48 8.90 -1.90
N PHE I 111 61.22 9.10 -1.55
CA PHE I 111 60.84 9.37 -0.17
C PHE I 111 60.67 8.09 0.62
N TYR I 112 60.94 8.17 1.92
CA TYR I 112 60.85 7.04 2.82
C TYR I 112 60.12 7.49 4.08
N THR I 113 59.14 6.70 4.53
CA THR I 113 58.33 7.04 5.68
C THR I 113 58.00 5.77 6.44
N CYS I 114 58.30 5.74 7.73
CA CYS I 114 58.26 4.49 8.48
C CYS I 114 56.92 4.27 9.16
N THR I 115 56.72 3.03 9.58
CA THR I 115 55.55 2.52 10.29
C THR I 115 55.92 1.84 11.60
N SER I 116 57.08 1.17 11.64
CA SER I 116 57.49 0.46 12.86
C SER I 116 57.95 1.43 13.94
N CYS I 117 58.90 2.32 13.61
CA CYS I 117 59.41 3.30 14.57
C CYS I 117 58.99 4.72 14.26
N GLY I 118 59.05 5.14 13.02
CA GLY I 118 58.57 6.43 12.61
C GLY I 118 59.60 7.45 12.13
N TYR I 119 60.73 7.00 11.60
CA TYR I 119 61.73 7.91 11.05
C TYR I 119 61.50 8.07 9.56
N LYS I 120 61.57 9.30 9.07
CA LYS I 120 61.31 9.58 7.67
C LYS I 120 62.47 10.37 7.06
N PHE I 121 62.74 10.10 5.79
CA PHE I 121 63.82 10.74 5.05
C PHE I 121 63.57 10.56 3.56
N ARG I 122 64.42 11.19 2.75
CA ARG I 122 64.29 11.13 1.31
C ARG I 122 65.65 10.85 0.68
N THR I 123 65.65 10.67 -0.64
CA THR I 123 66.87 10.40 -1.40
C THR I 123 66.65 10.85 -2.83
N ASN I 124 67.48 11.77 -3.30
CA ASN I 124 67.45 12.24 -4.68
C ASN I 124 68.65 11.68 -5.42
N ASN I 125 68.46 11.47 -6.73
CA ASN I 125 69.42 10.81 -7.63
C ASN I 125 69.86 9.45 -7.14
N MET J 1 17.51 13.85 33.83
CA MET J 1 17.64 15.24 34.23
C MET J 1 18.23 15.34 35.63
N ILE J 2 17.59 14.69 36.59
CA ILE J 2 18.07 14.64 37.96
C ILE J 2 18.11 13.16 38.35
N VAL J 3 18.93 12.86 39.37
CA VAL J 3 19.39 11.49 39.66
C VAL J 3 18.20 10.59 40.03
N PRO J 4 18.07 9.42 39.42
CA PRO J 4 16.85 8.62 39.60
C PRO J 4 16.82 7.97 40.97
N VAL J 5 15.77 8.25 41.73
CA VAL J 5 15.45 7.43 42.87
C VAL J 5 15.10 6.05 42.35
N ARG J 6 15.56 5.01 43.04
CA ARG J 6 15.06 3.65 42.87
C ARG J 6 15.27 3.09 41.45
N CYS J 7 16.50 2.64 41.18
CA CYS J 7 16.94 2.11 39.89
C CYS J 7 15.97 1.10 39.29
N PHE J 8 15.99 1.03 37.96
CA PHE J 8 14.84 0.61 37.16
C PHE J 8 14.65 -0.90 37.14
N SER J 9 15.67 -1.69 37.44
CA SER J 9 15.62 -3.13 37.21
C SER J 9 15.28 -3.90 38.49
N CYS J 10 16.09 -3.75 39.54
CA CYS J 10 15.79 -4.43 40.79
C CYS J 10 14.91 -3.56 41.69
N GLY J 11 15.37 -2.34 41.99
CA GLY J 11 14.56 -1.43 42.76
C GLY J 11 15.31 -0.80 43.91
N LYS J 12 16.63 -0.94 43.89
CA LYS J 12 17.47 -0.41 44.96
C LYS J 12 17.51 1.11 44.88
N VAL J 13 17.51 1.77 46.04
CA VAL J 13 17.56 3.22 46.09
C VAL J 13 18.94 3.69 45.66
N VAL J 14 18.97 4.60 44.68
CA VAL J 14 20.16 4.97 43.96
C VAL J 14 20.33 6.49 44.01
N GLY J 15 19.22 7.21 44.17
CA GLY J 15 19.20 8.66 44.13
C GLY J 15 19.93 9.36 45.26
N ASP J 16 20.27 8.65 46.33
CA ASP J 16 21.05 9.22 47.41
C ASP J 16 22.55 9.04 47.22
N LYS J 17 22.97 8.54 46.07
CA LYS J 17 24.37 8.17 45.85
C LYS J 17 25.01 8.96 44.71
N TRP J 18 24.41 10.08 44.30
CA TRP J 18 25.05 10.89 43.28
C TRP J 18 26.02 11.90 43.88
N GLU J 19 25.64 12.56 44.97
CA GLU J 19 26.56 13.50 45.60
C GLU J 19 27.69 12.79 46.34
N SER J 20 27.51 11.52 46.69
CA SER J 20 28.64 10.73 47.16
C SER J 20 29.53 10.31 46.01
N TYR J 21 28.95 10.07 44.82
CA TYR J 21 29.72 9.64 43.67
C TYR J 21 30.66 10.73 43.18
N LEU J 22 30.17 11.97 43.11
CA LEU J 22 31.04 13.08 42.76
C LEU J 22 32.03 13.42 43.88
N ASN J 23 31.74 12.98 45.10
CA ASN J 23 32.68 13.16 46.20
C ASN J 23 33.77 12.09 46.16
N LEU J 24 33.40 10.85 45.82
CA LEU J 24 34.32 9.73 45.76
C LEU J 24 35.20 9.74 44.52
N LEU J 25 34.91 10.61 43.54
CA LEU J 25 35.73 10.76 42.35
C LEU J 25 36.59 12.03 42.34
N GLN J 26 36.27 13.02 43.18
CA GLN J 26 36.97 14.29 43.14
C GLN J 26 37.80 14.56 44.38
N GLU J 27 37.23 14.39 45.57
CA GLU J 27 38.01 14.57 46.79
C GLU J 27 38.96 13.40 47.04
N ASP J 28 38.52 12.20 46.73
CA ASP J 28 39.40 11.03 46.69
C ASP J 28 39.60 10.65 45.24
N GLU J 29 40.85 10.58 44.81
CA GLU J 29 41.14 10.24 43.42
C GLU J 29 40.92 8.75 43.24
N LEU J 30 39.70 8.38 42.87
CA LEU J 30 39.34 7.00 42.58
C LEU J 30 38.81 6.90 41.15
N ASP J 31 38.91 5.70 40.58
CA ASP J 31 38.27 5.44 39.32
C ASP J 31 36.78 5.15 39.55
N GLU J 32 36.02 5.09 38.46
CA GLU J 32 34.58 4.93 38.59
C GLU J 32 34.20 3.52 39.01
N GLY J 33 35.08 2.54 38.80
CA GLY J 33 34.75 1.18 39.18
C GLY J 33 34.81 0.92 40.67
N THR J 34 35.71 1.61 41.37
CA THR J 34 35.84 1.40 42.80
C THR J 34 34.76 2.16 43.57
N ALA J 35 34.45 3.36 43.11
CA ALA J 35 33.43 4.18 43.77
C ALA J 35 32.02 3.63 43.60
N LEU J 36 31.78 2.79 42.60
CA LEU J 36 30.50 2.11 42.54
C LEU J 36 30.47 0.92 43.49
N SER J 37 31.63 0.36 43.82
CA SER J 37 31.67 -0.75 44.75
C SER J 37 31.69 -0.27 46.19
N ARG J 38 32.32 0.87 46.45
CA ARG J 38 32.37 1.38 47.81
C ARG J 38 31.02 1.94 48.25
N LEU J 39 30.22 2.44 47.30
CA LEU J 39 28.88 2.89 47.61
C LEU J 39 27.88 1.74 47.73
N GLY J 40 28.29 0.51 47.41
CA GLY J 40 27.43 -0.62 47.62
C GLY J 40 26.58 -1.03 46.44
N LEU J 41 27.02 -0.73 45.22
CA LEU J 41 26.27 -1.10 44.02
C LEU J 41 26.95 -2.33 43.44
N LYS J 42 26.50 -3.51 43.88
CA LYS J 42 27.12 -4.76 43.46
C LYS J 42 26.57 -5.24 42.13
N ARG J 43 25.24 -5.27 41.99
CA ARG J 43 24.61 -5.68 40.74
C ARG J 43 24.83 -4.60 39.69
N TYR J 44 25.10 -5.03 38.45
CA TYR J 44 25.39 -4.04 37.43
C TYR J 44 24.16 -3.32 36.92
N CYS J 45 22.96 -3.74 37.30
CA CYS J 45 21.77 -2.93 37.04
C CYS J 45 21.83 -1.64 37.85
N CYS J 46 22.32 -1.72 39.08
CA CYS J 46 22.45 -0.52 39.91
C CYS J 46 23.63 0.33 39.46
N ARG J 47 24.63 -0.28 38.86
CA ARG J 47 25.86 0.45 38.55
C ARG J 47 25.66 1.40 37.39
N ARG J 48 25.00 0.96 36.32
CA ARG J 48 24.77 1.81 35.14
C ARG J 48 23.76 2.94 35.37
N MET J 49 23.27 3.21 36.57
CA MET J 49 22.51 4.41 36.87
C MET J 49 23.43 5.54 37.28
N ILE J 50 24.22 5.31 38.33
CA ILE J 50 25.18 6.27 38.82
C ILE J 50 26.32 6.46 37.82
N LEU J 51 26.69 5.40 37.10
CA LEU J 51 27.78 5.50 36.14
C LEU J 51 27.39 6.36 34.95
N THR J 52 26.15 6.26 34.48
CA THR J 52 25.74 6.92 33.26
C THR J 52 24.71 8.02 33.48
N HIS J 53 24.67 8.61 34.67
CA HIS J 53 23.76 9.73 34.86
C HIS J 53 24.40 11.01 34.37
N VAL J 54 23.66 11.76 33.55
CA VAL J 54 24.18 12.96 32.94
C VAL J 54 24.06 14.17 33.87
N ASP J 55 23.05 14.16 34.75
CA ASP J 55 22.73 15.25 35.68
C ASP J 55 22.50 16.55 34.92
N LEU J 56 21.54 16.48 34.01
CA LEU J 56 21.25 17.57 33.09
C LEU J 56 20.47 18.70 33.75
N ILE J 57 20.04 18.54 35.00
CA ILE J 57 19.32 19.60 35.71
C ILE J 57 20.24 20.78 35.97
N GLU J 58 21.56 20.56 36.04
CA GLU J 58 22.48 21.66 36.26
C GLU J 58 22.61 22.58 35.05
N LYS J 59 22.16 22.14 33.88
CA LYS J 59 22.11 23.01 32.72
C LYS J 59 20.74 23.66 32.56
N PHE J 60 19.69 23.01 33.06
CA PHE J 60 18.37 23.64 33.10
C PHE J 60 18.30 24.77 34.11
N LEU J 61 19.01 24.64 35.24
CA LEU J 61 18.87 25.60 36.33
C LEU J 61 19.53 26.94 36.09
N ARG J 62 20.25 27.11 34.99
CA ARG J 62 20.83 28.40 34.67
C ARG J 62 19.87 29.26 33.86
N TYR J 63 18.62 28.84 33.73
CA TYR J 63 17.56 29.64 33.12
C TYR J 63 16.50 29.82 34.20
N ASN J 64 16.71 30.83 35.03
CA ASN J 64 15.80 31.15 36.12
C ASN J 64 14.98 32.35 35.69
N PRO J 65 13.69 32.19 35.38
CA PRO J 65 12.87 33.34 34.98
C PRO J 65 12.51 34.25 36.13
N LEU J 66 12.85 33.89 37.36
CA LEU J 66 12.40 34.60 38.56
C LEU J 66 13.55 35.30 39.27
N GLU J 67 14.56 35.73 38.51
CA GLU J 67 15.69 36.40 39.10
C GLU J 67 16.35 37.30 38.05
N LYS J 68 16.77 38.49 38.49
CA LYS J 68 17.60 39.33 37.66
C LYS J 68 18.94 38.67 37.37
N ARG J 69 19.52 39.01 36.22
CA ARG J 69 20.79 38.41 35.83
C ARG J 69 21.76 39.47 35.32
N GLU K 45 -18.17 -16.06 45.51
CA GLU K 45 -17.84 -15.41 44.25
C GLU K 45 -16.34 -15.48 43.98
N LYS K 46 -15.57 -15.74 45.04
CA LYS K 46 -14.12 -15.91 44.91
C LYS K 46 -13.79 -17.20 44.17
N ILE K 47 -14.17 -18.32 44.75
CA ILE K 47 -13.99 -19.64 44.16
C ILE K 47 -15.34 -20.09 43.60
N LYS K 48 -15.31 -20.67 42.40
CA LYS K 48 -16.51 -21.02 41.66
C LYS K 48 -16.27 -22.34 40.93
N LEU K 49 -17.29 -23.18 40.87
CA LEU K 49 -17.21 -24.45 40.14
C LEU K 49 -17.90 -24.29 38.80
N LEU K 50 -17.26 -24.78 37.75
CA LEU K 50 -17.76 -24.65 36.39
C LEU K 50 -18.59 -25.88 36.03
N THR K 51 -19.90 -25.68 35.92
CA THR K 51 -20.82 -26.80 35.77
C THR K 51 -20.79 -27.41 34.39
N GLN K 52 -20.26 -26.71 33.38
CA GLN K 52 -20.12 -27.27 32.06
C GLN K 52 -18.89 -28.17 31.93
N ALA K 53 -18.02 -28.17 32.94
CA ALA K 53 -16.82 -28.99 32.94
C ALA K 53 -16.79 -29.99 34.09
N THR K 54 -17.78 -29.98 34.97
CA THR K 54 -17.81 -30.93 36.06
C THR K 54 -18.31 -32.29 35.58
N SER K 55 -18.29 -33.26 36.49
CA SER K 55 -18.75 -34.61 36.21
C SER K 55 -19.91 -34.96 37.13
N GLU K 56 -20.76 -35.87 36.67
CA GLU K 56 -21.93 -36.25 37.45
C GLU K 56 -21.54 -37.10 38.65
N ASP K 57 -20.45 -37.84 38.55
CA ASP K 57 -19.86 -38.50 39.71
C ASP K 57 -19.27 -37.49 40.68
N GLY K 58 -18.76 -36.37 40.16
CA GLY K 58 -18.04 -35.42 40.97
C GLY K 58 -16.55 -35.62 40.99
N THR K 59 -16.04 -36.63 40.30
CA THR K 59 -14.61 -36.94 40.31
C THR K 59 -13.81 -36.08 39.35
N SER K 60 -14.47 -35.30 38.49
CA SER K 60 -13.81 -34.32 37.63
C SER K 60 -14.47 -32.97 37.84
N ALA K 61 -13.65 -31.93 38.00
CA ALA K 61 -14.17 -30.62 38.32
C ALA K 61 -13.17 -29.56 37.88
N SER K 62 -13.68 -28.47 37.30
CA SER K 62 -12.87 -27.31 36.96
C SER K 62 -13.27 -26.18 37.89
N PHE K 63 -12.32 -25.68 38.66
CA PHE K 63 -12.56 -24.55 39.55
C PHE K 63 -12.09 -23.27 38.88
N GLN K 64 -12.44 -22.14 39.49
CA GLN K 64 -12.11 -20.86 38.89
C GLN K 64 -11.93 -19.82 39.99
N ILE K 65 -10.68 -19.55 40.33
CA ILE K 65 -10.33 -18.61 41.38
C ILE K 65 -10.08 -17.25 40.75
N VAL K 66 -10.69 -16.20 41.29
CA VAL K 66 -10.46 -14.86 40.80
C VAL K 66 -9.30 -14.24 41.56
N GLU K 67 -8.65 -13.26 40.89
CA GLU K 67 -7.48 -12.49 41.34
C GLU K 67 -6.42 -13.33 42.06
N GLU K 68 -6.05 -14.45 41.44
CA GLU K 68 -4.87 -15.21 41.84
C GLU K 68 -4.03 -15.56 40.63
N ASP K 69 -2.72 -15.35 40.77
CA ASP K 69 -1.69 -15.53 39.76
C ASP K 69 -1.07 -16.92 39.93
N HIS K 70 0.11 -17.13 39.33
CA HIS K 70 0.92 -18.34 39.53
C HIS K 70 1.41 -18.53 40.96
N THR K 71 1.27 -17.54 41.85
CA THR K 71 1.71 -17.68 43.23
C THR K 71 0.97 -18.81 43.93
N LEU K 72 -0.36 -18.77 43.88
CA LEU K 72 -1.16 -19.84 44.46
C LEU K 72 -1.35 -21.01 43.52
N GLY K 73 -1.41 -20.75 42.22
CA GLY K 73 -1.73 -21.81 41.27
C GLY K 73 -0.63 -22.85 41.12
N ASN K 74 0.62 -22.41 41.12
CA ASN K 74 1.70 -23.37 41.04
C ASN K 74 1.96 -24.02 42.39
N ALA K 75 1.71 -23.29 43.47
CA ALA K 75 1.96 -23.83 44.80
C ALA K 75 0.89 -24.85 45.20
N LEU K 76 -0.37 -24.56 44.88
CA LEU K 76 -1.45 -25.49 45.23
C LEU K 76 -1.43 -26.73 44.36
N ARG K 77 -1.06 -26.60 43.08
CA ARG K 77 -1.02 -27.74 42.17
C ARG K 77 0.00 -28.78 42.63
N TYR K 78 1.11 -28.35 43.23
CA TYR K 78 2.11 -29.30 43.69
C TYR K 78 1.62 -30.08 44.88
N VAL K 79 0.90 -29.42 45.80
CA VAL K 79 0.47 -30.08 47.02
C VAL K 79 -0.64 -31.08 46.73
N ILE K 80 -1.51 -30.77 45.76
CA ILE K 80 -2.60 -31.69 45.46
C ILE K 80 -2.11 -32.88 44.62
N MET K 81 -1.04 -32.73 43.86
CA MET K 81 -0.46 -33.88 43.15
C MET K 81 0.24 -34.86 44.09
N LYS K 82 0.50 -34.47 45.33
CA LYS K 82 1.04 -35.39 46.32
C LYS K 82 -0.04 -36.26 46.95
N ASN K 83 -1.31 -35.92 46.76
CA ASN K 83 -2.41 -36.77 47.16
C ASN K 83 -2.42 -37.99 46.25
N PRO K 84 -2.32 -39.21 46.78
CA PRO K 84 -2.28 -40.41 45.93
C PRO K 84 -3.62 -40.82 45.33
N ASP K 85 -4.66 -40.00 45.45
CA ASP K 85 -5.95 -40.27 44.82
C ASP K 85 -6.19 -39.38 43.61
N VAL K 86 -5.34 -38.38 43.37
CA VAL K 86 -5.54 -37.47 42.25
C VAL K 86 -5.01 -38.11 40.98
N GLU K 87 -5.92 -38.33 40.02
CA GLU K 87 -5.51 -38.89 38.73
C GLU K 87 -4.89 -37.82 37.85
N PHE K 88 -5.62 -36.73 37.61
CA PHE K 88 -5.16 -35.62 36.81
C PHE K 88 -5.27 -34.34 37.62
N CYS K 89 -4.27 -33.49 37.50
CA CYS K 89 -4.38 -32.13 38.01
C CYS K 89 -3.48 -31.19 37.23
N GLY K 90 -3.90 -29.94 37.17
CA GLY K 90 -3.13 -28.91 36.51
C GLY K 90 -3.90 -27.62 36.59
N TYR K 91 -3.18 -26.52 36.40
CA TYR K 91 -3.79 -25.21 36.44
C TYR K 91 -3.49 -24.46 35.15
N SER K 92 -4.39 -23.55 34.80
CA SER K 92 -4.22 -22.72 33.64
C SER K 92 -4.81 -21.35 33.91
N ILE K 93 -4.12 -20.30 33.48
CA ILE K 93 -4.72 -18.98 33.47
C ILE K 93 -5.26 -18.76 32.06
N PRO K 94 -6.46 -18.19 31.91
CA PRO K 94 -7.01 -18.02 30.56
C PRO K 94 -6.30 -16.96 29.75
N HIS K 95 -5.96 -15.83 30.39
CA HIS K 95 -5.31 -14.72 29.73
C HIS K 95 -4.66 -13.87 30.80
N PRO K 96 -3.50 -13.27 30.54
CA PRO K 96 -2.82 -12.48 31.58
C PRO K 96 -3.53 -11.20 31.96
N SER K 97 -4.45 -10.71 31.12
CA SER K 97 -5.20 -9.50 31.47
C SER K 97 -6.21 -9.79 32.56
N GLU K 98 -7.03 -10.82 32.37
CA GLU K 98 -8.00 -11.23 33.38
C GLU K 98 -7.27 -11.89 34.54
N ASN K 99 -7.49 -11.38 35.76
CA ASN K 99 -6.88 -11.93 36.96
C ASN K 99 -7.70 -13.14 37.39
N LEU K 100 -7.51 -14.24 36.68
CA LEU K 100 -8.31 -15.44 36.84
C LEU K 100 -7.41 -16.66 36.79
N LEU K 101 -7.68 -17.63 37.64
CA LEU K 101 -7.00 -18.91 37.67
C LEU K 101 -8.04 -20.00 37.47
N ASN K 102 -7.65 -21.09 36.83
CA ASN K 102 -8.48 -22.29 36.76
C ASN K 102 -7.67 -23.46 37.32
N ILE K 103 -8.35 -24.39 37.97
CA ILE K 103 -7.71 -25.61 38.47
C ILE K 103 -8.59 -26.80 38.10
N ARG K 104 -8.08 -27.67 37.25
CA ARG K 104 -8.72 -28.95 36.94
C ARG K 104 -8.24 -29.98 37.95
N ILE K 105 -9.17 -30.73 38.52
CA ILE K 105 -8.82 -31.84 39.41
C ILE K 105 -9.64 -33.04 38.97
N GLN K 106 -8.95 -34.10 38.57
CA GLN K 106 -9.59 -35.38 38.29
C GLN K 106 -8.98 -36.42 39.23
N THR K 107 -9.82 -37.33 39.69
CA THR K 107 -9.40 -38.32 40.66
C THR K 107 -9.92 -39.68 40.24
N TYR K 108 -9.45 -40.71 40.95
CA TYR K 108 -9.79 -42.08 40.58
C TYR K 108 -11.18 -42.46 41.04
N GLY K 109 -11.56 -42.01 42.22
CA GLY K 109 -12.78 -42.46 42.86
C GLY K 109 -12.65 -42.26 44.35
N GLU K 110 -13.71 -42.71 45.06
CA GLU K 110 -13.88 -42.73 46.52
C GLU K 110 -13.66 -41.39 47.22
N THR K 111 -13.60 -40.29 46.45
CA THR K 111 -13.31 -38.94 46.92
C THR K 111 -13.68 -38.00 45.78
N THR K 112 -14.48 -36.97 46.04
CA THR K 112 -14.76 -36.03 44.97
C THR K 112 -13.58 -35.08 44.79
N ALA K 113 -13.58 -34.38 43.66
CA ALA K 113 -12.53 -33.41 43.37
C ALA K 113 -12.63 -32.20 44.28
N VAL K 114 -13.84 -31.86 44.71
CA VAL K 114 -14.00 -30.78 45.68
C VAL K 114 -13.45 -31.19 47.03
N ASP K 115 -13.60 -32.48 47.38
CA ASP K 115 -12.96 -32.99 48.59
C ASP K 115 -11.44 -33.05 48.45
N ALA K 116 -10.95 -33.23 47.23
CA ALA K 116 -9.51 -33.20 47.02
C ALA K 116 -8.96 -31.79 47.17
N LEU K 117 -9.70 -30.80 46.67
CA LEU K 117 -9.28 -29.40 46.78
C LEU K 117 -9.19 -28.95 48.22
N GLN K 118 -10.12 -29.41 49.07
CA GLN K 118 -10.09 -29.06 50.48
C GLN K 118 -8.96 -29.74 51.23
N LYS K 119 -8.39 -30.81 50.69
CA LYS K 119 -7.23 -31.46 51.29
C LYS K 119 -5.93 -30.79 50.86
N GLY K 120 -5.85 -30.36 49.60
CA GLY K 120 -4.67 -29.65 49.13
C GLY K 120 -4.51 -28.27 49.74
N LEU K 121 -5.59 -27.66 50.21
CA LEU K 121 -5.50 -26.38 50.88
C LEU K 121 -5.09 -26.54 52.34
N LYS K 122 -5.44 -27.67 52.96
CA LYS K 122 -5.04 -27.90 54.34
C LYS K 122 -3.54 -28.17 54.44
N ASP K 123 -2.98 -28.94 53.50
CA ASP K 123 -1.57 -29.26 53.55
C ASP K 123 -0.70 -28.11 53.09
N LEU K 124 -1.18 -27.28 52.17
CA LEU K 124 -0.43 -26.08 51.78
C LEU K 124 -0.48 -25.03 52.89
N MET K 125 -1.55 -25.07 53.70
CA MET K 125 -1.58 -24.27 54.92
C MET K 125 -0.51 -24.74 55.90
N ASP K 126 -0.36 -26.05 56.05
CA ASP K 126 0.64 -26.60 56.94
C ASP K 126 2.03 -26.58 56.33
N LEU K 127 2.14 -26.53 55.01
CA LEU K 127 3.46 -26.41 54.38
C LEU K 127 4.02 -25.01 54.54
N CYS K 128 3.14 -24.00 54.62
CA CYS K 128 3.56 -22.65 54.94
C CYS K 128 3.68 -22.44 56.44
N ASP K 129 3.27 -23.42 57.24
CA ASP K 129 3.35 -23.35 58.69
C ASP K 129 4.63 -24.00 59.22
N VAL K 130 5.07 -25.09 58.59
CA VAL K 130 6.31 -25.72 59.02
C VAL K 130 7.53 -24.98 58.51
N VAL K 131 7.40 -24.15 57.48
CA VAL K 131 8.49 -23.27 57.10
C VAL K 131 8.44 -22.00 57.93
N GLU K 132 7.30 -21.73 58.56
CA GLU K 132 7.20 -20.62 59.51
C GLU K 132 7.91 -20.96 60.82
N SER K 133 7.89 -22.23 61.21
CA SER K 133 8.54 -22.65 62.44
C SER K 133 10.06 -22.59 62.31
N LYS K 134 10.60 -23.29 61.32
CA LYS K 134 12.05 -23.43 61.24
C LYS K 134 12.76 -22.19 60.75
N PHE K 135 12.04 -21.23 60.15
CA PHE K 135 12.65 -19.94 59.91
C PHE K 135 12.75 -19.12 61.17
N THR K 136 11.92 -19.44 62.18
CA THR K 136 12.01 -18.79 63.48
C THR K 136 12.87 -19.57 64.46
N GLU K 137 12.96 -20.90 64.29
CA GLU K 137 13.87 -21.71 65.10
C GLU K 137 15.32 -21.32 64.84
N LYS K 138 15.65 -21.00 63.59
CA LYS K 138 17.01 -20.65 63.23
C LYS K 138 17.29 -19.17 63.34
N ILE K 139 16.28 -18.34 63.58
CA ILE K 139 16.51 -16.91 63.73
C ILE K 139 16.87 -16.55 65.17
N LYS K 140 16.64 -17.46 66.12
CA LYS K 140 17.12 -17.28 67.48
C LYS K 140 18.53 -17.79 67.68
N SER K 141 18.95 -18.78 66.89
CA SER K 141 20.35 -19.20 66.91
C SER K 141 21.23 -18.15 66.24
N MET K 142 20.89 -17.78 65.01
CA MET K 142 21.56 -16.78 64.18
C MET K 142 23.06 -17.05 64.00
N LEU L 27 0.89 40.60 42.95
CA LEU L 27 1.61 40.81 41.70
C LEU L 27 1.52 39.53 40.88
N LYS L 28 0.89 39.61 39.71
CA LYS L 28 0.54 38.42 38.94
C LYS L 28 1.37 38.23 37.68
N TYR L 29 2.38 39.07 37.43
CA TYR L 29 3.16 38.94 36.21
C TYR L 29 4.63 39.12 36.51
N ILE L 30 5.46 38.54 35.65
CA ILE L 30 6.91 38.64 35.73
C ILE L 30 7.39 39.13 34.36
N CYS L 31 8.27 40.12 34.34
CA CYS L 31 8.88 40.52 33.08
C CYS L 31 9.81 39.44 32.57
N ALA L 32 9.91 39.31 31.25
CA ALA L 32 10.75 38.28 30.69
C ALA L 32 12.22 38.67 30.70
N GLU L 33 12.51 39.97 30.55
CA GLU L 33 13.89 40.43 30.48
C GLU L 33 14.51 40.57 31.87
N CYS L 34 13.95 41.44 32.70
CA CYS L 34 14.56 41.82 33.96
C CYS L 34 14.00 41.08 35.15
N SER L 35 12.94 40.30 34.96
CA SER L 35 12.33 39.40 35.95
C SER L 35 11.83 40.12 37.19
N SER L 36 11.54 41.42 37.07
CA SER L 36 10.95 42.16 38.18
C SER L 36 9.44 41.95 38.15
N LYS L 37 8.89 41.45 39.25
CA LYS L 37 7.48 41.13 39.31
C LYS L 37 6.63 42.39 39.35
N LEU L 38 5.45 42.29 38.75
CA LEU L 38 4.58 43.45 38.58
C LEU L 38 3.16 42.96 38.35
N SER L 39 2.21 43.85 38.62
CA SER L 39 0.81 43.61 38.31
C SER L 39 0.43 44.44 37.09
N LEU L 40 -0.76 44.18 36.56
CA LEU L 40 -1.21 44.85 35.36
C LEU L 40 -2.71 45.03 35.46
N SER L 41 -3.16 46.27 35.56
CA SER L 41 -4.58 46.57 35.69
C SER L 41 -5.24 46.58 34.32
N ARG L 42 -6.51 46.97 34.27
CA ARG L 42 -7.21 47.08 32.99
C ARG L 42 -6.71 48.31 32.23
N THR L 43 -6.82 48.23 30.90
CA THR L 43 -6.35 49.16 29.86
C THR L 43 -4.99 49.79 30.13
N ASP L 44 -4.09 49.04 30.74
CA ASP L 44 -2.76 49.52 31.08
C ASP L 44 -1.78 49.05 30.02
N ALA L 45 -0.65 49.77 29.92
CA ALA L 45 0.34 49.47 28.90
C ALA L 45 1.05 48.16 29.21
N VAL L 46 1.05 47.24 28.23
CA VAL L 46 1.63 45.92 28.44
C VAL L 46 3.13 46.05 28.23
N ARG L 47 3.84 46.41 29.30
CA ARG L 47 5.29 46.55 29.31
C ARG L 47 5.73 46.60 30.77
N CYS L 48 7.01 46.37 31.00
CA CYS L 48 7.53 46.49 32.34
C CYS L 48 7.70 47.95 32.72
N LYS L 49 7.75 48.21 34.02
CA LYS L 49 7.98 49.55 34.54
C LYS L 49 9.40 49.76 35.02
N ASP L 50 10.32 48.85 34.65
CA ASP L 50 11.75 49.09 34.79
C ASP L 50 12.47 49.17 33.46
N CYS L 51 11.89 48.63 32.39
CA CYS L 51 12.42 48.68 31.04
C CYS L 51 11.25 48.47 30.10
N GLY L 52 11.45 48.84 28.84
CA GLY L 52 10.38 48.67 27.88
C GLY L 52 10.38 47.31 27.24
N HIS L 53 10.02 46.27 27.98
CA HIS L 53 10.00 44.92 27.45
C HIS L 53 8.55 44.48 27.29
N ARG L 54 8.22 43.97 26.11
CA ARG L 54 6.83 43.69 25.73
C ARG L 54 6.40 42.26 26.01
N ILE L 55 7.17 41.50 26.78
CA ILE L 55 6.84 40.11 27.08
C ILE L 55 6.72 39.97 28.59
N LEU L 56 5.62 39.39 29.05
CA LEU L 56 5.35 39.25 30.47
C LEU L 56 4.96 37.82 30.79
N LEU L 57 5.69 37.20 31.70
CA LEU L 57 5.38 35.86 32.17
C LEU L 57 4.31 35.91 33.23
N LYS L 58 3.24 35.14 33.05
CA LYS L 58 2.22 35.03 34.08
C LYS L 58 2.71 34.10 35.17
N ALA L 59 2.90 34.63 36.37
CA ALA L 59 3.52 33.88 37.46
C ALA L 59 2.57 32.81 37.99
N ARG L 60 3.12 31.90 38.78
CA ARG L 60 2.33 30.83 39.37
C ARG L 60 1.89 31.23 40.77
N THR L 61 0.59 31.09 41.02
CA THR L 61 -0.04 31.46 42.28
C THR L 61 -0.28 30.19 43.09
N LYS L 62 -0.24 30.33 44.42
CA LYS L 62 -0.48 29.21 45.32
C LYS L 62 -1.91 28.69 45.19
N ARG L 63 -2.07 27.53 44.55
CA ARG L 63 -3.36 26.89 44.37
C ARG L 63 -3.22 25.38 44.43
N LEU L 64 -4.30 24.71 44.83
CA LEU L 64 -4.28 23.26 45.01
C LEU L 64 -4.37 22.58 43.65
N VAL L 65 -3.40 21.73 43.33
CA VAL L 65 -3.41 20.93 42.11
C VAL L 65 -3.17 19.48 42.51
N GLN L 66 -4.10 18.60 42.14
CA GLN L 66 -4.13 17.22 42.63
C GLN L 66 -3.34 16.32 41.71
N PHE L 67 -2.49 15.47 42.29
CA PHE L 67 -1.73 14.49 41.54
C PHE L 67 -1.75 13.14 42.23
N GLU L 68 -1.88 12.09 41.41
CA GLU L 68 -1.66 10.73 41.86
C GLU L 68 -0.23 10.36 41.49
N ALA L 69 0.60 10.10 42.50
CA ALA L 69 2.04 9.93 42.33
C ALA L 69 2.33 8.58 41.69
N ARG L 70 2.10 8.50 40.39
CA ARG L 70 2.27 7.26 39.63
C ARG L 70 2.86 7.54 38.25
ZN ZN M . -39.78 21.26 0.60
ZN ZN N . -31.21 17.26 -50.48
ZN ZN O . -45.93 10.93 -11.46
ZN ZN P . 41.44 39.53 -47.92
ZN ZN Q . 60.41 1.09 12.00
ZN ZN R . 19.22 -2.15 40.21
ZN ZN S . 11.27 44.80 32.48
#